data_5LDL
#
_entry.id   5LDL
#
loop_
_entity.id
_entity.type
_entity.pdbx_description
1 polymer 'myristoylated M-PMV matrix protein mutant'
2 non-polymer 'MYRISTIC ACID'
#
_entity_poly.entity_id   1
_entity_poly.type   'polypeptide(L)'
_entity_poly.pdbx_seq_one_letter_code
;GQELSQHERYVEQLKQALKTRGVKVKYADLLKFFDFVKDICPWFPQEGTIDIKRWRRVGDCFQDYYNTFGPEKVPVIAFS
YWNLIKELIDKKEVNPQVMAAVAQTEEILKSNSQTDLEHHHHHH
;
_entity_poly.pdbx_strand_id   A
#
loop_
_chem_comp.id
_chem_comp.type
_chem_comp.name
_chem_comp.formula
MYR non-polymer 'MYRISTIC ACID' 'C14 H28 O2'
#
# COMPACT_ATOMS: atom_id res chain seq x y z
N GLY A 1 -8.89 0.67 9.35
CA GLY A 1 -9.63 0.05 10.44
C GLY A 1 -10.51 -1.09 9.93
N GLN A 2 -11.80 -0.84 9.83
CA GLN A 2 -12.74 -1.85 9.36
C GLN A 2 -12.20 -2.50 8.08
N GLU A 3 -11.66 -1.68 7.20
CA GLU A 3 -11.10 -2.18 5.94
C GLU A 3 -10.15 -3.35 6.19
N LEU A 4 -9.89 -3.63 7.47
CA LEU A 4 -8.99 -4.73 7.83
C LEU A 4 -9.53 -6.06 7.28
N SER A 5 -10.84 -6.24 7.39
CA SER A 5 -11.46 -7.47 6.90
C SER A 5 -11.12 -7.68 5.42
N GLN A 6 -11.13 -6.59 4.66
CA GLN A 6 -10.81 -6.66 3.24
C GLN A 6 -9.36 -7.06 3.05
N HIS A 7 -8.50 -6.58 3.93
CA HIS A 7 -7.08 -6.88 3.85
C HIS A 7 -6.84 -8.37 4.06
N GLU A 8 -7.65 -8.97 4.93
CA GLU A 8 -7.52 -10.40 5.22
C GLU A 8 -7.69 -11.21 3.94
N ARG A 9 -8.85 -11.09 3.31
CA ARG A 9 -9.10 -11.85 2.08
C ARG A 9 -7.98 -11.62 1.07
N TYR A 10 -7.57 -10.37 0.91
CA TYR A 10 -6.51 -10.06 -0.02
C TYR A 10 -5.21 -10.77 0.38
N VAL A 11 -4.83 -10.64 1.64
CA VAL A 11 -3.61 -11.27 2.13
C VAL A 11 -3.54 -12.71 1.65
N GLU A 12 -4.68 -13.38 1.62
CA GLU A 12 -4.72 -14.76 1.18
C GLU A 12 -4.43 -14.86 -0.32
N GLN A 13 -4.91 -13.87 -1.07
CA GLN A 13 -4.68 -13.85 -2.51
C GLN A 13 -3.21 -13.64 -2.84
N LEU A 14 -2.56 -12.73 -2.10
CA LEU A 14 -1.16 -12.43 -2.32
C LEU A 14 -0.30 -13.66 -2.07
N LYS A 15 -0.63 -14.39 -1.01
CA LYS A 15 0.12 -15.59 -0.68
C LYS A 15 0.02 -16.64 -1.78
N GLN A 16 -1.15 -16.76 -2.39
CA GLN A 16 -1.35 -17.73 -3.46
C GLN A 16 -0.45 -17.40 -4.66
N ALA A 17 -0.39 -16.12 -5.01
CA ALA A 17 0.43 -15.71 -6.14
C ALA A 17 1.88 -16.11 -5.91
N LEU A 18 2.44 -15.71 -4.77
CA LEU A 18 3.82 -16.05 -4.45
C LEU A 18 3.99 -17.56 -4.37
N LYS A 19 2.91 -18.25 -4.06
CA LYS A 19 2.96 -19.70 -3.97
C LYS A 19 3.28 -20.32 -5.33
N THR A 20 2.81 -19.68 -6.39
CA THR A 20 3.05 -20.18 -7.75
C THR A 20 4.49 -19.93 -8.19
N ARG A 21 5.20 -19.09 -7.43
CA ARG A 21 6.59 -18.77 -7.75
C ARG A 21 7.51 -19.88 -7.26
N GLY A 22 6.93 -20.92 -6.68
CA GLY A 22 7.72 -22.04 -6.19
C GLY A 22 8.41 -21.68 -4.88
N VAL A 23 8.15 -20.47 -4.40
CA VAL A 23 8.75 -20.01 -3.15
C VAL A 23 8.18 -20.78 -1.97
N LYS A 24 9.00 -20.93 -0.93
CA LYS A 24 8.56 -21.66 0.27
C LYS A 24 7.22 -21.11 0.78
N VAL A 25 6.87 -21.47 2.01
CA VAL A 25 5.62 -21.00 2.61
C VAL A 25 5.87 -20.04 3.75
N LYS A 26 5.62 -18.75 3.51
CA LYS A 26 5.81 -17.72 4.52
C LYS A 26 4.59 -16.81 4.59
N TYR A 27 4.50 -16.02 5.67
CA TYR A 27 3.37 -15.13 5.81
C TYR A 27 3.61 -13.85 5.03
N ALA A 28 2.58 -13.42 4.29
CA ALA A 28 2.67 -12.20 3.51
C ALA A 28 2.34 -10.97 4.36
N ASP A 29 1.25 -11.08 5.10
CA ASP A 29 0.79 -9.97 5.93
C ASP A 29 1.90 -9.48 6.84
N LEU A 30 2.50 -10.41 7.57
CA LEU A 30 3.55 -10.05 8.50
C LEU A 30 4.79 -9.56 7.77
N LEU A 31 5.34 -10.42 6.92
CA LEU A 31 6.57 -10.08 6.20
C LEU A 31 6.42 -8.71 5.56
N LYS A 32 5.26 -8.45 4.99
CA LYS A 32 5.02 -7.17 4.34
C LYS A 32 4.77 -6.10 5.38
N PHE A 33 3.89 -6.38 6.33
CA PHE A 33 3.56 -5.38 7.34
C PHE A 33 4.82 -4.85 7.99
N PHE A 34 5.54 -5.71 8.69
CA PHE A 34 6.76 -5.28 9.35
C PHE A 34 7.65 -4.47 8.41
N ASP A 35 8.02 -5.07 7.28
CA ASP A 35 8.90 -4.40 6.34
C ASP A 35 8.35 -3.04 5.91
N PHE A 36 7.15 -3.05 5.34
CA PHE A 36 6.51 -1.82 4.86
C PHE A 36 6.18 -0.86 6.00
N VAL A 37 5.42 -1.35 6.98
CA VAL A 37 5.02 -0.55 8.11
C VAL A 37 6.20 0.28 8.61
N LYS A 38 7.35 -0.37 8.71
CA LYS A 38 8.54 0.34 9.17
C LYS A 38 9.16 1.16 8.04
N ASP A 39 8.86 0.80 6.79
CA ASP A 39 9.45 1.51 5.65
C ASP A 39 8.82 2.88 5.44
N ILE A 40 7.55 2.90 5.07
CA ILE A 40 6.84 4.16 4.81
C ILE A 40 6.29 4.74 6.10
N CYS A 41 6.24 3.90 7.13
CA CYS A 41 5.73 4.34 8.43
C CYS A 41 6.68 3.97 9.56
N PRO A 42 7.86 4.50 9.53
CA PRO A 42 8.90 4.21 10.58
C PRO A 42 8.61 4.88 11.91
N TRP A 43 7.83 5.97 11.86
CA TRP A 43 7.48 6.70 13.07
C TRP A 43 5.97 6.77 13.25
N PHE A 44 5.21 6.23 12.29
CA PHE A 44 3.75 6.27 12.37
C PHE A 44 3.12 5.01 11.76
N PRO A 45 3.20 3.92 12.46
CA PRO A 45 2.64 2.61 12.03
C PRO A 45 1.13 2.55 12.26
N GLN A 46 0.55 3.66 12.68
CA GLN A 46 -0.88 3.71 12.95
C GLN A 46 -1.70 3.41 11.69
N GLU A 47 -1.40 4.14 10.60
CA GLU A 47 -2.14 3.93 9.35
C GLU A 47 -1.21 3.41 8.25
N GLY A 48 -0.43 4.31 7.67
CA GLY A 48 0.49 3.93 6.60
C GLY A 48 -0.24 3.39 5.38
N THR A 49 -0.61 4.30 4.49
CA THR A 49 -1.31 3.91 3.27
C THR A 49 -0.31 3.44 2.22
N ILE A 50 -0.80 2.76 1.21
CA ILE A 50 0.07 2.26 0.15
C ILE A 50 0.44 3.40 -0.80
N ASP A 51 1.73 3.61 -1.00
CA ASP A 51 2.21 4.68 -1.88
C ASP A 51 3.27 4.15 -2.84
N ILE A 52 3.20 4.59 -4.09
CA ILE A 52 4.17 4.17 -5.09
C ILE A 52 5.31 5.18 -5.18
N LYS A 53 4.97 6.46 -5.11
CA LYS A 53 5.98 7.51 -5.17
C LYS A 53 6.92 7.45 -3.97
N ARG A 54 6.34 7.31 -2.77
CA ARG A 54 7.16 7.24 -1.55
C ARG A 54 7.87 5.91 -1.46
N TRP A 55 7.10 4.83 -1.37
CA TRP A 55 7.69 3.51 -1.24
C TRP A 55 8.85 3.37 -2.20
N ARG A 56 8.78 4.10 -3.30
CA ARG A 56 9.87 4.07 -4.29
C ARG A 56 11.09 4.80 -3.76
N ARG A 57 10.89 5.99 -3.19
CA ARG A 57 12.01 6.75 -2.67
C ARG A 57 12.68 6.02 -1.52
N VAL A 58 11.90 5.62 -0.53
CA VAL A 58 12.43 4.90 0.61
C VAL A 58 12.81 3.47 0.23
N GLY A 59 12.18 2.97 -0.83
CA GLY A 59 12.46 1.62 -1.30
C GLY A 59 13.87 1.52 -1.87
N ASP A 60 14.20 2.44 -2.78
CA ASP A 60 15.52 2.45 -3.40
C ASP A 60 16.60 2.74 -2.36
N CYS A 61 16.32 3.67 -1.45
CA CYS A 61 17.29 4.03 -0.44
C CYS A 61 17.76 2.80 0.31
N PHE A 62 16.85 2.17 1.05
CA PHE A 62 17.19 0.97 1.81
C PHE A 62 17.65 -0.15 0.90
N GLN A 63 16.91 -0.37 -0.19
CA GLN A 63 17.25 -1.43 -1.13
C GLN A 63 18.61 -1.18 -1.78
N ASP A 64 18.71 -0.07 -2.51
CA ASP A 64 19.95 0.28 -3.19
C ASP A 64 21.11 0.25 -2.21
N TYR A 65 20.79 0.44 -0.93
CA TYR A 65 21.82 0.41 0.10
C TYR A 65 22.13 -1.02 0.53
N TYR A 66 21.10 -1.82 0.72
CA TYR A 66 21.26 -3.20 1.13
C TYR A 66 22.06 -3.99 0.10
N ASN A 67 21.73 -3.79 -1.17
CA ASN A 67 22.44 -4.48 -2.24
C ASN A 67 23.88 -3.97 -2.36
N THR A 68 24.01 -2.67 -2.62
CA THR A 68 25.33 -2.07 -2.76
C THR A 68 26.21 -2.44 -1.57
N PHE A 69 25.57 -2.89 -0.49
CA PHE A 69 26.30 -3.26 0.71
C PHE A 69 26.81 -4.71 0.62
N GLY A 70 26.61 -5.32 -0.53
CA GLY A 70 27.05 -6.70 -0.74
C GLY A 70 26.49 -7.62 0.35
N PRO A 71 25.21 -7.90 0.31
CA PRO A 71 24.55 -8.77 1.31
C PRO A 71 24.87 -10.25 1.09
N GLU A 72 24.68 -11.05 2.13
CA GLU A 72 24.95 -12.48 2.03
C GLU A 72 23.65 -13.27 1.85
N LYS A 73 22.52 -12.57 1.98
CA LYS A 73 21.22 -13.22 1.84
C LYS A 73 20.42 -12.53 0.74
N VAL A 74 21.11 -12.15 -0.33
CA VAL A 74 20.45 -11.43 -1.43
C VAL A 74 19.15 -12.14 -1.81
N PRO A 75 18.01 -11.61 -1.39
CA PRO A 75 16.68 -12.23 -1.68
C PRO A 75 16.15 -11.87 -3.06
N VAL A 76 15.49 -12.83 -3.70
CA VAL A 76 14.93 -12.61 -5.02
C VAL A 76 13.63 -11.81 -4.93
N ILE A 77 13.00 -11.85 -3.75
CA ILE A 77 11.74 -11.14 -3.55
C ILE A 77 11.84 -9.72 -4.07
N ALA A 78 13.07 -9.22 -4.18
CA ALA A 78 13.28 -7.86 -4.67
C ALA A 78 12.65 -7.68 -6.05
N PHE A 79 13.14 -8.44 -7.02
CA PHE A 79 12.62 -8.34 -8.37
C PHE A 79 11.09 -8.36 -8.36
N SER A 80 10.53 -9.23 -7.54
CA SER A 80 9.08 -9.34 -7.45
C SER A 80 8.46 -8.01 -7.02
N TYR A 81 9.10 -7.36 -6.05
CA TYR A 81 8.59 -6.07 -5.56
C TYR A 81 8.55 -5.06 -6.70
N TRP A 82 8.11 -3.84 -6.38
CA TRP A 82 8.01 -2.77 -7.37
C TRP A 82 6.92 -3.08 -8.40
N ASN A 83 7.13 -4.13 -9.18
CA ASN A 83 6.16 -4.52 -10.19
C ASN A 83 4.83 -4.87 -9.53
N LEU A 84 4.90 -5.54 -8.41
CA LEU A 84 3.70 -5.93 -7.67
C LEU A 84 2.99 -4.69 -7.13
N ILE A 85 3.75 -3.67 -6.77
CA ILE A 85 3.18 -2.46 -6.20
C ILE A 85 2.22 -1.83 -7.22
N LYS A 86 2.63 -1.81 -8.48
CA LYS A 86 1.76 -1.23 -9.50
C LYS A 86 0.49 -2.05 -9.67
N GLU A 87 0.66 -3.33 -9.99
CA GLU A 87 -0.49 -4.21 -10.21
C GLU A 87 -1.34 -4.29 -8.94
N LEU A 88 -0.73 -3.95 -7.81
CA LEU A 88 -1.45 -3.98 -6.54
C LEU A 88 -2.51 -2.89 -6.48
N ILE A 89 -2.10 -1.65 -6.72
CA ILE A 89 -3.03 -0.55 -6.66
C ILE A 89 -4.24 -0.84 -7.56
N ASP A 90 -3.96 -1.46 -8.70
CA ASP A 90 -5.02 -1.79 -9.65
C ASP A 90 -6.08 -2.66 -9.01
N LYS A 91 -5.69 -3.85 -8.58
CA LYS A 91 -6.63 -4.78 -7.96
C LYS A 91 -7.20 -4.18 -6.68
N LYS A 92 -6.60 -3.07 -6.25
CA LYS A 92 -7.06 -2.39 -5.04
C LYS A 92 -8.18 -1.41 -5.36
N GLU A 93 -8.36 -1.10 -6.64
CA GLU A 93 -9.42 -0.19 -7.06
C GLU A 93 -10.76 -0.56 -6.41
N VAL A 94 -10.79 -1.71 -5.76
CA VAL A 94 -12.02 -2.18 -5.10
C VAL A 94 -12.59 -1.10 -4.18
N ASN A 95 -11.85 -0.75 -3.13
CA ASN A 95 -12.26 0.28 -2.16
C ASN A 95 -11.44 0.18 -0.86
N PRO A 96 -10.18 0.52 -0.92
CA PRO A 96 -9.27 0.47 0.24
C PRO A 96 -9.23 1.81 0.97
N GLN A 97 -8.28 1.97 1.88
CA GLN A 97 -8.13 3.21 2.63
C GLN A 97 -7.72 4.35 1.72
N VAL A 98 -7.08 3.99 0.60
CA VAL A 98 -6.63 5.00 -0.35
C VAL A 98 -7.81 5.82 -0.85
N MET A 99 -8.89 5.14 -1.19
CA MET A 99 -10.09 5.82 -1.66
C MET A 99 -10.73 6.61 -0.52
N ALA A 100 -10.57 6.11 0.69
CA ALA A 100 -11.13 6.79 1.86
C ALA A 100 -10.41 8.12 2.10
N ALA A 101 -9.09 8.08 2.07
CA ALA A 101 -8.29 9.28 2.30
C ALA A 101 -8.78 10.42 1.41
N VAL A 102 -9.58 10.07 0.40
CA VAL A 102 -10.12 11.09 -0.51
C VAL A 102 -11.50 11.54 -0.04
N ALA A 103 -12.38 10.58 0.20
CA ALA A 103 -13.73 10.91 0.65
C ALA A 103 -13.68 11.58 2.02
N GLN A 104 -12.61 11.30 2.75
CA GLN A 104 -12.43 11.87 4.09
C GLN A 104 -11.77 13.25 3.99
N THR A 105 -10.58 13.29 3.41
CA THR A 105 -9.85 14.54 3.27
C THR A 105 -10.64 15.53 2.42
N GLU A 106 -11.27 15.02 1.36
CA GLU A 106 -12.05 15.87 0.46
C GLU A 106 -13.51 15.41 0.42
N GLU A 107 -14.24 15.67 1.49
CA GLU A 107 -15.65 15.29 1.56
C GLU A 107 -16.44 15.98 0.44
N ILE A 108 -17.36 15.24 -0.16
CA ILE A 108 -18.18 15.78 -1.24
C ILE A 108 -19.12 16.86 -0.71
N LEU A 109 -19.43 16.80 0.58
CA LEU A 109 -20.32 17.77 1.18
C LEU A 109 -19.74 19.18 1.08
N LYS A 110 -18.42 19.27 1.09
CA LYS A 110 -17.75 20.58 0.98
C LYS A 110 -18.41 21.42 -0.10
N SER A 111 -18.69 22.67 0.22
CA SER A 111 -19.31 23.57 -0.74
C SER A 111 -18.30 23.95 -1.82
N ASN A 112 -18.59 25.04 -2.53
CA ASN A 112 -17.70 25.50 -3.59
C ASN A 112 -16.32 25.83 -3.03
N SER A 113 -16.31 26.47 -1.86
CA SER A 113 -15.05 26.83 -1.22
C SER A 113 -15.27 27.17 0.25
N GLN A 114 -16.36 26.65 0.81
CA GLN A 114 -16.67 26.91 2.21
C GLN A 114 -16.50 25.64 3.05
N THR A 115 -17.59 25.23 3.69
CA THR A 115 -17.56 24.02 4.53
C THR A 115 -18.80 23.17 4.30
N ASP A 116 -18.79 21.97 4.87
CA ASP A 116 -19.93 21.06 4.72
C ASP A 116 -21.14 21.61 5.46
N LEU A 117 -20.89 22.40 6.50
CA LEU A 117 -21.98 22.98 7.28
C LEU A 117 -22.81 23.93 6.43
N GLU A 118 -22.13 24.72 5.61
CA GLU A 118 -22.80 25.67 4.74
C GLU A 118 -23.74 26.58 5.54
N HIS A 119 -23.23 27.74 5.92
CA HIS A 119 -24.03 28.70 6.69
C HIS A 119 -25.18 29.23 5.84
N HIS A 120 -24.91 29.42 4.55
CA HIS A 120 -25.92 29.93 3.63
C HIS A 120 -27.14 29.01 3.63
N HIS A 121 -26.91 27.71 3.69
CA HIS A 121 -27.99 26.73 3.69
C HIS A 121 -28.21 26.17 5.09
N HIS A 122 -29.44 25.78 5.39
CA HIS A 122 -29.77 25.23 6.70
C HIS A 122 -30.68 24.02 6.56
N HIS A 123 -30.13 22.84 6.77
CA HIS A 123 -30.90 21.60 6.67
C HIS A 123 -31.02 20.93 8.04
N HIS A 124 -32.17 20.31 8.28
CA HIS A 124 -32.41 19.63 9.56
C HIS A 124 -33.67 18.77 9.49
C1 MYR B . -7.60 0.96 9.46
O1 MYR B . -6.94 0.72 10.46
C2 MYR B . -7.32 0.19 8.32
C3 MYR B . -5.90 0.44 7.80
C4 MYR B . -5.87 1.61 6.82
C5 MYR B . -4.79 1.45 5.76
C6 MYR B . -4.81 0.04 5.17
C7 MYR B . -5.62 -0.11 3.87
C8 MYR B . -5.17 -1.25 2.95
C9 MYR B . -3.72 -1.71 3.18
C10 MYR B . -3.08 -2.28 1.90
C11 MYR B . -2.19 -3.51 2.16
C12 MYR B . -1.69 -4.14 0.86
C13 MYR B . -0.30 -3.64 0.49
C14 MYR B . 0.62 -3.58 1.70
H21 MYR B . -7.42 -0.78 8.55
H22 MYR B . -7.97 0.41 7.60
H31 MYR B . -5.29 0.64 8.56
H32 MYR B . -5.57 -0.37 7.31
H41 MYR B . -6.76 1.69 6.37
H42 MYR B . -5.69 2.46 7.33
H51 MYR B . -4.95 2.12 5.02
H52 MYR B . -3.90 1.63 6.17
H61 MYR B . -3.86 -0.23 4.98
H62 MYR B . -5.19 -0.59 5.85
H71 MYR B . -6.57 -0.27 4.12
H72 MYR B . -5.55 0.75 3.36
H81 MYR B . -5.78 -2.04 3.10
H82 MYR B . -5.25 -0.94 2.00
H91 MYR B . -3.17 -0.94 3.51
H92 MYR B . -3.71 -2.45 3.88
H101 MYR B . -3.80 -2.54 1.27
H102 MYR B . -2.50 -1.56 1.48
H111 MYR B . -1.41 -3.24 2.73
H112 MYR B . -2.72 -4.20 2.67
H121 MYR B . -1.67 -5.15 0.95
H122 MYR B . -2.33 -3.90 0.12
H131 MYR B . 0.10 -4.24 -0.20
H132 MYR B . -0.37 -2.72 0.11
H141 MYR B . 1.55 -3.38 1.41
H142 MYR B . 0.30 -2.87 2.33
H143 MYR B . 0.59 -4.47 2.17
N GLY A 1 -9.01 0.30 9.02
CA GLY A 1 -10.21 0.08 9.80
C GLY A 1 -10.96 -1.16 9.32
N GLN A 2 -12.26 -1.01 9.11
CA GLN A 2 -13.09 -2.13 8.67
C GLN A 2 -12.43 -2.83 7.48
N GLU A 3 -11.81 -2.04 6.60
CA GLU A 3 -11.15 -2.59 5.43
C GLU A 3 -10.22 -3.75 5.82
N LEU A 4 -10.04 -3.93 7.12
CA LEU A 4 -9.18 -4.99 7.63
C LEU A 4 -9.59 -6.33 7.03
N SER A 5 -10.90 -6.54 6.89
CA SER A 5 -11.40 -7.78 6.32
C SER A 5 -10.89 -7.96 4.89
N GLN A 6 -10.81 -6.87 4.15
CA GLN A 6 -10.33 -6.91 2.77
C GLN A 6 -8.85 -7.29 2.74
N HIS A 7 -8.09 -6.75 3.69
CA HIS A 7 -6.66 -7.03 3.77
C HIS A 7 -6.42 -8.51 3.96
N GLU A 8 -7.28 -9.15 4.76
CA GLU A 8 -7.14 -10.58 5.02
C GLU A 8 -7.29 -11.37 3.72
N ARG A 9 -8.46 -11.28 3.11
CA ARG A 9 -8.72 -12.02 1.87
C ARG A 9 -7.61 -11.74 0.86
N TYR A 10 -7.19 -10.49 0.76
CA TYR A 10 -6.14 -10.13 -0.17
C TYR A 10 -4.83 -10.82 0.20
N VAL A 11 -4.43 -10.66 1.46
CA VAL A 11 -3.19 -11.27 1.94
C VAL A 11 -3.09 -12.71 1.45
N GLU A 12 -4.22 -13.40 1.43
CA GLU A 12 -4.25 -14.79 0.99
C GLU A 12 -3.95 -14.87 -0.51
N GLN A 13 -4.48 -13.93 -1.27
CA GLN A 13 -4.27 -13.91 -2.71
C GLN A 13 -2.79 -13.70 -3.05
N LEU A 14 -2.15 -12.79 -2.33
CA LEU A 14 -0.74 -12.50 -2.55
C LEU A 14 0.12 -13.73 -2.28
N LYS A 15 -0.20 -14.44 -1.21
CA LYS A 15 0.56 -15.63 -0.86
C LYS A 15 0.46 -16.68 -1.96
N GLN A 16 -0.72 -16.86 -2.51
CA GLN A 16 -0.92 -17.85 -3.56
C GLN A 16 0.00 -17.56 -4.75
N ALA A 17 0.01 -16.31 -5.19
CA ALA A 17 0.85 -15.91 -6.32
C ALA A 17 2.30 -16.32 -6.07
N LEU A 18 2.85 -15.88 -4.95
CA LEU A 18 4.24 -16.22 -4.61
C LEU A 18 4.40 -17.71 -4.40
N LYS A 19 3.35 -18.34 -3.89
CA LYS A 19 3.38 -19.78 -3.64
C LYS A 19 3.60 -20.54 -4.94
N THR A 20 3.25 -19.92 -6.06
CA THR A 20 3.41 -20.56 -7.36
C THR A 20 4.81 -20.31 -7.91
N ARG A 21 5.60 -19.52 -7.20
CA ARG A 21 6.95 -19.20 -7.63
C ARG A 21 7.95 -20.22 -7.08
N GLY A 22 7.43 -21.29 -6.49
CA GLY A 22 8.28 -22.34 -5.93
C GLY A 22 8.90 -21.88 -4.62
N VAL A 23 8.68 -20.62 -4.28
CA VAL A 23 9.22 -20.06 -3.03
C VAL A 23 8.60 -20.75 -1.83
N LYS A 24 9.37 -20.87 -0.75
CA LYS A 24 8.88 -21.50 0.47
C LYS A 24 7.54 -20.89 0.90
N VAL A 25 7.12 -21.19 2.12
CA VAL A 25 5.86 -20.67 2.64
C VAL A 25 6.11 -19.65 3.75
N LYS A 26 5.87 -18.38 3.45
CA LYS A 26 6.06 -17.32 4.43
C LYS A 26 4.84 -16.42 4.49
N TYR A 27 4.55 -15.85 5.66
CA TYR A 27 3.39 -14.99 5.80
C TYR A 27 3.62 -13.68 5.05
N ALA A 28 2.61 -13.27 4.29
CA ALA A 28 2.68 -12.04 3.53
C ALA A 28 2.31 -10.83 4.38
N ASP A 29 1.21 -10.97 5.12
CA ASP A 29 0.72 -9.88 5.95
C ASP A 29 1.84 -9.27 6.78
N LEU A 30 2.59 -10.13 7.48
CA LEU A 30 3.68 -9.64 8.31
C LEU A 30 4.76 -8.96 7.47
N LEU A 31 5.34 -9.72 6.55
CA LEU A 31 6.41 -9.18 5.72
C LEU A 31 6.01 -7.82 5.16
N LYS A 32 4.80 -7.75 4.64
CA LYS A 32 4.32 -6.49 4.07
C LYS A 32 3.92 -5.49 5.16
N PHE A 33 3.16 -5.96 6.13
CA PHE A 33 2.69 -5.10 7.20
C PHE A 33 3.86 -4.35 7.83
N PHE A 34 4.77 -5.10 8.43
CA PHE A 34 5.93 -4.48 9.08
C PHE A 34 6.75 -3.66 8.09
N ASP A 35 7.09 -4.25 6.96
CA ASP A 35 7.91 -3.58 5.96
C ASP A 35 7.32 -2.21 5.61
N PHE A 36 6.09 -2.21 5.12
CA PHE A 36 5.44 -0.96 4.74
C PHE A 36 5.19 -0.07 5.96
N VAL A 37 4.60 -0.64 6.99
CA VAL A 37 4.29 0.13 8.19
C VAL A 37 5.50 0.92 8.66
N LYS A 38 6.58 0.22 8.95
CA LYS A 38 7.79 0.88 9.40
C LYS A 38 8.40 1.74 8.31
N ASP A 39 8.39 1.24 7.09
CA ASP A 39 8.98 1.98 5.98
C ASP A 39 8.21 3.26 5.67
N ILE A 40 6.98 3.10 5.19
CA ILE A 40 6.15 4.25 4.84
C ILE A 40 5.82 5.07 6.08
N CYS A 41 5.48 4.38 7.16
CA CYS A 41 5.13 5.05 8.41
C CYS A 41 6.10 4.65 9.54
N PRO A 42 7.28 5.21 9.54
CA PRO A 42 8.29 4.91 10.58
C PRO A 42 8.00 5.61 11.91
N TRP A 43 7.23 6.68 11.83
CA TRP A 43 6.86 7.45 13.02
C TRP A 43 5.34 7.54 13.17
N PHE A 44 4.62 6.91 12.26
CA PHE A 44 3.15 6.95 12.30
C PHE A 44 2.56 5.63 11.84
N PRO A 45 2.78 4.58 12.59
CA PRO A 45 2.26 3.23 12.26
C PRO A 45 0.78 3.09 12.60
N GLN A 46 0.18 4.17 13.09
CA GLN A 46 -1.24 4.16 13.45
C GLN A 46 -2.10 3.93 12.22
N GLU A 47 -1.86 4.71 11.17
CA GLU A 47 -2.65 4.56 9.94
C GLU A 47 -1.87 3.76 8.91
N GLY A 48 -0.92 4.40 8.24
CA GLY A 48 -0.11 3.73 7.24
C GLY A 48 -0.93 3.44 5.99
N THR A 49 -0.53 4.05 4.87
CA THR A 49 -1.24 3.85 3.61
C THR A 49 -0.25 3.39 2.53
N ILE A 50 -0.78 2.72 1.51
CA ILE A 50 0.06 2.24 0.42
C ILE A 50 0.44 3.39 -0.51
N ASP A 51 1.74 3.53 -0.78
CA ASP A 51 2.21 4.60 -1.65
C ASP A 51 3.26 4.07 -2.61
N ILE A 52 3.27 4.60 -3.83
CA ILE A 52 4.23 4.17 -4.84
C ILE A 52 5.42 5.12 -4.89
N LYS A 53 5.14 6.42 -4.79
CA LYS A 53 6.19 7.42 -4.82
C LYS A 53 7.11 7.31 -3.60
N ARG A 54 6.51 7.15 -2.43
CA ARG A 54 7.30 7.04 -1.21
C ARG A 54 8.04 5.71 -1.15
N TRP A 55 7.28 4.62 -1.03
CA TRP A 55 7.88 3.29 -0.95
C TRP A 55 8.99 3.15 -1.97
N ARG A 56 8.94 3.98 -3.02
CA ARG A 56 9.97 3.93 -4.06
C ARG A 56 11.26 4.58 -3.58
N ARG A 57 11.13 5.78 -3.01
CA ARG A 57 12.32 6.50 -2.54
C ARG A 57 13.01 5.74 -1.41
N VAL A 58 12.25 5.44 -0.36
CA VAL A 58 12.79 4.71 0.78
C VAL A 58 13.06 3.25 0.41
N GLY A 59 12.37 2.77 -0.61
CA GLY A 59 12.53 1.38 -1.05
C GLY A 59 13.90 1.16 -1.67
N ASP A 60 14.30 2.08 -2.56
CA ASP A 60 15.59 1.97 -3.21
C ASP A 60 16.73 2.22 -2.24
N CYS A 61 16.55 3.19 -1.35
CA CYS A 61 17.58 3.52 -0.38
C CYS A 61 18.03 2.28 0.37
N PHE A 62 17.13 1.69 1.15
CA PHE A 62 17.46 0.51 1.92
C PHE A 62 17.82 -0.66 1.01
N GLN A 63 16.98 -0.88 -0.01
CA GLN A 63 17.22 -1.99 -0.93
C GLN A 63 18.53 -1.82 -1.68
N ASP A 64 18.65 -0.72 -2.41
CA ASP A 64 19.86 -0.46 -3.18
C ASP A 64 21.08 -0.47 -2.27
N TYR A 65 20.88 -0.10 -1.01
CA TYR A 65 21.98 -0.09 -0.06
C TYR A 65 22.35 -1.50 0.38
N TYR A 66 21.33 -2.31 0.68
CA TYR A 66 21.54 -3.67 1.12
C TYR A 66 22.15 -4.51 0.00
N ASN A 67 21.68 -4.29 -1.22
CA ASN A 67 22.18 -5.04 -2.37
C ASN A 67 23.53 -4.50 -2.85
N THR A 68 23.56 -3.24 -3.23
CA THR A 68 24.80 -2.63 -3.70
C THR A 68 25.95 -2.97 -2.76
N PHE A 69 25.63 -3.18 -1.49
CA PHE A 69 26.67 -3.51 -0.51
C PHE A 69 27.29 -4.87 -0.84
N GLY A 70 26.44 -5.88 -0.97
CA GLY A 70 26.91 -7.23 -1.28
C GLY A 70 26.47 -8.24 -0.21
N PRO A 71 25.19 -8.53 -0.17
CA PRO A 71 24.62 -9.50 0.80
C PRO A 71 24.79 -10.95 0.36
N GLU A 72 24.69 -11.87 1.31
CA GLU A 72 24.83 -13.29 1.01
C GLU A 72 23.45 -13.98 0.97
N LYS A 73 22.40 -13.19 1.16
CA LYS A 73 21.04 -13.73 1.15
C LYS A 73 20.20 -13.00 0.13
N VAL A 74 20.86 -12.40 -0.86
CA VAL A 74 20.14 -11.62 -1.88
C VAL A 74 18.90 -12.40 -2.35
N PRO A 75 17.73 -12.04 -1.86
CA PRO A 75 16.46 -12.72 -2.20
C PRO A 75 15.89 -12.25 -3.54
N VAL A 76 15.11 -13.13 -4.17
CA VAL A 76 14.49 -12.80 -5.45
C VAL A 76 13.30 -11.88 -5.25
N ILE A 77 12.71 -11.94 -4.07
CA ILE A 77 11.54 -11.12 -3.76
C ILE A 77 11.78 -9.69 -4.21
N ALA A 78 13.05 -9.30 -4.30
CA ALA A 78 13.38 -7.94 -4.72
C ALA A 78 12.74 -7.62 -6.06
N PHE A 79 13.16 -8.33 -7.10
CA PHE A 79 12.61 -8.09 -8.43
C PHE A 79 11.09 -7.92 -8.37
N SER A 80 10.46 -8.64 -7.46
CA SER A 80 9.01 -8.56 -7.32
C SER A 80 8.58 -7.15 -6.91
N TYR A 81 9.39 -6.51 -6.06
CA TYR A 81 9.07 -5.16 -5.60
C TYR A 81 8.73 -4.26 -6.78
N TRP A 82 8.08 -3.15 -6.49
CA TRP A 82 7.70 -2.18 -7.53
C TRP A 82 6.61 -2.76 -8.43
N ASN A 83 6.92 -3.88 -9.09
CA ASN A 83 5.96 -4.50 -9.99
C ASN A 83 4.69 -4.86 -9.26
N LEU A 84 4.83 -5.46 -8.08
CA LEU A 84 3.68 -5.85 -7.28
C LEU A 84 2.94 -4.62 -6.78
N ILE A 85 3.68 -3.58 -6.41
CA ILE A 85 3.07 -2.36 -5.89
C ILE A 85 2.09 -1.79 -6.90
N LYS A 86 2.50 -1.75 -8.16
CA LYS A 86 1.63 -1.21 -9.19
C LYS A 86 0.39 -2.10 -9.37
N GLU A 87 0.61 -3.36 -9.71
CA GLU A 87 -0.50 -4.27 -9.92
C GLU A 87 -1.38 -4.35 -8.67
N LEU A 88 -0.79 -4.00 -7.54
CA LEU A 88 -1.53 -4.03 -6.28
C LEU A 88 -2.59 -2.94 -6.24
N ILE A 89 -2.17 -1.70 -6.44
CA ILE A 89 -3.09 -0.58 -6.41
C ILE A 89 -4.28 -0.85 -7.33
N ASP A 90 -4.02 -1.57 -8.43
CA ASP A 90 -5.06 -1.90 -9.38
C ASP A 90 -6.15 -2.74 -8.72
N LYS A 91 -5.78 -3.93 -8.27
CA LYS A 91 -6.73 -4.82 -7.63
C LYS A 91 -7.28 -4.19 -6.36
N LYS A 92 -6.67 -3.08 -5.95
CA LYS A 92 -7.10 -2.37 -4.75
C LYS A 92 -8.15 -1.33 -5.10
N GLU A 93 -8.26 -1.00 -6.38
CA GLU A 93 -9.25 -0.02 -6.82
C GLU A 93 -10.62 -0.29 -6.19
N VAL A 94 -10.76 -1.45 -5.57
CA VAL A 94 -12.02 -1.82 -4.94
C VAL A 94 -12.56 -0.67 -4.08
N ASN A 95 -11.83 -0.33 -3.02
CA ASN A 95 -12.23 0.77 -2.13
C ASN A 95 -11.51 0.67 -0.79
N PRO A 96 -10.21 0.88 -0.80
CA PRO A 96 -9.38 0.82 0.43
C PRO A 96 -9.26 2.17 1.11
N GLN A 97 -8.35 2.27 2.07
CA GLN A 97 -8.14 3.52 2.79
C GLN A 97 -7.69 4.62 1.85
N VAL A 98 -6.98 4.22 0.80
CA VAL A 98 -6.49 5.18 -0.18
C VAL A 98 -7.64 6.08 -0.65
N MET A 99 -8.79 5.46 -0.89
CA MET A 99 -9.97 6.21 -1.33
C MET A 99 -10.45 7.15 -0.24
N ALA A 100 -10.32 6.71 1.02
CA ALA A 100 -10.76 7.52 2.14
C ALA A 100 -9.87 8.77 2.28
N ALA A 101 -8.56 8.55 2.30
CA ALA A 101 -7.63 9.66 2.43
C ALA A 101 -7.98 10.77 1.45
N VAL A 102 -8.78 10.44 0.45
CA VAL A 102 -9.19 11.44 -0.54
C VAL A 102 -10.53 12.06 -0.14
N ALA A 103 -11.51 11.21 0.14
CA ALA A 103 -12.83 11.68 0.53
C ALA A 103 -12.75 12.48 1.83
N GLN A 104 -11.71 12.18 2.61
CA GLN A 104 -11.50 12.86 3.88
C GLN A 104 -10.65 14.12 3.69
N THR A 105 -9.43 13.93 3.20
CA THR A 105 -8.52 15.05 3.00
C THR A 105 -9.13 16.06 2.01
N GLU A 106 -9.71 15.54 0.94
CA GLU A 106 -10.33 16.39 -0.08
C GLU A 106 -11.76 15.95 -0.35
N GLU A 107 -12.69 16.41 0.48
CA GLU A 107 -14.09 16.06 0.31
C GLU A 107 -14.60 16.50 -1.07
N ILE A 108 -15.69 15.87 -1.51
CA ILE A 108 -16.26 16.20 -2.82
C ILE A 108 -17.44 17.14 -2.66
N LEU A 109 -17.77 17.48 -1.42
CA LEU A 109 -18.88 18.38 -1.15
C LEU A 109 -18.40 19.82 -1.04
N LYS A 110 -17.09 20.00 -1.05
CA LYS A 110 -16.51 21.34 -0.96
C LYS A 110 -17.09 22.25 -2.04
N SER A 111 -16.42 23.38 -2.27
CA SER A 111 -16.86 24.32 -3.29
C SER A 111 -15.98 24.19 -4.52
N ASN A 112 -16.47 24.69 -5.64
CA ASN A 112 -15.73 24.60 -6.88
C ASN A 112 -15.40 23.17 -7.23
N SER A 113 -16.29 22.25 -6.88
CA SER A 113 -16.08 20.83 -7.17
C SER A 113 -17.28 20.25 -7.91
N GLN A 114 -17.29 18.93 -8.05
CA GLN A 114 -18.38 18.25 -8.74
C GLN A 114 -19.71 18.51 -8.04
N THR A 115 -19.68 18.51 -6.71
CA THR A 115 -20.89 18.76 -5.93
C THR A 115 -20.65 19.86 -4.90
N ASP A 116 -21.11 21.06 -5.22
CA ASP A 116 -20.94 22.19 -4.32
C ASP A 116 -22.26 22.54 -3.64
N LEU A 117 -23.25 21.68 -3.83
CA LEU A 117 -24.58 21.91 -3.25
C LEU A 117 -24.49 21.93 -1.72
N GLU A 118 -23.71 21.01 -1.17
CA GLU A 118 -23.55 20.94 0.28
C GLU A 118 -24.91 20.96 0.96
N HIS A 119 -24.91 21.18 2.27
CA HIS A 119 -26.15 21.24 3.04
C HIS A 119 -26.16 22.46 3.95
N HIS A 120 -27.29 23.16 3.98
CA HIS A 120 -27.43 24.35 4.80
C HIS A 120 -28.54 24.16 5.83
N HIS A 121 -28.38 24.79 6.99
CA HIS A 121 -29.38 24.69 8.05
C HIS A 121 -30.17 25.99 8.16
N HIS A 122 -31.49 25.88 8.10
CA HIS A 122 -32.36 27.05 8.20
C HIS A 122 -33.58 26.73 9.06
N HIS A 123 -33.48 27.04 10.34
CA HIS A 123 -34.59 26.79 11.26
C HIS A 123 -35.24 28.10 11.69
N HIS A 124 -36.54 28.22 11.47
CA HIS A 124 -37.27 29.43 11.83
C HIS A 124 -38.76 29.26 11.57
C1 MYR B . -9.06 0.60 7.73
O1 MYR B . -10.13 0.73 7.12
C2 MYR B . -8.30 1.77 7.93
C3 MYR B . -6.86 1.57 7.47
C4 MYR B . -6.49 0.10 7.35
C5 MYR B . -6.37 -0.35 5.90
C6 MYR B . -5.21 -1.33 5.72
C7 MYR B . -5.49 -2.47 4.73
C8 MYR B . -4.80 -2.33 3.36
C9 MYR B . -3.27 -2.33 3.41
C10 MYR B . -2.62 -2.44 2.02
C11 MYR B . -1.57 -3.56 1.95
C12 MYR B . -1.66 -4.32 0.61
C13 MYR B . -0.76 -3.68 -0.45
C14 MYR B . 0.59 -4.36 -0.52
H21 MYR B . -8.71 2.52 7.43
H22 MYR B . -8.30 1.98 8.91
H31 MYR B . -6.73 2.01 6.58
H32 MYR B . -6.23 2.01 8.12
H41 MYR B . -5.63 -0.07 7.81
H42 MYR B . -7.20 -0.45 7.80
H51 MYR B . -7.23 -0.78 5.62
H52 MYR B . -6.22 0.46 5.32
H61 MYR B . -4.42 -0.81 5.39
H62 MYR B . -5.00 -1.74 6.61
H71 MYR B . -5.18 -3.32 5.15
H72 MYR B . -6.48 -2.52 4.57
H81 MYR B . -5.10 -3.09 2.79
H82 MYR B . -5.11 -1.46 2.95
H91 MYR B . -2.96 -1.47 3.84
H92 MYR B . -2.96 -3.10 3.97
H101 MYR B . -3.35 -2.64 1.36
H102 MYR B . -2.19 -1.57 1.78
H111 MYR B . -0.66 -3.16 2.04
H112 MYR B . -1.71 -4.21 2.69
H121 MYR B . -1.37 -5.27 0.75
H122 MYR B . -2.60 -4.31 0.28
H131 MYR B . -1.21 -3.75 -1.33
H132 MYR B . -0.63 -2.71 -0.22
H141 MYR B . 1.12 -3.97 -1.28
H142 MYR B . 1.08 -4.20 0.34
H143 MYR B . 0.47 -5.34 -0.65
N GLY A 1 -9.98 0.49 9.01
CA GLY A 1 -11.41 0.25 9.14
C GLY A 1 -11.74 -1.23 8.98
N GLN A 2 -13.01 -1.53 8.77
CA GLN A 2 -13.45 -2.92 8.60
C GLN A 2 -12.82 -3.54 7.36
N GLU A 3 -12.43 -2.69 6.41
CA GLU A 3 -11.82 -3.16 5.17
C GLU A 3 -10.70 -4.13 5.47
N LEU A 4 -10.31 -4.21 6.74
CA LEU A 4 -9.24 -5.12 7.14
C LEU A 4 -9.55 -6.54 6.67
N SER A 5 -10.83 -6.89 6.67
CA SER A 5 -11.24 -8.23 6.25
C SER A 5 -10.79 -8.50 4.81
N GLN A 6 -10.94 -7.51 3.95
CA GLN A 6 -10.55 -7.65 2.55
C GLN A 6 -9.04 -7.89 2.45
N HIS A 7 -8.28 -7.17 3.28
CA HIS A 7 -6.83 -7.30 3.28
C HIS A 7 -6.44 -8.75 3.57
N GLU A 8 -7.14 -9.38 4.49
CA GLU A 8 -6.85 -10.75 4.86
C GLU A 8 -6.98 -11.66 3.63
N ARG A 9 -8.19 -11.73 3.08
CA ARG A 9 -8.41 -12.58 1.91
C ARG A 9 -7.38 -12.28 0.83
N TYR A 10 -7.12 -11.00 0.59
CA TYR A 10 -6.15 -10.61 -0.43
C TYR A 10 -4.78 -11.18 -0.08
N VAL A 11 -4.32 -10.93 1.14
CA VAL A 11 -3.02 -11.42 1.56
C VAL A 11 -2.84 -12.88 1.15
N GLU A 12 -3.93 -13.63 1.21
CA GLU A 12 -3.88 -15.05 0.85
C GLU A 12 -3.64 -15.19 -0.65
N GLN A 13 -4.27 -14.33 -1.42
CA GLN A 13 -4.13 -14.37 -2.89
C GLN A 13 -2.69 -14.08 -3.29
N LEU A 14 -2.08 -13.10 -2.64
CA LEU A 14 -0.70 -12.73 -2.95
C LEU A 14 0.25 -13.89 -2.66
N LYS A 15 0.02 -14.57 -1.56
CA LYS A 15 0.87 -15.69 -1.19
C LYS A 15 0.80 -16.79 -2.24
N GLN A 16 -0.38 -17.04 -2.77
CA GLN A 16 -0.55 -18.08 -3.78
C GLN A 16 0.33 -17.79 -5.00
N ALA A 17 0.28 -16.54 -5.46
CA ALA A 17 1.08 -16.14 -6.61
C ALA A 17 2.55 -16.41 -6.37
N LEU A 18 3.10 -15.85 -5.29
CA LEU A 18 4.50 -16.04 -4.97
C LEU A 18 4.81 -17.52 -4.71
N LYS A 19 3.83 -18.21 -4.13
CA LYS A 19 4.00 -19.63 -3.83
C LYS A 19 4.28 -20.43 -5.10
N THR A 20 3.89 -19.87 -6.24
CA THR A 20 4.12 -20.55 -7.52
C THR A 20 5.57 -20.38 -7.97
N ARG A 21 6.35 -19.60 -7.21
CA ARG A 21 7.74 -19.37 -7.54
C ARG A 21 8.64 -20.40 -6.85
N GLY A 22 8.02 -21.27 -6.06
CA GLY A 22 8.78 -22.29 -5.34
C GLY A 22 9.32 -21.74 -4.03
N VAL A 23 9.02 -20.48 -3.75
CA VAL A 23 9.48 -19.84 -2.52
C VAL A 23 8.90 -20.55 -1.30
N LYS A 24 9.67 -20.60 -0.23
CA LYS A 24 9.23 -21.26 1.00
C LYS A 24 7.88 -20.69 1.44
N VAL A 25 7.49 -21.01 2.67
CA VAL A 25 6.22 -20.52 3.21
C VAL A 25 6.46 -19.42 4.22
N LYS A 26 6.27 -18.17 3.77
CA LYS A 26 6.45 -17.01 4.64
C LYS A 26 5.18 -16.17 4.70
N TYR A 27 5.01 -15.43 5.79
CA TYR A 27 3.81 -14.61 5.93
C TYR A 27 3.98 -13.31 5.15
N ALA A 28 2.95 -12.95 4.39
CA ALA A 28 2.97 -11.72 3.60
C ALA A 28 2.47 -10.54 4.41
N ASP A 29 1.36 -10.73 5.12
CA ASP A 29 0.77 -9.67 5.90
C ASP A 29 1.78 -9.05 6.86
N LEU A 30 2.40 -9.88 7.65
CA LEU A 30 3.38 -9.39 8.61
C LEU A 30 4.60 -8.79 7.92
N LEU A 31 5.27 -9.62 7.13
CA LEU A 31 6.47 -9.18 6.43
C LEU A 31 6.20 -7.85 5.73
N LYS A 32 5.03 -7.74 5.11
CA LYS A 32 4.69 -6.52 4.40
C LYS A 32 4.17 -5.44 5.35
N PHE A 33 3.25 -5.82 6.22
CA PHE A 33 2.67 -4.86 7.15
C PHE A 33 3.75 -4.14 7.91
N PHE A 34 4.60 -4.89 8.61
CA PHE A 34 5.68 -4.28 9.38
C PHE A 34 6.65 -3.51 8.48
N ASP A 35 7.14 -4.16 7.44
CA ASP A 35 8.09 -3.53 6.54
C ASP A 35 7.56 -2.20 6.02
N PHE A 36 6.38 -2.25 5.41
CA PHE A 36 5.78 -1.04 4.86
C PHE A 36 5.43 -0.04 5.96
N VAL A 37 4.67 -0.49 6.95
CA VAL A 37 4.26 0.38 8.04
C VAL A 37 5.44 1.20 8.55
N LYS A 38 6.49 0.51 8.96
CA LYS A 38 7.68 1.20 9.46
C LYS A 38 8.31 2.05 8.37
N ASP A 39 8.37 1.53 7.15
CA ASP A 39 8.98 2.27 6.05
C ASP A 39 8.17 3.52 5.70
N ILE A 40 6.97 3.30 5.17
CA ILE A 40 6.10 4.41 4.79
C ILE A 40 5.69 5.22 6.01
N CYS A 41 5.36 4.52 7.09
CA CYS A 41 4.94 5.17 8.32
C CYS A 41 5.90 4.85 9.48
N PRO A 42 7.05 5.47 9.51
CA PRO A 42 8.06 5.25 10.57
C PRO A 42 7.72 6.00 11.86
N TRP A 43 6.92 7.05 11.73
CA TRP A 43 6.52 7.85 12.88
C TRP A 43 5.00 7.88 13.02
N PHE A 44 4.30 7.20 12.13
CA PHE A 44 2.84 7.17 12.17
C PHE A 44 2.32 5.78 11.81
N PRO A 45 2.58 4.81 12.64
CA PRO A 45 2.14 3.41 12.41
C PRO A 45 0.65 3.23 12.73
N GLN A 46 0.00 4.29 13.19
CA GLN A 46 -1.41 4.23 13.52
C GLN A 46 -2.24 3.93 12.28
N GLU A 47 -1.98 4.68 11.21
CA GLU A 47 -2.73 4.47 9.96
C GLU A 47 -1.91 3.62 9.00
N GLY A 48 -0.90 4.22 8.38
CA GLY A 48 -0.05 3.49 7.43
C GLY A 48 -0.82 3.13 6.17
N THR A 49 -0.47 3.78 5.06
CA THR A 49 -1.14 3.51 3.79
C THR A 49 -0.10 3.13 2.73
N ILE A 50 -0.55 2.45 1.68
CA ILE A 50 0.35 2.04 0.61
C ILE A 50 0.69 3.23 -0.28
N ASP A 51 1.98 3.41 -0.56
CA ASP A 51 2.43 4.52 -1.39
C ASP A 51 3.48 4.03 -2.39
N ILE A 52 3.44 4.60 -3.59
CA ILE A 52 4.38 4.21 -4.63
C ILE A 52 5.54 5.19 -4.70
N LYS A 53 5.24 6.48 -4.56
CA LYS A 53 6.28 7.51 -4.60
C LYS A 53 7.23 7.37 -3.40
N ARG A 54 6.66 7.16 -2.21
CA ARG A 54 7.47 7.03 -1.02
C ARG A 54 8.21 5.69 -1.01
N TRP A 55 7.44 4.60 -0.92
CA TRP A 55 8.05 3.27 -0.89
C TRP A 55 9.14 3.17 -1.92
N ARG A 56 9.08 4.02 -2.94
CA ARG A 56 10.10 4.03 -3.98
C ARG A 56 11.38 4.71 -3.49
N ARG A 57 11.23 5.88 -2.89
CA ARG A 57 12.39 6.62 -2.40
C ARG A 57 13.11 5.85 -1.31
N VAL A 58 12.37 5.48 -0.26
CA VAL A 58 12.96 4.74 0.85
C VAL A 58 13.24 3.29 0.45
N GLY A 59 12.54 2.82 -0.58
CA GLY A 59 12.72 1.45 -1.04
C GLY A 59 14.08 1.26 -1.68
N ASP A 60 14.47 2.20 -2.54
CA ASP A 60 15.75 2.13 -3.21
C ASP A 60 16.90 2.31 -2.22
N CYS A 61 16.73 3.24 -1.28
CA CYS A 61 17.76 3.50 -0.29
C CYS A 61 18.18 2.21 0.39
N PHE A 62 17.26 1.61 1.14
CA PHE A 62 17.56 0.38 1.86
C PHE A 62 17.91 -0.73 0.89
N GLN A 63 17.11 -0.88 -0.16
CA GLN A 63 17.34 -1.93 -1.15
C GLN A 63 18.69 -1.73 -1.85
N ASP A 64 18.85 -0.60 -2.52
CA ASP A 64 20.10 -0.30 -3.22
C ASP A 64 21.27 -0.43 -2.27
N TYR A 65 21.01 -0.29 -0.98
CA TYR A 65 22.06 -0.39 0.02
C TYR A 65 22.31 -1.85 0.39
N TYR A 66 21.23 -2.62 0.51
CA TYR A 66 21.33 -4.02 0.87
C TYR A 66 22.09 -4.79 -0.20
N ASN A 67 21.78 -4.49 -1.47
CA ASN A 67 22.44 -5.17 -2.59
C ASN A 67 23.90 -4.72 -2.70
N THR A 68 24.11 -3.41 -2.82
CA THR A 68 25.45 -2.88 -2.95
C THR A 68 26.34 -3.36 -1.80
N PHE A 69 25.70 -3.83 -0.73
CA PHE A 69 26.44 -4.33 0.43
C PHE A 69 26.87 -5.77 0.21
N GLY A 70 26.53 -6.32 -0.95
CA GLY A 70 26.90 -7.69 -1.27
C GLY A 70 26.29 -8.67 -0.26
N PRO A 71 25.00 -8.87 -0.32
CA PRO A 71 24.28 -9.79 0.61
C PRO A 71 24.45 -11.25 0.21
N GLU A 72 24.30 -12.14 1.19
CA GLU A 72 24.45 -13.57 0.94
C GLU A 72 23.08 -14.23 0.83
N LYS A 73 22.03 -13.44 0.95
CA LYS A 73 20.67 -13.95 0.86
C LYS A 73 19.87 -13.21 -0.18
N VAL A 74 20.54 -12.77 -1.25
CA VAL A 74 19.89 -12.01 -2.30
C VAL A 74 18.55 -12.66 -2.66
N PRO A 75 17.45 -12.12 -2.15
CA PRO A 75 16.09 -12.67 -2.39
C PRO A 75 15.52 -12.23 -3.73
N VAL A 76 14.76 -13.12 -4.36
CA VAL A 76 14.15 -12.81 -5.64
C VAL A 76 12.90 -11.95 -5.46
N ILE A 77 12.45 -11.84 -4.22
CA ILE A 77 11.26 -11.06 -3.90
C ILE A 77 11.37 -9.66 -4.51
N ALA A 78 12.59 -9.26 -4.85
CA ALA A 78 12.80 -7.95 -5.44
C ALA A 78 12.04 -7.82 -6.75
N PHE A 79 12.30 -8.73 -7.68
CA PHE A 79 11.64 -8.67 -8.97
C PHE A 79 10.13 -8.57 -8.78
N SER A 80 9.59 -9.42 -7.92
CA SER A 80 8.15 -9.42 -7.65
C SER A 80 7.72 -8.05 -7.12
N TYR A 81 8.57 -7.43 -6.30
CA TYR A 81 8.25 -6.13 -5.73
C TYR A 81 8.24 -5.06 -6.82
N TRP A 82 7.91 -3.84 -6.43
CA TRP A 82 7.85 -2.72 -7.38
C TRP A 82 6.75 -2.97 -8.40
N ASN A 83 6.92 -3.99 -9.23
CA ASN A 83 5.93 -4.32 -10.24
C ASN A 83 4.58 -4.64 -9.61
N LEU A 84 4.61 -5.39 -8.52
CA LEU A 84 3.40 -5.75 -7.81
C LEU A 84 2.75 -4.53 -7.19
N ILE A 85 3.57 -3.58 -6.76
CA ILE A 85 3.06 -2.37 -6.13
C ILE A 85 2.11 -1.65 -7.07
N LYS A 86 2.46 -1.58 -8.33
CA LYS A 86 1.61 -0.91 -9.30
C LYS A 86 0.30 -1.68 -9.49
N GLU A 87 0.41 -2.94 -9.90
CA GLU A 87 -0.77 -3.76 -10.11
C GLU A 87 -1.59 -3.88 -8.83
N LEU A 88 -0.92 -3.63 -7.71
CA LEU A 88 -1.59 -3.73 -6.42
C LEU A 88 -2.61 -2.62 -6.26
N ILE A 89 -2.15 -1.38 -6.37
CA ILE A 89 -3.03 -0.25 -6.21
C ILE A 89 -4.25 -0.39 -7.10
N ASP A 90 -4.06 -1.03 -8.25
CA ASP A 90 -5.16 -1.23 -9.19
C ASP A 90 -6.28 -2.04 -8.54
N LYS A 91 -5.96 -3.28 -8.18
CA LYS A 91 -6.95 -4.15 -7.55
C LYS A 91 -7.40 -3.57 -6.20
N LYS A 92 -6.44 -3.10 -5.42
CA LYS A 92 -6.73 -2.52 -4.11
C LYS A 92 -7.66 -1.32 -4.27
N GLU A 93 -7.75 -0.80 -5.48
CA GLU A 93 -8.62 0.34 -5.77
C GLU A 93 -10.05 0.06 -5.29
N VAL A 94 -10.28 -1.16 -4.82
CA VAL A 94 -11.62 -1.54 -4.37
C VAL A 94 -12.25 -0.43 -3.55
N ASN A 95 -11.69 -0.14 -2.39
CA ASN A 95 -12.19 0.93 -1.52
C ASN A 95 -11.62 0.80 -0.11
N PRO A 96 -10.32 0.87 0.03
CA PRO A 96 -9.63 0.77 1.33
C PRO A 96 -9.42 2.15 1.96
N GLN A 97 -8.44 2.23 2.85
CA GLN A 97 -8.13 3.48 3.52
C GLN A 97 -7.67 4.52 2.51
N VAL A 98 -7.08 4.04 1.42
CA VAL A 98 -6.58 4.95 0.38
C VAL A 98 -7.69 5.88 -0.08
N MET A 99 -8.87 5.32 -0.30
CA MET A 99 -10.01 6.11 -0.74
C MET A 99 -10.48 7.03 0.38
N ALA A 100 -10.33 6.59 1.61
CA ALA A 100 -10.73 7.38 2.76
C ALA A 100 -9.85 8.63 2.89
N ALA A 101 -8.54 8.42 2.90
CA ALA A 101 -7.59 9.52 3.03
C ALA A 101 -7.94 10.60 2.02
N VAL A 102 -8.72 10.25 0.99
CA VAL A 102 -9.11 11.22 -0.01
C VAL A 102 -10.44 11.86 0.37
N ALA A 103 -11.43 11.04 0.66
CA ALA A 103 -12.75 11.55 1.04
C ALA A 103 -12.64 12.36 2.34
N GLN A 104 -11.64 12.01 3.14
CA GLN A 104 -11.43 12.70 4.41
C GLN A 104 -10.75 14.04 4.18
N THR A 105 -9.58 14.01 3.52
CA THR A 105 -8.84 15.23 3.25
C THR A 105 -9.64 16.15 2.34
N GLU A 106 -10.28 15.58 1.33
CA GLU A 106 -11.08 16.35 0.38
C GLU A 106 -12.51 15.84 0.35
N GLU A 107 -13.31 16.27 1.32
CA GLU A 107 -14.71 15.86 1.39
C GLU A 107 -15.47 16.39 0.17
N ILE A 108 -16.37 15.57 -0.35
CA ILE A 108 -17.16 15.96 -1.52
C ILE A 108 -18.05 17.15 -1.18
N LEU A 109 -18.31 17.34 0.11
CA LEU A 109 -19.14 18.46 0.54
C LEU A 109 -18.30 19.68 0.83
N LYS A 110 -17.98 20.44 -0.22
CA LYS A 110 -17.17 21.64 -0.08
C LYS A 110 -17.72 22.77 -0.96
N SER A 111 -17.52 24.00 -0.50
CA SER A 111 -18.00 25.16 -1.26
C SER A 111 -17.13 25.39 -2.50
N ASN A 112 -15.83 25.17 -2.35
CA ASN A 112 -14.90 25.36 -3.46
C ASN A 112 -15.52 24.92 -4.78
N SER A 113 -16.25 23.81 -4.74
CA SER A 113 -16.90 23.30 -5.93
C SER A 113 -18.14 24.13 -6.28
N GLN A 114 -18.58 24.05 -7.52
CA GLN A 114 -19.75 24.79 -7.95
C GLN A 114 -20.98 24.36 -7.16
N THR A 115 -21.10 23.06 -6.91
CA THR A 115 -22.24 22.53 -6.16
C THR A 115 -21.74 21.66 -5.01
N ASP A 116 -22.29 21.88 -3.82
CA ASP A 116 -21.89 21.11 -2.65
C ASP A 116 -22.25 19.64 -2.83
N LEU A 117 -23.37 19.39 -3.50
CA LEU A 117 -23.83 18.04 -3.74
C LEU A 117 -22.86 17.28 -4.63
N GLU A 118 -22.31 17.97 -5.62
CA GLU A 118 -21.38 17.35 -6.55
C GLU A 118 -22.00 16.12 -7.19
N HIS A 119 -23.32 16.16 -7.37
CA HIS A 119 -24.03 15.03 -7.97
C HIS A 119 -23.94 15.11 -9.49
N HIS A 120 -23.48 14.02 -10.09
CA HIS A 120 -23.34 13.95 -11.55
C HIS A 120 -24.12 12.78 -12.12
N HIS A 121 -24.67 12.97 -13.32
CA HIS A 121 -25.44 11.92 -13.97
C HIS A 121 -24.95 11.72 -15.41
N HIS A 122 -24.57 10.49 -15.72
CA HIS A 122 -24.08 10.16 -17.06
C HIS A 122 -24.97 9.12 -17.72
N HIS A 123 -25.44 9.44 -18.93
CA HIS A 123 -26.31 8.53 -19.66
C HIS A 123 -25.57 7.91 -20.84
N HIS A 124 -25.62 6.59 -20.94
CA HIS A 124 -24.95 5.89 -22.03
C HIS A 124 -25.77 5.99 -23.32
C1 MYR B . -9.11 -0.14 9.80
O1 MYR B . -9.45 -0.95 10.66
C2 MYR B . -8.43 -0.64 8.68
C3 MYR B . -6.95 -0.22 8.68
C4 MYR B . -6.12 -1.08 7.72
C5 MYR B . -6.59 -0.90 6.27
C6 MYR B . -6.08 -2.05 5.40
C7 MYR B . -5.57 -1.62 4.02
C8 MYR B . -5.30 -2.77 3.04
C9 MYR B . -3.83 -3.22 2.96
C10 MYR B . -3.33 -3.36 1.51
C11 MYR B . -2.37 -4.55 1.34
C12 MYR B . -1.52 -4.38 0.08
C13 MYR B . -0.08 -4.02 0.40
C14 MYR B . 0.02 -3.30 1.74
H21 MYR B . -8.49 -1.65 8.68
H22 MYR B . -8.86 -0.30 7.84
H31 MYR B . -6.88 0.73 8.42
H32 MYR B . -6.58 -0.34 9.61
H41 MYR B . -5.17 -0.80 7.79
H42 MYR B . -6.22 -2.04 7.97
H51 MYR B . -7.59 -0.88 6.25
H52 MYR B . -6.23 -0.04 5.91
H61 MYR B . -5.34 -2.51 5.89
H62 MYR B . -6.84 -2.70 5.26
H71 MYR B . -6.25 -1.01 3.62
H72 MYR B . -4.72 -1.12 4.15
H81 MYR B . -5.86 -3.55 3.30
H82 MYR B . -5.58 -2.47 2.12
H91 MYR B . -3.26 -2.55 3.43
H92 MYR B . -3.73 -4.11 3.42
H101 MYR B . -4.11 -3.49 0.92
H102 MYR B . -2.85 -2.51 1.25
H111 MYR B . -1.77 -4.61 2.14
H112 MYR B . -2.90 -5.40 1.26
H121 MYR B . -1.53 -5.25 -0.44
H122 MYR B . -1.91 -3.66 -0.50
H131 MYR B . 0.48 -4.85 0.44
H132 MYR B . 0.29 -3.42 -0.31
H141 MYR B . 0.90 -2.82 1.80
H142 MYR B . -0.72 -2.63 1.83
H143 MYR B . -0.04 -3.96 2.49
N GLY A 1 -10.70 0.64 9.06
CA GLY A 1 -11.29 -0.14 10.14
C GLY A 1 -11.94 -1.41 9.61
N GLN A 2 -13.23 -1.34 9.32
CA GLN A 2 -13.96 -2.49 8.82
C GLN A 2 -13.20 -3.14 7.66
N GLU A 3 -12.63 -2.31 6.80
CA GLU A 3 -11.89 -2.80 5.65
C GLU A 3 -10.89 -3.88 6.10
N LEU A 4 -10.71 -4.01 7.40
CA LEU A 4 -9.78 -5.00 7.94
C LEU A 4 -10.14 -6.39 7.42
N SER A 5 -11.43 -6.69 7.37
CA SER A 5 -11.88 -7.98 6.89
C SER A 5 -11.37 -8.23 5.47
N GLN A 6 -11.40 -7.17 4.66
CA GLN A 6 -10.94 -7.27 3.28
C GLN A 6 -9.45 -7.57 3.23
N HIS A 7 -8.70 -6.95 4.14
CA HIS A 7 -7.25 -7.17 4.19
C HIS A 7 -6.94 -8.65 4.40
N GLU A 8 -7.72 -9.30 5.25
CA GLU A 8 -7.51 -10.73 5.53
C GLU A 8 -7.69 -11.53 4.25
N ARG A 9 -8.88 -11.49 3.68
CA ARG A 9 -9.16 -12.24 2.46
C ARG A 9 -8.10 -11.94 1.40
N TYR A 10 -7.74 -10.67 1.27
CA TYR A 10 -6.74 -10.28 0.29
C TYR A 10 -5.40 -10.94 0.61
N VAL A 11 -4.95 -10.80 1.85
CA VAL A 11 -3.69 -11.37 2.26
C VAL A 11 -3.56 -12.80 1.74
N GLU A 12 -4.67 -13.52 1.71
CA GLU A 12 -4.67 -14.89 1.24
C GLU A 12 -4.44 -14.94 -0.26
N GLN A 13 -5.05 -14.00 -0.98
CA GLN A 13 -4.89 -13.95 -2.44
C GLN A 13 -3.44 -13.67 -2.83
N LEU A 14 -2.80 -12.75 -2.13
CA LEU A 14 -1.41 -12.40 -2.41
C LEU A 14 -0.50 -13.59 -2.19
N LYS A 15 -0.76 -14.34 -1.13
CA LYS A 15 0.05 -15.51 -0.84
C LYS A 15 -0.06 -16.54 -1.95
N GLN A 16 -1.27 -16.75 -2.46
CA GLN A 16 -1.47 -17.73 -3.52
C GLN A 16 -0.62 -17.41 -4.74
N ALA A 17 -0.62 -16.14 -5.14
CA ALA A 17 0.15 -15.74 -6.31
C ALA A 17 1.62 -16.11 -6.13
N LEU A 18 2.20 -15.69 -5.01
CA LEU A 18 3.60 -15.99 -4.73
C LEU A 18 3.80 -17.48 -4.50
N LYS A 19 2.77 -18.13 -3.99
CA LYS A 19 2.82 -19.57 -3.72
C LYS A 19 3.12 -20.35 -4.99
N THR A 20 2.70 -19.80 -6.13
CA THR A 20 2.92 -20.46 -7.41
C THR A 20 4.37 -20.24 -7.88
N ARG A 21 5.13 -19.45 -7.13
CA ARG A 21 6.52 -19.19 -7.49
C ARG A 21 7.45 -20.16 -6.79
N GLY A 22 6.88 -21.06 -5.99
CA GLY A 22 7.68 -22.05 -5.29
C GLY A 22 8.45 -21.41 -4.13
N VAL A 23 8.30 -20.10 -4.01
CA VAL A 23 8.97 -19.35 -2.94
C VAL A 23 8.48 -19.82 -1.57
N LYS A 24 8.70 -21.10 -1.26
CA LYS A 24 8.28 -21.67 0.02
C LYS A 24 6.95 -21.06 0.46
N VAL A 25 6.61 -21.21 1.73
CA VAL A 25 5.36 -20.67 2.25
C VAL A 25 5.67 -19.62 3.32
N LYS A 26 5.42 -18.35 2.99
CA LYS A 26 5.67 -17.26 3.93
C LYS A 26 4.41 -16.45 4.16
N TYR A 27 4.32 -15.76 5.29
CA TYR A 27 3.15 -14.96 5.58
C TYR A 27 3.26 -13.60 4.90
N ALA A 28 2.17 -13.18 4.26
CA ALA A 28 2.14 -11.89 3.59
C ALA A 28 1.75 -10.78 4.54
N ASP A 29 0.79 -11.05 5.42
CA ASP A 29 0.31 -10.05 6.35
C ASP A 29 1.44 -9.48 7.17
N LEU A 30 2.16 -10.33 7.88
CA LEU A 30 3.26 -9.87 8.72
C LEU A 30 4.36 -9.24 7.87
N LEU A 31 4.93 -10.03 6.98
CA LEU A 31 6.01 -9.55 6.15
C LEU A 31 5.65 -8.22 5.52
N LYS A 32 4.44 -8.13 5.01
CA LYS A 32 3.99 -6.89 4.39
C LYS A 32 3.62 -5.85 5.42
N PHE A 33 2.84 -6.26 6.41
CA PHE A 33 2.39 -5.33 7.46
C PHE A 33 3.58 -4.60 8.06
N PHE A 34 4.46 -5.34 8.72
CA PHE A 34 5.63 -4.73 9.34
C PHE A 34 6.47 -3.97 8.34
N ASP A 35 6.80 -4.62 7.22
CA ASP A 35 7.63 -3.98 6.20
C ASP A 35 7.04 -2.65 5.75
N PHE A 36 5.82 -2.71 5.25
CA PHE A 36 5.15 -1.49 4.77
C PHE A 36 4.94 -0.49 5.89
N VAL A 37 4.22 -0.91 6.93
CA VAL A 37 3.94 -0.02 8.05
C VAL A 37 5.18 0.73 8.48
N LYS A 38 6.22 -0.01 8.86
CA LYS A 38 7.45 0.61 9.29
C LYS A 38 8.10 1.40 8.16
N ASP A 39 8.15 0.80 6.97
CA ASP A 39 8.77 1.47 5.83
C ASP A 39 8.06 2.78 5.50
N ILE A 40 6.81 2.67 5.04
CA ILE A 40 6.04 3.85 4.67
C ILE A 40 5.73 4.69 5.90
N CYS A 41 5.36 4.03 6.99
CA CYS A 41 5.03 4.72 8.23
C CYS A 41 5.98 4.30 9.37
N PRO A 42 7.18 4.83 9.40
CA PRO A 42 8.17 4.51 10.45
C PRO A 42 7.93 5.30 11.73
N TRP A 43 7.17 6.39 11.62
CA TRP A 43 6.87 7.24 12.77
C TRP A 43 5.37 7.33 13.01
N PHE A 44 4.58 6.81 12.08
CA PHE A 44 3.13 6.86 12.20
C PHE A 44 2.51 5.52 11.81
N PRO A 45 2.72 4.51 12.61
CA PRO A 45 2.20 3.15 12.35
C PRO A 45 0.71 3.04 12.64
N GLN A 46 0.10 4.14 13.04
CA GLN A 46 -1.33 4.15 13.35
C GLN A 46 -2.15 3.80 12.12
N GLU A 47 -1.89 4.50 11.01
CA GLU A 47 -2.62 4.25 9.77
C GLU A 47 -1.75 3.44 8.81
N GLY A 48 -0.79 4.11 8.18
CA GLY A 48 0.10 3.43 7.24
C GLY A 48 -0.66 3.00 5.99
N THR A 49 -0.34 3.64 4.86
CA THR A 49 -1.01 3.32 3.59
C THR A 49 0.02 2.95 2.54
N ILE A 50 -0.44 2.33 1.45
CA ILE A 50 0.46 1.92 0.38
C ILE A 50 0.81 3.11 -0.51
N ASP A 51 2.11 3.35 -0.67
CA ASP A 51 2.58 4.45 -1.51
C ASP A 51 3.61 3.96 -2.52
N ILE A 52 3.49 4.42 -3.75
CA ILE A 52 4.43 4.01 -4.80
C ILE A 52 5.58 4.99 -4.90
N LYS A 53 5.27 6.29 -4.81
CA LYS A 53 6.30 7.32 -4.89
C LYS A 53 7.24 7.25 -3.69
N ARG A 54 6.67 7.15 -2.50
CA ARG A 54 7.49 7.09 -1.28
C ARG A 54 8.22 5.76 -1.20
N TRP A 55 7.46 4.68 -1.07
CA TRP A 55 8.05 3.36 -0.94
C TRP A 55 9.18 3.20 -1.95
N ARG A 56 9.10 3.94 -3.04
CA ARG A 56 10.14 3.89 -4.07
C ARG A 56 11.41 4.60 -3.59
N ARG A 57 11.24 5.81 -3.04
CA ARG A 57 12.38 6.58 -2.58
C ARG A 57 13.11 5.85 -1.45
N VAL A 58 12.36 5.44 -0.45
CA VAL A 58 12.95 4.72 0.69
C VAL A 58 13.28 3.28 0.32
N GLY A 59 12.55 2.76 -0.67
CA GLY A 59 12.76 1.39 -1.11
C GLY A 59 14.13 1.22 -1.76
N ASP A 60 14.46 2.13 -2.68
CA ASP A 60 15.75 2.08 -3.36
C ASP A 60 16.89 2.40 -2.39
N CYS A 61 16.67 3.39 -1.52
CA CYS A 61 17.70 3.77 -0.57
C CYS A 61 18.25 2.56 0.17
N PHE A 62 17.39 1.92 0.95
CA PHE A 62 17.79 0.74 1.71
C PHE A 62 18.17 -0.42 0.78
N GLN A 63 17.33 -0.67 -0.21
CA GLN A 63 17.58 -1.77 -1.13
C GLN A 63 18.86 -1.54 -1.92
N ASP A 64 18.89 -0.45 -2.67
CA ASP A 64 20.07 -0.13 -3.48
C ASP A 64 21.32 -0.12 -2.61
N TYR A 65 21.16 0.27 -1.36
CA TYR A 65 22.30 0.30 -0.44
C TYR A 65 22.71 -1.11 -0.03
N TYR A 66 21.73 -1.92 0.34
CA TYR A 66 21.99 -3.29 0.77
C TYR A 66 22.61 -4.12 -0.35
N ASN A 67 22.09 -3.95 -1.56
CA ASN A 67 22.59 -4.68 -2.72
C ASN A 67 23.90 -4.10 -3.22
N THR A 68 23.86 -2.84 -3.64
CA THR A 68 25.06 -2.19 -4.17
C THR A 68 26.25 -2.46 -3.24
N PHE A 69 25.97 -2.65 -1.96
CA PHE A 69 27.04 -2.92 -1.01
C PHE A 69 27.73 -4.25 -1.32
N GLY A 70 26.93 -5.31 -1.43
CA GLY A 70 27.46 -6.64 -1.71
C GLY A 70 27.12 -7.63 -0.59
N PRO A 71 25.87 -7.99 -0.47
CA PRO A 71 25.38 -8.94 0.57
C PRO A 71 25.63 -10.40 0.19
N GLU A 72 25.55 -11.28 1.19
CA GLU A 72 25.77 -12.71 0.95
C GLU A 72 24.43 -13.44 0.89
N LYS A 73 23.33 -12.70 1.04
CA LYS A 73 22.01 -13.30 1.00
C LYS A 73 21.14 -12.59 -0.02
N VAL A 74 21.77 -12.02 -1.04
CA VAL A 74 21.04 -11.29 -2.07
C VAL A 74 19.78 -12.07 -2.47
N PRO A 75 18.62 -11.68 -1.95
CA PRO A 75 17.34 -12.37 -2.25
C PRO A 75 16.73 -11.96 -3.57
N VAL A 76 16.03 -12.90 -4.20
CA VAL A 76 15.38 -12.62 -5.47
C VAL A 76 14.12 -11.78 -5.27
N ILE A 77 13.59 -11.83 -4.05
CA ILE A 77 12.39 -11.08 -3.73
C ILE A 77 12.48 -9.66 -4.29
N ALA A 78 13.71 -9.21 -4.56
CA ALA A 78 13.91 -7.88 -5.11
C ALA A 78 13.15 -7.71 -6.41
N PHE A 79 13.50 -8.52 -7.40
CA PHE A 79 12.83 -8.43 -8.70
C PHE A 79 11.33 -8.39 -8.53
N SER A 80 10.81 -9.21 -7.62
CA SER A 80 9.38 -9.24 -7.37
C SER A 80 8.87 -7.88 -6.93
N TYR A 81 9.63 -7.21 -6.06
CA TYR A 81 9.24 -5.89 -5.57
C TYR A 81 9.13 -4.91 -6.73
N TRP A 82 8.65 -3.71 -6.42
CA TRP A 82 8.49 -2.67 -7.44
C TRP A 82 7.32 -2.99 -8.36
N ASN A 83 7.48 -3.99 -9.20
CA ASN A 83 6.43 -4.38 -10.13
C ASN A 83 5.18 -4.80 -9.37
N LEU A 84 5.38 -5.54 -8.29
CA LEU A 84 4.26 -5.99 -7.47
C LEU A 84 3.53 -4.79 -6.87
N ILE A 85 4.27 -3.78 -6.46
CA ILE A 85 3.67 -2.61 -5.85
C ILE A 85 2.69 -1.96 -6.83
N LYS A 86 3.10 -1.85 -8.08
CA LYS A 86 2.25 -1.24 -9.09
C LYS A 86 0.93 -1.99 -9.22
N GLU A 87 1.00 -3.28 -9.55
CA GLU A 87 -0.20 -4.08 -9.71
C GLU A 87 -1.01 -4.05 -8.42
N LEU A 88 -0.35 -3.72 -7.31
CA LEU A 88 -1.02 -3.69 -6.03
C LEU A 88 -2.13 -2.65 -6.01
N ILE A 89 -1.75 -1.41 -6.29
CA ILE A 89 -2.74 -0.33 -6.30
C ILE A 89 -3.87 -0.65 -7.26
N ASP A 90 -3.53 -1.32 -8.36
CA ASP A 90 -4.55 -1.67 -9.36
C ASP A 90 -5.62 -2.56 -8.73
N LYS A 91 -5.22 -3.74 -8.32
CA LYS A 91 -6.16 -4.70 -7.72
C LYS A 91 -6.79 -4.08 -6.47
N LYS A 92 -5.98 -3.40 -5.68
CA LYS A 92 -6.46 -2.75 -4.45
C LYS A 92 -7.45 -1.64 -4.79
N GLU A 93 -7.43 -1.20 -6.04
CA GLU A 93 -8.34 -0.14 -6.48
C GLU A 93 -9.79 -0.53 -6.22
N VAL A 94 -10.01 -1.77 -5.76
CA VAL A 94 -11.36 -2.24 -5.51
C VAL A 94 -12.20 -1.18 -4.80
N ASN A 95 -11.83 -0.84 -3.57
CA ASN A 95 -12.54 0.19 -2.81
C ASN A 95 -12.15 0.17 -1.33
N PRO A 96 -10.89 0.41 -1.04
CA PRO A 96 -10.37 0.45 0.34
C PRO A 96 -10.44 1.85 0.93
N GLN A 97 -9.62 2.09 1.96
CA GLN A 97 -9.57 3.39 2.61
C GLN A 97 -9.06 4.45 1.63
N VAL A 98 -8.34 4.00 0.61
CA VAL A 98 -7.78 4.91 -0.38
C VAL A 98 -8.90 5.70 -1.06
N MET A 99 -9.97 4.99 -1.42
CA MET A 99 -11.12 5.63 -2.05
C MET A 99 -11.86 6.51 -1.05
N ALA A 100 -11.83 6.10 0.21
CA ALA A 100 -12.50 6.85 1.26
C ALA A 100 -11.86 8.23 1.42
N ALA A 101 -10.55 8.25 1.55
CA ALA A 101 -9.82 9.50 1.72
C ALA A 101 -10.25 10.50 0.65
N VAL A 102 -10.85 10.00 -0.41
CA VAL A 102 -11.32 10.88 -1.49
C VAL A 102 -12.79 11.25 -1.27
N ALA A 103 -13.63 10.25 -1.07
CA ALA A 103 -15.05 10.48 -0.85
C ALA A 103 -15.26 11.21 0.47
N GLN A 104 -14.29 11.08 1.35
CA GLN A 104 -14.36 11.72 2.66
C GLN A 104 -13.82 13.15 2.59
N THR A 105 -12.56 13.28 2.17
CA THR A 105 -11.94 14.59 2.06
C THR A 105 -12.66 15.44 1.02
N GLU A 106 -13.04 14.81 -0.09
CA GLU A 106 -13.73 15.51 -1.17
C GLU A 106 -15.04 14.82 -1.49
N GLU A 107 -16.10 15.15 -0.74
CA GLU A 107 -17.41 14.56 -0.97
C GLU A 107 -17.97 15.00 -2.32
N ILE A 108 -18.82 14.16 -2.89
CA ILE A 108 -19.42 14.48 -4.18
C ILE A 108 -20.30 15.72 -4.08
N LEU A 109 -20.78 16.00 -2.87
CA LEU A 109 -21.61 17.18 -2.65
C LEU A 109 -20.85 18.25 -1.91
N LYS A 110 -20.78 19.44 -2.50
CA LYS A 110 -20.08 20.56 -1.88
C LYS A 110 -20.26 21.85 -2.69
N SER A 111 -19.41 22.83 -2.43
CA SER A 111 -19.50 24.10 -3.13
C SER A 111 -19.61 23.88 -4.64
N ASN A 112 -18.80 22.97 -5.16
CA ASN A 112 -18.82 22.67 -6.58
C ASN A 112 -20.19 22.10 -6.98
N SER A 113 -20.74 21.26 -6.13
CA SER A 113 -22.04 20.65 -6.41
C SER A 113 -23.16 21.67 -6.23
N GLN A 114 -24.32 21.39 -6.83
CA GLN A 114 -25.46 22.30 -6.73
C GLN A 114 -26.01 22.32 -5.31
N THR A 115 -26.06 21.14 -4.68
CA THR A 115 -26.58 21.03 -3.32
C THR A 115 -25.49 20.58 -2.36
N ASP A 116 -25.55 21.07 -1.13
CA ASP A 116 -24.55 20.71 -0.12
C ASP A 116 -25.24 20.32 1.19
N LEU A 117 -26.54 20.09 1.11
CA LEU A 117 -27.30 19.71 2.31
C LEU A 117 -26.80 18.38 2.86
N GLU A 118 -26.55 17.43 1.97
CA GLU A 118 -26.07 16.12 2.38
C GLU A 118 -26.97 15.53 3.45
N HIS A 119 -28.19 16.06 3.56
CA HIS A 119 -29.15 15.59 4.55
C HIS A 119 -30.50 15.30 3.91
N HIS A 120 -31.10 14.17 4.27
CA HIS A 120 -32.39 13.80 3.71
C HIS A 120 -33.45 14.83 4.06
N HIS A 121 -33.52 15.20 5.33
CA HIS A 121 -34.48 16.19 5.79
C HIS A 121 -33.80 17.28 6.61
N HIS A 122 -34.02 18.53 6.21
CA HIS A 122 -33.42 19.65 6.91
C HIS A 122 -34.35 20.16 8.01
N HIS A 123 -33.83 20.26 9.22
CA HIS A 123 -34.62 20.73 10.36
C HIS A 123 -34.16 22.11 10.81
N HIS A 124 -35.04 22.83 11.49
CA HIS A 124 -34.72 24.16 11.98
C HIS A 124 -35.26 24.37 13.39
C1 MYR B . -9.54 1.26 9.20
O1 MYR B . -8.89 1.23 10.26
C2 MYR B . -8.99 0.60 8.10
C3 MYR B . -7.78 1.33 7.54
C4 MYR B . -6.69 0.36 7.10
C5 MYR B . -6.46 0.40 5.60
C6 MYR B . -6.27 -1.00 5.02
C7 MYR B . -6.11 -1.05 3.50
C8 MYR B . -6.57 -2.37 2.84
C9 MYR B . -5.55 -3.53 2.95
C10 MYR B . -5.21 -4.14 1.58
C11 MYR B . -4.02 -5.10 1.65
C12 MYR B . -2.75 -4.47 1.06
C13 MYR B . -2.01 -3.63 2.10
C14 MYR B . -2.53 -2.20 2.15
H21 MYR B . -8.73 -0.33 8.38
H22 MYR B . -9.69 0.53 7.38
H31 MYR B . -8.05 1.89 6.76
H32 MYR B . -7.39 1.94 8.24
H41 MYR B . -5.83 0.58 7.57
H42 MYR B . -6.96 -0.58 7.36
H51 MYR B . -7.24 0.84 5.16
H52 MYR B . -5.64 0.94 5.39
H61 MYR B . -5.46 -1.41 5.44
H62 MYR B . -7.07 -1.55 5.27
H71 MYR B . -6.64 -0.31 3.10
H72 MYR B . -5.14 -0.92 3.28
H81 MYR B . -7.42 -2.66 3.26
H82 MYR B . -6.73 -2.19 1.86
H91 MYR B . -4.71 -3.19 3.37
H92 MYR B . -5.94 -4.24 3.53
H101 MYR B . -6.01 -4.64 1.24
H102 MYR B . -4.99 -3.41 0.94
H111 MYR B . -3.85 -5.35 2.60
H112 MYR B . -4.23 -5.93 1.13
H121 MYR B . -2.14 -5.19 0.72
H122 MYR B . -3.00 -3.88 0.29
H131 MYR B . -2.12 -4.04 3.00
H132 MYR B . -1.03 -3.60 1.87
H141 MYR B . -3.31 -2.10 1.52
H142 MYR B . -2.85 -1.99 3.08
H143 MYR B . -1.80 -1.56 1.88
N GLY A 1 -8.93 -0.07 9.85
CA GLY A 1 -10.21 -0.51 10.38
C GLY A 1 -10.90 -1.49 9.42
N GLN A 2 -12.06 -1.10 8.93
CA GLN A 2 -12.83 -1.95 8.01
C GLN A 2 -11.90 -2.55 6.98
N GLU A 3 -11.11 -1.71 6.31
CA GLU A 3 -10.19 -2.19 5.29
C GLU A 3 -9.54 -3.50 5.72
N LEU A 4 -9.60 -3.79 7.02
CA LEU A 4 -9.04 -5.02 7.55
C LEU A 4 -9.69 -6.23 6.87
N SER A 5 -11.02 -6.18 6.74
CA SER A 5 -11.74 -7.28 6.12
C SER A 5 -11.25 -7.51 4.68
N GLN A 6 -11.14 -6.41 3.92
CA GLN A 6 -10.67 -6.49 2.55
C GLN A 6 -9.21 -6.92 2.51
N HIS A 7 -8.43 -6.46 3.49
CA HIS A 7 -7.02 -6.80 3.58
C HIS A 7 -6.86 -8.29 3.88
N GLU A 8 -7.80 -8.84 4.63
CA GLU A 8 -7.76 -10.26 4.99
C GLU A 8 -7.85 -11.13 3.75
N ARG A 9 -8.69 -10.72 2.80
CA ARG A 9 -8.84 -11.46 1.55
C ARG A 9 -7.59 -11.34 0.70
N TYR A 10 -7.06 -10.13 0.59
CA TYR A 10 -5.87 -9.90 -0.21
C TYR A 10 -4.69 -10.71 0.35
N VAL A 11 -4.45 -10.56 1.64
CA VAL A 11 -3.35 -11.28 2.29
C VAL A 11 -3.35 -12.74 1.83
N GLU A 12 -4.51 -13.36 1.83
CA GLU A 12 -4.62 -14.76 1.42
C GLU A 12 -4.36 -14.89 -0.08
N GLN A 13 -4.78 -13.90 -0.84
CA GLN A 13 -4.59 -13.92 -2.29
C GLN A 13 -3.12 -13.76 -2.66
N LEU A 14 -2.46 -12.84 -1.99
CA LEU A 14 -1.04 -12.58 -2.24
C LEU A 14 -0.20 -13.81 -1.95
N LYS A 15 -0.53 -14.49 -0.86
CA LYS A 15 0.20 -15.68 -0.48
C LYS A 15 0.08 -16.77 -1.55
N GLN A 16 -1.11 -16.91 -2.10
CA GLN A 16 -1.34 -17.90 -3.14
C GLN A 16 -0.51 -17.60 -4.38
N ALA A 17 -0.46 -16.34 -4.77
CA ALA A 17 0.30 -15.94 -5.94
C ALA A 17 1.77 -16.31 -5.79
N LEU A 18 2.41 -15.81 -4.74
CA LEU A 18 3.81 -16.09 -4.49
C LEU A 18 4.03 -17.59 -4.29
N LYS A 19 2.98 -18.28 -3.84
CA LYS A 19 3.07 -19.72 -3.62
C LYS A 19 3.29 -20.47 -4.93
N THR A 20 2.69 -19.94 -6.00
CA THR A 20 2.82 -20.58 -7.32
C THR A 20 4.20 -20.31 -7.91
N ARG A 21 4.99 -19.49 -7.21
CA ARG A 21 6.33 -19.16 -7.69
C ARG A 21 7.35 -20.17 -7.17
N GLY A 22 6.86 -21.23 -6.54
CA GLY A 22 7.73 -22.27 -6.02
C GLY A 22 8.44 -21.80 -4.76
N VAL A 23 8.23 -20.53 -4.41
CA VAL A 23 8.84 -19.97 -3.21
C VAL A 23 8.29 -20.64 -1.95
N LYS A 24 9.11 -20.68 -0.91
CA LYS A 24 8.69 -21.28 0.36
C LYS A 24 7.34 -20.72 0.80
N VAL A 25 6.95 -21.03 2.03
CA VAL A 25 5.69 -20.54 2.58
C VAL A 25 5.92 -19.55 3.70
N LYS A 26 5.62 -18.29 3.45
CA LYS A 26 5.79 -17.25 4.45
C LYS A 26 4.54 -16.39 4.56
N TYR A 27 4.30 -15.83 5.75
CA TYR A 27 3.12 -15.01 5.95
C TYR A 27 3.27 -13.68 5.20
N ALA A 28 2.19 -13.28 4.52
CA ALA A 28 2.20 -12.04 3.77
C ALA A 28 1.83 -10.85 4.66
N ASP A 29 0.80 -11.04 5.48
CA ASP A 29 0.33 -9.99 6.35
C ASP A 29 1.48 -9.44 7.20
N LEU A 30 2.17 -10.33 7.91
CA LEU A 30 3.28 -9.91 8.75
C LEU A 30 4.41 -9.33 7.92
N LEU A 31 4.96 -10.13 7.02
CA LEU A 31 6.06 -9.68 6.19
C LEU A 31 5.73 -8.33 5.57
N LYS A 32 4.51 -8.19 5.06
CA LYS A 32 4.10 -6.93 4.43
C LYS A 32 3.77 -5.88 5.48
N PHE A 33 2.93 -6.25 6.44
CA PHE A 33 2.52 -5.32 7.48
C PHE A 33 3.73 -4.64 8.09
N PHE A 34 4.60 -5.43 8.72
CA PHE A 34 5.79 -4.88 9.36
C PHE A 34 6.64 -4.11 8.36
N ASP A 35 6.97 -4.76 7.24
CA ASP A 35 7.80 -4.13 6.24
C ASP A 35 7.23 -2.78 5.82
N PHE A 36 6.01 -2.79 5.30
CA PHE A 36 5.37 -1.57 4.85
C PHE A 36 5.19 -0.58 5.99
N VAL A 37 4.48 -1.01 7.03
CA VAL A 37 4.21 -0.16 8.17
C VAL A 37 5.48 0.59 8.59
N LYS A 38 6.53 -0.17 8.89
CA LYS A 38 7.78 0.43 9.30
C LYS A 38 8.38 1.28 8.19
N ASP A 39 8.32 0.76 6.97
CA ASP A 39 8.89 1.47 5.83
C ASP A 39 8.16 2.78 5.58
N ILE A 40 6.91 2.69 5.16
CA ILE A 40 6.11 3.88 4.89
C ILE A 40 5.87 4.68 6.17
N CYS A 41 5.53 3.97 7.24
CA CYS A 41 5.26 4.62 8.52
C CYS A 41 6.24 4.15 9.59
N PRO A 42 7.43 4.68 9.58
CA PRO A 42 8.47 4.31 10.59
C PRO A 42 8.27 5.03 11.92
N TRP A 43 7.53 6.13 11.89
CA TRP A 43 7.26 6.90 13.10
C TRP A 43 5.76 7.04 13.34
N PHE A 44 4.97 6.51 12.43
CA PHE A 44 3.51 6.60 12.55
C PHE A 44 2.86 5.31 12.09
N PRO A 45 3.08 4.25 12.81
CA PRO A 45 2.51 2.91 12.49
C PRO A 45 1.02 2.83 12.80
N GLN A 46 0.45 3.94 13.24
CA GLN A 46 -0.97 3.99 13.58
C GLN A 46 -1.83 3.67 12.37
N GLU A 47 -1.54 4.33 11.25
CA GLU A 47 -2.29 4.10 10.02
C GLU A 47 -1.39 3.51 8.93
N GLY A 48 -0.59 4.36 8.30
CA GLY A 48 0.31 3.91 7.25
C GLY A 48 -0.47 3.41 6.04
N THR A 49 -0.74 4.31 5.11
CA THR A 49 -1.48 3.94 3.90
C THR A 49 -0.52 3.43 2.83
N ILE A 50 -1.08 2.88 1.76
CA ILE A 50 -0.27 2.35 0.67
C ILE A 50 0.12 3.48 -0.30
N ASP A 51 1.42 3.63 -0.51
CA ASP A 51 1.92 4.67 -1.42
C ASP A 51 3.03 4.11 -2.30
N ILE A 52 3.04 4.51 -3.57
CA ILE A 52 4.06 4.05 -4.50
C ILE A 52 5.22 5.03 -4.55
N LYS A 53 4.91 6.32 -4.39
CA LYS A 53 5.94 7.35 -4.43
C LYS A 53 6.92 7.17 -3.28
N ARG A 54 6.39 6.96 -2.08
CA ARG A 54 7.23 6.79 -0.89
C ARG A 54 7.96 5.44 -0.96
N TRP A 55 7.20 4.36 -0.89
CA TRP A 55 7.80 3.02 -0.93
C TRP A 55 8.88 2.97 -1.98
N ARG A 56 8.74 3.78 -3.03
CA ARG A 56 9.74 3.81 -4.09
C ARG A 56 11.01 4.49 -3.60
N ARG A 57 10.86 5.67 -3.00
CA ARG A 57 12.02 6.42 -2.51
C ARG A 57 12.73 5.65 -1.40
N VAL A 58 11.97 5.24 -0.40
CA VAL A 58 12.54 4.50 0.72
C VAL A 58 12.92 3.08 0.29
N GLY A 59 12.28 2.61 -0.77
CA GLY A 59 12.54 1.25 -1.27
C GLY A 59 13.92 1.17 -1.91
N ASP A 60 14.23 2.14 -2.77
CA ASP A 60 15.51 2.16 -3.45
C ASP A 60 16.64 2.45 -2.46
N CYS A 61 16.39 3.38 -1.54
CA CYS A 61 17.40 3.74 -0.55
C CYS A 61 17.96 2.50 0.13
N PHE A 62 17.11 1.83 0.89
CA PHE A 62 17.54 0.64 1.61
C PHE A 62 17.97 -0.46 0.64
N GLN A 63 17.18 -0.67 -0.40
CA GLN A 63 17.48 -1.71 -1.37
C GLN A 63 18.75 -1.39 -2.14
N ASP A 64 18.74 -0.30 -2.88
CA ASP A 64 19.91 0.10 -3.66
C ASP A 64 21.16 0.10 -2.80
N TYR A 65 21.02 0.50 -1.55
CA TYR A 65 22.15 0.54 -0.63
C TYR A 65 22.56 -0.86 -0.21
N TYR A 66 21.57 -1.67 0.14
CA TYR A 66 21.84 -3.04 0.58
C TYR A 66 22.47 -3.85 -0.55
N ASN A 67 21.94 -3.70 -1.75
CA ASN A 67 22.45 -4.44 -2.90
C ASN A 67 23.77 -3.85 -3.38
N THR A 68 23.73 -2.60 -3.81
CA THR A 68 24.93 -1.94 -4.31
C THR A 68 26.11 -2.21 -3.39
N PHE A 69 25.82 -2.41 -2.11
CA PHE A 69 26.87 -2.68 -1.14
C PHE A 69 27.55 -4.02 -1.44
N GLY A 70 26.75 -5.07 -1.53
CA GLY A 70 27.29 -6.40 -1.83
C GLY A 70 26.94 -7.41 -0.73
N PRO A 71 25.68 -7.77 -0.65
CA PRO A 71 25.20 -8.75 0.37
C PRO A 71 25.48 -10.19 0.00
N GLU A 72 25.45 -11.07 0.99
CA GLU A 72 25.72 -12.48 0.75
C GLU A 72 24.41 -13.27 0.71
N LYS A 73 23.30 -12.59 0.94
CA LYS A 73 21.99 -13.24 0.93
C LYS A 73 21.07 -12.58 -0.08
N VAL A 74 21.66 -11.99 -1.12
CA VAL A 74 20.88 -11.31 -2.15
C VAL A 74 19.66 -12.15 -2.54
N PRO A 75 18.51 -11.82 -2.03
CA PRO A 75 17.25 -12.56 -2.29
C PRO A 75 16.61 -12.16 -3.62
N VAL A 76 15.89 -13.11 -4.23
CA VAL A 76 15.23 -12.85 -5.50
C VAL A 76 13.98 -12.00 -5.28
N ILE A 77 13.47 -12.02 -4.05
CA ILE A 77 12.25 -11.27 -3.72
C ILE A 77 12.33 -9.86 -4.31
N ALA A 78 13.55 -9.41 -4.59
CA ALA A 78 13.74 -8.07 -5.14
C ALA A 78 13.00 -7.94 -6.47
N PHE A 79 13.41 -8.73 -7.45
CA PHE A 79 12.78 -8.68 -8.77
C PHE A 79 11.26 -8.64 -8.63
N SER A 80 10.73 -9.50 -7.77
CA SER A 80 9.28 -9.56 -7.57
C SER A 80 8.75 -8.20 -7.13
N TYR A 81 9.47 -7.54 -6.23
CA TYR A 81 9.06 -6.23 -5.75
C TYR A 81 9.03 -5.22 -6.89
N TRP A 82 8.65 -3.99 -6.57
CA TRP A 82 8.58 -2.94 -7.58
C TRP A 82 7.40 -3.18 -8.52
N ASN A 83 7.51 -4.23 -9.35
CA ASN A 83 6.46 -4.56 -10.28
C ASN A 83 5.17 -4.90 -9.54
N LEU A 84 5.30 -5.66 -8.46
CA LEU A 84 4.14 -6.04 -7.66
C LEU A 84 3.47 -4.81 -7.06
N ILE A 85 4.27 -3.85 -6.64
CA ILE A 85 3.74 -2.63 -6.02
C ILE A 85 2.78 -1.93 -6.97
N LYS A 86 3.16 -1.83 -8.23
CA LYS A 86 2.32 -1.17 -9.22
C LYS A 86 0.97 -1.91 -9.34
N GLU A 87 1.04 -3.19 -9.67
CA GLU A 87 -0.17 -3.99 -9.81
C GLU A 87 -0.95 -4.03 -8.50
N LEU A 88 -0.28 -3.66 -7.42
CA LEU A 88 -0.91 -3.68 -6.10
C LEU A 88 -2.06 -2.67 -6.06
N ILE A 89 -1.73 -1.41 -6.29
CA ILE A 89 -2.74 -0.36 -6.28
C ILE A 89 -3.84 -0.67 -7.28
N ASP A 90 -3.48 -1.32 -8.38
CA ASP A 90 -4.46 -1.66 -9.42
C ASP A 90 -5.54 -2.56 -8.84
N LYS A 91 -5.15 -3.78 -8.46
CA LYS A 91 -6.11 -4.72 -7.89
C LYS A 91 -6.86 -4.06 -6.75
N LYS A 92 -6.16 -3.24 -5.97
CA LYS A 92 -6.78 -2.54 -4.85
C LYS A 92 -7.72 -1.44 -5.35
N GLU A 93 -7.60 -1.12 -6.63
CA GLU A 93 -8.44 -0.08 -7.23
C GLU A 93 -9.92 -0.47 -7.13
N VAL A 94 -10.18 -1.69 -6.69
CA VAL A 94 -11.55 -2.18 -6.59
C VAL A 94 -12.46 -1.12 -6.00
N ASN A 95 -12.24 -0.78 -4.73
CA ASN A 95 -13.04 0.25 -4.07
C ASN A 95 -12.84 0.19 -2.55
N PRO A 96 -11.65 0.43 -2.10
CA PRO A 96 -11.32 0.44 -0.65
C PRO A 96 -11.50 1.82 -0.02
N GLN A 97 -10.81 2.06 1.09
CA GLN A 97 -10.90 3.34 1.77
C GLN A 97 -10.15 4.42 0.98
N VAL A 98 -9.29 3.98 0.07
CA VAL A 98 -8.52 4.91 -0.74
C VAL A 98 -9.44 5.78 -1.60
N MET A 99 -10.41 5.13 -2.23
CA MET A 99 -11.36 5.85 -3.09
C MET A 99 -12.49 6.44 -2.24
N ALA A 100 -12.74 5.83 -1.09
CA ALA A 100 -13.81 6.31 -0.21
C ALA A 100 -13.44 7.66 0.40
N ALA A 101 -12.23 7.76 0.94
CA ALA A 101 -11.78 9.00 1.52
C ALA A 101 -11.66 10.08 0.44
N VAL A 102 -11.26 9.67 -0.77
CA VAL A 102 -11.09 10.63 -1.85
C VAL A 102 -12.36 11.46 -2.02
N ALA A 103 -13.49 10.80 -2.27
CA ALA A 103 -14.75 11.50 -2.42
C ALA A 103 -14.99 12.42 -1.23
N GLN A 104 -14.70 11.92 -0.03
CA GLN A 104 -14.89 12.70 1.18
C GLN A 104 -14.04 13.97 1.15
N THR A 105 -12.78 13.82 0.74
CA THR A 105 -11.87 14.95 0.67
C THR A 105 -12.37 15.98 -0.34
N GLU A 106 -12.84 15.48 -1.49
CA GLU A 106 -13.35 16.37 -2.53
C GLU A 106 -14.63 15.80 -3.15
N GLU A 107 -15.75 16.03 -2.46
CA GLU A 107 -17.04 15.54 -2.95
C GLU A 107 -17.31 16.06 -4.35
N ILE A 108 -18.08 15.29 -5.12
CA ILE A 108 -18.41 15.68 -6.49
C ILE A 108 -19.24 16.96 -6.49
N LEU A 109 -20.16 17.06 -5.54
CA LEU A 109 -21.02 18.23 -5.45
C LEU A 109 -20.52 19.17 -4.36
N LYS A 110 -20.06 20.36 -4.76
CA LYS A 110 -19.56 21.34 -3.81
C LYS A 110 -19.82 22.75 -4.32
N SER A 111 -19.88 23.70 -3.39
CA SER A 111 -20.11 25.10 -3.74
C SER A 111 -18.97 25.63 -4.63
N ASN A 112 -17.75 25.28 -4.27
CA ASN A 112 -16.59 25.75 -5.02
C ASN A 112 -16.87 25.67 -6.53
N SER A 113 -17.52 24.60 -6.95
CA SER A 113 -17.84 24.43 -8.36
C SER A 113 -18.86 25.48 -8.81
N GLN A 114 -19.00 25.65 -10.12
CA GLN A 114 -19.93 26.62 -10.67
C GLN A 114 -21.24 26.60 -9.89
N THR A 115 -21.85 25.41 -9.79
CA THR A 115 -23.11 25.27 -9.07
C THR A 115 -23.11 23.98 -8.26
N ASP A 116 -23.86 23.96 -7.17
CA ASP A 116 -23.94 22.79 -6.32
C ASP A 116 -24.63 21.63 -7.05
N LEU A 117 -25.61 21.99 -7.88
CA LEU A 117 -26.35 20.98 -8.63
C LEU A 117 -25.44 20.26 -9.62
N GLU A 118 -24.56 21.03 -10.26
CA GLU A 118 -23.63 20.45 -11.23
C GLU A 118 -24.40 19.68 -12.30
N HIS A 119 -24.56 20.31 -13.47
CA HIS A 119 -25.27 19.68 -14.57
C HIS A 119 -24.49 18.49 -15.10
N HIS A 120 -23.16 18.61 -15.10
CA HIS A 120 -22.31 17.54 -15.59
C HIS A 120 -22.53 16.26 -14.79
N HIS A 121 -22.75 16.42 -13.48
CA HIS A 121 -22.98 15.28 -12.61
C HIS A 121 -24.38 15.32 -12.02
N HIS A 122 -25.13 14.24 -12.21
CA HIS A 122 -26.49 14.16 -11.70
C HIS A 122 -26.57 13.14 -10.57
N HIS A 123 -27.02 13.59 -9.40
CA HIS A 123 -27.14 12.72 -8.24
C HIS A 123 -28.62 12.41 -7.96
N HIS A 124 -28.90 11.15 -7.66
CA HIS A 124 -30.27 10.73 -7.37
C HIS A 124 -30.28 9.48 -6.49
C1 MYR B . -7.87 -0.89 9.83
O1 MYR B . -7.91 -2.04 10.24
C2 MYR B . -7.72 -0.70 8.45
C3 MYR B . -6.65 0.35 8.14
C4 MYR B . -5.59 -0.21 7.19
C5 MYR B . -5.95 0.01 5.73
C6 MYR B . -4.91 -0.61 4.80
C7 MYR B . -5.30 -0.63 3.32
C8 MYR B . -5.89 -1.95 2.81
C9 MYR B . -4.84 -3.04 2.52
C10 MYR B . -4.53 -3.17 1.02
C11 MYR B . -3.89 -4.52 0.65
C12 MYR B . -2.42 -4.36 0.26
C13 MYR B . -1.65 -3.58 1.33
C14 MYR B . -1.09 -2.28 0.77
H21 MYR B . -7.46 -1.57 8.03
H22 MYR B . -8.59 -0.40 8.05
H31 MYR B . -7.07 1.14 7.72
H32 MYR B . -6.19 0.63 8.99
H41 MYR B . -4.71 0.24 7.38
H42 MYR B . -5.48 -1.20 7.35
H51 MYR B . -6.84 -0.41 5.55
H52 MYR B . -6.02 0.99 5.54
H61 MYR B . -4.07 -0.08 4.89
H62 MYR B . -4.75 -1.55 5.09
H71 MYR B . -5.98 0.10 3.17
H72 MYR B . -4.49 -0.43 2.77
H81 MYR B . -6.53 -2.30 3.51
H82 MYR B . -6.39 -1.78 1.97
H91 MYR B . -4.01 -2.83 3.01
H92 MYR B . -5.21 -3.93 2.84
H101 MYR B . -5.37 -3.05 0.50
H102 MYR B . -3.89 -2.44 0.76
H111 MYR B . -3.96 -5.14 1.43
H112 MYR B . -4.39 -4.92 -0.11
H121 MYR B . -2.01 -5.27 0.15
H122 MYR B . -2.37 -3.86 -0.60
H131 MYR B . -2.25 -3.38 2.09
H132 MYR B . -0.88 -4.15 1.65
H141 MYR B . -0.11 -2.23 0.97
H142 MYR B . -1.22 -2.26 -0.22
H143 MYR B . -1.56 -1.51 1.19
N GLY A 1 -8.03 1.07 9.20
CA GLY A 1 -8.84 0.35 10.19
C GLY A 1 -9.56 -0.82 9.54
N GLN A 2 -10.85 -0.62 9.24
CA GLN A 2 -11.65 -1.67 8.63
C GLN A 2 -10.89 -2.33 7.49
N GLU A 3 -10.22 -1.51 6.67
CA GLU A 3 -9.46 -2.03 5.54
C GLU A 3 -8.67 -3.26 5.95
N LEU A 4 -8.52 -3.46 7.25
CA LEU A 4 -7.78 -4.61 7.76
C LEU A 4 -8.34 -5.89 7.18
N SER A 5 -9.66 -5.98 7.09
CA SER A 5 -10.30 -7.17 6.54
C SER A 5 -9.83 -7.41 5.10
N GLN A 6 -9.79 -6.35 4.31
CA GLN A 6 -9.36 -6.45 2.92
C GLN A 6 -7.89 -6.85 2.85
N HIS A 7 -7.10 -6.35 3.80
CA HIS A 7 -5.68 -6.67 3.84
C HIS A 7 -5.48 -8.17 4.01
N GLU A 8 -6.32 -8.79 4.82
CA GLU A 8 -6.22 -10.23 5.05
C GLU A 8 -6.46 -10.99 3.76
N ARG A 9 -7.68 -10.84 3.20
CA ARG A 9 -8.02 -11.55 1.97
C ARG A 9 -6.96 -11.32 0.91
N TYR A 10 -6.57 -10.06 0.74
CA TYR A 10 -5.55 -9.73 -0.25
C TYR A 10 -4.24 -10.45 0.06
N VAL A 11 -3.78 -10.28 1.29
CA VAL A 11 -2.54 -10.93 1.70
C VAL A 11 -2.50 -12.38 1.23
N GLU A 12 -3.65 -13.04 1.28
CA GLU A 12 -3.73 -14.42 0.86
C GLU A 12 -3.52 -14.55 -0.65
N GLN A 13 -4.03 -13.57 -1.39
CA GLN A 13 -3.88 -13.58 -2.84
C GLN A 13 -2.42 -13.42 -3.26
N LEU A 14 -1.72 -12.52 -2.57
CA LEU A 14 -0.32 -12.27 -2.88
C LEU A 14 0.52 -13.51 -2.63
N LYS A 15 0.22 -14.21 -1.55
CA LYS A 15 0.96 -15.42 -1.22
C LYS A 15 0.82 -16.47 -2.29
N GLN A 16 -0.40 -16.64 -2.80
CA GLN A 16 -0.64 -17.63 -3.84
C GLN A 16 0.26 -17.39 -5.04
N ALA A 17 0.33 -16.14 -5.48
CA ALA A 17 1.16 -15.79 -6.64
C ALA A 17 2.60 -16.27 -6.43
N LEU A 18 3.20 -15.84 -5.32
CA LEU A 18 4.58 -16.23 -5.01
C LEU A 18 4.68 -17.73 -4.81
N LYS A 19 3.60 -18.32 -4.31
CA LYS A 19 3.58 -19.76 -4.05
C LYS A 19 3.80 -20.54 -5.35
N THR A 20 3.40 -19.94 -6.47
CA THR A 20 3.55 -20.59 -7.77
C THR A 20 4.99 -20.46 -8.28
N ARG A 21 5.82 -19.72 -7.54
CA ARG A 21 7.21 -19.53 -7.94
C ARG A 21 8.10 -20.61 -7.33
N GLY A 22 7.48 -21.52 -6.58
CA GLY A 22 8.23 -22.60 -5.95
C GLY A 22 8.88 -22.12 -4.66
N VAL A 23 8.67 -20.86 -4.32
CA VAL A 23 9.23 -20.29 -3.10
C VAL A 23 8.67 -20.99 -1.88
N LYS A 24 9.49 -21.10 -0.84
CA LYS A 24 9.06 -21.75 0.40
C LYS A 24 7.77 -21.14 0.91
N VAL A 25 7.42 -21.44 2.16
CA VAL A 25 6.21 -20.90 2.77
C VAL A 25 6.55 -19.90 3.87
N LYS A 26 6.32 -18.62 3.59
CA LYS A 26 6.60 -17.56 4.56
C LYS A 26 5.37 -16.69 4.77
N TYR A 27 5.21 -16.16 5.98
CA TYR A 27 4.05 -15.33 6.26
C TYR A 27 4.17 -13.99 5.54
N ALA A 28 3.11 -13.62 4.84
CA ALA A 28 3.06 -12.35 4.12
C ALA A 28 2.54 -11.23 4.99
N ASP A 29 1.52 -11.53 5.79
CA ASP A 29 0.90 -10.53 6.64
C ASP A 29 1.93 -9.86 7.53
N LEU A 30 2.65 -10.64 8.29
CA LEU A 30 3.67 -10.08 9.19
C LEU A 30 4.79 -9.41 8.41
N LEU A 31 5.45 -10.17 7.56
CA LEU A 31 6.55 -9.64 6.78
C LEU A 31 6.15 -8.33 6.11
N LYS A 32 4.95 -8.31 5.55
CA LYS A 32 4.47 -7.11 4.88
C LYS A 32 3.95 -6.09 5.88
N PHE A 33 3.13 -6.54 6.82
CA PHE A 33 2.55 -5.64 7.80
C PHE A 33 3.63 -4.85 8.50
N PHE A 34 4.61 -5.54 9.06
CA PHE A 34 5.70 -4.86 9.75
C PHE A 34 6.52 -3.99 8.81
N ASP A 35 6.95 -4.59 7.70
CA ASP A 35 7.75 -3.87 6.73
C ASP A 35 7.02 -2.65 6.18
N PHE A 36 5.88 -2.88 5.55
CA PHE A 36 5.12 -1.78 4.97
C PHE A 36 4.81 -0.70 6.01
N VAL A 37 4.02 -1.06 7.02
CA VAL A 37 3.64 -0.11 8.06
C VAL A 37 4.84 0.72 8.49
N LYS A 38 5.87 0.05 8.97
CA LYS A 38 7.05 0.75 9.44
C LYS A 38 7.75 1.50 8.31
N ASP A 39 7.87 0.86 7.15
CA ASP A 39 8.54 1.49 6.02
C ASP A 39 7.92 2.84 5.67
N ILE A 40 6.68 2.81 5.19
CA ILE A 40 6.01 4.04 4.81
C ILE A 40 5.61 4.85 6.05
N CYS A 41 5.43 4.15 7.17
CA CYS A 41 5.05 4.80 8.41
C CYS A 41 5.93 4.31 9.58
N PRO A 42 7.16 4.74 9.60
CA PRO A 42 8.11 4.36 10.67
C PRO A 42 7.91 5.19 11.94
N TRP A 43 7.19 6.31 11.81
CA TRP A 43 6.92 7.19 12.94
C TRP A 43 5.42 7.38 13.14
N PHE A 44 4.62 6.80 12.24
CA PHE A 44 3.17 6.92 12.33
C PHE A 44 2.48 5.63 11.86
N PRO A 45 2.62 4.58 12.63
CA PRO A 45 2.01 3.27 12.30
C PRO A 45 0.51 3.25 12.57
N GLN A 46 -0.04 4.40 12.97
CA GLN A 46 -1.47 4.48 13.27
C GLN A 46 -2.29 4.18 12.02
N GLU A 47 -1.98 4.87 10.92
CA GLU A 47 -2.70 4.64 9.67
C GLU A 47 -1.73 4.22 8.57
N GLY A 48 -1.03 5.20 7.98
CA GLY A 48 -0.07 4.92 6.93
C GLY A 48 -0.76 4.35 5.69
N THR A 49 -1.07 5.23 4.74
CA THR A 49 -1.72 4.78 3.50
C THR A 49 -0.67 4.26 2.52
N ILE A 50 -1.13 3.47 1.54
CA ILE A 50 -0.21 2.92 0.54
C ILE A 50 0.16 3.97 -0.49
N ASP A 51 1.45 4.08 -0.77
CA ASP A 51 1.95 5.06 -1.73
C ASP A 51 3.00 4.43 -2.64
N ILE A 52 3.01 4.85 -3.89
CA ILE A 52 3.98 4.34 -4.86
C ILE A 52 5.20 5.24 -4.92
N LYS A 53 4.99 6.54 -4.77
CA LYS A 53 6.09 7.49 -4.80
C LYS A 53 7.04 7.28 -3.62
N ARG A 54 6.48 7.17 -2.42
CA ARG A 54 7.30 6.97 -1.23
C ARG A 54 7.90 5.57 -1.21
N TRP A 55 7.04 4.55 -1.11
CA TRP A 55 7.51 3.17 -1.06
C TRP A 55 8.62 2.97 -2.06
N ARG A 56 8.57 3.70 -3.16
CA ARG A 56 9.60 3.59 -4.19
C ARG A 56 10.91 4.21 -3.71
N ARG A 57 10.82 5.40 -3.11
CA ARG A 57 12.01 6.09 -2.62
C ARG A 57 12.67 5.30 -1.49
N VAL A 58 11.90 5.02 -0.44
CA VAL A 58 12.44 4.28 0.69
C VAL A 58 12.69 2.83 0.31
N GLY A 59 11.96 2.34 -0.68
CA GLY A 59 12.11 0.96 -1.13
C GLY A 59 13.46 0.74 -1.78
N ASP A 60 13.85 1.67 -2.66
CA ASP A 60 15.13 1.56 -3.35
C ASP A 60 16.30 1.86 -2.40
N CYS A 61 16.13 2.90 -1.57
CA CYS A 61 17.19 3.27 -0.65
C CYS A 61 17.68 2.06 0.14
N PHE A 62 16.79 1.49 0.95
CA PHE A 62 17.16 0.34 1.76
C PHE A 62 17.52 -0.87 0.89
N GLN A 63 16.67 -1.15 -0.10
CA GLN A 63 16.91 -2.29 -0.97
C GLN A 63 18.17 -2.11 -1.80
N ASP A 64 18.20 -1.05 -2.61
CA ASP A 64 19.35 -0.78 -3.45
C ASP A 64 20.62 -0.71 -2.61
N TYR A 65 20.49 -0.28 -1.37
CA TYR A 65 21.65 -0.19 -0.48
C TYR A 65 22.02 -1.57 0.06
N TYR A 66 21.02 -2.37 0.40
CA TYR A 66 21.25 -3.71 0.93
C TYR A 66 21.85 -4.62 -0.13
N ASN A 67 21.36 -4.50 -1.36
CA ASN A 67 21.83 -5.33 -2.46
C ASN A 67 23.16 -4.81 -3.02
N THR A 68 23.16 -3.58 -3.50
CA THR A 68 24.36 -2.98 -4.06
C THR A 68 25.54 -3.24 -3.16
N PHE A 69 25.30 -3.32 -1.85
CA PHE A 69 26.39 -3.56 -0.91
C PHE A 69 27.02 -4.93 -1.18
N GLY A 70 26.18 -5.96 -1.21
CA GLY A 70 26.66 -7.33 -1.44
C GLY A 70 26.29 -8.26 -0.29
N PRO A 71 25.03 -8.57 -0.16
CA PRO A 71 24.52 -9.46 0.91
C PRO A 71 24.68 -10.94 0.55
N GLU A 72 24.58 -11.80 1.56
CA GLU A 72 24.71 -13.24 1.33
C GLU A 72 23.34 -13.90 1.28
N LYS A 73 22.30 -13.12 1.46
CA LYS A 73 20.93 -13.64 1.42
C LYS A 73 20.11 -12.91 0.40
N VAL A 74 20.78 -12.40 -0.63
CA VAL A 74 20.09 -11.64 -1.67
C VAL A 74 18.82 -12.38 -2.12
N PRO A 75 17.66 -11.93 -1.67
CA PRO A 75 16.36 -12.57 -1.99
C PRO A 75 15.82 -12.15 -3.36
N VAL A 76 15.13 -13.07 -4.02
CA VAL A 76 14.55 -12.78 -5.33
C VAL A 76 13.31 -11.92 -5.20
N ILE A 77 12.67 -11.99 -4.03
CA ILE A 77 11.47 -11.21 -3.78
C ILE A 77 11.66 -9.77 -4.24
N ALA A 78 12.91 -9.34 -4.31
CA ALA A 78 13.20 -7.97 -4.74
C ALA A 78 12.59 -7.70 -6.10
N PHE A 79 13.03 -8.43 -7.11
CA PHE A 79 12.50 -8.24 -8.46
C PHE A 79 10.99 -8.18 -8.43
N SER A 80 10.37 -8.99 -7.58
CA SER A 80 8.92 -9.02 -7.48
C SER A 80 8.39 -7.66 -7.08
N TYR A 81 9.00 -7.05 -6.07
CA TYR A 81 8.57 -5.74 -5.60
C TYR A 81 8.53 -4.75 -6.75
N TRP A 82 8.15 -3.51 -6.45
CA TRP A 82 8.05 -2.47 -7.47
C TRP A 82 6.94 -2.79 -8.47
N ASN A 83 7.14 -3.86 -9.23
CA ASN A 83 6.15 -4.27 -10.22
C ASN A 83 4.82 -4.60 -9.55
N LEU A 84 4.89 -5.31 -8.43
CA LEU A 84 3.69 -5.66 -7.69
C LEU A 84 3.02 -4.42 -7.13
N ILE A 85 3.83 -3.44 -6.74
CA ILE A 85 3.29 -2.22 -6.16
C ILE A 85 2.29 -1.58 -7.11
N LYS A 86 2.64 -1.52 -8.38
CA LYS A 86 1.73 -0.93 -9.36
C LYS A 86 0.47 -1.79 -9.51
N GLU A 87 0.65 -3.05 -9.86
CA GLU A 87 -0.48 -3.94 -10.04
C GLU A 87 -1.29 -4.04 -8.76
N LEU A 88 -0.65 -3.76 -7.64
CA LEU A 88 -1.33 -3.83 -6.35
C LEU A 88 -2.41 -2.77 -6.24
N ILE A 89 -2.02 -1.52 -6.46
CA ILE A 89 -2.97 -0.42 -6.36
C ILE A 89 -4.17 -0.68 -7.27
N ASP A 90 -3.90 -1.32 -8.41
CA ASP A 90 -4.97 -1.60 -9.37
C ASP A 90 -6.06 -2.45 -8.74
N LYS A 91 -5.70 -3.67 -8.35
CA LYS A 91 -6.65 -4.57 -7.73
C LYS A 91 -7.16 -3.99 -6.41
N LYS A 92 -6.52 -2.92 -5.95
CA LYS A 92 -6.91 -2.28 -4.71
C LYS A 92 -7.92 -1.18 -4.95
N GLU A 93 -8.08 -0.79 -6.21
CA GLU A 93 -9.04 0.23 -6.59
C GLU A 93 -10.41 -0.07 -6.01
N VAL A 94 -10.56 -1.24 -5.39
CA VAL A 94 -11.84 -1.65 -4.84
C VAL A 94 -12.50 -0.50 -4.09
N ASN A 95 -11.91 -0.11 -2.97
CA ASN A 95 -12.43 1.01 -2.17
C ASN A 95 -11.91 0.95 -0.71
N PRO A 96 -10.62 1.05 -0.53
CA PRO A 96 -10.00 1.03 0.80
C PRO A 96 -9.84 2.43 1.38
N GLN A 97 -8.92 2.57 2.32
CA GLN A 97 -8.66 3.87 2.94
C GLN A 97 -8.21 4.88 1.89
N VAL A 98 -7.70 4.38 0.78
CA VAL A 98 -7.24 5.26 -0.29
C VAL A 98 -8.35 6.19 -0.72
N MET A 99 -9.55 5.65 -0.88
CA MET A 99 -10.69 6.46 -1.28
C MET A 99 -11.07 7.44 -0.17
N ALA A 100 -10.89 7.02 1.07
CA ALA A 100 -11.22 7.87 2.21
C ALA A 100 -10.32 9.10 2.22
N ALA A 101 -9.02 8.88 2.13
CA ALA A 101 -8.06 9.98 2.14
C ALA A 101 -8.49 11.06 1.15
N VAL A 102 -9.29 10.66 0.16
CA VAL A 102 -9.76 11.62 -0.83
C VAL A 102 -11.06 12.28 -0.36
N ALA A 103 -12.02 11.47 0.03
CA ALA A 103 -13.30 11.99 0.49
C ALA A 103 -13.09 12.86 1.72
N GLN A 104 -12.16 12.45 2.57
CA GLN A 104 -11.84 13.18 3.78
C GLN A 104 -11.22 14.54 3.45
N THR A 105 -10.18 14.51 2.61
CA THR A 105 -9.51 15.75 2.22
C THR A 105 -10.47 16.67 1.47
N GLU A 106 -11.28 16.08 0.60
CA GLU A 106 -12.24 16.84 -0.18
C GLU A 106 -13.58 16.11 -0.25
N GLU A 107 -14.44 16.36 0.73
CA GLU A 107 -15.75 15.73 0.76
C GLU A 107 -16.61 16.22 -0.39
N ILE A 108 -17.67 15.48 -0.69
CA ILE A 108 -18.58 15.85 -1.78
C ILE A 108 -19.65 16.81 -1.27
N LEU A 109 -19.65 17.05 0.03
CA LEU A 109 -20.63 17.96 0.63
C LEU A 109 -20.43 19.39 0.12
N LYS A 110 -19.18 19.79 -0.02
CA LYS A 110 -18.86 21.14 -0.49
C LYS A 110 -19.33 21.32 -1.92
N SER A 111 -19.50 20.20 -2.63
CA SER A 111 -19.95 20.25 -4.02
C SER A 111 -18.81 20.67 -4.94
N ASN A 112 -19.16 21.27 -6.08
CA ASN A 112 -18.16 21.72 -7.03
C ASN A 112 -17.28 22.81 -6.42
N SER A 113 -17.91 23.72 -5.69
CA SER A 113 -17.17 24.81 -5.06
C SER A 113 -18.02 25.45 -3.95
N GLN A 114 -19.13 24.83 -3.63
CA GLN A 114 -20.02 25.33 -2.59
C GLN A 114 -19.54 24.88 -1.22
N THR A 115 -20.41 24.98 -0.22
CA THR A 115 -20.07 24.57 1.14
C THR A 115 -21.14 23.67 1.71
N ASP A 116 -20.78 22.90 2.73
CA ASP A 116 -21.72 21.98 3.37
C ASP A 116 -22.86 22.74 4.03
N LEU A 117 -22.53 23.91 4.58
CA LEU A 117 -23.53 24.73 5.25
C LEU A 117 -24.61 25.18 4.27
N GLU A 118 -24.19 25.53 3.06
CA GLU A 118 -25.12 25.97 2.03
C GLU A 118 -25.92 27.17 2.52
N HIS A 119 -25.32 27.95 3.42
CA HIS A 119 -25.99 29.14 3.96
C HIS A 119 -25.17 30.39 3.66
N HIS A 120 -25.86 31.48 3.36
CA HIS A 120 -25.20 32.75 3.06
C HIS A 120 -25.54 33.79 4.11
N HIS A 121 -24.53 34.56 4.52
CA HIS A 121 -24.72 35.59 5.53
C HIS A 121 -24.54 36.98 4.91
N HIS A 122 -25.54 37.84 5.11
CA HIS A 122 -25.48 39.19 4.56
C HIS A 122 -26.03 40.19 5.56
N HIS A 123 -25.15 40.78 6.36
CA HIS A 123 -25.56 41.76 7.35
C HIS A 123 -25.08 43.15 6.98
N HIS A 124 -26.00 44.10 6.93
CA HIS A 124 -25.67 45.47 6.58
C HIS A 124 -26.57 46.46 7.32
C1 MYR B . -6.79 1.47 9.48
O1 MYR B . -6.25 1.25 10.56
C2 MYR B . -6.29 0.79 8.37
C3 MYR B . -4.80 1.09 8.15
C4 MYR B . -4.11 -0.05 7.41
C5 MYR B . -4.80 -0.35 6.09
C6 MYR B . -4.10 -1.51 5.35
C7 MYR B . -3.91 -1.29 3.85
C8 MYR B . -4.05 -2.56 2.99
C9 MYR B . -2.71 -3.23 2.63
C10 MYR B . -2.20 -2.85 1.23
C11 MYR B . -1.70 -4.07 0.44
C12 MYR B . -0.65 -3.66 -0.61
C13 MYR B . 0.36 -2.66 -0.02
C14 MYR B . 0.50 -1.42 -0.90
H21 MYR B . -6.42 -0.20 8.50
H22 MYR B . -6.80 1.07 7.55
H31 MYR B . -4.70 1.93 7.63
H32 MYR B . -4.35 1.20 9.04
H41 MYR B . -3.16 0.21 7.23
H42 MYR B . -4.12 -0.87 7.97
H51 MYR B . -5.75 -0.60 6.26
H52 MYR B . -4.77 0.46 5.49
H61 MYR B . -3.21 -1.65 5.77
H62 MYR B . -4.65 -2.34 5.48
H71 MYR B . -4.60 -0.63 3.55
H72 MYR B . -3.00 -0.91 3.70
H81 MYR B . -4.61 -3.22 3.48
H82 MYR B . -4.50 -2.30 2.13
H91 MYR B . -2.02 -2.96 3.30
H92 MYR B . -2.82 -4.23 2.67
H101 MYR B . -2.95 -2.42 0.73
H102 MYR B . -1.46 -2.20 1.32
H111 MYR B . -1.29 -4.73 1.06
H112 MYR B . -2.48 -4.50 -0.04
H121 MYR B . -0.17 -4.47 -0.93
H122 MYR B . -1.12 -3.23 -1.39
H131 MYR B . 0.06 -2.40 0.89
H132 MYR B . 1.26 -3.11 0.05
H141 MYR B . 1.41 -1.43 -1.34
H142 MYR B . -0.20 -1.43 -1.60
H143 MYR B . 0.41 -0.59 -0.34
N GLY A 1 -9.14 0.15 10.32
CA GLY A 1 -9.63 -0.77 11.35
C GLY A 1 -10.41 -1.91 10.73
N GLN A 2 -11.71 -1.71 10.54
CA GLN A 2 -12.56 -2.75 9.96
C GLN A 2 -11.91 -3.33 8.72
N GLU A 3 -11.28 -2.48 7.92
CA GLU A 3 -10.62 -2.93 6.70
C GLU A 3 -9.71 -4.13 6.99
N LEU A 4 -9.53 -4.44 8.27
CA LEU A 4 -8.69 -5.55 8.67
C LEU A 4 -9.19 -6.84 8.01
N SER A 5 -10.51 -6.99 7.95
CA SER A 5 -11.10 -8.17 7.34
C SER A 5 -10.66 -8.30 5.89
N GLN A 6 -10.69 -7.19 5.16
CA GLN A 6 -10.29 -7.19 3.76
C GLN A 6 -8.80 -7.53 3.64
N HIS A 7 -8.01 -7.01 4.57
CA HIS A 7 -6.58 -7.25 4.56
C HIS A 7 -6.31 -8.74 4.66
N GLU A 8 -7.08 -9.43 5.50
CA GLU A 8 -6.91 -10.87 5.66
C GLU A 8 -7.09 -11.58 4.32
N ARG A 9 -8.29 -11.48 3.76
CA ARG A 9 -8.57 -12.14 2.49
C ARG A 9 -7.50 -11.81 1.47
N TYR A 10 -7.12 -10.54 1.40
CA TYR A 10 -6.10 -10.11 0.46
C TYR A 10 -4.79 -10.83 0.74
N VAL A 11 -4.36 -10.79 1.99
CA VAL A 11 -3.11 -11.44 2.38
C VAL A 11 -3.04 -12.84 1.79
N GLU A 12 -4.17 -13.53 1.78
CA GLU A 12 -4.22 -14.88 1.25
C GLU A 12 -3.99 -14.87 -0.25
N GLN A 13 -4.52 -13.85 -0.93
CA GLN A 13 -4.37 -13.74 -2.38
C GLN A 13 -2.90 -13.51 -2.75
N LEU A 14 -2.22 -12.66 -1.97
CA LEU A 14 -0.82 -12.36 -2.23
C LEU A 14 0.03 -13.62 -2.08
N LYS A 15 -0.28 -14.42 -1.07
CA LYS A 15 0.46 -15.66 -0.84
C LYS A 15 0.31 -16.61 -2.02
N GLN A 16 -0.89 -16.71 -2.56
CA GLN A 16 -1.14 -17.61 -3.68
C GLN A 16 -0.25 -17.25 -4.86
N ALA A 17 -0.16 -15.96 -5.16
CA ALA A 17 0.67 -15.52 -6.28
C ALA A 17 2.11 -15.95 -6.07
N LEU A 18 2.67 -15.63 -4.92
CA LEU A 18 4.05 -15.99 -4.61
C LEU A 18 4.19 -17.51 -4.53
N LYS A 19 3.12 -18.17 -4.14
CA LYS A 19 3.13 -19.62 -4.01
C LYS A 19 3.40 -20.27 -5.37
N THR A 20 2.99 -19.61 -6.44
CA THR A 20 3.19 -20.14 -7.78
C THR A 20 4.64 -19.96 -8.22
N ARG A 21 5.42 -19.26 -7.40
CA ARG A 21 6.83 -19.03 -7.72
C ARG A 21 7.72 -20.10 -7.09
N GLY A 22 7.11 -21.01 -6.35
CA GLY A 22 7.84 -22.09 -5.70
C GLY A 22 8.65 -21.56 -4.53
N VAL A 23 8.56 -20.25 -4.31
CA VAL A 23 9.29 -19.61 -3.22
C VAL A 23 8.79 -20.13 -1.86
N LYS A 24 8.97 -21.43 -1.63
CA LYS A 24 8.53 -22.04 -0.36
C LYS A 24 7.23 -21.41 0.11
N VAL A 25 6.90 -21.60 1.38
CA VAL A 25 5.68 -21.04 1.94
C VAL A 25 6.01 -20.09 3.10
N LYS A 26 5.75 -18.80 2.90
CA LYS A 26 6.01 -17.80 3.94
C LYS A 26 4.80 -16.90 4.13
N TYR A 27 4.60 -16.42 5.36
CA TYR A 27 3.46 -15.56 5.61
C TYR A 27 3.66 -14.19 4.96
N ALA A 28 2.63 -13.71 4.28
CA ALA A 28 2.69 -12.41 3.64
C ALA A 28 2.34 -11.29 4.60
N ASP A 29 1.33 -11.54 5.43
CA ASP A 29 0.87 -10.53 6.38
C ASP A 29 2.06 -9.86 7.07
N LEU A 30 2.97 -10.67 7.58
CA LEU A 30 4.14 -10.14 8.26
C LEU A 30 5.05 -9.37 7.29
N LEU A 31 5.36 -9.99 6.16
CA LEU A 31 6.24 -9.38 5.19
C LEU A 31 5.73 -8.00 4.83
N LYS A 32 4.45 -7.91 4.50
CA LYS A 32 3.86 -6.63 4.16
C LYS A 32 3.63 -5.78 5.40
N PHE A 33 3.04 -6.36 6.44
CA PHE A 33 2.76 -5.60 7.65
C PHE A 33 4.02 -4.89 8.15
N PHE A 34 5.03 -5.64 8.49
CA PHE A 34 6.27 -5.06 8.98
C PHE A 34 6.88 -4.11 7.95
N ASP A 35 6.98 -4.56 6.71
CA ASP A 35 7.59 -3.75 5.68
C ASP A 35 6.82 -2.47 5.40
N PHE A 36 5.59 -2.60 4.92
CA PHE A 36 4.80 -1.42 4.60
C PHE A 36 4.63 -0.47 5.78
N VAL A 37 4.01 -0.98 6.84
CA VAL A 37 3.74 -0.17 8.01
C VAL A 37 4.96 0.65 8.40
N LYS A 38 6.10 -0.02 8.52
CA LYS A 38 7.32 0.66 8.90
C LYS A 38 7.97 1.39 7.72
N ASP A 39 7.65 0.98 6.49
CA ASP A 39 8.27 1.61 5.32
C ASP A 39 7.82 3.04 5.13
N ILE A 40 6.56 3.23 4.77
CA ILE A 40 6.06 4.56 4.52
C ILE A 40 5.40 5.14 5.77
N CYS A 41 5.32 4.31 6.81
CA CYS A 41 4.74 4.75 8.07
C CYS A 41 5.65 4.39 9.25
N PRO A 42 6.89 4.81 9.20
CA PRO A 42 7.87 4.52 10.28
C PRO A 42 7.57 5.30 11.55
N TRP A 43 6.80 6.40 11.41
CA TRP A 43 6.43 7.23 12.53
C TRP A 43 4.92 7.30 12.70
N PHE A 44 4.19 6.73 11.74
CA PHE A 44 2.74 6.74 11.79
C PHE A 44 2.17 5.37 11.39
N PRO A 45 2.32 4.39 12.23
CA PRO A 45 1.83 3.02 11.96
C PRO A 45 0.34 2.90 12.20
N GLN A 46 -0.28 3.98 12.69
CA GLN A 46 -1.71 3.96 12.96
C GLN A 46 -2.50 3.71 11.68
N GLU A 47 -2.21 4.50 10.65
CA GLU A 47 -2.89 4.33 9.36
C GLU A 47 -1.86 4.08 8.26
N GLY A 48 -1.21 5.15 7.80
CA GLY A 48 -0.20 5.03 6.75
C GLY A 48 -0.83 4.56 5.44
N THR A 49 -1.05 5.49 4.52
CA THR A 49 -1.63 5.16 3.22
C THR A 49 -0.58 4.54 2.31
N ILE A 50 -1.00 3.98 1.19
CA ILE A 50 -0.07 3.36 0.25
C ILE A 50 0.38 4.38 -0.80
N ASP A 51 1.69 4.51 -0.97
CA ASP A 51 2.25 5.45 -1.94
C ASP A 51 3.35 4.78 -2.75
N ILE A 52 3.35 5.03 -4.06
CA ILE A 52 4.37 4.45 -4.93
C ILE A 52 5.64 5.29 -4.92
N LYS A 53 5.47 6.59 -4.68
CA LYS A 53 6.61 7.50 -4.64
C LYS A 53 7.54 7.16 -3.48
N ARG A 54 6.95 6.90 -2.31
CA ARG A 54 7.75 6.58 -1.13
C ARG A 54 8.30 5.16 -1.25
N TRP A 55 7.39 4.18 -1.29
CA TRP A 55 7.81 2.79 -1.36
C TRP A 55 8.94 2.63 -2.36
N ARG A 56 8.85 3.37 -3.46
CA ARG A 56 9.90 3.30 -4.47
C ARG A 56 11.18 3.95 -3.96
N ARG A 57 11.05 5.10 -3.33
CA ARG A 57 12.22 5.82 -2.81
C ARG A 57 12.86 5.06 -1.66
N VAL A 58 12.07 4.80 -0.63
CA VAL A 58 12.57 4.08 0.54
C VAL A 58 12.93 2.64 0.18
N GLY A 59 12.25 2.12 -0.83
CA GLY A 59 12.50 0.76 -1.29
C GLY A 59 13.88 0.63 -1.90
N ASP A 60 14.22 1.57 -2.79
CA ASP A 60 15.52 1.56 -3.44
C ASP A 60 16.65 1.92 -2.46
N CYS A 61 16.37 2.88 -1.58
CA CYS A 61 17.37 3.31 -0.61
C CYS A 61 17.92 2.12 0.17
N PHE A 62 17.06 1.49 0.96
CA PHE A 62 17.48 0.34 1.75
C PHE A 62 17.93 -0.82 0.87
N GLN A 63 17.19 -1.07 -0.20
CA GLN A 63 17.52 -2.17 -1.10
C GLN A 63 18.81 -1.89 -1.87
N ASP A 64 18.81 -0.82 -2.64
CA ASP A 64 19.97 -0.45 -3.43
C ASP A 64 21.20 -0.31 -2.54
N TYR A 65 20.98 -0.04 -1.26
CA TYR A 65 22.08 0.10 -0.32
C TYR A 65 22.50 -1.26 0.24
N TYR A 66 21.51 -2.06 0.62
CA TYR A 66 21.77 -3.38 1.18
C TYR A 66 22.43 -4.29 0.14
N ASN A 67 21.95 -4.21 -1.10
CA ASN A 67 22.50 -5.03 -2.18
C ASN A 67 23.84 -4.49 -2.66
N THR A 68 23.84 -3.24 -3.13
CA THR A 68 25.06 -2.65 -3.63
C THR A 68 26.21 -2.90 -2.66
N PHE A 69 25.90 -3.02 -1.38
CA PHE A 69 26.96 -3.25 -0.40
C PHE A 69 27.61 -4.62 -0.63
N GLY A 70 26.80 -5.67 -0.68
CA GLY A 70 27.30 -7.02 -0.89
C GLY A 70 26.85 -7.98 0.22
N PRO A 71 25.57 -8.29 0.25
CA PRO A 71 24.99 -9.21 1.27
C PRO A 71 25.23 -10.68 0.93
N GLU A 72 25.07 -11.56 1.91
CA GLU A 72 25.27 -12.98 1.70
C GLU A 72 23.93 -13.70 1.52
N LYS A 73 22.84 -12.96 1.71
CA LYS A 73 21.51 -13.54 1.58
C LYS A 73 20.70 -12.77 0.54
N VAL A 74 21.40 -12.26 -0.48
CA VAL A 74 20.73 -11.48 -1.52
C VAL A 74 19.44 -12.18 -1.96
N PRO A 75 18.29 -11.73 -1.47
CA PRO A 75 16.98 -12.34 -1.81
C PRO A 75 16.41 -11.86 -3.14
N VAL A 76 15.74 -12.76 -3.85
CA VAL A 76 15.15 -12.42 -5.13
C VAL A 76 13.86 -11.63 -4.93
N ILE A 77 13.28 -11.74 -3.74
CA ILE A 77 12.04 -11.04 -3.43
C ILE A 77 12.11 -9.60 -3.92
N ALA A 78 13.33 -9.08 -4.07
CA ALA A 78 13.51 -7.71 -4.55
C ALA A 78 12.82 -7.52 -5.89
N PHE A 79 13.26 -8.26 -6.88
CA PHE A 79 12.68 -8.14 -8.20
C PHE A 79 11.16 -8.10 -8.13
N SER A 80 10.59 -8.95 -7.27
CA SER A 80 9.14 -9.01 -7.11
C SER A 80 8.61 -7.65 -6.66
N TYR A 81 9.29 -7.05 -5.69
CA TYR A 81 8.86 -5.75 -5.18
C TYR A 81 8.76 -4.73 -6.32
N TRP A 82 8.23 -3.55 -6.02
CA TRP A 82 8.07 -2.50 -7.01
C TRP A 82 6.97 -2.86 -8.00
N ASN A 83 7.15 -3.96 -8.71
CA ASN A 83 6.17 -4.41 -9.70
C ASN A 83 4.84 -4.72 -9.01
N LEU A 84 4.92 -5.38 -7.85
CA LEU A 84 3.71 -5.73 -7.10
C LEU A 84 3.01 -4.47 -6.60
N ILE A 85 3.79 -3.46 -6.26
CA ILE A 85 3.24 -2.21 -5.75
C ILE A 85 2.30 -1.59 -6.80
N LYS A 86 2.72 -1.61 -8.05
CA LYS A 86 1.90 -1.05 -9.10
C LYS A 86 0.61 -1.85 -9.25
N GLU A 87 0.74 -3.11 -9.62
CA GLU A 87 -0.43 -3.97 -9.81
C GLU A 87 -1.30 -3.95 -8.55
N LEU A 88 -0.70 -3.62 -7.42
CA LEU A 88 -1.44 -3.57 -6.18
C LEU A 88 -2.44 -2.43 -6.17
N ILE A 89 -1.98 -1.23 -6.53
CA ILE A 89 -2.84 -0.07 -6.54
C ILE A 89 -4.06 -0.32 -7.44
N ASP A 90 -3.84 -1.08 -8.51
CA ASP A 90 -4.92 -1.38 -9.43
C ASP A 90 -6.02 -2.17 -8.72
N LYS A 91 -5.67 -3.36 -8.25
CA LYS A 91 -6.63 -4.21 -7.57
C LYS A 91 -7.24 -3.46 -6.40
N LYS A 92 -6.48 -2.55 -5.81
CA LYS A 92 -6.96 -1.75 -4.70
C LYS A 92 -8.14 -0.88 -5.13
N GLU A 93 -8.18 -0.52 -6.40
CA GLU A 93 -9.28 0.31 -6.90
C GLU A 93 -10.64 -0.16 -6.35
N VAL A 94 -10.67 -1.36 -5.77
CA VAL A 94 -11.93 -1.89 -5.21
C VAL A 94 -12.62 -0.84 -4.33
N ASN A 95 -11.97 -0.48 -3.22
CA ASN A 95 -12.52 0.52 -2.28
C ASN A 95 -11.77 0.45 -0.95
N PRO A 96 -10.50 0.80 -0.94
CA PRO A 96 -9.65 0.77 0.28
C PRO A 96 -9.60 2.12 0.97
N GLN A 97 -8.70 2.25 1.93
CA GLN A 97 -8.55 3.49 2.68
C GLN A 97 -8.10 4.61 1.75
N VAL A 98 -7.46 4.23 0.65
CA VAL A 98 -6.98 5.20 -0.32
C VAL A 98 -8.16 5.99 -0.89
N MET A 99 -9.24 5.29 -1.22
CA MET A 99 -10.43 5.93 -1.76
C MET A 99 -11.10 6.80 -0.70
N ALA A 100 -11.05 6.34 0.55
CA ALA A 100 -11.65 7.09 1.64
C ALA A 100 -10.94 8.43 1.84
N ALA A 101 -9.62 8.39 1.85
CA ALA A 101 -8.84 9.61 2.03
C ALA A 101 -9.33 10.71 1.10
N VAL A 102 -10.02 10.31 0.05
CA VAL A 102 -10.55 11.30 -0.90
C VAL A 102 -11.96 11.72 -0.50
N ALA A 103 -12.82 10.73 -0.29
CA ALA A 103 -14.20 11.01 0.09
C ALA A 103 -14.25 11.72 1.44
N GLN A 104 -13.24 11.45 2.27
CA GLN A 104 -13.15 12.06 3.59
C GLN A 104 -12.58 13.47 3.50
N THR A 105 -11.36 13.58 2.96
CA THR A 105 -10.71 14.87 2.83
C THR A 105 -11.54 15.81 1.97
N GLU A 106 -12.09 15.28 0.88
CA GLU A 106 -12.90 16.07 -0.03
C GLU A 106 -14.27 15.42 -0.20
N GLU A 107 -15.17 15.68 0.73
CA GLU A 107 -16.52 15.13 0.67
C GLU A 107 -17.29 15.72 -0.50
N ILE A 108 -18.43 15.12 -0.83
CA ILE A 108 -19.25 15.61 -1.94
C ILE A 108 -20.26 16.65 -1.43
N LEU A 109 -20.31 16.83 -0.12
CA LEU A 109 -21.22 17.80 0.48
C LEU A 109 -20.87 19.22 0.04
N LYS A 110 -19.58 19.52 -0.01
CA LYS A 110 -19.12 20.84 -0.42
C LYS A 110 -19.56 21.15 -1.84
N SER A 111 -19.54 20.12 -2.69
CA SER A 111 -19.94 20.29 -4.08
C SER A 111 -18.84 21.00 -4.88
N ASN A 112 -19.20 21.49 -6.06
CA ASN A 112 -18.24 22.20 -6.89
C ASN A 112 -17.74 23.47 -6.20
N SER A 113 -18.67 24.17 -5.55
CA SER A 113 -18.32 25.41 -4.86
C SER A 113 -19.46 25.85 -3.94
N GLN A 114 -19.86 24.94 -3.05
CA GLN A 114 -20.95 25.24 -2.12
C GLN A 114 -20.60 24.78 -0.71
N THR A 115 -21.37 25.24 0.27
CA THR A 115 -21.14 24.86 1.65
C THR A 115 -21.85 23.54 1.97
N ASP A 116 -21.50 22.96 3.11
CA ASP A 116 -22.09 21.70 3.54
C ASP A 116 -23.59 21.88 3.79
N LEU A 117 -23.97 23.05 4.28
CA LEU A 117 -25.38 23.34 4.56
C LEU A 117 -26.21 23.27 3.28
N GLU A 118 -25.66 23.81 2.20
CA GLU A 118 -26.36 23.81 0.92
C GLU A 118 -27.70 24.51 1.05
N HIS A 119 -27.71 25.83 0.89
CA HIS A 119 -28.94 26.60 0.99
C HIS A 119 -29.90 26.23 -0.15
N HIS A 120 -29.35 26.06 -1.35
CA HIS A 120 -30.16 25.73 -2.50
C HIS A 120 -30.96 24.45 -2.25
N HIS A 121 -30.30 23.46 -1.65
CA HIS A 121 -30.97 22.20 -1.34
C HIS A 121 -31.20 22.06 0.15
N HIS A 122 -32.46 21.90 0.54
CA HIS A 122 -32.81 21.76 1.95
C HIS A 122 -33.51 20.42 2.20
N HIS A 123 -32.88 19.57 3.01
CA HIS A 123 -33.45 18.27 3.31
C HIS A 123 -34.01 18.25 4.73
N HIS A 124 -35.03 17.43 4.95
CA HIS A 124 -35.66 17.33 6.26
C HIS A 124 -35.95 15.88 6.59
C1 MYR B . -7.87 0.58 10.31
O1 MYR B . -7.04 0.22 11.16
C2 MYR B . -7.70 0.11 9.01
C3 MYR B . -6.40 0.64 8.40
C4 MYR B . -5.65 -0.45 7.64
C5 MYR B . -6.21 -0.65 6.24
C6 MYR B . -5.62 -1.92 5.60
C7 MYR B . -4.96 -1.69 4.24
C8 MYR B . -5.01 -2.88 3.27
C9 MYR B . -3.67 -3.59 3.04
C10 MYR B . -2.93 -3.06 1.80
C11 MYR B . -1.75 -3.95 1.37
C12 MYR B . -1.47 -3.83 -0.13
C13 MYR B . -0.57 -2.63 -0.44
C14 MYR B . -1.30 -1.58 -1.28
H21 MYR B . -7.68 -0.88 9.00
H22 MYR B . -8.47 0.42 8.44
H31 MYR B . -6.61 1.39 7.76
H32 MYR B . -5.80 1.00 9.12
H41 MYR B . -4.69 -0.21 7.58
H42 MYR B . -5.73 -1.32 8.14
H51 MYR B . -7.20 -0.73 6.28
H52 MYR B . -5.98 0.13 5.67
H61 MYR B . -4.95 -2.31 6.22
H62 MYR B . -6.37 -2.58 5.47
H71 MYR B . -5.40 -0.91 3.79
H72 MYR B . -3.99 -1.48 4.40
H81 MYR B . -5.66 -3.55 3.64
H82 MYR B . -5.35 -2.56 2.39
H91 MYR B . -3.09 -3.45 3.84
H92 MYR B . -3.83 -4.57 2.90
H101 MYR B . -3.58 -2.99 1.03
H102 MYR B . -2.57 -2.14 1.99
H111 MYR B . -0.94 -3.68 1.88
H112 MYR B . -1.97 -4.91 1.58
H121 MYR B . -1.02 -4.66 -0.45
H122 MYR B . -2.34 -3.71 -0.62
H131 MYR B . -0.28 -2.20 0.42
H132 MYR B . 0.24 -2.94 -0.93
H141 MYR B . -1.24 -1.85 -2.25
H142 MYR B . -2.25 -1.54 -1.00
H143 MYR B . -0.85 -0.69 -1.16
N GLY A 1 -9.64 0.74 9.31
CA GLY A 1 -10.69 0.27 10.20
C GLY A 1 -11.40 -0.94 9.61
N GLN A 2 -12.69 -0.79 9.36
CA GLN A 2 -13.49 -1.88 8.80
C GLN A 2 -12.76 -2.54 7.65
N GLU A 3 -12.10 -1.72 6.83
CA GLU A 3 -11.36 -2.23 5.68
C GLU A 3 -10.45 -3.38 6.10
N LEU A 4 -10.32 -3.58 7.40
CA LEU A 4 -9.47 -4.65 7.92
C LEU A 4 -9.89 -5.99 7.33
N SER A 5 -11.19 -6.17 7.16
CA SER A 5 -11.70 -7.42 6.62
C SER A 5 -11.13 -7.67 5.21
N GLN A 6 -11.07 -6.60 4.42
CA GLN A 6 -10.54 -6.71 3.07
C GLN A 6 -9.06 -7.07 3.09
N HIS A 7 -8.35 -6.53 4.07
CA HIS A 7 -6.92 -6.80 4.20
C HIS A 7 -6.69 -8.30 4.35
N GLU A 8 -7.53 -8.94 5.15
CA GLU A 8 -7.40 -10.39 5.36
C GLU A 8 -7.55 -11.14 4.04
N ARG A 9 -8.72 -10.99 3.42
CA ARG A 9 -8.98 -11.69 2.16
C ARG A 9 -7.83 -11.45 1.18
N TYR A 10 -7.38 -10.21 1.08
CA TYR A 10 -6.29 -9.88 0.19
C TYR A 10 -5.01 -10.62 0.59
N VAL A 11 -4.66 -10.53 1.86
CA VAL A 11 -3.46 -11.21 2.35
C VAL A 11 -3.38 -12.63 1.81
N GLU A 12 -4.52 -13.29 1.74
CA GLU A 12 -4.56 -14.66 1.23
C GLU A 12 -4.24 -14.68 -0.25
N GLN A 13 -4.73 -13.68 -0.97
CA GLN A 13 -4.48 -13.62 -2.41
C GLN A 13 -3.00 -13.43 -2.71
N LEU A 14 -2.34 -12.59 -1.93
CA LEU A 14 -0.92 -12.33 -2.13
C LEU A 14 -0.11 -13.59 -1.87
N LYS A 15 -0.50 -14.35 -0.85
CA LYS A 15 0.21 -15.57 -0.52
C LYS A 15 0.09 -16.58 -1.66
N GLN A 16 -1.09 -16.69 -2.24
CA GLN A 16 -1.30 -17.62 -3.34
C GLN A 16 -0.39 -17.29 -4.52
N ALA A 17 -0.29 -16.01 -4.84
CA ALA A 17 0.55 -15.58 -5.95
C ALA A 17 1.99 -16.03 -5.74
N LEU A 18 2.55 -15.69 -4.59
CA LEU A 18 3.93 -16.08 -4.27
C LEU A 18 4.05 -17.58 -4.15
N LYS A 19 2.96 -18.23 -3.76
CA LYS A 19 2.97 -19.67 -3.60
C LYS A 19 3.26 -20.37 -4.93
N THR A 20 2.89 -19.73 -6.02
CA THR A 20 3.12 -20.31 -7.35
C THR A 20 4.57 -20.12 -7.78
N ARG A 21 5.34 -19.40 -6.97
CA ARG A 21 6.75 -19.16 -7.29
C ARG A 21 7.62 -20.24 -6.65
N GLY A 22 6.99 -21.18 -5.96
CA GLY A 22 7.74 -22.26 -5.32
C GLY A 22 8.51 -21.75 -4.12
N VAL A 23 8.44 -20.44 -3.90
CA VAL A 23 9.15 -19.82 -2.78
C VAL A 23 8.61 -20.34 -1.45
N LYS A 24 8.77 -21.65 -1.23
CA LYS A 24 8.30 -22.29 0.01
C LYS A 24 7.00 -21.63 0.48
N VAL A 25 6.64 -21.85 1.73
CA VAL A 25 5.43 -21.28 2.29
C VAL A 25 5.77 -20.22 3.33
N LYS A 26 5.71 -18.96 2.93
CA LYS A 26 6.02 -17.85 3.84
C LYS A 26 4.84 -16.90 3.95
N TYR A 27 4.76 -16.17 5.06
CA TYR A 27 3.66 -15.23 5.24
C TYR A 27 3.95 -13.91 4.52
N ALA A 28 2.96 -13.42 3.80
CA ALA A 28 3.09 -12.16 3.08
C ALA A 28 2.69 -10.97 3.95
N ASP A 29 1.59 -11.14 4.68
CA ASP A 29 1.06 -10.08 5.53
C ASP A 29 2.17 -9.47 6.37
N LEU A 30 2.94 -10.30 7.02
CA LEU A 30 4.02 -9.82 7.86
C LEU A 30 5.05 -9.05 7.04
N LEU A 31 5.66 -9.72 6.08
CA LEU A 31 6.69 -9.10 5.25
C LEU A 31 6.22 -7.75 4.76
N LYS A 32 4.99 -7.71 4.27
CA LYS A 32 4.43 -6.46 3.76
C LYS A 32 4.01 -5.54 4.89
N PHE A 33 3.29 -6.09 5.86
CA PHE A 33 2.81 -5.29 6.99
C PHE A 33 3.95 -4.53 7.64
N PHE A 34 4.92 -5.27 8.18
CA PHE A 34 6.05 -4.64 8.84
C PHE A 34 6.83 -3.73 7.90
N ASP A 35 7.20 -4.28 6.74
CA ASP A 35 7.97 -3.51 5.77
C ASP A 35 7.30 -2.19 5.46
N PHE A 36 6.07 -2.25 4.97
CA PHE A 36 5.34 -1.04 4.62
C PHE A 36 5.09 -0.14 5.84
N VAL A 37 4.49 -0.72 6.88
CA VAL A 37 4.19 0.04 8.09
C VAL A 37 5.40 0.82 8.55
N LYS A 38 6.47 0.13 8.87
CA LYS A 38 7.68 0.78 9.33
C LYS A 38 8.27 1.68 8.26
N ASP A 39 8.30 1.19 7.01
CA ASP A 39 8.87 1.98 5.93
C ASP A 39 8.05 3.23 5.67
N ILE A 40 6.82 3.06 5.20
CA ILE A 40 5.97 4.20 4.90
C ILE A 40 5.64 4.96 6.18
N CYS A 41 5.33 4.23 7.24
CA CYS A 41 5.00 4.85 8.51
C CYS A 41 5.97 4.43 9.62
N PRO A 42 7.14 5.02 9.64
CA PRO A 42 8.17 4.70 10.66
C PRO A 42 7.90 5.37 11.99
N TRP A 43 7.14 6.46 11.96
CA TRP A 43 6.80 7.21 13.17
C TRP A 43 5.29 7.29 13.37
N PHE A 44 4.54 6.73 12.41
CA PHE A 44 3.08 6.77 12.50
C PHE A 44 2.48 5.45 12.04
N PRO A 45 2.76 4.38 12.76
CA PRO A 45 2.25 3.03 12.42
C PRO A 45 0.77 2.88 12.76
N GLN A 46 0.17 3.95 13.27
CA GLN A 46 -1.24 3.91 13.64
C GLN A 46 -2.12 3.72 12.40
N GLU A 47 -1.89 4.54 11.38
CA GLU A 47 -2.67 4.44 10.15
C GLU A 47 -1.96 3.58 9.13
N GLY A 48 -0.94 4.14 8.48
CA GLY A 48 -0.18 3.40 7.48
C GLY A 48 -1.02 3.19 6.23
N THR A 49 -0.61 3.83 5.13
CA THR A 49 -1.32 3.70 3.86
C THR A 49 -0.39 3.21 2.76
N ILE A 50 -0.96 2.86 1.61
CA ILE A 50 -0.16 2.38 0.50
C ILE A 50 0.24 3.53 -0.42
N ASP A 51 1.53 3.65 -0.68
CA ASP A 51 2.03 4.70 -1.55
C ASP A 51 3.07 4.13 -2.51
N ILE A 52 3.01 4.55 -3.76
CA ILE A 52 3.96 4.08 -4.77
C ILE A 52 5.15 5.03 -4.89
N LYS A 53 4.87 6.33 -4.85
CA LYS A 53 5.94 7.32 -4.93
C LYS A 53 6.84 7.27 -3.70
N ARG A 54 6.25 7.18 -2.52
CA ARG A 54 7.03 7.14 -1.29
C ARG A 54 7.82 5.84 -1.19
N TRP A 55 7.09 4.72 -1.06
CA TRP A 55 7.75 3.41 -0.94
C TRP A 55 8.87 3.30 -1.95
N ARG A 56 8.80 4.08 -3.02
CA ARG A 56 9.85 4.05 -4.04
C ARG A 56 11.12 4.72 -3.54
N ARG A 57 10.98 5.90 -2.94
CA ARG A 57 12.14 6.63 -2.45
C ARG A 57 12.84 5.84 -1.35
N VAL A 58 12.11 5.52 -0.29
CA VAL A 58 12.68 4.77 0.83
C VAL A 58 12.96 3.32 0.42
N GLY A 59 12.27 2.86 -0.61
CA GLY A 59 12.45 1.50 -1.09
C GLY A 59 13.81 1.31 -1.73
N ASP A 60 14.17 2.23 -2.62
CA ASP A 60 15.46 2.17 -3.31
C ASP A 60 16.61 2.44 -2.33
N CYS A 61 16.43 3.44 -1.49
CA CYS A 61 17.46 3.79 -0.53
C CYS A 61 17.95 2.54 0.23
N PHE A 62 17.05 1.96 1.01
CA PHE A 62 17.39 0.78 1.80
C PHE A 62 17.77 -0.39 0.90
N GLN A 63 16.95 -0.65 -0.11
CA GLN A 63 17.20 -1.76 -1.02
C GLN A 63 18.48 -1.54 -1.82
N ASP A 64 18.52 -0.47 -2.59
CA ASP A 64 19.68 -0.18 -3.41
C ASP A 64 20.95 -0.15 -2.56
N TYR A 65 20.82 0.32 -1.32
CA TYR A 65 21.97 0.38 -0.42
C TYR A 65 22.34 -1.02 0.09
N TYR A 66 21.33 -1.77 0.52
CA TYR A 66 21.55 -3.10 1.04
C TYR A 66 22.11 -4.04 -0.03
N ASN A 67 21.57 -3.92 -1.25
CA ASN A 67 22.01 -4.76 -2.35
C ASN A 67 23.35 -4.28 -2.90
N THR A 68 23.38 -3.05 -3.39
CA THR A 68 24.61 -2.50 -3.95
C THR A 68 25.78 -2.75 -3.02
N PHE A 69 25.50 -2.84 -1.72
CA PHE A 69 26.57 -3.09 -0.76
C PHE A 69 27.21 -4.45 -1.00
N GLY A 70 26.38 -5.50 -1.07
CA GLY A 70 26.88 -6.84 -1.29
C GLY A 70 26.45 -7.79 -0.16
N PRO A 71 25.17 -8.09 -0.10
CA PRO A 71 24.61 -9.00 0.93
C PRO A 71 24.91 -10.47 0.65
N GLU A 72 24.75 -11.31 1.68
CA GLU A 72 25.01 -12.73 1.52
C GLU A 72 23.70 -13.51 1.37
N LYS A 73 22.58 -12.80 1.50
CA LYS A 73 21.27 -13.43 1.38
C LYS A 73 20.46 -12.75 0.30
N VAL A 74 21.13 -12.27 -0.75
CA VAL A 74 20.46 -11.58 -1.83
C VAL A 74 19.21 -12.35 -2.26
N PRO A 75 18.04 -11.91 -1.83
CA PRO A 75 16.75 -12.59 -2.15
C PRO A 75 16.21 -12.21 -3.52
N VAL A 76 15.44 -13.12 -4.11
CA VAL A 76 14.85 -12.87 -5.41
C VAL A 76 13.63 -11.97 -5.28
N ILE A 77 13.03 -11.96 -4.10
CA ILE A 77 11.84 -11.15 -3.86
C ILE A 77 12.04 -9.74 -4.44
N ALA A 78 13.29 -9.34 -4.60
CA ALA A 78 13.57 -8.00 -5.14
C ALA A 78 12.90 -7.82 -6.50
N PHE A 79 13.28 -8.64 -7.47
CA PHE A 79 12.71 -8.52 -8.80
C PHE A 79 11.19 -8.45 -8.71
N SER A 80 10.60 -9.28 -7.87
CA SER A 80 9.15 -9.28 -7.71
C SER A 80 8.66 -7.92 -7.22
N TYR A 81 9.41 -7.33 -6.30
CA TYR A 81 9.04 -6.02 -5.76
C TYR A 81 8.94 -4.99 -6.88
N TRP A 82 8.46 -3.79 -6.54
CA TRP A 82 8.32 -2.73 -7.52
C TRP A 82 7.20 -3.06 -8.51
N ASN A 83 7.41 -4.10 -9.30
CA ASN A 83 6.41 -4.50 -10.29
C ASN A 83 5.09 -4.83 -9.60
N LEU A 84 5.18 -5.54 -8.48
CA LEU A 84 4.00 -5.91 -7.73
C LEU A 84 3.31 -4.68 -7.17
N ILE A 85 4.10 -3.70 -6.75
CA ILE A 85 3.55 -2.49 -6.15
C ILE A 85 2.52 -1.87 -7.10
N LYS A 86 2.89 -1.72 -8.35
CA LYS A 86 1.97 -1.14 -9.33
C LYS A 86 0.72 -2.00 -9.46
N GLU A 87 0.91 -3.28 -9.75
CA GLU A 87 -0.21 -4.19 -9.92
C GLU A 87 -1.07 -4.18 -8.66
N LEU A 88 -0.47 -3.83 -7.54
CA LEU A 88 -1.20 -3.83 -6.29
C LEU A 88 -2.30 -2.78 -6.30
N ILE A 89 -1.93 -1.54 -6.54
CA ILE A 89 -2.91 -0.45 -6.57
C ILE A 89 -4.06 -0.81 -7.51
N ASP A 90 -3.73 -1.48 -8.61
CA ASP A 90 -4.75 -1.84 -9.59
C ASP A 90 -5.84 -2.67 -8.92
N LYS A 91 -5.46 -3.85 -8.44
CA LYS A 91 -6.41 -4.74 -7.79
C LYS A 91 -7.09 -4.02 -6.63
N LYS A 92 -6.33 -3.19 -5.93
CA LYS A 92 -6.86 -2.43 -4.81
C LYS A 92 -7.91 -1.44 -5.29
N GLU A 93 -7.91 -1.14 -6.57
CA GLU A 93 -8.88 -0.20 -7.14
C GLU A 93 -10.29 -0.50 -6.63
N VAL A 94 -10.46 -1.66 -6.00
CA VAL A 94 -11.76 -2.03 -5.48
C VAL A 94 -12.40 -0.89 -4.69
N ASN A 95 -11.77 -0.53 -3.57
CA ASN A 95 -12.27 0.57 -2.74
C ASN A 95 -11.56 0.57 -1.38
N PRO A 96 -10.30 0.90 -1.36
CA PRO A 96 -9.49 0.93 -0.12
C PRO A 96 -9.52 2.32 0.53
N GLN A 97 -8.71 2.48 1.57
CA GLN A 97 -8.65 3.75 2.28
C GLN A 97 -8.13 4.86 1.37
N VAL A 98 -7.38 4.46 0.34
CA VAL A 98 -6.84 5.43 -0.60
C VAL A 98 -7.96 6.23 -1.26
N MET A 99 -9.00 5.53 -1.69
CA MET A 99 -10.14 6.20 -2.31
C MET A 99 -10.89 7.05 -1.29
N ALA A 100 -10.90 6.59 -0.04
CA ALA A 100 -11.59 7.33 1.02
C ALA A 100 -10.90 8.68 1.26
N ALA A 101 -9.58 8.65 1.39
CA ALA A 101 -8.82 9.86 1.64
C ALA A 101 -9.22 10.93 0.63
N VAL A 102 -9.84 10.51 -0.48
CA VAL A 102 -10.27 11.47 -1.49
C VAL A 102 -11.71 11.91 -1.24
N ALA A 103 -12.60 10.94 -1.09
CA ALA A 103 -14.01 11.23 -0.85
C ALA A 103 -14.15 11.99 0.47
N GLN A 104 -13.18 11.81 1.36
CA GLN A 104 -13.20 12.48 2.65
C GLN A 104 -12.63 13.89 2.54
N THR A 105 -11.39 14.00 2.06
CA THR A 105 -10.74 15.30 1.93
C THR A 105 -11.56 16.20 0.99
N GLU A 106 -12.06 15.62 -0.09
CA GLU A 106 -12.84 16.38 -1.06
C GLU A 106 -14.22 15.73 -1.27
N GLU A 107 -15.13 15.99 -0.34
CA GLU A 107 -16.48 15.43 -0.44
C GLU A 107 -17.21 16.01 -1.65
N ILE A 108 -18.32 15.39 -2.01
CA ILE A 108 -19.12 15.84 -3.14
C ILE A 108 -20.17 16.85 -2.68
N LEU A 109 -20.21 17.09 -1.37
CA LEU A 109 -21.18 18.03 -0.80
C LEU A 109 -20.90 19.44 -1.31
N LYS A 110 -19.62 19.81 -1.38
CA LYS A 110 -19.24 21.12 -1.85
C LYS A 110 -19.73 21.33 -3.28
N SER A 111 -20.30 22.50 -3.55
CA SER A 111 -20.79 22.82 -4.88
C SER A 111 -19.64 23.20 -5.80
N ASN A 112 -19.95 24.00 -6.82
CA ASN A 112 -18.93 24.43 -7.77
C ASN A 112 -17.86 25.26 -7.06
N SER A 113 -18.29 26.13 -6.16
CA SER A 113 -17.38 26.97 -5.41
C SER A 113 -17.96 27.35 -4.06
N GLN A 114 -18.73 26.43 -3.48
CA GLN A 114 -19.35 26.68 -2.18
C GLN A 114 -19.12 25.50 -1.24
N THR A 115 -19.14 25.76 0.06
CA THR A 115 -18.93 24.71 1.05
C THR A 115 -20.23 23.93 1.28
N ASP A 116 -20.11 22.78 1.94
CA ASP A 116 -21.27 21.94 2.21
C ASP A 116 -22.34 22.74 2.95
N LEU A 117 -21.93 23.48 3.97
CA LEU A 117 -22.85 24.28 4.77
C LEU A 117 -23.47 25.38 3.91
N GLU A 118 -22.74 25.80 2.89
CA GLU A 118 -23.23 26.86 2.00
C GLU A 118 -23.55 28.12 2.80
N HIS A 119 -22.78 28.36 3.85
CA HIS A 119 -22.99 29.53 4.69
C HIS A 119 -21.65 30.12 5.13
N HIS A 120 -21.56 31.45 5.12
CA HIS A 120 -20.34 32.13 5.52
C HIS A 120 -20.53 32.87 6.84
N HIS A 121 -19.48 32.92 7.65
CA HIS A 121 -19.56 33.59 8.93
C HIS A 121 -18.83 34.93 8.87
N HIS A 122 -19.56 36.01 9.19
CA HIS A 122 -18.99 37.34 9.17
C HIS A 122 -18.75 37.84 10.59
N HIS A 123 -17.60 38.46 10.81
CA HIS A 123 -17.25 38.97 12.13
C HIS A 123 -17.36 40.50 12.15
N HIS A 124 -18.02 41.03 13.17
CA HIS A 124 -18.18 42.46 13.30
C HIS A 124 -17.00 43.08 14.05
C1 MYR B . -8.42 0.18 9.32
O1 MYR B . -8.13 -0.75 10.06
C2 MYR B . -8.51 -0.09 7.95
C3 MYR B . -7.51 0.77 7.15
C4 MYR B . -6.09 0.22 7.26
C5 MYR B . -5.31 0.40 5.96
C6 MYR B . -4.84 -0.94 5.41
C7 MYR B . -5.12 -1.17 3.93
C8 MYR B . -5.66 -2.56 3.56
C9 MYR B . -4.58 -3.64 3.35
C10 MYR B . -3.39 -3.14 2.52
C11 MYR B . -2.23 -4.14 2.48
C12 MYR B . -1.88 -4.52 1.04
C13 MYR B . -1.68 -3.29 0.16
C14 MYR B . -0.63 -2.35 0.74
H21 MYR B . -8.31 -1.05 7.79
H22 MYR B . -9.43 0.11 7.62
H31 MYR B . -7.78 0.78 6.19
H32 MYR B . -7.52 1.70 7.50
H41 MYR B . -5.61 0.70 8.00
H42 MYR B . -6.13 -0.76 7.47
H51 MYR B . -5.90 0.84 5.28
H52 MYR B . -4.51 0.98 6.13
H61 MYR B . -3.85 -1.01 5.56
H62 MYR B . -5.28 -1.68 5.93
H71 MYR B . -5.78 -0.49 3.63
H72 MYR B . -4.26 -1.04 3.42
H81 MYR B . -6.27 -2.86 4.30
H82 MYR B . -6.19 -2.49 2.72
H91 MYR B . -4.25 -3.95 4.24
H92 MYR B . -5.00 -4.42 2.87
H101 MYR B . -3.71 -2.97 1.58
H102 MYR B . -3.06 -2.28 2.91
H111 MYR B . -1.43 -3.73 2.91
H112 MYR B . -2.48 -4.97 2.97
H121 MYR B . -1.04 -5.07 1.04
H122 MYR B . -2.63 -5.07 0.65
H131 MYR B . -1.39 -3.57 -0.75
H132 MYR B . -2.55 -2.78 0.09
H141 MYR B . -0.32 -2.69 1.63
H142 MYR B . 0.15 -2.30 0.12
H143 MYR B . -1.03 -1.42 0.85
N GLY A 1 -7.03 -0.04 9.61
CA GLY A 1 -8.23 -0.27 10.40
C GLY A 1 -9.13 -1.32 9.74
N GLN A 2 -10.39 -0.95 9.50
CA GLN A 2 -11.34 -1.89 8.88
C GLN A 2 -10.71 -2.58 7.70
N GLU A 3 -10.03 -1.82 6.84
CA GLU A 3 -9.38 -2.40 5.66
C GLU A 3 -8.57 -3.62 6.04
N LEU A 4 -8.42 -3.87 7.34
CA LEU A 4 -7.67 -5.02 7.80
C LEU A 4 -8.32 -6.31 7.29
N SER A 5 -9.64 -6.36 7.33
CA SER A 5 -10.36 -7.55 6.87
C SER A 5 -9.99 -7.85 5.41
N GLN A 6 -9.95 -6.80 4.59
CA GLN A 6 -9.61 -6.96 3.18
C GLN A 6 -8.14 -7.39 3.05
N HIS A 7 -7.31 -6.86 3.94
CA HIS A 7 -5.89 -7.18 3.92
C HIS A 7 -5.68 -8.67 4.19
N GLU A 8 -6.59 -9.25 4.97
CA GLU A 8 -6.50 -10.67 5.29
C GLU A 8 -6.72 -11.51 4.03
N ARG A 9 -7.89 -11.36 3.42
CA ARG A 9 -8.20 -12.12 2.21
C ARG A 9 -7.12 -11.90 1.15
N TYR A 10 -6.74 -10.64 0.96
CA TYR A 10 -5.72 -10.32 -0.03
C TYR A 10 -4.41 -11.01 0.33
N VAL A 11 -3.95 -10.81 1.56
CA VAL A 11 -2.72 -11.43 2.00
C VAL A 11 -2.64 -12.88 1.55
N GLU A 12 -3.79 -13.55 1.53
CA GLU A 12 -3.86 -14.94 1.12
C GLU A 12 -3.62 -15.06 -0.38
N GLN A 13 -4.09 -14.07 -1.13
CA GLN A 13 -3.91 -14.09 -2.58
C GLN A 13 -2.46 -13.87 -2.97
N LEU A 14 -1.80 -12.94 -2.30
CA LEU A 14 -0.40 -12.64 -2.59
C LEU A 14 0.48 -13.85 -2.31
N LYS A 15 0.18 -14.54 -1.23
CA LYS A 15 0.95 -15.73 -0.86
C LYS A 15 0.81 -16.82 -1.91
N GLN A 16 -0.38 -16.97 -2.47
CA GLN A 16 -0.62 -17.98 -3.48
C GLN A 16 0.19 -17.68 -4.74
N ALA A 17 0.19 -16.42 -5.16
CA ALA A 17 0.92 -16.03 -6.35
C ALA A 17 2.38 -16.44 -6.24
N LEU A 18 3.04 -16.01 -5.18
CA LEU A 18 4.44 -16.35 -4.96
C LEU A 18 4.61 -17.85 -4.79
N LYS A 19 3.54 -18.51 -4.39
CA LYS A 19 3.58 -19.96 -4.19
C LYS A 19 3.82 -20.67 -5.52
N THR A 20 3.27 -20.13 -6.59
CA THR A 20 3.41 -20.74 -7.92
C THR A 20 4.85 -20.59 -8.41
N ARG A 21 5.66 -19.89 -7.65
CA ARG A 21 7.06 -19.68 -8.03
C ARG A 21 7.95 -20.76 -7.43
N GLY A 22 7.32 -21.70 -6.72
CA GLY A 22 8.07 -22.79 -6.09
C GLY A 22 8.81 -22.30 -4.85
N VAL A 23 8.64 -21.02 -4.54
CA VAL A 23 9.29 -20.43 -3.37
C VAL A 23 8.62 -20.92 -2.10
N LYS A 24 9.40 -20.99 -1.02
CA LYS A 24 8.88 -21.45 0.27
C LYS A 24 7.60 -20.69 0.63
N VAL A 25 7.19 -20.78 1.89
CA VAL A 25 6.00 -20.08 2.35
C VAL A 25 6.35 -18.91 3.26
N LYS A 26 6.41 -17.72 2.69
CA LYS A 26 6.74 -16.53 3.46
C LYS A 26 5.47 -15.76 3.81
N TYR A 27 5.32 -15.40 5.08
CA TYR A 27 4.13 -14.66 5.50
C TYR A 27 4.15 -13.27 4.93
N ALA A 28 3.04 -12.86 4.35
CA ALA A 28 2.90 -11.52 3.80
C ALA A 28 2.37 -10.51 4.80
N ASP A 29 1.41 -10.95 5.60
CA ASP A 29 0.78 -10.07 6.57
C ASP A 29 1.78 -9.40 7.48
N LEU A 30 2.49 -10.20 8.24
CA LEU A 30 3.47 -9.66 9.19
C LEU A 30 4.64 -8.97 8.50
N LEU A 31 5.36 -9.72 7.68
CA LEU A 31 6.53 -9.18 7.01
C LEU A 31 6.18 -7.88 6.31
N LYS A 32 5.01 -7.84 5.69
CA LYS A 32 4.60 -6.62 5.00
C LYS A 32 4.02 -5.61 5.97
N PHE A 33 3.12 -6.06 6.83
CA PHE A 33 2.47 -5.15 7.78
C PHE A 33 3.53 -4.36 8.54
N PHE A 34 4.44 -5.05 9.20
CA PHE A 34 5.48 -4.38 9.96
C PHE A 34 6.40 -3.55 9.06
N ASP A 35 6.89 -4.18 7.98
CA ASP A 35 7.79 -3.48 7.08
C ASP A 35 7.17 -2.20 6.56
N PHE A 36 6.02 -2.31 5.92
CA PHE A 36 5.34 -1.14 5.38
C PHE A 36 4.97 -0.15 6.47
N VAL A 37 4.22 -0.62 7.46
CA VAL A 37 3.78 0.23 8.55
C VAL A 37 4.91 1.14 9.00
N LYS A 38 6.09 0.57 9.14
CA LYS A 38 7.24 1.35 9.57
C LYS A 38 7.88 2.09 8.38
N ASP A 39 7.63 1.61 7.18
CA ASP A 39 8.23 2.23 6.00
C ASP A 39 7.65 3.61 5.72
N ILE A 40 6.38 3.64 5.30
CA ILE A 40 5.73 4.91 4.99
C ILE A 40 5.08 5.50 6.23
N CYS A 41 5.06 4.72 7.31
CA CYS A 41 4.47 5.19 8.56
C CYS A 41 5.42 4.92 9.73
N PRO A 42 6.61 5.44 9.67
CA PRO A 42 7.62 5.25 10.74
C PRO A 42 7.26 6.05 12.01
N TRP A 43 6.50 7.12 11.83
CA TRP A 43 6.10 7.97 12.94
C TRP A 43 4.59 8.03 13.06
N PHE A 44 3.89 7.27 12.22
CA PHE A 44 2.44 7.26 12.25
C PHE A 44 1.91 5.86 11.88
N PRO A 45 2.15 4.91 12.74
CA PRO A 45 1.69 3.51 12.52
C PRO A 45 0.20 3.33 12.79
N GLN A 46 -0.45 4.41 13.20
CA GLN A 46 -1.88 4.35 13.48
C GLN A 46 -2.66 3.98 12.23
N GLU A 47 -2.40 4.69 11.13
CA GLU A 47 -3.07 4.41 9.86
C GLU A 47 -2.05 4.09 8.78
N GLY A 48 -1.42 5.13 8.24
CA GLY A 48 -0.41 4.95 7.20
C GLY A 48 -1.03 4.39 5.92
N THR A 49 -1.22 5.27 4.93
CA THR A 49 -1.78 4.83 3.66
C THR A 49 -0.68 4.31 2.74
N ILE A 50 -1.07 3.56 1.71
CA ILE A 50 -0.10 3.02 0.78
C ILE A 50 0.30 4.06 -0.27
N ASP A 51 1.60 4.15 -0.53
CA ASP A 51 2.09 5.11 -1.51
C ASP A 51 3.19 4.49 -2.37
N ILE A 52 3.21 4.85 -3.64
CA ILE A 52 4.22 4.32 -4.56
C ILE A 52 5.44 5.24 -4.58
N LYS A 53 5.20 6.54 -4.42
CA LYS A 53 6.30 7.51 -4.42
C LYS A 53 7.25 7.26 -3.26
N ARG A 54 6.68 7.06 -2.07
CA ARG A 54 7.51 6.82 -0.88
C ARG A 54 8.06 5.40 -0.88
N TRP A 55 7.16 4.42 -0.81
CA TRP A 55 7.57 3.03 -0.76
C TRP A 55 8.69 2.79 -1.76
N ARG A 56 8.63 3.48 -2.88
CA ARG A 56 9.67 3.35 -3.90
C ARG A 56 10.97 4.01 -3.42
N ARG A 57 10.85 5.20 -2.85
CA ARG A 57 12.02 5.92 -2.37
C ARG A 57 12.70 5.16 -1.24
N VAL A 58 11.94 4.89 -0.18
CA VAL A 58 12.47 4.16 0.96
C VAL A 58 12.76 2.70 0.58
N GLY A 59 12.06 2.22 -0.45
CA GLY A 59 12.25 0.85 -0.90
C GLY A 59 13.61 0.67 -1.55
N ASP A 60 13.93 1.56 -2.48
CA ASP A 60 15.21 1.50 -3.18
C ASP A 60 16.36 1.81 -2.22
N CYS A 61 16.18 2.84 -1.40
CA CYS A 61 17.21 3.22 -0.46
C CYS A 61 17.73 2.02 0.31
N PHE A 62 16.87 1.41 1.12
CA PHE A 62 17.25 0.25 1.91
C PHE A 62 17.62 -0.92 1.02
N GLN A 63 16.78 -1.21 0.02
CA GLN A 63 17.03 -2.32 -0.87
C GLN A 63 18.30 -2.12 -1.67
N ASP A 64 18.33 -1.06 -2.47
CA ASP A 64 19.51 -0.77 -3.28
C ASP A 64 20.76 -0.80 -2.42
N TYR A 65 20.65 -0.33 -1.19
CA TYR A 65 21.79 -0.32 -0.27
C TYR A 65 22.16 -1.74 0.16
N TYR A 66 21.15 -2.51 0.53
CA TYR A 66 21.38 -3.88 0.97
C TYR A 66 21.99 -4.72 -0.15
N ASN A 67 21.44 -4.57 -1.35
CA ASN A 67 21.94 -5.33 -2.50
C ASN A 67 23.28 -4.77 -2.99
N THR A 68 23.27 -3.52 -3.42
CA THR A 68 24.49 -2.90 -3.92
C THR A 68 25.66 -3.21 -3.02
N PHE A 69 25.38 -3.40 -1.72
CA PHE A 69 26.45 -3.70 -0.79
C PHE A 69 27.07 -5.06 -1.12
N GLY A 70 26.23 -6.09 -1.24
CA GLY A 70 26.72 -7.43 -1.55
C GLY A 70 26.33 -8.43 -0.46
N PRO A 71 25.08 -8.76 -0.36
CA PRO A 71 24.57 -9.73 0.64
C PRO A 71 24.79 -11.18 0.22
N GLU A 72 24.73 -12.08 1.19
CA GLU A 72 24.95 -13.50 0.90
C GLU A 72 23.61 -14.23 0.81
N LYS A 73 22.52 -13.49 0.97
CA LYS A 73 21.19 -14.09 0.89
C LYS A 73 20.33 -13.34 -0.11
N VAL A 74 20.97 -12.75 -1.12
CA VAL A 74 20.25 -12.00 -2.13
C VAL A 74 19.02 -12.77 -2.60
N PRO A 75 17.84 -12.40 -2.13
CA PRO A 75 16.58 -13.10 -2.49
C PRO A 75 16.02 -12.63 -3.84
N VAL A 76 15.26 -13.52 -4.48
CA VAL A 76 14.66 -13.19 -5.78
C VAL A 76 13.43 -12.32 -5.58
N ILE A 77 12.96 -12.23 -4.34
CA ILE A 77 11.78 -11.44 -4.03
C ILE A 77 11.88 -10.06 -4.66
N ALA A 78 13.11 -9.63 -4.94
CA ALA A 78 13.34 -8.32 -5.55
C ALA A 78 12.57 -8.20 -6.85
N PHE A 79 12.90 -9.04 -7.81
CA PHE A 79 12.23 -9.01 -9.10
C PHE A 79 10.73 -8.81 -8.91
N SER A 80 10.18 -9.51 -7.93
CA SER A 80 8.75 -9.40 -7.65
C SER A 80 8.39 -7.95 -7.27
N TYR A 81 9.22 -7.35 -6.42
CA TYR A 81 8.99 -5.97 -5.99
C TYR A 81 8.98 -5.05 -7.20
N TRP A 82 8.53 -3.81 -6.98
CA TRP A 82 8.47 -2.81 -8.05
C TRP A 82 7.24 -3.03 -8.92
N ASN A 83 7.29 -4.06 -9.75
CA ASN A 83 6.18 -4.37 -10.63
C ASN A 83 4.92 -4.69 -9.83
N LEU A 84 5.09 -5.41 -8.74
CA LEU A 84 3.96 -5.78 -7.90
C LEU A 84 3.31 -4.55 -7.28
N ILE A 85 4.13 -3.61 -6.85
CA ILE A 85 3.62 -2.40 -6.20
C ILE A 85 2.65 -1.67 -7.13
N LYS A 86 3.02 -1.56 -8.39
CA LYS A 86 2.15 -0.88 -9.35
C LYS A 86 0.82 -1.63 -9.52
N GLU A 87 0.90 -2.91 -9.83
CA GLU A 87 -0.31 -3.71 -10.01
C GLU A 87 -1.10 -3.76 -8.71
N LEU A 88 -0.44 -3.46 -7.60
CA LEU A 88 -1.09 -3.50 -6.31
C LEU A 88 -2.17 -2.45 -6.22
N ILE A 89 -1.78 -1.19 -6.40
CA ILE A 89 -2.73 -0.10 -6.34
C ILE A 89 -3.88 -0.34 -7.31
N ASP A 90 -3.57 -0.95 -8.46
CA ASP A 90 -4.59 -1.22 -9.46
C ASP A 90 -5.70 -2.08 -8.88
N LYS A 91 -5.36 -3.31 -8.50
CA LYS A 91 -6.34 -4.23 -7.93
C LYS A 91 -6.92 -3.66 -6.64
N LYS A 92 -6.03 -3.10 -5.82
CA LYS A 92 -6.46 -2.50 -4.55
C LYS A 92 -7.41 -1.34 -4.77
N GLU A 93 -7.49 -0.89 -6.02
CA GLU A 93 -8.38 0.21 -6.38
C GLU A 93 -9.83 -0.13 -6.02
N VAL A 94 -10.04 -1.34 -5.52
CA VAL A 94 -11.40 -1.78 -5.18
C VAL A 94 -12.14 -0.69 -4.42
N ASN A 95 -11.66 -0.34 -3.22
CA ASN A 95 -12.28 0.71 -2.42
C ASN A 95 -11.81 0.63 -0.96
N PRO A 96 -10.53 0.74 -0.72
CA PRO A 96 -9.94 0.68 0.63
C PRO A 96 -9.85 2.07 1.28
N GLN A 97 -8.90 2.22 2.19
CA GLN A 97 -8.71 3.48 2.88
C GLN A 97 -8.29 4.56 1.90
N VAL A 98 -7.74 4.14 0.76
CA VAL A 98 -7.29 5.09 -0.25
C VAL A 98 -8.46 5.97 -0.69
N MET A 99 -9.61 5.34 -0.94
CA MET A 99 -10.79 6.07 -1.36
C MET A 99 -11.31 6.95 -0.22
N ALA A 100 -11.08 6.51 1.02
CA ALA A 100 -11.53 7.25 2.18
C ALA A 100 -10.73 8.56 2.33
N ALA A 101 -9.42 8.44 2.25
CA ALA A 101 -8.55 9.60 2.37
C ALA A 101 -9.03 10.73 1.46
N VAL A 102 -9.88 10.39 0.50
CA VAL A 102 -10.41 11.40 -0.42
C VAL A 102 -11.72 11.97 0.12
N ALA A 103 -12.65 11.09 0.47
CA ALA A 103 -13.94 11.53 0.99
C ALA A 103 -13.74 12.31 2.28
N GLN A 104 -12.66 11.99 2.99
CA GLN A 104 -12.35 12.67 4.24
C GLN A 104 -11.75 14.04 3.97
N THR A 105 -10.69 14.06 3.16
CA THR A 105 -10.03 15.33 2.84
C THR A 105 -10.99 16.27 2.13
N GLU A 106 -11.80 15.70 1.23
CA GLU A 106 -12.77 16.50 0.48
C GLU A 106 -14.14 15.83 0.48
N GLU A 107 -14.91 16.09 1.52
CA GLU A 107 -16.25 15.52 1.64
C GLU A 107 -17.18 16.09 0.58
N ILE A 108 -18.25 15.36 0.27
CA ILE A 108 -19.20 15.81 -0.73
C ILE A 108 -19.84 17.13 -0.31
N LEU A 109 -20.16 17.25 0.98
CA LEU A 109 -20.78 18.46 1.49
C LEU A 109 -19.73 19.34 2.15
N LYS A 110 -19.60 20.56 1.65
CA LYS A 110 -18.63 21.51 2.19
C LYS A 110 -19.01 22.94 1.84
N SER A 111 -18.48 23.90 2.60
CA SER A 111 -18.77 25.30 2.36
C SER A 111 -18.30 25.73 0.97
N ASN A 112 -17.13 25.26 0.58
CA ASN A 112 -16.58 25.60 -0.73
C ASN A 112 -17.59 25.31 -1.83
N SER A 113 -18.28 24.17 -1.71
CA SER A 113 -19.27 23.79 -2.71
C SER A 113 -20.56 24.58 -2.49
N GLN A 114 -20.60 25.81 -3.00
CA GLN A 114 -21.77 26.65 -2.86
C GLN A 114 -22.24 26.67 -1.41
N THR A 115 -23.12 25.72 -1.06
CA THR A 115 -23.64 25.65 0.30
C THR A 115 -23.58 24.21 0.81
N ASP A 116 -23.55 24.06 2.13
CA ASP A 116 -23.48 22.75 2.73
C ASP A 116 -24.76 21.95 2.44
N LEU A 117 -25.89 22.66 2.42
CA LEU A 117 -27.17 22.02 2.15
C LEU A 117 -27.23 21.49 0.74
N GLU A 118 -26.68 22.25 -0.20
CA GLU A 118 -26.67 21.85 -1.60
C GLU A 118 -28.09 21.67 -2.12
N HIS A 119 -28.63 22.71 -2.74
CA HIS A 119 -29.99 22.65 -3.27
C HIS A 119 -30.07 21.65 -4.42
N HIS A 120 -29.05 21.65 -5.27
CA HIS A 120 -29.00 20.74 -6.41
C HIS A 120 -27.80 19.80 -6.31
N HIS A 121 -27.98 18.57 -6.79
CA HIS A 121 -26.91 17.59 -6.75
C HIS A 121 -26.43 17.26 -8.16
N HIS A 122 -25.12 17.37 -8.36
CA HIS A 122 -24.54 17.08 -9.67
C HIS A 122 -23.61 15.87 -9.59
N HIS A 123 -23.92 14.83 -10.36
CA HIS A 123 -23.10 13.62 -10.38
C HIS A 123 -22.39 13.47 -11.71
N HIS A 124 -21.26 12.78 -11.69
CA HIS A 124 -20.49 12.56 -12.92
C HIS A 124 -21.41 12.28 -14.09
C1 MYR B . -7.07 0.70 8.50
O1 MYR B . -8.09 1.23 8.08
C2 MYR B . -6.07 1.54 9.01
C3 MYR B . -4.74 1.36 8.27
C4 MYR B . -4.64 -0.03 7.64
C5 MYR B . -4.85 0.02 6.13
C6 MYR B . -4.91 -1.39 5.54
C7 MYR B . -4.76 -1.46 4.02
C8 MYR B . -4.83 -2.87 3.41
C9 MYR B . -3.49 -3.42 2.90
C10 MYR B . -3.55 -3.88 1.45
C11 MYR B . -2.39 -4.80 1.06
C12 MYR B . -1.61 -4.26 -0.14
C13 MYR B . -0.71 -3.09 0.26
C14 MYR B . -0.73 -1.98 -0.78
H21 MYR B . -6.37 2.49 8.93
H22 MYR B . -5.92 1.33 9.98
H31 MYR B . -4.66 2.04 7.55
H32 MYR B . -3.98 1.47 8.91
H41 MYR B . -3.73 -0.41 7.83
H42 MYR B . -5.34 -0.63 8.03
H51 MYR B . -5.70 0.50 5.94
H52 MYR B . -4.10 0.52 5.70
H61 MYR B . -4.18 -1.93 5.95
H62 MYR B . -5.79 -1.81 5.78
H71 MYR B . -5.49 -0.90 3.61
H72 MYR B . -3.88 -1.06 3.77
H81 MYR B . -5.19 -3.49 4.10
H82 MYR B . -5.47 -2.84 2.63
H91 MYR B . -2.79 -2.71 2.99
H92 MYR B . -3.23 -4.21 3.47
H101 MYR B . -4.41 -4.36 1.29
H102 MYR B . -3.52 -3.07 0.84
H111 MYR B . -1.76 -4.90 1.84
H112 MYR B . -2.74 -5.71 0.82
H121 MYR B . -1.05 -4.99 -0.53
H122 MYR B . -2.25 -3.94 -0.84
H131 MYR B . -1.01 -2.72 1.14
H132 MYR B . 0.24 -3.42 0.36
H141 MYR B . 0.10 -2.01 -1.32
H142 MYR B . -1.53 -2.10 -1.37
H143 MYR B . -0.79 -1.09 -0.31
N GLY A 1 -9.11 0.73 9.66
CA GLY A 1 -9.52 -0.33 10.59
C GLY A 1 -10.25 -1.44 9.85
N GLN A 2 -11.53 -1.20 9.55
CA GLN A 2 -12.33 -2.20 8.86
C GLN A 2 -11.57 -2.77 7.67
N GLU A 3 -10.93 -1.91 6.90
CA GLU A 3 -10.17 -2.34 5.74
C GLU A 3 -9.34 -3.59 6.08
N LEU A 4 -9.17 -3.84 7.37
CA LEU A 4 -8.40 -5.00 7.81
C LEU A 4 -9.00 -6.27 7.22
N SER A 5 -10.33 -6.34 7.19
CA SER A 5 -11.00 -7.51 6.66
C SER A 5 -10.57 -7.76 5.21
N GLN A 6 -10.52 -6.68 4.43
CA GLN A 6 -10.11 -6.77 3.03
C GLN A 6 -8.65 -7.19 2.93
N HIS A 7 -7.83 -6.64 3.81
CA HIS A 7 -6.41 -6.96 3.82
C HIS A 7 -6.21 -8.46 3.98
N GLU A 8 -7.06 -9.09 4.79
CA GLU A 8 -6.96 -10.53 5.00
C GLU A 8 -7.18 -11.28 3.70
N ARG A 9 -8.37 -11.13 3.12
CA ARG A 9 -8.70 -11.83 1.89
C ARG A 9 -7.60 -11.62 0.85
N TYR A 10 -7.18 -10.38 0.68
CA TYR A 10 -6.13 -10.08 -0.29
C TYR A 10 -4.84 -10.80 0.09
N VAL A 11 -4.43 -10.66 1.33
CA VAL A 11 -3.20 -11.30 1.80
C VAL A 11 -3.16 -12.75 1.33
N GLU A 12 -4.30 -13.41 1.42
CA GLU A 12 -4.38 -14.81 1.02
C GLU A 12 -4.17 -14.96 -0.48
N GLN A 13 -4.62 -13.97 -1.24
CA GLN A 13 -4.46 -14.00 -2.69
C GLN A 13 -2.99 -13.83 -3.08
N LEU A 14 -2.29 -12.94 -2.40
CA LEU A 14 -0.89 -12.70 -2.69
C LEU A 14 -0.05 -13.94 -2.38
N LYS A 15 -0.36 -14.61 -1.29
CA LYS A 15 0.37 -15.80 -0.92
C LYS A 15 0.22 -16.89 -1.97
N GLN A 16 -1.01 -17.08 -2.47
CA GLN A 16 -1.25 -18.11 -3.47
C GLN A 16 -0.38 -17.90 -4.71
N ALA A 17 -0.34 -16.67 -5.20
CA ALA A 17 0.46 -16.37 -6.39
C ALA A 17 1.90 -16.82 -6.19
N LEU A 18 2.51 -16.36 -5.10
CA LEU A 18 3.90 -16.71 -4.79
C LEU A 18 4.02 -18.20 -4.47
N LYS A 19 2.95 -18.77 -3.91
CA LYS A 19 2.95 -20.18 -3.54
C LYS A 19 3.21 -21.06 -4.76
N THR A 20 2.78 -20.59 -5.93
CA THR A 20 2.97 -21.36 -7.15
C THR A 20 4.45 -21.61 -7.38
N ARG A 21 5.24 -20.56 -7.25
CA ARG A 21 6.67 -20.68 -7.48
C ARG A 21 7.26 -21.71 -6.53
N GLY A 22 6.49 -22.07 -5.52
CA GLY A 22 6.94 -23.07 -4.56
C GLY A 22 7.88 -22.46 -3.54
N VAL A 23 8.00 -21.14 -3.56
CA VAL A 23 8.85 -20.43 -2.61
C VAL A 23 8.41 -20.72 -1.18
N LYS A 24 8.59 -21.97 -0.75
CA LYS A 24 8.21 -22.37 0.61
C LYS A 24 6.91 -21.67 1.04
N VAL A 25 6.56 -21.79 2.31
CA VAL A 25 5.35 -21.16 2.80
C VAL A 25 5.72 -20.04 3.78
N LYS A 26 5.71 -18.80 3.30
CA LYS A 26 6.05 -17.65 4.13
C LYS A 26 4.84 -16.76 4.33
N TYR A 27 4.97 -15.76 5.21
CA TYR A 27 3.86 -14.85 5.44
C TYR A 27 4.11 -13.53 4.73
N ALA A 28 3.09 -13.08 4.00
CA ALA A 28 3.17 -11.81 3.28
C ALA A 28 2.70 -10.64 4.14
N ASP A 29 1.62 -10.86 4.90
CA ASP A 29 1.04 -9.81 5.72
C ASP A 29 2.08 -9.19 6.64
N LEU A 30 2.77 -10.01 7.38
CA LEU A 30 3.76 -9.50 8.32
C LEU A 30 4.92 -8.81 7.58
N LEU A 31 5.55 -9.53 6.68
CA LEU A 31 6.69 -9.00 5.95
C LEU A 31 6.30 -7.69 5.27
N LYS A 32 5.12 -7.66 4.69
CA LYS A 32 4.66 -6.45 4.02
C LYS A 32 4.15 -5.43 5.03
N PHE A 33 3.30 -5.87 5.94
CA PHE A 33 2.72 -4.96 6.93
C PHE A 33 3.82 -4.25 7.71
N PHE A 34 4.73 -5.02 8.26
CA PHE A 34 5.82 -4.44 9.04
C PHE A 34 6.71 -3.55 8.16
N ASP A 35 7.15 -4.09 7.02
CA ASP A 35 8.02 -3.35 6.13
C ASP A 35 7.37 -2.03 5.72
N PHE A 36 6.17 -2.10 5.18
CA PHE A 36 5.46 -0.91 4.75
C PHE A 36 5.17 0.02 5.93
N VAL A 37 4.59 -0.55 6.98
CA VAL A 37 4.25 0.25 8.15
C VAL A 37 5.43 1.07 8.60
N LYS A 38 6.55 0.40 8.84
CA LYS A 38 7.75 1.10 9.27
C LYS A 38 8.27 2.02 8.17
N ASP A 39 8.30 1.53 6.94
CA ASP A 39 8.82 2.34 5.84
C ASP A 39 7.98 3.58 5.62
N ILE A 40 6.74 3.41 5.18
CA ILE A 40 5.86 4.54 4.92
C ILE A 40 5.59 5.29 6.20
N CYS A 41 5.34 4.55 7.28
CA CYS A 41 5.05 5.15 8.57
C CYS A 41 6.08 4.73 9.63
N PRO A 42 7.25 5.32 9.62
CA PRO A 42 8.32 4.98 10.60
C PRO A 42 8.10 5.65 11.95
N TRP A 43 7.34 6.73 11.94
CA TRP A 43 7.04 7.48 13.17
C TRP A 43 5.54 7.54 13.44
N PHE A 44 4.76 6.88 12.58
CA PHE A 44 3.30 6.89 12.74
C PHE A 44 2.71 5.58 12.24
N PRO A 45 3.01 4.49 12.90
CA PRO A 45 2.51 3.14 12.51
C PRO A 45 1.04 2.95 12.88
N GLN A 46 0.44 3.98 13.44
CA GLN A 46 -0.97 3.91 13.83
C GLN A 46 -1.86 3.72 12.62
N GLU A 47 -1.62 4.52 11.57
CA GLU A 47 -2.41 4.42 10.36
C GLU A 47 -1.63 3.72 9.24
N GLY A 48 -0.72 4.46 8.61
CA GLY A 48 0.08 3.89 7.53
C GLY A 48 -0.78 3.65 6.29
N THR A 49 -0.56 4.45 5.24
CA THR A 49 -1.31 4.31 4.01
C THR A 49 -0.43 3.73 2.91
N ILE A 50 -1.03 3.38 1.78
CA ILE A 50 -0.28 2.81 0.67
C ILE A 50 0.14 3.91 -0.30
N ASP A 51 1.45 3.99 -0.56
CA ASP A 51 1.96 5.00 -1.48
C ASP A 51 3.01 4.37 -2.40
N ILE A 52 2.97 4.73 -3.67
CA ILE A 52 3.94 4.19 -4.64
C ILE A 52 5.12 5.14 -4.80
N LYS A 53 4.85 6.44 -4.77
CA LYS A 53 5.91 7.44 -4.89
C LYS A 53 6.83 7.42 -3.67
N ARG A 54 6.25 7.33 -2.48
CA ARG A 54 7.05 7.31 -1.27
C ARG A 54 7.79 5.98 -1.13
N TRP A 55 7.04 4.90 -0.96
CA TRP A 55 7.66 3.58 -0.80
C TRP A 55 8.77 3.41 -1.82
N ARG A 56 8.69 4.15 -2.91
CA ARG A 56 9.71 4.06 -3.95
C ARG A 56 10.99 4.77 -3.50
N ARG A 57 10.84 5.98 -2.96
CA ARG A 57 11.99 6.74 -2.51
C ARG A 57 12.72 6.01 -1.38
N VAL A 58 11.97 5.60 -0.37
CA VAL A 58 12.55 4.91 0.77
C VAL A 58 12.86 3.45 0.40
N GLY A 59 12.15 2.96 -0.62
CA GLY A 59 12.35 1.59 -1.08
C GLY A 59 13.74 1.41 -1.68
N ASP A 60 14.13 2.36 -2.52
CA ASP A 60 15.44 2.30 -3.16
C ASP A 60 16.56 2.58 -2.16
N CYS A 61 16.33 3.55 -1.28
CA CYS A 61 17.33 3.90 -0.28
C CYS A 61 17.83 2.64 0.44
N PHE A 62 16.92 2.01 1.19
CA PHE A 62 17.28 0.81 1.93
C PHE A 62 17.69 -0.33 1.00
N GLN A 63 16.90 -0.55 -0.06
CA GLN A 63 17.20 -1.62 -1.00
C GLN A 63 18.53 -1.38 -1.72
N ASP A 64 18.60 -0.27 -2.43
CA ASP A 64 19.82 0.08 -3.16
C ASP A 64 21.02 0.00 -2.23
N TYR A 65 20.77 0.13 -0.94
CA TYR A 65 21.85 0.06 0.05
C TYR A 65 22.14 -1.39 0.40
N TYR A 66 21.09 -2.19 0.57
CA TYR A 66 21.24 -3.59 0.93
C TYR A 66 22.02 -4.33 -0.16
N ASN A 67 21.70 -4.05 -1.40
CA ASN A 67 22.38 -4.69 -2.53
C ASN A 67 23.81 -4.18 -2.65
N THR A 68 23.96 -2.88 -2.84
CA THR A 68 25.28 -2.28 -2.98
C THR A 68 26.18 -2.71 -1.82
N PHE A 69 25.56 -3.21 -0.75
CA PHE A 69 26.31 -3.64 0.43
C PHE A 69 26.77 -5.09 0.26
N GLY A 70 26.52 -5.66 -0.91
CA GLY A 70 26.91 -7.03 -1.19
C GLY A 70 26.41 -7.98 -0.10
N PRO A 71 25.13 -8.26 -0.11
CA PRO A 71 24.49 -9.17 0.89
C PRO A 71 24.71 -10.64 0.54
N GLU A 72 24.61 -11.51 1.55
CA GLU A 72 24.80 -12.94 1.33
C GLU A 72 23.44 -13.65 1.26
N LYS A 73 22.37 -12.91 1.49
CA LYS A 73 21.03 -13.48 1.45
C LYS A 73 20.20 -12.79 0.39
N VAL A 74 20.87 -12.29 -0.65
CA VAL A 74 20.18 -11.59 -1.71
C VAL A 74 18.94 -12.38 -2.14
N PRO A 75 17.74 -11.96 -1.72
CA PRO A 75 16.48 -12.67 -2.05
C PRO A 75 15.95 -12.31 -3.44
N VAL A 76 15.32 -13.28 -4.09
CA VAL A 76 14.76 -13.06 -5.41
C VAL A 76 13.49 -12.22 -5.32
N ILE A 77 12.85 -12.25 -4.16
CA ILE A 77 11.63 -11.50 -3.96
C ILE A 77 11.81 -10.06 -4.45
N ALA A 78 13.06 -9.60 -4.47
CA ALA A 78 13.33 -8.23 -4.92
C ALA A 78 12.72 -7.99 -6.28
N PHE A 79 13.17 -8.74 -7.28
CA PHE A 79 12.65 -8.57 -8.61
C PHE A 79 11.12 -8.53 -8.60
N SER A 80 10.53 -9.42 -7.82
CA SER A 80 9.08 -9.47 -7.72
C SER A 80 8.52 -8.14 -7.24
N TYR A 81 9.19 -7.55 -6.24
CA TYR A 81 8.74 -6.27 -5.70
C TYR A 81 8.72 -5.20 -6.78
N TRP A 82 8.37 -3.98 -6.39
CA TRP A 82 8.30 -2.87 -7.33
C TRP A 82 7.17 -3.08 -8.35
N ASN A 83 7.36 -4.06 -9.23
CA ASN A 83 6.36 -4.37 -10.24
C ASN A 83 5.04 -4.75 -9.59
N LEU A 84 5.14 -5.54 -8.53
CA LEU A 84 3.95 -5.96 -7.80
C LEU A 84 3.24 -4.77 -7.18
N ILE A 85 4.01 -3.79 -6.73
CA ILE A 85 3.43 -2.62 -6.08
C ILE A 85 2.45 -1.92 -7.03
N LYS A 86 2.86 -1.74 -8.28
CA LYS A 86 1.99 -1.08 -9.24
C LYS A 86 0.69 -1.88 -9.43
N GLU A 87 0.83 -3.14 -9.79
CA GLU A 87 -0.34 -3.98 -9.99
C GLU A 87 -1.17 -4.06 -8.72
N LEU A 88 -0.53 -3.76 -7.60
CA LEU A 88 -1.22 -3.81 -6.31
C LEU A 88 -2.34 -2.79 -6.26
N ILE A 89 -1.99 -1.54 -6.52
CA ILE A 89 -2.97 -0.46 -6.48
C ILE A 89 -4.09 -0.76 -7.46
N ASP A 90 -3.76 -1.42 -8.56
CA ASP A 90 -4.75 -1.74 -9.57
C ASP A 90 -5.85 -2.64 -8.98
N LYS A 91 -5.45 -3.85 -8.59
CA LYS A 91 -6.40 -4.80 -8.02
C LYS A 91 -7.04 -4.21 -6.76
N LYS A 92 -6.23 -3.51 -5.96
CA LYS A 92 -6.72 -2.89 -4.75
C LYS A 92 -7.68 -1.75 -5.08
N GLU A 93 -7.69 -1.34 -6.33
CA GLU A 93 -8.59 -0.27 -6.77
C GLU A 93 -10.05 -0.68 -6.55
N VAL A 94 -10.27 -1.93 -6.14
CA VAL A 94 -11.63 -2.43 -5.95
C VAL A 94 -12.50 -1.41 -5.22
N ASN A 95 -12.15 -1.10 -3.98
CA ASN A 95 -12.90 -0.10 -3.20
C ASN A 95 -12.52 -0.17 -1.71
N PRO A 96 -11.26 0.03 -1.38
CA PRO A 96 -10.78 0.01 0.02
C PRO A 96 -10.84 1.39 0.65
N GLN A 97 -10.10 1.57 1.73
CA GLN A 97 -10.07 2.86 2.42
C GLN A 97 -9.43 3.92 1.54
N VAL A 98 -8.67 3.48 0.54
CA VAL A 98 -8.00 4.41 -0.36
C VAL A 98 -9.04 5.27 -1.07
N MET A 99 -10.08 4.63 -1.58
CA MET A 99 -11.14 5.35 -2.27
C MET A 99 -11.97 6.15 -1.28
N ALA A 100 -12.13 5.62 -0.08
CA ALA A 100 -12.92 6.30 0.94
C ALA A 100 -12.33 7.68 1.22
N ALA A 101 -11.03 7.72 1.47
CA ALA A 101 -10.37 8.98 1.76
C ALA A 101 -10.75 10.03 0.72
N VAL A 102 -11.29 9.57 -0.41
CA VAL A 102 -11.73 10.50 -1.46
C VAL A 102 -13.24 10.69 -1.43
N ALA A 103 -13.97 9.58 -1.39
CA ALA A 103 -15.42 9.63 -1.34
C ALA A 103 -15.89 10.07 0.03
N GLN A 104 -14.97 10.64 0.80
CA GLN A 104 -15.29 11.10 2.14
C GLN A 104 -14.66 12.48 2.38
N THR A 105 -13.38 12.60 2.08
CA THR A 105 -12.68 13.87 2.28
C THR A 105 -13.20 14.93 1.32
N GLU A 106 -13.85 14.49 0.26
CA GLU A 106 -14.40 15.41 -0.75
C GLU A 106 -13.28 16.28 -1.33
N GLU A 107 -12.39 15.66 -2.10
CA GLU A 107 -11.28 16.39 -2.70
C GLU A 107 -11.78 17.31 -3.81
N ILE A 108 -11.05 18.39 -4.04
CA ILE A 108 -11.43 19.35 -5.08
C ILE A 108 -11.16 18.77 -6.47
N LEU A 109 -10.36 17.72 -6.52
CA LEU A 109 -10.04 17.08 -7.80
C LEU A 109 -11.30 16.54 -8.46
N LYS A 110 -12.19 15.98 -7.65
CA LYS A 110 -13.43 15.44 -8.18
C LYS A 110 -14.23 16.54 -8.89
N SER A 111 -14.32 17.69 -8.25
CA SER A 111 -15.07 18.81 -8.81
C SER A 111 -16.46 18.33 -9.23
N ASN A 112 -16.69 18.26 -10.53
CA ASN A 112 -18.00 17.82 -11.05
C ASN A 112 -18.25 16.35 -10.72
N SER A 113 -17.21 15.53 -10.86
CA SER A 113 -17.34 14.10 -10.59
C SER A 113 -15.97 13.50 -10.26
N GLN A 114 -15.98 12.30 -9.68
CA GLN A 114 -14.74 11.62 -9.32
C GLN A 114 -13.67 11.85 -10.38
N THR A 115 -14.09 11.97 -11.63
CA THR A 115 -13.15 12.19 -12.72
C THR A 115 -12.73 13.66 -12.78
N ASP A 116 -11.42 13.91 -12.67
CA ASP A 116 -10.92 15.28 -12.72
C ASP A 116 -11.01 15.84 -14.13
N LEU A 117 -10.79 14.96 -15.11
CA LEU A 117 -10.83 15.37 -16.52
C LEU A 117 -12.21 15.86 -16.89
N GLU A 118 -13.23 15.18 -16.38
CA GLU A 118 -14.62 15.56 -16.66
C GLU A 118 -14.89 15.53 -18.16
N HIS A 119 -13.95 14.96 -18.91
CA HIS A 119 -14.09 14.87 -20.37
C HIS A 119 -15.32 14.04 -20.72
N HIS A 120 -15.53 12.96 -20.00
CA HIS A 120 -16.67 12.08 -20.25
C HIS A 120 -17.93 12.64 -19.61
N HIS A 121 -19.03 12.65 -20.37
CA HIS A 121 -20.29 13.16 -19.85
C HIS A 121 -20.83 12.26 -18.74
N HIS A 122 -21.68 12.83 -17.88
CA HIS A 122 -22.25 12.06 -16.79
C HIS A 122 -23.73 12.38 -16.63
N HIS A 123 -24.58 11.43 -17.02
CA HIS A 123 -26.03 11.61 -16.93
C HIS A 123 -26.61 10.67 -15.89
N HIS A 124 -27.78 11.03 -15.36
CA HIS A 124 -28.45 10.19 -14.35
C HIS A 124 -27.43 9.64 -13.36
C1 MYR B . -7.98 1.41 9.86
O1 MYR B . -7.23 1.21 10.81
C2 MYR B . -7.52 1.07 8.59
C3 MYR B . -6.01 1.34 8.46
C4 MYR B . -5.29 0.15 7.82
C5 MYR B . -5.40 0.17 6.30
C6 MYR B . -4.85 -1.12 5.69
C7 MYR B . -4.44 -1.01 4.22
C8 MYR B . -5.00 -2.10 3.30
C9 MYR B . -4.04 -3.29 3.04
C10 MYR B . -4.13 -3.82 1.60
C11 MYR B . -3.21 -5.03 1.36
C12 MYR B . -2.11 -4.70 0.36
C13 MYR B . -1.15 -3.64 0.92
C14 MYR B . -1.37 -2.29 0.27
H21 MYR B . -7.70 0.11 8.41
H22 MYR B . -8.00 1.62 7.89
H31 MYR B . -5.86 2.14 7.89
H32 MYR B . -5.62 1.50 9.36
H41 MYR B . -4.33 0.18 8.08
H42 MYR B . -5.70 -0.71 8.15
H51 MYR B . -6.36 0.28 6.03
H52 MYR B . -4.87 0.95 5.93
H61 MYR B . -4.05 -1.40 6.22
H62 MYR B . -5.55 -1.83 5.76
H71 MYR B . -4.74 -0.13 3.88
H72 MYR B . -3.44 -1.06 4.17
H81 MYR B . -5.85 -2.46 3.70
H82 MYR B . -5.22 -1.68 2.41
H91 MYR B . -3.11 -2.99 3.23
H92 MYR B . -4.29 -4.03 3.66
H101 MYR B . -5.08 -4.08 1.41
H102 MYR B . -3.86 -3.09 0.97
H111 MYR B . -2.81 -5.32 2.22
H112 MYR B . -3.76 -5.79 0.99
H121 MYR B . -1.60 -5.53 0.14
H122 MYR B . -2.52 -4.34 -0.49
H131 MYR B . -1.30 -3.56 1.91
H132 MYR B . -0.21 -3.94 0.75
H141 MYR B . -0.86 -2.25 -0.59
H142 MYR B . -2.34 -2.16 0.08
H143 MYR B . -1.05 -1.57 0.89
N GLY A 1 -12.62 0.18 7.83
CA GLY A 1 -13.92 -0.48 7.88
C GLY A 1 -13.88 -1.81 7.13
N GLN A 2 -14.84 -2.00 6.24
CA GLN A 2 -14.91 -3.24 5.46
C GLN A 2 -13.52 -3.65 4.98
N GLU A 3 -12.62 -2.68 4.90
CA GLU A 3 -11.25 -2.95 4.47
C GLU A 3 -10.64 -4.06 5.32
N LEU A 4 -11.38 -4.52 6.32
CA LEU A 4 -10.90 -5.58 7.18
C LEU A 4 -10.88 -6.92 6.44
N SER A 5 -11.96 -7.20 5.71
CA SER A 5 -12.04 -8.43 4.95
C SER A 5 -11.11 -8.39 3.74
N GLN A 6 -10.92 -7.19 3.19
CA GLN A 6 -10.05 -7.01 2.05
C GLN A 6 -8.60 -7.26 2.44
N HIS A 7 -8.20 -6.69 3.57
CA HIS A 7 -6.83 -6.86 4.06
C HIS A 7 -6.51 -8.33 4.26
N GLU A 8 -7.43 -9.05 4.90
CA GLU A 8 -7.22 -10.48 5.15
C GLU A 8 -7.25 -11.25 3.83
N ARG A 9 -8.35 -11.12 3.10
CA ARG A 9 -8.49 -11.82 1.82
C ARG A 9 -7.30 -11.56 0.93
N TYR A 10 -6.86 -10.30 0.87
CA TYR A 10 -5.74 -9.94 0.04
C TYR A 10 -4.50 -10.73 0.44
N VAL A 11 -4.09 -10.59 1.69
CA VAL A 11 -2.92 -11.29 2.18
C VAL A 11 -2.90 -12.72 1.66
N GLU A 12 -4.07 -13.34 1.62
CA GLU A 12 -4.18 -14.72 1.16
C GLU A 12 -3.91 -14.81 -0.35
N GLN A 13 -4.29 -13.76 -1.07
CA GLN A 13 -4.08 -13.73 -2.51
C GLN A 13 -2.60 -13.58 -2.87
N LEU A 14 -1.93 -12.66 -2.18
CA LEU A 14 -0.51 -12.43 -2.44
C LEU A 14 0.30 -13.68 -2.18
N LYS A 15 -0.06 -14.39 -1.12
CA LYS A 15 0.65 -15.62 -0.78
C LYS A 15 0.49 -16.66 -1.86
N GLN A 16 -0.70 -16.77 -2.44
CA GLN A 16 -0.95 -17.74 -3.49
C GLN A 16 -0.10 -17.43 -4.73
N ALA A 17 -0.07 -16.15 -5.10
CA ALA A 17 0.70 -15.75 -6.28
C ALA A 17 2.15 -16.21 -6.16
N LEU A 18 2.81 -15.78 -5.10
CA LEU A 18 4.21 -16.15 -4.87
C LEU A 18 4.34 -17.66 -4.75
N LYS A 19 3.26 -18.32 -4.35
CA LYS A 19 3.27 -19.76 -4.19
C LYS A 19 3.51 -20.45 -5.54
N THR A 20 2.99 -19.84 -6.60
CA THR A 20 3.14 -20.41 -7.94
C THR A 20 4.58 -20.30 -8.41
N ARG A 21 5.39 -19.53 -7.68
CA ARG A 21 6.79 -19.35 -8.04
C ARG A 21 7.64 -20.48 -7.46
N GLY A 22 7.00 -21.38 -6.73
CA GLY A 22 7.71 -22.50 -6.12
C GLY A 22 8.42 -22.06 -4.84
N VAL A 23 8.24 -20.79 -4.47
CA VAL A 23 8.88 -20.26 -3.27
C VAL A 23 8.31 -20.94 -2.02
N LYS A 24 9.15 -21.07 -1.00
CA LYS A 24 8.72 -21.70 0.24
C LYS A 24 7.40 -21.10 0.73
N VAL A 25 7.03 -21.44 1.97
CA VAL A 25 5.79 -20.93 2.54
C VAL A 25 6.07 -19.93 3.65
N LYS A 26 5.87 -18.65 3.34
CA LYS A 26 6.10 -17.59 4.32
C LYS A 26 4.84 -16.76 4.52
N TYR A 27 4.88 -15.82 5.46
CA TYR A 27 3.73 -14.99 5.74
C TYR A 27 3.87 -13.65 5.02
N ALA A 28 2.80 -13.22 4.36
CA ALA A 28 2.78 -11.95 3.65
C ALA A 28 2.40 -10.80 4.57
N ASP A 29 1.36 -11.02 5.38
CA ASP A 29 0.89 -9.99 6.28
C ASP A 29 2.00 -9.44 7.13
N LEU A 30 2.69 -10.32 7.84
CA LEU A 30 3.77 -9.88 8.71
C LEU A 30 4.90 -9.22 7.93
N LEU A 31 5.51 -9.98 7.03
CA LEU A 31 6.62 -9.47 6.23
C LEU A 31 6.25 -8.13 5.61
N LYS A 32 5.04 -8.05 5.06
CA LYS A 32 4.60 -6.81 4.44
C LYS A 32 4.18 -5.79 5.49
N PHE A 33 3.34 -6.19 6.42
CA PHE A 33 2.87 -5.27 7.45
C PHE A 33 4.03 -4.53 8.07
N PHE A 34 4.92 -5.26 8.73
CA PHE A 34 6.07 -4.63 9.38
C PHE A 34 6.87 -3.79 8.40
N ASP A 35 7.22 -4.38 7.25
CA ASP A 35 8.01 -3.66 6.26
C ASP A 35 7.33 -2.39 5.82
N PHE A 36 6.16 -2.53 5.22
CA PHE A 36 5.42 -1.36 4.73
C PHE A 36 5.14 -0.37 5.85
N VAL A 37 4.38 -0.80 6.85
CA VAL A 37 4.03 0.07 7.96
C VAL A 37 5.23 0.86 8.43
N LYS A 38 6.35 0.18 8.63
CA LYS A 38 7.56 0.84 9.10
C LYS A 38 8.19 1.66 7.98
N ASP A 39 7.86 1.33 6.75
CA ASP A 39 8.44 2.04 5.61
C ASP A 39 7.72 3.36 5.36
N ILE A 40 6.49 3.28 4.90
CA ILE A 40 5.71 4.47 4.61
C ILE A 40 5.37 5.24 5.88
N CYS A 41 5.00 4.50 6.92
CA CYS A 41 4.64 5.11 8.19
C CYS A 41 5.58 4.66 9.31
N PRO A 42 6.78 5.20 9.33
CA PRO A 42 7.79 4.86 10.38
C PRO A 42 7.49 5.54 11.71
N TRP A 43 6.71 6.61 11.66
CA TRP A 43 6.35 7.36 12.86
C TRP A 43 4.84 7.48 13.01
N PHE A 44 4.10 6.77 12.16
CA PHE A 44 2.65 6.83 12.20
C PHE A 44 2.04 5.51 11.71
N PRO A 45 2.30 4.45 12.41
CA PRO A 45 1.79 3.09 12.06
C PRO A 45 0.30 2.94 12.36
N GLN A 46 -0.32 4.02 12.82
CA GLN A 46 -1.74 3.99 13.15
C GLN A 46 -2.57 3.67 11.91
N GLU A 47 -2.30 4.38 10.81
CA GLU A 47 -3.03 4.15 9.57
C GLU A 47 -2.11 3.55 8.51
N GLY A 48 -1.27 4.39 7.92
CA GLY A 48 -0.34 3.93 6.90
C GLY A 48 -1.07 3.49 5.64
N THR A 49 -1.02 4.34 4.61
CA THR A 49 -1.67 4.02 3.34
C THR A 49 -0.60 3.70 2.29
N ILE A 50 -0.81 2.60 1.58
CA ILE A 50 0.13 2.18 0.54
C ILE A 50 0.51 3.35 -0.34
N ASP A 51 1.81 3.56 -0.54
CA ASP A 51 2.30 4.65 -1.37
C ASP A 51 3.33 4.16 -2.36
N ILE A 52 3.27 4.67 -3.58
CA ILE A 52 4.21 4.28 -4.62
C ILE A 52 5.39 5.25 -4.67
N LYS A 53 5.10 6.54 -4.49
CA LYS A 53 6.15 7.55 -4.51
C LYS A 53 7.13 7.34 -3.37
N ARG A 54 6.61 7.08 -2.17
CA ARG A 54 7.46 6.87 -1.02
C ARG A 54 8.15 5.52 -1.09
N TRP A 55 7.37 4.45 -1.02
CA TRP A 55 7.92 3.10 -1.06
C TRP A 55 9.03 3.03 -2.10
N ARG A 56 8.93 3.87 -3.13
CA ARG A 56 9.95 3.90 -4.17
C ARG A 56 11.24 4.54 -3.66
N ARG A 57 11.09 5.70 -3.02
CA ARG A 57 12.26 6.40 -2.48
C ARG A 57 12.95 5.59 -1.40
N VAL A 58 12.19 5.22 -0.38
CA VAL A 58 12.74 4.44 0.73
C VAL A 58 13.07 3.02 0.28
N GLY A 59 12.41 2.58 -0.80
CA GLY A 59 12.64 1.24 -1.32
C GLY A 59 14.03 1.11 -1.93
N ASP A 60 14.39 2.07 -2.76
CA ASP A 60 15.69 2.06 -3.42
C ASP A 60 16.81 2.25 -2.40
N CYS A 61 16.57 3.14 -1.43
CA CYS A 61 17.57 3.42 -0.41
C CYS A 61 18.04 2.13 0.26
N PHE A 62 17.14 1.49 0.99
CA PHE A 62 17.48 0.24 1.68
C PHE A 62 17.90 -0.83 0.68
N GLN A 63 17.13 -0.96 -0.40
CA GLN A 63 17.43 -1.98 -1.40
C GLN A 63 18.76 -1.70 -2.09
N ASP A 64 18.85 -0.56 -2.77
CA ASP A 64 20.08 -0.18 -3.46
C ASP A 64 21.27 -0.26 -2.52
N TYR A 65 21.00 -0.12 -1.22
CA TYR A 65 22.07 -0.16 -0.24
C TYR A 65 22.39 -1.61 0.15
N TYR A 66 21.35 -2.41 0.34
CA TYR A 66 21.52 -3.81 0.71
C TYR A 66 22.27 -4.56 -0.38
N ASN A 67 21.91 -4.29 -1.63
CA ASN A 67 22.57 -4.95 -2.76
C ASN A 67 24.01 -4.46 -2.90
N THR A 68 24.18 -3.16 -3.11
CA THR A 68 25.51 -2.58 -3.28
C THR A 68 26.42 -3.04 -2.14
N PHE A 69 25.82 -3.43 -1.02
CA PHE A 69 26.58 -3.89 0.14
C PHE A 69 27.04 -5.33 -0.05
N GLY A 70 26.74 -5.89 -1.21
CA GLY A 70 27.12 -7.27 -1.51
C GLY A 70 26.66 -8.20 -0.39
N PRO A 71 25.39 -8.49 -0.32
CA PRO A 71 24.80 -9.36 0.72
C PRO A 71 25.04 -10.85 0.44
N GLU A 72 24.92 -11.67 1.48
CA GLU A 72 25.13 -13.11 1.32
C GLU A 72 23.79 -13.83 1.21
N LYS A 73 22.70 -13.09 1.40
CA LYS A 73 21.37 -13.67 1.33
C LYS A 73 20.53 -12.95 0.29
N VAL A 74 21.17 -12.49 -0.78
CA VAL A 74 20.48 -11.75 -1.83
C VAL A 74 19.18 -12.47 -2.20
N PRO A 75 18.05 -11.99 -1.72
CA PRO A 75 16.72 -12.61 -2.00
C PRO A 75 16.15 -12.19 -3.34
N VAL A 76 15.45 -13.10 -3.99
CA VAL A 76 14.83 -12.81 -5.28
C VAL A 76 13.57 -11.97 -5.09
N ILE A 77 13.02 -12.00 -3.88
CA ILE A 77 11.81 -11.25 -3.58
C ILE A 77 11.98 -9.79 -3.99
N ALA A 78 13.24 -9.35 -4.07
CA ALA A 78 13.52 -7.97 -4.45
C ALA A 78 12.91 -7.64 -5.81
N PHE A 79 13.39 -8.30 -6.85
CA PHE A 79 12.88 -8.05 -8.19
C PHE A 79 11.36 -7.91 -8.17
N SER A 80 10.72 -8.64 -7.27
CA SER A 80 9.27 -8.60 -7.15
C SER A 80 8.80 -7.18 -6.81
N TYR A 81 9.58 -6.48 -6.00
CA TYR A 81 9.24 -5.13 -5.58
C TYR A 81 8.96 -4.25 -6.81
N TRP A 82 8.34 -3.11 -6.56
CA TRP A 82 8.02 -2.18 -7.64
C TRP A 82 6.91 -2.74 -8.53
N ASN A 83 7.16 -3.93 -9.09
CA ASN A 83 6.19 -4.57 -9.96
C ASN A 83 4.91 -4.88 -9.19
N LEU A 84 5.06 -5.37 -7.97
CA LEU A 84 3.92 -5.70 -7.14
C LEU A 84 3.22 -4.45 -6.65
N ILE A 85 4.00 -3.41 -6.36
CA ILE A 85 3.43 -2.17 -5.86
C ILE A 85 2.39 -1.62 -6.83
N LYS A 86 2.72 -1.63 -8.12
CA LYS A 86 1.80 -1.12 -9.12
C LYS A 86 0.57 -2.02 -9.23
N GLU A 87 0.80 -3.29 -9.57
CA GLU A 87 -0.31 -4.23 -9.71
C GLU A 87 -1.14 -4.28 -8.43
N LEU A 88 -0.55 -3.84 -7.33
CA LEU A 88 -1.23 -3.85 -6.05
C LEU A 88 -2.33 -2.78 -6.00
N ILE A 89 -1.94 -1.55 -6.28
CA ILE A 89 -2.90 -0.46 -6.26
C ILE A 89 -4.08 -0.76 -7.17
N ASP A 90 -3.80 -1.42 -8.30
CA ASP A 90 -4.85 -1.75 -9.25
C ASP A 90 -5.91 -2.63 -8.59
N LYS A 91 -5.50 -3.82 -8.17
CA LYS A 91 -6.43 -4.74 -7.51
C LYS A 91 -6.96 -4.11 -6.22
N LYS A 92 -6.35 -3.00 -5.81
CA LYS A 92 -6.78 -2.32 -4.59
C LYS A 92 -7.85 -1.30 -4.90
N GLU A 93 -8.07 -1.04 -6.18
CA GLU A 93 -9.10 -0.08 -6.60
C GLU A 93 -10.43 -0.36 -5.88
N VAL A 94 -10.48 -1.48 -5.16
CA VAL A 94 -11.69 -1.85 -4.44
C VAL A 94 -12.25 -0.66 -3.68
N ASN A 95 -11.42 0.37 -3.50
CA ASN A 95 -11.85 1.58 -2.80
C ASN A 95 -11.78 1.40 -1.29
N PRO A 96 -10.60 1.22 -0.76
CA PRO A 96 -10.37 1.06 0.69
C PRO A 96 -10.12 2.39 1.39
N GLN A 97 -9.03 2.46 2.16
CA GLN A 97 -8.67 3.68 2.86
C GLN A 97 -8.14 4.72 1.89
N VAL A 98 -7.60 4.26 0.77
CA VAL A 98 -7.04 5.16 -0.23
C VAL A 98 -8.11 6.13 -0.71
N MET A 99 -9.31 5.62 -0.96
CA MET A 99 -10.42 6.45 -1.40
C MET A 99 -10.95 7.30 -0.25
N ALA A 100 -10.76 6.82 0.98
CA ALA A 100 -11.21 7.54 2.15
C ALA A 100 -10.37 8.79 2.37
N ALA A 101 -9.05 8.63 2.29
CA ALA A 101 -8.14 9.75 2.47
C ALA A 101 -8.56 10.92 1.58
N VAL A 102 -9.48 10.66 0.65
CA VAL A 102 -9.95 11.70 -0.25
C VAL A 102 -11.28 12.26 0.25
N ALA A 103 -12.23 11.37 0.52
CA ALA A 103 -13.53 11.80 1.01
C ALA A 103 -13.39 12.46 2.37
N GLN A 104 -12.21 12.30 2.99
CA GLN A 104 -11.96 12.89 4.29
C GLN A 104 -11.11 14.15 4.15
N THR A 105 -9.92 14.01 3.58
CA THR A 105 -9.03 15.14 3.39
C THR A 105 -9.68 16.20 2.50
N GLU A 106 -10.35 15.74 1.45
CA GLU A 106 -11.02 16.66 0.52
C GLU A 106 -12.50 16.31 0.40
N GLU A 107 -13.32 16.85 1.29
CA GLU A 107 -14.74 16.59 1.26
C GLU A 107 -15.40 17.28 0.06
N ILE A 108 -16.35 16.60 -0.56
CA ILE A 108 -17.05 17.15 -1.71
C ILE A 108 -17.92 18.34 -1.29
N LEU A 109 -18.15 18.46 0.01
CA LEU A 109 -18.97 19.55 0.53
C LEU A 109 -18.32 20.90 0.23
N LYS A 110 -17.00 20.96 0.39
CA LYS A 110 -16.28 22.20 0.14
C LYS A 110 -16.43 22.62 -1.32
N SER A 111 -16.55 21.62 -2.21
CA SER A 111 -16.69 21.90 -3.63
C SER A 111 -15.57 22.81 -4.12
N ASN A 112 -15.90 23.70 -5.04
CA ASN A 112 -14.91 24.63 -5.58
C ASN A 112 -14.40 25.56 -4.49
N SER A 113 -15.30 26.01 -3.64
CA SER A 113 -14.93 26.90 -2.54
C SER A 113 -14.43 26.11 -1.34
N GLN A 114 -14.12 26.81 -0.26
CA GLN A 114 -13.64 26.14 0.94
C GLN A 114 -14.71 26.15 2.03
N THR A 115 -15.91 26.62 1.67
CA THR A 115 -17.01 26.69 2.62
C THR A 115 -18.11 25.71 2.22
N ASP A 116 -18.65 24.99 3.19
CA ASP A 116 -19.72 24.03 2.94
C ASP A 116 -21.04 24.76 2.71
N LEU A 117 -21.17 25.94 3.31
CA LEU A 117 -22.39 26.72 3.16
C LEU A 117 -22.60 27.13 1.71
N GLU A 118 -21.51 27.53 1.05
CA GLU A 118 -21.59 27.95 -0.34
C GLU A 118 -22.69 29.00 -0.52
N HIS A 119 -22.30 30.27 -0.49
CA HIS A 119 -23.26 31.34 -0.67
C HIS A 119 -23.98 31.23 -2.01
N HIS A 120 -23.21 30.91 -3.06
CA HIS A 120 -23.79 30.79 -4.39
C HIS A 120 -24.87 29.72 -4.41
N HIS A 121 -24.56 28.55 -3.86
CA HIS A 121 -25.52 27.46 -3.81
C HIS A 121 -26.13 27.33 -2.42
N HIS A 122 -27.44 27.52 -2.32
CA HIS A 122 -28.12 27.42 -1.04
C HIS A 122 -29.44 26.66 -1.20
N HIS A 123 -29.44 25.39 -0.83
CA HIS A 123 -30.64 24.57 -0.94
C HIS A 123 -31.16 24.19 0.45
N HIS A 124 -32.48 24.20 0.60
CA HIS A 124 -33.09 23.86 1.88
C HIS A 124 -32.99 22.35 2.14
C1 MYR B . -11.75 0.05 8.81
O1 MYR B . -11.95 -0.64 9.81
C2 MYR B . -10.79 -0.43 7.91
C3 MYR B . -9.45 0.32 8.03
C4 MYR B . -8.28 -0.55 7.61
C5 MYR B . -7.76 -0.17 6.23
C6 MYR B . -6.88 -1.28 5.65
C7 MYR B . -6.04 -0.88 4.43
C8 MYR B . -5.73 -2.00 3.44
C9 MYR B . -4.26 -2.41 3.37
C10 MYR B . -3.83 -2.93 1.99
C11 MYR B . -3.01 -4.24 2.07
C12 MYR B . -2.18 -4.44 0.80
C13 MYR B . -0.96 -3.51 0.78
C14 MYR B . -0.51 -3.14 2.18
H21 MYR B . -10.63 -1.40 8.08
H22 MYR B . -11.13 -0.33 6.97
H31 MYR B . -9.49 1.13 7.44
H32 MYR B . -9.32 0.61 8.98
H41 MYR B . -7.54 -0.45 8.28
H42 MYR B . -8.56 -1.51 7.59
H51 MYR B . -8.52 0.01 5.61
H52 MYR B . -7.20 0.67 6.30
H61 MYR B . -6.27 -1.62 6.36
H62 MYR B . -7.48 -2.04 5.36
H71 MYR B . -6.53 -0.16 3.94
H72 MYR B . -5.17 -0.51 4.76
H81 MYR B . -6.27 -2.81 3.69
H82 MYR B . -6.00 -1.69 2.52
H91 MYR B . -3.68 -1.62 3.61
H92 MYR B . -4.08 -3.14 4.05
H101 MYR B . -4.66 -3.11 1.46
H102 MYR B . -3.28 -2.23 1.53
H111 MYR B . -2.41 -4.20 2.86
H112 MYR B . -3.64 -5.02 2.17
H121 MYR B . -1.87 -5.39 0.76
H122 MYR B . -2.75 -4.24 0.00
H131 MYR B . -0.21 -3.97 0.31
H132 MYR B . -1.19 -2.67 0.28
H141 MYR B . -1.10 -2.41 2.54
H142 MYR B . -0.58 -3.94 2.78
H143 MYR B . 0.44 -2.83 2.16
N GLY A 1 -7.47 1.21 9.55
CA GLY A 1 -8.29 0.38 10.44
C GLY A 1 -9.09 -0.64 9.64
N GLN A 2 -10.32 -0.28 9.27
CA GLN A 2 -11.17 -1.18 8.51
C GLN A 2 -10.39 -1.85 7.40
N GLU A 3 -9.63 -1.05 6.65
CA GLU A 3 -8.83 -1.59 5.56
C GLU A 3 -8.16 -2.90 5.96
N LEU A 4 -8.09 -3.14 7.26
CA LEU A 4 -7.47 -4.36 7.77
C LEU A 4 -8.17 -5.59 7.19
N SER A 5 -9.49 -5.55 7.15
CA SER A 5 -10.26 -6.67 6.61
C SER A 5 -9.84 -6.96 5.17
N GLN A 6 -9.69 -5.90 4.39
CA GLN A 6 -9.29 -6.05 2.99
C GLN A 6 -7.86 -6.58 2.92
N HIS A 7 -7.00 -6.07 3.79
CA HIS A 7 -5.61 -6.50 3.81
C HIS A 7 -5.53 -8.01 4.05
N GLU A 8 -6.42 -8.51 4.90
CA GLU A 8 -6.44 -9.94 5.20
C GLU A 8 -6.68 -10.75 3.93
N ARG A 9 -7.83 -10.53 3.30
CA ARG A 9 -8.16 -11.26 2.09
C ARG A 9 -7.04 -11.14 1.06
N TYR A 10 -6.52 -9.92 0.91
CA TYR A 10 -5.44 -9.69 -0.03
C TYR A 10 -4.22 -10.52 0.33
N VAL A 11 -3.80 -10.43 1.59
CA VAL A 11 -2.64 -11.17 2.05
C VAL A 11 -2.70 -12.62 1.56
N GLU A 12 -3.90 -13.16 1.52
CA GLU A 12 -4.08 -14.54 1.06
C GLU A 12 -3.81 -14.65 -0.43
N GLN A 13 -4.21 -13.62 -1.17
CA GLN A 13 -4.01 -13.62 -2.62
C GLN A 13 -2.53 -13.51 -2.96
N LEU A 14 -1.82 -12.64 -2.26
CA LEU A 14 -0.40 -12.45 -2.50
C LEU A 14 0.39 -13.73 -2.22
N LYS A 15 0.01 -14.43 -1.16
CA LYS A 15 0.68 -15.66 -0.81
C LYS A 15 0.54 -16.68 -1.92
N GLN A 16 -0.63 -16.75 -2.55
CA GLN A 16 -0.85 -17.71 -3.62
C GLN A 16 0.10 -17.45 -4.79
N ALA A 17 0.18 -16.19 -5.21
CA ALA A 17 1.05 -15.83 -6.33
C ALA A 17 2.47 -16.31 -6.08
N LEU A 18 3.07 -15.85 -4.98
CA LEU A 18 4.45 -16.24 -4.65
C LEU A 18 4.56 -17.75 -4.52
N LYS A 19 3.46 -18.40 -4.18
CA LYS A 19 3.45 -19.85 -4.05
C LYS A 19 3.69 -20.52 -5.40
N THR A 20 3.23 -19.87 -6.47
CA THR A 20 3.40 -20.41 -7.82
C THR A 20 4.84 -20.27 -8.29
N ARG A 21 5.61 -19.44 -7.60
CA ARG A 21 7.00 -19.22 -7.96
C ARG A 21 7.88 -20.36 -7.44
N GLY A 22 7.25 -21.35 -6.82
CA GLY A 22 7.97 -22.49 -6.29
C GLY A 22 8.71 -22.13 -5.01
N VAL A 23 8.55 -20.88 -4.59
CA VAL A 23 9.20 -20.39 -3.37
C VAL A 23 8.62 -21.09 -2.14
N LYS A 24 9.43 -21.16 -1.08
CA LYS A 24 8.97 -21.79 0.16
C LYS A 24 7.66 -21.17 0.64
N VAL A 25 7.29 -21.47 1.87
CA VAL A 25 6.06 -20.93 2.46
C VAL A 25 6.37 -19.92 3.56
N LYS A 26 6.18 -18.65 3.25
CA LYS A 26 6.45 -17.58 4.22
C LYS A 26 5.23 -16.69 4.38
N TYR A 27 5.03 -16.14 5.58
CA TYR A 27 3.88 -15.29 5.82
C TYR A 27 4.05 -13.96 5.09
N ALA A 28 3.00 -13.52 4.42
CA ALA A 28 3.02 -12.25 3.71
C ALA A 28 2.65 -11.08 4.62
N ASP A 29 1.65 -11.30 5.46
CA ASP A 29 1.18 -10.25 6.36
C ASP A 29 2.32 -9.71 7.19
N LEU A 30 3.03 -10.58 7.88
CA LEU A 30 4.14 -10.13 8.71
C LEU A 30 5.25 -9.50 7.88
N LEU A 31 5.79 -10.27 6.95
CA LEU A 31 6.88 -9.78 6.12
C LEU A 31 6.53 -8.42 5.53
N LYS A 32 5.31 -8.32 5.03
CA LYS A 32 4.86 -7.06 4.43
C LYS A 32 4.50 -6.04 5.50
N PHE A 33 3.71 -6.47 6.47
CA PHE A 33 3.27 -5.57 7.53
C PHE A 33 4.47 -4.90 8.21
N PHE A 34 5.43 -5.70 8.60
CA PHE A 34 6.62 -5.17 9.26
C PHE A 34 7.35 -4.18 8.36
N ASP A 35 7.82 -4.67 7.21
CA ASP A 35 8.55 -3.82 6.29
C ASP A 35 7.73 -2.61 5.89
N PHE A 36 6.54 -2.84 5.37
CA PHE A 36 5.68 -1.73 4.94
C PHE A 36 5.42 -0.74 6.07
N VAL A 37 4.77 -1.21 7.13
CA VAL A 37 4.42 -0.35 8.26
C VAL A 37 5.59 0.55 8.62
N LYS A 38 6.70 -0.07 8.96
CA LYS A 38 7.88 0.68 9.33
C LYS A 38 8.45 1.49 8.17
N ASP A 39 8.39 0.93 6.96
CA ASP A 39 8.95 1.62 5.80
C ASP A 39 8.19 2.91 5.49
N ILE A 40 6.95 2.79 5.04
CA ILE A 40 6.15 3.97 4.71
C ILE A 40 5.83 4.75 5.95
N CYS A 41 5.46 4.06 7.02
CA CYS A 41 5.11 4.72 8.28
C CYS A 41 6.10 4.34 9.39
N PRO A 42 7.26 4.93 9.41
CA PRO A 42 8.28 4.66 10.46
C PRO A 42 7.98 5.40 11.76
N TRP A 43 7.23 6.49 11.65
CA TRP A 43 6.86 7.28 12.82
C TRP A 43 5.34 7.41 12.95
N PHE A 44 4.60 6.72 12.08
CA PHE A 44 3.15 6.79 12.12
C PHE A 44 2.54 5.45 11.70
N PRO A 45 2.73 4.43 12.50
CA PRO A 45 2.20 3.08 12.21
C PRO A 45 0.70 2.98 12.53
N GLN A 46 0.11 4.09 12.96
CA GLN A 46 -1.30 4.10 13.29
C GLN A 46 -2.14 3.80 12.05
N GLU A 47 -1.88 4.53 10.97
CA GLU A 47 -2.62 4.31 9.72
C GLU A 47 -1.68 3.82 8.63
N GLY A 48 -0.92 4.73 8.04
CA GLY A 48 0.03 4.36 6.99
C GLY A 48 -0.69 3.88 5.73
N THR A 49 -0.73 4.74 4.72
CA THR A 49 -1.38 4.39 3.46
C THR A 49 -0.34 3.92 2.45
N ILE A 50 -0.80 3.24 1.40
CA ILE A 50 0.09 2.75 0.37
C ILE A 50 0.45 3.86 -0.61
N ASP A 51 1.74 3.98 -0.89
CA ASP A 51 2.23 5.01 -1.81
C ASP A 51 3.25 4.44 -2.78
N ILE A 52 3.16 4.87 -4.04
CA ILE A 52 4.10 4.39 -5.05
C ILE A 52 5.29 5.32 -5.17
N LYS A 53 5.03 6.62 -5.11
CA LYS A 53 6.10 7.61 -5.22
C LYS A 53 7.04 7.53 -4.01
N ARG A 54 6.46 7.46 -2.82
CA ARG A 54 7.28 7.39 -1.61
C ARG A 54 7.96 6.03 -1.49
N TRP A 55 7.16 4.99 -1.34
CA TRP A 55 7.69 3.64 -1.18
C TRP A 55 8.84 3.43 -2.16
N ARG A 56 8.80 4.16 -3.27
CA ARG A 56 9.85 4.06 -4.27
C ARG A 56 11.13 4.74 -3.78
N ARG A 57 11.00 5.93 -3.22
CA ARG A 57 12.16 6.66 -2.72
C ARG A 57 12.82 5.91 -1.57
N VAL A 58 12.01 5.56 -0.57
CA VAL A 58 12.51 4.84 0.59
C VAL A 58 12.83 3.40 0.22
N GLY A 59 12.17 2.91 -0.82
CA GLY A 59 12.38 1.54 -1.28
C GLY A 59 13.78 1.35 -1.85
N ASP A 60 14.18 2.26 -2.73
CA ASP A 60 15.50 2.19 -3.33
C ASP A 60 16.59 2.42 -2.28
N CYS A 61 16.33 3.33 -1.35
CA CYS A 61 17.29 3.63 -0.31
C CYS A 61 17.72 2.36 0.42
N PHE A 62 16.80 1.75 1.15
CA PHE A 62 17.09 0.54 1.89
C PHE A 62 17.47 -0.60 0.95
N GLN A 63 16.77 -0.71 -0.17
CA GLN A 63 17.06 -1.77 -1.13
C GLN A 63 18.41 -1.55 -1.80
N ASP A 64 18.53 -0.46 -2.54
CA ASP A 64 19.78 -0.15 -3.23
C ASP A 64 20.95 -0.18 -2.25
N TYR A 65 20.64 0.02 -0.98
CA TYR A 65 21.67 0.01 0.06
C TYR A 65 21.99 -1.42 0.48
N TYR A 66 20.96 -2.24 0.62
CA TYR A 66 21.15 -3.62 1.03
C TYR A 66 21.92 -4.39 -0.03
N ASN A 67 21.60 -4.15 -1.30
CA ASN A 67 22.28 -4.82 -2.40
C ASN A 67 23.72 -4.33 -2.51
N THR A 68 23.89 -3.04 -2.74
CA THR A 68 25.22 -2.47 -2.87
C THR A 68 26.11 -2.90 -1.71
N PHE A 69 25.48 -3.32 -0.62
CA PHE A 69 26.21 -3.76 0.57
C PHE A 69 26.66 -5.22 0.42
N GLY A 70 26.40 -5.79 -0.75
CA GLY A 70 26.77 -7.18 -1.01
C GLY A 70 26.27 -8.11 0.09
N PRO A 71 24.98 -8.37 0.11
CA PRO A 71 24.34 -9.24 1.13
C PRO A 71 24.56 -10.73 0.83
N GLU A 72 24.44 -11.56 1.85
CA GLU A 72 24.63 -13.00 1.70
C GLU A 72 23.28 -13.71 1.59
N LYS A 73 22.20 -12.95 1.74
CA LYS A 73 20.87 -13.52 1.66
C LYS A 73 20.05 -12.82 0.60
N VAL A 74 20.73 -12.35 -0.45
CA VAL A 74 20.04 -11.62 -1.51
C VAL A 74 18.77 -12.36 -1.94
N PRO A 75 17.61 -11.90 -1.51
CA PRO A 75 16.32 -12.56 -1.84
C PRO A 75 15.78 -12.16 -3.21
N VAL A 76 15.14 -13.11 -3.89
CA VAL A 76 14.57 -12.85 -5.20
C VAL A 76 13.29 -12.04 -5.08
N ILE A 77 12.66 -12.12 -3.91
CA ILE A 77 11.42 -11.38 -3.67
C ILE A 77 11.55 -9.95 -4.17
N ALA A 78 12.78 -9.48 -4.33
CA ALA A 78 13.01 -8.13 -4.80
C ALA A 78 12.40 -7.94 -6.18
N PHE A 79 12.87 -8.73 -7.14
CA PHE A 79 12.36 -8.61 -8.50
C PHE A 79 10.84 -8.52 -8.49
N SER A 80 10.20 -9.32 -7.63
CA SER A 80 8.75 -9.32 -7.54
C SER A 80 8.24 -7.95 -7.10
N TYR A 81 8.89 -7.38 -6.08
CA TYR A 81 8.50 -6.07 -5.58
C TYR A 81 8.46 -5.05 -6.71
N TRP A 82 8.08 -3.82 -6.38
CA TRP A 82 8.01 -2.75 -7.38
C TRP A 82 6.91 -3.05 -8.40
N ASN A 83 7.09 -4.12 -9.16
CA ASN A 83 6.11 -4.51 -10.17
C ASN A 83 4.77 -4.81 -9.50
N LEU A 84 4.82 -5.48 -8.36
CA LEU A 84 3.61 -5.81 -7.62
C LEU A 84 2.96 -4.54 -7.08
N ILE A 85 3.77 -3.56 -6.71
CA ILE A 85 3.25 -2.32 -6.14
C ILE A 85 2.27 -1.68 -7.13
N LYS A 86 2.64 -1.63 -8.39
CA LYS A 86 1.78 -1.03 -9.40
C LYS A 86 0.49 -1.87 -9.55
N GLU A 87 0.66 -3.14 -9.87
CA GLU A 87 -0.51 -4.01 -10.05
C GLU A 87 -1.33 -4.08 -8.77
N LEU A 88 -0.69 -3.77 -7.65
CA LEU A 88 -1.38 -3.81 -6.38
C LEU A 88 -2.44 -2.71 -6.28
N ILE A 89 -2.02 -1.48 -6.51
CA ILE A 89 -2.94 -0.37 -6.42
C ILE A 89 -4.14 -0.61 -7.33
N ASP A 90 -3.90 -1.29 -8.45
CA ASP A 90 -4.97 -1.58 -9.39
C ASP A 90 -6.07 -2.38 -8.72
N LYS A 91 -5.73 -3.58 -8.26
CA LYS A 91 -6.71 -4.44 -7.59
C LYS A 91 -7.20 -3.80 -6.29
N LYS A 92 -6.28 -3.20 -5.55
CA LYS A 92 -6.61 -2.55 -4.28
C LYS A 92 -7.57 -1.38 -4.49
N GLU A 93 -7.69 -0.95 -5.73
CA GLU A 93 -8.60 0.14 -6.08
C GLU A 93 -10.02 -0.16 -5.62
N VAL A 94 -10.23 -1.36 -5.07
CA VAL A 94 -11.55 -1.77 -4.63
C VAL A 94 -12.24 -0.66 -3.85
N ASN A 95 -11.74 -0.37 -2.65
CA ASN A 95 -12.29 0.70 -1.80
C ASN A 95 -11.69 0.64 -0.39
N PRO A 96 -10.39 0.77 -0.26
CA PRO A 96 -9.69 0.74 1.04
C PRO A 96 -9.55 2.13 1.64
N GLN A 97 -8.59 2.28 2.55
CA GLN A 97 -8.34 3.56 3.20
C GLN A 97 -7.91 4.61 2.18
N VAL A 98 -7.38 4.15 1.05
CA VAL A 98 -6.93 5.05 0.01
C VAL A 98 -8.08 5.94 -0.45
N MET A 99 -9.24 5.33 -0.65
CA MET A 99 -10.42 6.07 -1.08
C MET A 99 -10.91 6.99 0.03
N ALA A 100 -10.72 6.56 1.27
CA ALA A 100 -11.15 7.35 2.43
C ALA A 100 -10.32 8.63 2.53
N ALA A 101 -9.01 8.49 2.43
CA ALA A 101 -8.11 9.64 2.54
C ALA A 101 -8.58 10.76 1.61
N VAL A 102 -9.44 10.41 0.65
CA VAL A 102 -9.96 11.42 -0.28
C VAL A 102 -11.27 12.00 0.25
N ALA A 103 -12.21 11.11 0.58
CA ALA A 103 -13.50 11.55 1.09
C ALA A 103 -13.32 12.27 2.43
N GLN A 104 -12.24 11.94 3.12
CA GLN A 104 -11.95 12.56 4.42
C GLN A 104 -11.22 13.88 4.22
N THR A 105 -10.04 13.82 3.60
CA THR A 105 -9.24 15.02 3.37
C THR A 105 -10.01 16.02 2.50
N GLU A 106 -10.70 15.50 1.50
CA GLU A 106 -11.48 16.35 0.59
C GLU A 106 -12.95 15.97 0.63
N GLU A 107 -13.64 16.40 1.67
CA GLU A 107 -15.06 16.09 1.82
C GLU A 107 -15.87 16.79 0.72
N ILE A 108 -17.00 16.20 0.37
CA ILE A 108 -17.86 16.77 -0.67
C ILE A 108 -18.65 17.96 -0.13
N LEU A 109 -18.67 18.10 1.19
CA LEU A 109 -19.37 19.21 1.84
C LEU A 109 -18.74 20.54 1.44
N LYS A 110 -17.42 20.56 1.39
CA LYS A 110 -16.70 21.77 1.02
C LYS A 110 -17.00 22.16 -0.42
N SER A 111 -17.11 23.46 -0.67
CA SER A 111 -17.38 23.94 -2.02
C SER A 111 -16.09 24.37 -2.70
N ASN A 112 -16.10 25.55 -3.30
CA ASN A 112 -14.93 26.06 -3.98
C ASN A 112 -13.78 26.26 -3.00
N SER A 113 -14.10 26.77 -1.82
CA SER A 113 -13.08 27.00 -0.80
C SER A 113 -13.69 26.91 0.60
N GLN A 114 -13.57 25.73 1.21
CA GLN A 114 -14.11 25.52 2.56
C GLN A 114 -15.43 26.25 2.73
N THR A 115 -16.50 25.68 2.18
CA THR A 115 -17.82 26.29 2.28
C THR A 115 -18.89 25.31 1.82
N ASP A 116 -20.05 25.35 2.47
CA ASP A 116 -21.15 24.46 2.10
C ASP A 116 -22.18 25.20 1.26
N LEU A 117 -21.89 26.46 0.94
CA LEU A 117 -22.81 27.26 0.14
C LEU A 117 -22.95 26.67 -1.25
N GLU A 118 -21.84 26.24 -1.82
CA GLU A 118 -21.86 25.66 -3.16
C GLU A 118 -22.51 26.61 -4.15
N HIS A 119 -21.68 27.33 -4.90
CA HIS A 119 -22.17 28.28 -5.88
C HIS A 119 -22.90 27.55 -7.01
N HIS A 120 -22.35 26.42 -7.44
CA HIS A 120 -22.95 25.64 -8.51
C HIS A 120 -24.35 25.18 -8.12
N HIS A 121 -24.48 24.65 -6.91
CA HIS A 121 -25.77 24.18 -6.43
C HIS A 121 -26.49 25.28 -5.65
N HIS A 122 -27.82 25.25 -5.68
CA HIS A 122 -28.60 26.25 -4.97
C HIS A 122 -29.21 25.65 -3.70
N HIS A 123 -29.08 26.38 -2.60
CA HIS A 123 -29.62 25.92 -1.32
C HIS A 123 -30.81 26.78 -0.89
N HIS A 124 -31.76 26.17 -0.21
CA HIS A 124 -32.94 26.90 0.26
C HIS A 124 -32.63 27.63 1.56
C1 MYR B . -6.16 1.39 9.80
O1 MYR B . -5.59 0.90 10.76
C2 MYR B . -5.82 0.91 8.52
C3 MYR B . -4.54 1.56 8.00
C4 MYR B . -3.58 0.54 7.41
C5 MYR B . -4.13 -0.09 6.14
C6 MYR B . -4.32 -1.60 6.30
C7 MYR B . -3.30 -2.46 5.54
C8 MYR B . -3.27 -2.25 4.02
C9 MYR B . -1.87 -2.14 3.40
C10 MYR B . -1.86 -2.38 1.88
C11 MYR B . -0.73 -3.33 1.43
C12 MYR B . -1.03 -3.91 0.05
C13 MYR B . -0.57 -2.95 -1.05
C14 MYR B . 0.94 -2.74 -1.03
H21 MYR B . -5.69 -0.08 8.58
H22 MYR B . -6.57 1.09 7.88
H31 MYR B . -4.78 2.22 7.29
H32 MYR B . -4.08 2.04 8.74
H41 MYR B . -2.71 0.96 7.22
H42 MYR B . -3.44 -0.19 8.08
H51 MYR B . -5.00 0.33 5.91
H52 MYR B . -3.49 0.08 5.39
H61 MYR B . -4.25 -1.82 7.28
H62 MYR B . -5.23 -1.84 5.97
H71 MYR B . -2.39 -2.25 5.89
H72 MYR B . -3.51 -3.42 5.71
H81 MYR B . -3.76 -3.00 3.59
H82 MYR B . -3.77 -1.40 3.81
H91 MYR B . -1.50 -1.23 3.59
H92 MYR B . -1.28 -2.83 3.83
H101 MYR B . -2.73 -2.76 1.62
H102 MYR B . -1.74 -1.48 1.42
H111 MYR B . 0.13 -2.83 1.41
H112 MYR B . -0.66 -4.09 2.08
H121 MYR B . -0.55 -4.79 -0.06
H122 MYR B . -2.01 -4.06 -0.06
H131 MYR B . -0.83 -3.32 -1.94
H132 MYR B . -1.01 -2.07 -0.93
H141 MYR B . 1.17 -1.88 -1.48
H142 MYR B . 1.25 -2.71 -0.08
H143 MYR B . 1.39 -3.50 -1.50
N GLY A 1 -8.25 0.08 9.95
CA GLY A 1 -9.71 0.09 10.05
C GLY A 1 -10.32 -1.10 9.31
N GLN A 2 -11.57 -0.96 8.90
CA GLN A 2 -12.25 -2.05 8.19
C GLN A 2 -11.34 -2.65 7.14
N GLU A 3 -10.61 -1.80 6.42
CA GLU A 3 -9.69 -2.28 5.39
C GLU A 3 -8.95 -3.51 5.87
N LEU A 4 -8.91 -3.72 7.18
CA LEU A 4 -8.22 -4.86 7.75
C LEU A 4 -8.76 -6.15 7.16
N SER A 5 -10.08 -6.23 6.99
CA SER A 5 -10.69 -7.41 6.42
C SER A 5 -10.18 -7.66 5.00
N GLN A 6 -10.08 -6.58 4.22
CA GLN A 6 -9.60 -6.69 2.85
C GLN A 6 -8.13 -7.12 2.84
N HIS A 7 -7.36 -6.61 3.79
CA HIS A 7 -5.95 -6.94 3.88
C HIS A 7 -5.77 -8.44 4.02
N GLU A 8 -6.63 -9.07 4.82
CA GLU A 8 -6.56 -10.51 5.02
C GLU A 8 -6.76 -11.25 3.69
N ARG A 9 -7.93 -11.08 3.10
CA ARG A 9 -8.23 -11.74 1.83
C ARG A 9 -7.11 -11.49 0.83
N TYR A 10 -6.67 -10.24 0.74
CA TYR A 10 -5.60 -9.91 -0.19
C TYR A 10 -4.32 -10.67 0.15
N VAL A 11 -3.90 -10.58 1.39
CA VAL A 11 -2.69 -11.27 1.84
C VAL A 11 -2.66 -12.69 1.29
N GLU A 12 -3.82 -13.33 1.27
CA GLU A 12 -3.91 -14.69 0.78
C GLU A 12 -3.68 -14.74 -0.72
N GLN A 13 -4.19 -13.75 -1.43
CA GLN A 13 -4.03 -13.70 -2.88
C GLN A 13 -2.55 -13.55 -3.26
N LEU A 14 -1.82 -12.72 -2.52
CA LEU A 14 -0.41 -12.49 -2.80
C LEU A 14 0.38 -13.77 -2.58
N LYS A 15 0.03 -14.49 -1.52
CA LYS A 15 0.72 -15.73 -1.22
C LYS A 15 0.55 -16.74 -2.34
N GLN A 16 -0.64 -16.81 -2.90
CA GLN A 16 -0.90 -17.74 -3.98
C GLN A 16 0.06 -17.50 -5.16
N ALA A 17 0.21 -16.23 -5.52
CA ALA A 17 1.09 -15.88 -6.63
C ALA A 17 2.53 -16.32 -6.35
N LEU A 18 3.07 -15.89 -5.21
CA LEU A 18 4.44 -16.25 -4.84
C LEU A 18 4.56 -17.75 -4.65
N LYS A 19 3.49 -18.36 -4.18
CA LYS A 19 3.47 -19.81 -3.96
C LYS A 19 3.75 -20.56 -5.26
N THR A 20 3.41 -19.93 -6.38
CA THR A 20 3.64 -20.56 -7.69
C THR A 20 5.13 -20.55 -8.02
N ARG A 21 5.91 -19.87 -7.20
CA ARG A 21 7.35 -19.81 -7.43
C ARG A 21 8.08 -20.85 -6.61
N GLY A 22 7.37 -21.47 -5.67
CA GLY A 22 7.95 -22.50 -4.82
C GLY A 22 8.82 -21.88 -3.75
N VAL A 23 8.85 -20.55 -3.70
CA VAL A 23 9.64 -19.83 -2.70
C VAL A 23 9.19 -20.21 -1.29
N LYS A 24 9.41 -21.46 -0.91
CA LYS A 24 9.01 -21.94 0.42
C LYS A 24 7.69 -21.30 0.86
N VAL A 25 7.32 -21.48 2.11
CA VAL A 25 6.09 -20.91 2.63
C VAL A 25 6.40 -19.78 3.60
N LYS A 26 6.30 -18.55 3.12
CA LYS A 26 6.57 -17.37 3.97
C LYS A 26 5.29 -16.59 4.21
N TYR A 27 5.28 -15.77 5.26
CA TYR A 27 4.09 -14.99 5.56
C TYR A 27 4.19 -13.62 4.88
N ALA A 28 3.11 -13.25 4.20
CA ALA A 28 3.04 -11.97 3.52
C ALA A 28 2.53 -10.87 4.45
N ASP A 29 1.53 -11.19 5.27
CA ASP A 29 0.96 -10.21 6.17
C ASP A 29 2.01 -9.54 7.01
N LEU A 30 2.80 -10.33 7.73
CA LEU A 30 3.84 -9.78 8.58
C LEU A 30 4.90 -9.05 7.75
N LEU A 31 5.52 -9.78 6.84
CA LEU A 31 6.58 -9.22 6.01
C LEU A 31 6.12 -7.91 5.40
N LYS A 32 4.91 -7.90 4.86
CA LYS A 32 4.38 -6.69 4.23
C LYS A 32 3.91 -5.69 5.27
N PHE A 33 3.13 -6.16 6.22
CA PHE A 33 2.59 -5.28 7.27
C PHE A 33 3.71 -4.49 7.92
N PHE A 34 4.63 -5.19 8.59
CA PHE A 34 5.73 -4.53 9.27
C PHE A 34 6.54 -3.68 8.30
N ASP A 35 6.94 -4.27 7.17
CA ASP A 35 7.74 -3.55 6.20
C ASP A 35 7.07 -2.24 5.78
N PHE A 36 5.86 -2.34 5.28
CA PHE A 36 5.14 -1.15 4.83
C PHE A 36 4.87 -0.19 5.99
N VAL A 37 4.22 -0.68 7.03
CA VAL A 37 3.90 0.15 8.19
C VAL A 37 5.12 0.95 8.63
N LYS A 38 6.19 0.26 8.92
CA LYS A 38 7.42 0.93 9.35
C LYS A 38 8.03 1.75 8.23
N ASP A 39 8.09 1.18 7.04
CA ASP A 39 8.68 1.88 5.91
C ASP A 39 7.93 3.18 5.61
N ILE A 40 6.68 3.05 5.14
CA ILE A 40 5.88 4.22 4.81
C ILE A 40 5.61 5.05 6.05
N CYS A 41 5.28 4.38 7.14
CA CYS A 41 4.99 5.07 8.40
C CYS A 41 5.95 4.61 9.52
N PRO A 42 7.15 5.13 9.53
CA PRO A 42 8.16 4.77 10.56
C PRO A 42 7.94 5.52 11.87
N TRP A 43 7.18 6.62 11.80
CA TRP A 43 6.89 7.43 12.98
C TRP A 43 5.40 7.55 13.22
N PHE A 44 4.60 6.99 12.31
CA PHE A 44 3.15 7.05 12.43
C PHE A 44 2.52 5.74 11.97
N PRO A 45 2.76 4.68 12.69
CA PRO A 45 2.23 3.33 12.36
C PRO A 45 0.73 3.22 12.65
N GLN A 46 0.13 4.32 13.09
CA GLN A 46 -1.29 4.32 13.39
C GLN A 46 -2.12 4.01 12.15
N GLU A 47 -1.85 4.72 11.07
CA GLU A 47 -2.57 4.49 9.81
C GLU A 47 -1.62 3.93 8.75
N GLY A 48 -0.83 4.81 8.14
CA GLY A 48 0.12 4.39 7.12
C GLY A 48 -0.59 3.84 5.89
N THR A 49 -0.84 4.71 4.92
CA THR A 49 -1.50 4.31 3.68
C THR A 49 -0.47 3.80 2.68
N ILE A 50 -0.94 3.19 1.60
CA ILE A 50 -0.05 2.68 0.57
C ILE A 50 0.36 3.78 -0.40
N ASP A 51 1.67 3.90 -0.63
CA ASP A 51 2.17 4.92 -1.54
C ASP A 51 3.21 4.34 -2.48
N ILE A 52 3.18 4.76 -3.74
CA ILE A 52 4.13 4.26 -4.73
C ILE A 52 5.34 5.18 -4.81
N LYS A 53 5.10 6.48 -4.70
CA LYS A 53 6.20 7.44 -4.76
C LYS A 53 7.14 7.28 -3.57
N ARG A 54 6.57 7.11 -2.38
CA ARG A 54 7.39 6.97 -1.18
C ARG A 54 7.96 5.56 -1.09
N TRP A 55 7.10 4.57 -0.94
CA TRP A 55 7.55 3.20 -0.81
C TRP A 55 8.66 2.92 -1.80
N ARG A 56 8.61 3.61 -2.94
CA ARG A 56 9.64 3.44 -3.96
C ARG A 56 10.94 4.13 -3.54
N ARG A 57 10.82 5.34 -3.01
CA ARG A 57 12.00 6.09 -2.59
C ARG A 57 12.70 5.38 -1.43
N VAL A 58 11.96 5.10 -0.37
CA VAL A 58 12.52 4.43 0.79
C VAL A 58 12.78 2.96 0.49
N GLY A 59 12.06 2.43 -0.49
CA GLY A 59 12.21 1.03 -0.88
C GLY A 59 13.56 0.80 -1.54
N ASP A 60 13.93 1.68 -2.47
CA ASP A 60 15.20 1.54 -3.17
C ASP A 60 16.37 1.85 -2.23
N CYS A 61 16.20 2.87 -1.40
CA CYS A 61 17.27 3.25 -0.48
C CYS A 61 17.76 2.06 0.32
N PHE A 62 16.87 1.50 1.14
CA PHE A 62 17.24 0.35 1.96
C PHE A 62 17.56 -0.86 1.09
N GLN A 63 16.73 -1.12 0.10
CA GLN A 63 16.93 -2.27 -0.78
C GLN A 63 18.20 -2.12 -1.61
N ASP A 64 18.25 -1.08 -2.43
CA ASP A 64 19.41 -0.83 -3.27
C ASP A 64 20.68 -0.80 -2.43
N TYR A 65 20.56 -0.35 -1.20
CA TYR A 65 21.71 -0.30 -0.30
C TYR A 65 22.08 -1.68 0.21
N TYR A 66 21.08 -2.44 0.63
CA TYR A 66 21.31 -3.78 1.14
C TYR A 66 21.88 -4.69 0.05
N ASN A 67 21.38 -4.52 -1.17
CA ASN A 67 21.83 -5.33 -2.29
C ASN A 67 23.16 -4.83 -2.83
N THR A 68 23.18 -3.58 -3.32
CA THR A 68 24.40 -3.01 -3.87
C THR A 68 25.58 -3.29 -2.95
N PHE A 69 25.32 -3.41 -1.66
CA PHE A 69 26.39 -3.68 -0.71
C PHE A 69 27.02 -5.05 -0.99
N GLY A 70 26.18 -6.08 -1.05
CA GLY A 70 26.65 -7.44 -1.31
C GLY A 70 26.26 -8.40 -0.19
N PRO A 71 24.99 -8.69 -0.08
CA PRO A 71 24.45 -9.61 0.96
C PRO A 71 24.62 -11.07 0.57
N GLU A 72 24.49 -11.96 1.55
CA GLU A 72 24.63 -13.39 1.29
C GLU A 72 23.26 -14.05 1.21
N LYS A 73 22.21 -13.25 1.35
CA LYS A 73 20.85 -13.77 1.28
C LYS A 73 20.03 -13.01 0.26
N VAL A 74 20.72 -12.46 -0.76
CA VAL A 74 20.04 -11.68 -1.78
C VAL A 74 18.77 -12.40 -2.24
N PRO A 75 17.61 -11.97 -1.78
CA PRO A 75 16.32 -12.59 -2.15
C PRO A 75 15.79 -12.13 -3.50
N VAL A 76 15.06 -13.00 -4.18
CA VAL A 76 14.49 -12.66 -5.48
C VAL A 76 13.26 -11.78 -5.31
N ILE A 77 12.72 -11.75 -4.10
CA ILE A 77 11.54 -10.95 -3.81
C ILE A 77 11.73 -9.53 -4.35
N ALA A 78 12.97 -9.10 -4.47
CA ALA A 78 13.27 -7.76 -4.97
C ALA A 78 12.61 -7.54 -6.33
N PHE A 79 13.01 -8.34 -7.31
CA PHE A 79 12.46 -8.21 -8.64
C PHE A 79 10.94 -8.15 -8.59
N SER A 80 10.35 -9.02 -7.76
CA SER A 80 8.90 -9.05 -7.64
C SER A 80 8.37 -7.71 -7.18
N TYR A 81 9.05 -7.10 -6.21
CA TYR A 81 8.62 -5.81 -5.69
C TYR A 81 8.54 -4.78 -6.82
N TRP A 82 8.17 -3.55 -6.46
CA TRP A 82 8.05 -2.47 -7.44
C TRP A 82 6.92 -2.78 -8.44
N ASN A 83 7.11 -3.83 -9.22
CA ASN A 83 6.11 -4.23 -10.20
C ASN A 83 4.79 -4.57 -9.52
N LEU A 84 4.88 -5.28 -8.41
CA LEU A 84 3.69 -5.67 -7.65
C LEU A 84 3.02 -4.44 -7.06
N ILE A 85 3.82 -3.47 -6.65
CA ILE A 85 3.29 -2.25 -6.04
C ILE A 85 2.30 -1.58 -6.99
N LYS A 86 2.64 -1.53 -8.26
CA LYS A 86 1.75 -0.91 -9.23
C LYS A 86 0.48 -1.76 -9.41
N GLU A 87 0.66 -3.02 -9.77
CA GLU A 87 -0.48 -3.90 -9.99
C GLU A 87 -1.30 -4.02 -8.71
N LEU A 88 -0.66 -3.73 -7.59
CA LEU A 88 -1.35 -3.82 -6.30
C LEU A 88 -2.43 -2.77 -6.20
N ILE A 89 -2.04 -1.51 -6.38
CA ILE A 89 -3.00 -0.41 -6.29
C ILE A 89 -4.18 -0.66 -7.22
N ASP A 90 -3.92 -1.29 -8.35
CA ASP A 90 -4.97 -1.57 -9.31
C ASP A 90 -6.07 -2.42 -8.67
N LYS A 91 -5.72 -3.64 -8.28
CA LYS A 91 -6.69 -4.53 -7.64
C LYS A 91 -7.20 -3.94 -6.34
N LYS A 92 -6.28 -3.38 -5.54
CA LYS A 92 -6.64 -2.79 -4.25
C LYS A 92 -7.59 -1.62 -4.45
N GLU A 93 -7.69 -1.15 -5.69
CA GLU A 93 -8.57 -0.04 -6.02
C GLU A 93 -10.00 -0.35 -5.56
N VAL A 94 -10.22 -1.55 -5.04
CA VAL A 94 -11.56 -1.94 -4.62
C VAL A 94 -12.24 -0.81 -3.87
N ASN A 95 -11.73 -0.47 -2.69
CA ASN A 95 -12.29 0.62 -1.90
C ASN A 95 -11.75 0.58 -0.47
N PRO A 96 -10.46 0.67 -0.30
CA PRO A 96 -9.81 0.64 1.03
C PRO A 96 -9.65 2.04 1.63
N GLN A 97 -8.71 2.17 2.56
CA GLN A 97 -8.46 3.45 3.20
C GLN A 97 -8.01 4.48 2.16
N VAL A 98 -7.50 3.99 1.04
CA VAL A 98 -7.04 4.88 -0.01
C VAL A 98 -8.16 5.82 -0.45
N MET A 99 -9.34 5.26 -0.62
CA MET A 99 -10.50 6.05 -1.03
C MET A 99 -10.90 7.02 0.08
N ALA A 100 -10.70 6.61 1.32
CA ALA A 100 -11.04 7.45 2.46
C ALA A 100 -10.13 8.67 2.52
N ALA A 101 -8.83 8.43 2.44
CA ALA A 101 -7.87 9.52 2.49
C ALA A 101 -8.26 10.63 1.51
N VAL A 102 -9.09 10.28 0.52
CA VAL A 102 -9.53 11.25 -0.45
C VAL A 102 -10.80 11.94 0.03
N ALA A 103 -11.80 11.16 0.41
CA ALA A 103 -13.06 11.71 0.88
C ALA A 103 -12.81 12.53 2.16
N GLN A 104 -11.90 12.04 2.99
CA GLN A 104 -11.58 12.72 4.23
C GLN A 104 -10.86 14.04 3.97
N THR A 105 -9.77 13.98 3.21
CA THR A 105 -9.01 15.17 2.87
C THR A 105 -9.85 16.13 2.05
N GLU A 106 -10.61 15.59 1.11
CA GLU A 106 -11.46 16.40 0.24
C GLU A 106 -12.92 15.98 0.36
N GLU A 107 -13.56 16.38 1.46
CA GLU A 107 -14.95 16.05 1.68
C GLU A 107 -15.84 16.78 0.69
N ILE A 108 -16.96 16.16 0.32
CA ILE A 108 -17.88 16.77 -0.62
C ILE A 108 -18.43 18.07 -0.06
N LEU A 109 -18.67 18.11 1.24
CA LEU A 109 -19.21 19.30 1.88
C LEU A 109 -18.11 20.35 2.04
N LYS A 110 -17.91 21.14 0.99
CA LYS A 110 -16.89 22.18 1.01
C LYS A 110 -17.37 23.43 0.28
N SER A 111 -16.73 24.55 0.57
CA SER A 111 -17.10 25.82 -0.06
C SER A 111 -16.85 25.75 -1.56
N ASN A 112 -15.73 25.16 -1.95
CA ASN A 112 -15.38 25.05 -3.36
C ASN A 112 -16.55 24.51 -4.17
N SER A 113 -17.28 23.54 -3.60
CA SER A 113 -18.42 22.96 -4.28
C SER A 113 -19.53 24.00 -4.44
N GLN A 114 -20.46 23.74 -5.36
CA GLN A 114 -21.56 24.66 -5.59
C GLN A 114 -22.03 25.29 -4.29
N THR A 115 -22.23 24.46 -3.28
CA THR A 115 -22.67 24.94 -1.97
C THR A 115 -22.01 24.15 -0.84
N ASP A 116 -21.91 24.76 0.33
CA ASP A 116 -21.30 24.09 1.47
C ASP A 116 -22.28 23.12 2.10
N LEU A 117 -23.47 23.61 2.44
CA LEU A 117 -24.50 22.79 3.05
C LEU A 117 -24.95 21.69 2.11
N GLU A 118 -25.10 22.04 0.84
CA GLU A 118 -25.53 21.08 -0.16
C GLU A 118 -26.87 20.46 0.22
N HIS A 119 -27.46 20.96 1.31
CA HIS A 119 -28.73 20.44 1.78
C HIS A 119 -29.84 20.77 0.79
N HIS A 120 -29.79 21.97 0.22
CA HIS A 120 -30.80 22.39 -0.75
C HIS A 120 -30.14 23.12 -1.91
N HIS A 121 -30.73 22.99 -3.10
CA HIS A 121 -30.19 23.63 -4.30
C HIS A 121 -31.03 24.85 -4.67
N HIS A 122 -30.36 25.97 -4.93
CA HIS A 122 -31.06 27.19 -5.31
C HIS A 122 -30.30 27.92 -6.40
N HIS A 123 -30.68 27.66 -7.65
CA HIS A 123 -30.04 28.29 -8.79
C HIS A 123 -30.99 29.26 -9.48
N HIS A 124 -30.52 30.47 -9.75
CA HIS A 124 -31.35 31.48 -10.41
C HIS A 124 -30.51 32.30 -11.37
C1 MYR B . -7.53 -0.85 10.56
O1 MYR B . -8.02 -1.76 11.22
C2 MYR B . -6.91 -1.19 9.34
C3 MYR B . -5.39 -1.33 9.51
C4 MYR B . -4.67 -1.13 8.17
C5 MYR B . -5.57 -1.47 7.00
C6 MYR B . -4.92 -2.54 6.11
C7 MYR B . -4.30 -2.01 4.82
C8 MYR B . -4.40 -2.93 3.60
C9 MYR B . -3.06 -3.36 3.00
C10 MYR B . -3.18 -3.81 1.53
C11 MYR B . -1.98 -4.65 1.06
C12 MYR B . -1.48 -4.19 -0.31
C13 MYR B . -0.61 -2.94 -0.19
C14 MYR B . -0.62 -2.13 -1.49
H21 MYR B . -7.28 -2.07 9.03
H22 MYR B . -7.10 -0.49 8.65
H31 MYR B . -5.07 -0.65 10.16
H32 MYR B . -5.17 -2.24 9.86
H41 MYR B . -4.37 -0.19 8.10
H42 MYR B . -3.87 -1.74 8.14
H51 MYR B . -6.45 -1.81 7.33
H52 MYR B . -5.72 -0.65 6.44
H61 MYR B . -4.22 -3.00 6.64
H62 MYR B . -5.63 -3.21 5.85
H71 MYR B . -4.73 -1.13 4.59
H72 MYR B . -3.32 -1.83 4.98
H81 MYR B . -4.91 -3.75 3.87
H82 MYR B . -4.92 -2.45 2.88
H91 MYR B . -2.41 -2.61 3.06
H92 MYR B . -2.70 -4.14 3.53
H101 MYR B . -4.01 -4.35 1.42
H102 MYR B . -3.23 -2.99 0.95
H111 MYR B . -1.23 -4.57 1.73
H112 MYR B . -2.25 -5.61 0.99
H121 MYR B . -0.95 -4.92 -0.74
H122 MYR B . -2.26 -3.99 -0.90
H131 MYR B . -0.96 -2.36 0.55
H132 MYR B . 0.33 -3.20 0.01
H141 MYR B . 0.24 -2.27 -1.98
H142 MYR B . -1.38 -2.42 -2.06
H143 MYR B . -0.71 -1.15 -1.28
N GLY A 1 -7.85 0.57 10.13
CA GLY A 1 -8.98 0.16 10.95
C GLY A 1 -9.77 -0.95 10.27
N GLN A 2 -11.07 -0.73 10.09
CA GLN A 2 -11.93 -1.73 9.46
C GLN A 2 -11.24 -2.35 8.26
N GLU A 3 -10.59 -1.51 7.46
CA GLU A 3 -9.88 -2.00 6.27
C GLU A 3 -9.10 -3.27 6.60
N LEU A 4 -8.94 -3.55 7.89
CA LEU A 4 -8.21 -4.73 8.31
C LEU A 4 -8.87 -5.99 7.74
N SER A 5 -10.19 -6.05 7.84
CA SER A 5 -10.93 -7.21 7.32
C SER A 5 -10.71 -7.33 5.82
N GLN A 6 -10.80 -6.21 5.11
CA GLN A 6 -10.59 -6.20 3.67
C GLN A 6 -9.16 -6.60 3.34
N HIS A 7 -8.21 -6.09 4.11
CA HIS A 7 -6.80 -6.41 3.89
C HIS A 7 -6.57 -7.92 4.05
N GLU A 8 -7.24 -8.51 5.03
CA GLU A 8 -7.10 -9.95 5.27
C GLU A 8 -7.34 -10.72 3.98
N ARG A 9 -8.52 -10.53 3.40
CA ARG A 9 -8.85 -11.23 2.16
C ARG A 9 -7.74 -11.05 1.13
N TYR A 10 -7.23 -9.84 1.01
CA TYR A 10 -6.16 -9.57 0.05
C TYR A 10 -4.93 -10.41 0.37
N VAL A 11 -4.50 -10.36 1.62
CA VAL A 11 -3.33 -11.13 2.04
C VAL A 11 -3.40 -12.56 1.51
N GLU A 12 -4.61 -13.10 1.46
CA GLU A 12 -4.81 -14.46 0.98
C GLU A 12 -4.55 -14.55 -0.51
N GLN A 13 -4.93 -13.50 -1.23
CA GLN A 13 -4.74 -13.47 -2.68
C GLN A 13 -3.25 -13.38 -3.02
N LEU A 14 -2.52 -12.56 -2.27
CA LEU A 14 -1.10 -12.41 -2.49
C LEU A 14 -0.35 -13.71 -2.26
N LYS A 15 -0.74 -14.42 -1.22
CA LYS A 15 -0.11 -15.69 -0.89
C LYS A 15 -0.29 -16.70 -2.01
N GLN A 16 -1.48 -16.73 -2.59
CA GLN A 16 -1.77 -17.64 -3.68
C GLN A 16 -0.82 -17.41 -4.86
N ALA A 17 -0.62 -16.14 -5.19
CA ALA A 17 0.27 -15.79 -6.30
C ALA A 17 1.68 -16.29 -6.03
N LEU A 18 2.24 -15.89 -4.90
CA LEU A 18 3.59 -16.30 -4.55
C LEU A 18 3.67 -17.82 -4.46
N LYS A 19 2.54 -18.45 -4.17
CA LYS A 19 2.50 -19.90 -4.06
C LYS A 19 2.84 -20.55 -5.40
N THR A 20 2.42 -19.91 -6.48
CA THR A 20 2.67 -20.43 -7.83
C THR A 20 4.16 -20.34 -8.16
N ARG A 21 4.89 -19.54 -7.39
CA ARG A 21 6.32 -19.38 -7.62
C ARG A 21 7.10 -20.49 -6.93
N GLY A 22 6.39 -21.32 -6.17
CA GLY A 22 7.03 -22.42 -5.46
C GLY A 22 7.90 -21.91 -4.33
N VAL A 23 7.91 -20.60 -4.15
CA VAL A 23 8.71 -19.99 -3.09
C VAL A 23 8.23 -20.44 -1.73
N LYS A 24 8.36 -21.74 -1.45
CA LYS A 24 7.93 -22.30 -0.18
C LYS A 24 6.65 -21.62 0.30
N VAL A 25 6.33 -21.79 1.58
CA VAL A 25 5.14 -21.17 2.15
C VAL A 25 5.52 -20.17 3.23
N LYS A 26 5.39 -18.88 2.92
CA LYS A 26 5.72 -17.83 3.88
C LYS A 26 4.52 -16.91 4.09
N TYR A 27 4.36 -16.42 5.32
CA TYR A 27 3.24 -15.54 5.61
C TYR A 27 3.43 -14.18 4.94
N ALA A 28 2.38 -13.71 4.29
CA ALA A 28 2.42 -12.42 3.61
C ALA A 28 2.07 -11.28 4.56
N ASP A 29 1.05 -11.52 5.39
CA ASP A 29 0.59 -10.51 6.33
C ASP A 29 1.73 -9.97 7.16
N LEU A 30 2.44 -10.87 7.86
CA LEU A 30 3.56 -10.46 8.70
C LEU A 30 4.68 -9.85 7.87
N LEU A 31 5.22 -10.63 6.95
CA LEU A 31 6.31 -10.15 6.12
C LEU A 31 6.00 -8.77 5.57
N LYS A 32 4.77 -8.60 5.10
CA LYS A 32 4.37 -7.30 4.55
C LYS A 32 4.15 -6.28 5.66
N PHE A 33 3.38 -6.67 6.67
CA PHE A 33 3.09 -5.76 7.76
C PHE A 33 4.37 -5.16 8.31
N PHE A 34 5.19 -5.99 8.93
CA PHE A 34 6.45 -5.52 9.51
C PHE A 34 7.18 -4.59 8.55
N ASP A 35 7.56 -5.12 7.39
CA ASP A 35 8.29 -4.33 6.43
C ASP A 35 7.56 -3.07 6.02
N PHE A 36 6.40 -3.24 5.41
CA PHE A 36 5.63 -2.10 4.94
C PHE A 36 5.37 -1.06 6.02
N VAL A 37 4.57 -1.42 7.00
CA VAL A 37 4.23 -0.51 8.07
C VAL A 37 5.45 0.27 8.54
N LYS A 38 6.59 -0.41 8.59
CA LYS A 38 7.82 0.20 9.02
C LYS A 38 8.50 0.94 7.87
N ASP A 39 8.16 0.56 6.65
CA ASP A 39 8.80 1.15 5.47
C ASP A 39 8.36 2.60 5.27
N ILE A 40 7.11 2.78 4.90
CA ILE A 40 6.59 4.13 4.65
C ILE A 40 6.00 4.73 5.91
N CYS A 41 5.96 3.93 6.98
CA CYS A 41 5.41 4.39 8.25
C CYS A 41 6.33 3.99 9.41
N PRO A 42 7.57 4.38 9.35
CA PRO A 42 8.56 4.06 10.41
C PRO A 42 8.30 4.85 11.70
N TRP A 43 7.59 5.97 11.56
CA TRP A 43 7.28 6.82 12.71
C TRP A 43 5.77 6.93 12.91
N PHE A 44 5.01 6.30 12.02
CA PHE A 44 3.55 6.35 12.10
C PHE A 44 2.95 5.00 11.68
N PRO A 45 3.13 4.00 12.50
CA PRO A 45 2.61 2.64 12.23
C PRO A 45 1.11 2.53 12.53
N GLN A 46 0.52 3.62 12.99
CA GLN A 46 -0.90 3.63 13.34
C GLN A 46 -1.74 3.35 12.09
N GLU A 47 -1.48 4.12 11.02
CA GLU A 47 -2.22 3.92 9.77
C GLU A 47 -1.27 3.54 8.64
N GLY A 48 -0.58 4.54 8.08
CA GLY A 48 0.35 4.29 7.00
C GLY A 48 -0.36 3.80 5.75
N THR A 49 -0.65 4.71 4.83
CA THR A 49 -1.33 4.35 3.59
C THR A 49 -0.32 3.84 2.56
N ILE A 50 -0.81 3.19 1.51
CA ILE A 50 0.05 2.66 0.47
C ILE A 50 0.39 3.75 -0.55
N ASP A 51 1.68 3.87 -0.88
CA ASP A 51 2.12 4.87 -1.82
C ASP A 51 3.19 4.29 -2.75
N ILE A 52 3.14 4.68 -4.02
CA ILE A 52 4.11 4.20 -4.99
C ILE A 52 5.28 5.16 -5.11
N LYS A 53 4.99 6.46 -5.07
CA LYS A 53 6.04 7.47 -5.16
C LYS A 53 6.97 7.40 -3.95
N ARG A 54 6.38 7.30 -2.76
CA ARG A 54 7.19 7.24 -1.54
C ARG A 54 7.93 5.92 -1.46
N TRP A 55 7.18 4.83 -1.33
CA TRP A 55 7.78 3.50 -1.22
C TRP A 55 8.94 3.38 -2.21
N ARG A 56 8.86 4.13 -3.31
CA ARG A 56 9.92 4.10 -4.31
C ARG A 56 11.17 4.80 -3.79
N ARG A 57 10.99 5.98 -3.20
CA ARG A 57 12.12 6.74 -2.68
C ARG A 57 12.80 5.98 -1.55
N VAL A 58 12.02 5.60 -0.54
CA VAL A 58 12.56 4.85 0.59
C VAL A 58 12.92 3.43 0.19
N GLY A 59 12.27 2.95 -0.88
CA GLY A 59 12.52 1.59 -1.36
C GLY A 59 13.91 1.47 -1.96
N ASP A 60 14.26 2.44 -2.81
CA ASP A 60 15.58 2.42 -3.46
C ASP A 60 16.68 2.76 -2.46
N CYS A 61 16.44 3.76 -1.63
CA CYS A 61 17.42 4.17 -0.64
C CYS A 61 17.94 2.97 0.15
N PHE A 62 17.05 2.36 0.92
CA PHE A 62 17.42 1.21 1.72
C PHE A 62 17.88 0.06 0.85
N GLN A 63 17.10 -0.25 -0.18
CA GLN A 63 17.43 -1.36 -1.06
C GLN A 63 18.72 -1.10 -1.83
N ASP A 64 18.71 -0.06 -2.65
CA ASP A 64 19.89 0.29 -3.44
C ASP A 64 21.13 0.36 -2.56
N TYR A 65 20.94 0.77 -1.30
CA TYR A 65 22.05 0.87 -0.37
C TYR A 65 22.46 -0.50 0.16
N TYR A 66 21.46 -1.31 0.49
CA TYR A 66 21.72 -2.64 1.03
C TYR A 66 22.34 -3.54 -0.03
N ASN A 67 21.85 -3.44 -1.26
CA ASN A 67 22.36 -4.25 -2.35
C ASN A 67 23.71 -3.73 -2.84
N THR A 68 23.71 -2.49 -3.35
CA THR A 68 24.93 -1.90 -3.86
C THR A 68 26.08 -2.14 -2.90
N PHE A 69 25.76 -2.29 -1.61
CA PHE A 69 26.80 -2.53 -0.62
C PHE A 69 27.46 -3.89 -0.86
N GLY A 70 26.65 -4.94 -0.91
CA GLY A 70 27.16 -6.29 -1.13
C GLY A 70 26.72 -7.24 -0.03
N PRO A 71 25.45 -7.56 0.01
CA PRO A 71 24.87 -8.48 1.03
C PRO A 71 25.15 -9.95 0.69
N GLU A 72 25.06 -10.81 1.70
CA GLU A 72 25.29 -12.23 1.51
C GLU A 72 23.95 -12.99 1.46
N LYS A 73 22.87 -12.29 1.73
CA LYS A 73 21.54 -12.90 1.72
C LYS A 73 20.67 -12.29 0.64
N VAL A 74 21.31 -11.75 -0.38
CA VAL A 74 20.58 -11.10 -1.47
C VAL A 74 19.37 -11.95 -1.88
N PRO A 75 18.19 -11.58 -1.42
CA PRO A 75 16.94 -12.34 -1.71
C PRO A 75 16.37 -12.01 -3.09
N VAL A 76 15.73 -13.00 -3.70
CA VAL A 76 15.13 -12.81 -5.01
C VAL A 76 13.82 -12.03 -4.89
N ILE A 77 13.25 -12.03 -3.70
CA ILE A 77 11.99 -11.33 -3.47
C ILE A 77 12.09 -9.89 -3.94
N ALA A 78 13.31 -9.38 -4.03
CA ALA A 78 13.53 -8.00 -4.48
C ALA A 78 12.91 -7.78 -5.85
N PHE A 79 13.41 -8.51 -6.84
CA PHE A 79 12.89 -8.37 -8.19
C PHE A 79 11.37 -8.37 -8.19
N SER A 80 10.78 -9.27 -7.40
CA SER A 80 9.33 -9.35 -7.32
C SER A 80 8.73 -8.02 -6.89
N TYR A 81 9.35 -7.40 -5.88
CA TYR A 81 8.88 -6.11 -5.38
C TYR A 81 8.85 -5.09 -6.50
N TRP A 82 8.44 -3.87 -6.17
CA TRP A 82 8.37 -2.79 -7.16
C TRP A 82 7.26 -3.07 -8.18
N ASN A 83 7.47 -4.12 -8.98
CA ASN A 83 6.49 -4.49 -9.99
C ASN A 83 5.17 -4.86 -9.34
N LEU A 84 5.24 -5.57 -8.22
CA LEU A 84 4.05 -5.97 -7.49
C LEU A 84 3.32 -4.75 -6.94
N ILE A 85 4.08 -3.75 -6.53
CA ILE A 85 3.50 -2.53 -5.96
C ILE A 85 2.56 -1.89 -6.96
N LYS A 86 2.95 -1.87 -8.23
CA LYS A 86 2.10 -1.29 -9.25
C LYS A 86 0.84 -2.13 -9.46
N GLU A 87 1.03 -3.40 -9.81
CA GLU A 87 -0.10 -4.29 -10.04
C GLU A 87 -0.96 -4.40 -8.78
N LEU A 88 -0.38 -4.03 -7.65
CA LEU A 88 -1.09 -4.11 -6.38
C LEU A 88 -2.21 -3.07 -6.33
N ILE A 89 -1.83 -1.82 -6.56
CA ILE A 89 -2.81 -0.74 -6.54
C ILE A 89 -3.92 -1.01 -7.55
N ASP A 90 -3.58 -1.70 -8.64
CA ASP A 90 -4.55 -2.00 -9.67
C ASP A 90 -5.65 -2.89 -9.11
N LYS A 91 -5.28 -4.11 -8.72
CA LYS A 91 -6.26 -5.05 -8.16
C LYS A 91 -6.90 -4.46 -6.92
N LYS A 92 -6.09 -3.81 -6.09
CA LYS A 92 -6.59 -3.18 -4.87
C LYS A 92 -7.57 -2.05 -5.22
N GLU A 93 -7.56 -1.64 -6.46
CA GLU A 93 -8.44 -0.57 -6.91
C GLU A 93 -9.91 -0.96 -6.68
N VAL A 94 -10.14 -2.19 -6.23
CA VAL A 94 -11.49 -2.66 -6.02
C VAL A 94 -12.34 -1.61 -5.32
N ASN A 95 -12.01 -1.32 -4.06
CA ASN A 95 -12.72 -0.31 -3.29
C ASN A 95 -12.34 -0.37 -1.82
N PRO A 96 -11.09 -0.14 -1.51
CA PRO A 96 -10.59 -0.16 -0.11
C PRO A 96 -10.64 1.22 0.54
N GLN A 97 -9.85 1.41 1.59
CA GLN A 97 -9.80 2.70 2.27
C GLN A 97 -9.25 3.78 1.34
N VAL A 98 -8.58 3.35 0.27
CA VAL A 98 -8.00 4.28 -0.67
C VAL A 98 -9.08 5.19 -1.25
N MET A 99 -10.21 4.60 -1.62
CA MET A 99 -11.33 5.36 -2.16
C MET A 99 -11.96 6.23 -1.07
N ALA A 100 -11.87 5.77 0.17
CA ALA A 100 -12.44 6.52 1.28
C ALA A 100 -11.66 7.82 1.51
N ALA A 101 -10.33 7.70 1.51
CA ALA A 101 -9.49 8.87 1.72
C ALA A 101 -9.88 9.99 0.75
N VAL A 102 -10.67 9.64 -0.27
CA VAL A 102 -11.12 10.64 -1.24
C VAL A 102 -12.48 11.21 -0.82
N ALA A 103 -13.44 10.34 -0.59
CA ALA A 103 -14.77 10.76 -0.18
C ALA A 103 -14.68 11.51 1.14
N GLN A 104 -13.64 11.22 1.91
CA GLN A 104 -13.44 11.87 3.20
C GLN A 104 -12.79 13.24 3.01
N THR A 105 -11.64 13.26 2.35
CA THR A 105 -10.94 14.51 2.11
C THR A 105 -11.77 15.46 1.26
N GLU A 106 -12.40 14.91 0.22
CA GLU A 106 -13.22 15.70 -0.67
C GLU A 106 -14.67 15.23 -0.63
N GLU A 107 -15.39 15.64 0.41
CA GLU A 107 -16.79 15.26 0.58
C GLU A 107 -17.65 15.96 -0.48
N ILE A 108 -18.86 15.44 -0.68
CA ILE A 108 -19.77 16.02 -1.66
C ILE A 108 -20.04 17.49 -1.35
N LEU A 109 -20.01 17.84 -0.07
CA LEU A 109 -20.26 19.21 0.35
C LEU A 109 -18.94 19.91 0.65
N LYS A 110 -18.71 21.04 -0.01
CA LYS A 110 -17.49 21.80 0.19
C LYS A 110 -17.54 23.13 -0.56
N SER A 111 -16.46 23.90 -0.50
CA SER A 111 -16.41 25.18 -1.17
C SER A 111 -16.58 25.01 -2.68
N ASN A 112 -15.89 24.03 -3.24
CA ASN A 112 -15.97 23.77 -4.67
C ASN A 112 -17.39 23.39 -5.06
N SER A 113 -18.05 22.60 -4.23
CA SER A 113 -19.40 22.17 -4.51
C SER A 113 -20.36 23.36 -4.47
N GLN A 114 -21.49 23.22 -5.16
CA GLN A 114 -22.49 24.28 -5.20
C GLN A 114 -23.04 24.56 -3.81
N THR A 115 -23.25 23.49 -3.05
CA THR A 115 -23.78 23.64 -1.69
C THR A 115 -22.65 23.64 -0.67
N ASP A 116 -22.69 24.59 0.26
CA ASP A 116 -21.65 24.70 1.27
C ASP A 116 -22.26 24.54 2.66
N LEU A 117 -23.45 23.98 2.73
CA LEU A 117 -24.13 23.78 4.01
C LEU A 117 -23.34 22.84 4.90
N GLU A 118 -22.85 21.75 4.32
CA GLU A 118 -22.07 20.79 5.07
C GLU A 118 -22.81 20.36 6.33
N HIS A 119 -24.07 20.77 6.44
CA HIS A 119 -24.88 20.43 7.61
C HIS A 119 -25.14 18.92 7.65
N HIS A 120 -25.39 18.33 6.49
CA HIS A 120 -25.65 16.90 6.42
C HIS A 120 -24.43 16.16 5.88
N HIS A 121 -24.00 15.13 6.60
CA HIS A 121 -22.83 14.34 6.18
C HIS A 121 -23.26 12.93 5.80
N HIS A 122 -22.93 12.52 4.58
CA HIS A 122 -23.27 11.19 4.10
C HIS A 122 -22.11 10.58 3.32
N HIS A 123 -21.37 9.68 3.98
CA HIS A 123 -20.23 9.03 3.35
C HIS A 123 -20.50 7.55 3.14
N HIS A 124 -19.83 6.95 2.17
CA HIS A 124 -20.01 5.53 1.88
C HIS A 124 -20.00 4.72 3.17
C1 MYR B . -6.73 -0.16 10.09
O1 MYR B . -6.60 -1.21 10.72
C2 MYR B . -6.81 -0.26 8.69
C3 MYR B . -5.63 0.44 8.01
C4 MYR B . -4.86 -0.53 7.11
C5 MYR B . -5.29 -0.38 5.65
C6 MYR B . -5.31 -1.76 4.96
C7 MYR B . -4.88 -1.73 3.48
C8 MYR B . -5.78 -2.50 2.52
C9 MYR B . -5.06 -3.62 1.72
C10 MYR B . -3.59 -3.28 1.42
C11 MYR B . -2.83 -4.46 0.80
C12 MYR B . -2.06 -4.02 -0.45
C13 MYR B . -0.94 -3.03 -0.09
C14 MYR B . -0.63 -2.11 -1.26
H21 MYR B . -6.83 -1.22 8.42
H22 MYR B . -7.66 0.18 8.37
H31 MYR B . -5.96 1.21 7.48
H32 MYR B . -5.00 0.78 8.71
H41 MYR B . -3.88 -0.34 7.19
H42 MYR B . -5.04 -1.47 7.41
H51 MYR B . -6.19 0.04 5.60
H52 MYR B . -4.63 0.20 5.17
H61 MYR B . -4.71 -2.37 5.46
H62 MYR B . -6.25 -2.10 4.99
H71 MYR B . -4.84 -0.77 3.18
H72 MYR B . -3.95 -2.12 3.43
H81 MYR B . -6.52 -2.93 3.05
H82 MYR B . -6.17 -1.86 1.87
H91 MYR B . -5.10 -4.47 2.25
H92 MYR B . -5.53 -3.75 0.85
H101 MYR B . -3.57 -2.50 0.80
H102 MYR B . -3.14 -3.02 2.28
H111 MYR B . -2.19 -4.82 1.47
H112 MYR B . -3.48 -5.17 0.54
H121 MYR B . -1.65 -4.83 -0.88
H122 MYR B . -2.69 -3.58 -1.09
H131 MYR B . -1.22 -2.49 0.69
H132 MYR B . -0.11 -3.54 0.15
H141 MYR B . 0.13 -2.48 -1.79
H142 MYR B . -1.44 -2.03 -1.85
H143 MYR B . -0.39 -1.19 -0.90
N GLY A 1 -8.60 -0.28 9.71
CA GLY A 1 -9.78 -0.51 10.51
C GLY A 1 -10.57 -1.70 9.97
N GLN A 2 -11.86 -1.49 9.72
CA GLN A 2 -12.72 -2.55 9.20
C GLN A 2 -12.07 -3.23 8.01
N GLU A 3 -11.45 -2.43 7.14
CA GLU A 3 -10.78 -2.97 5.95
C GLU A 3 -9.86 -4.13 6.34
N LEU A 4 -9.69 -4.34 7.64
CA LEU A 4 -8.84 -5.42 8.13
C LEU A 4 -9.29 -6.75 7.55
N SER A 5 -10.60 -6.99 7.57
CA SER A 5 -11.15 -8.24 7.02
C SER A 5 -10.82 -8.35 5.53
N GLN A 6 -10.95 -7.22 4.82
CA GLN A 6 -10.66 -7.20 3.39
C GLN A 6 -9.19 -7.50 3.14
N HIS A 7 -8.33 -6.99 4.01
CA HIS A 7 -6.89 -7.20 3.88
C HIS A 7 -6.57 -8.69 4.05
N GLU A 8 -7.24 -9.33 5.00
CA GLU A 8 -7.00 -10.76 5.24
C GLU A 8 -7.18 -11.56 3.96
N ARG A 9 -8.39 -11.52 3.40
CA ARG A 9 -8.68 -12.25 2.18
C ARG A 9 -7.61 -11.99 1.13
N TYR A 10 -7.26 -10.72 0.95
CA TYR A 10 -6.25 -10.35 -0.03
C TYR A 10 -4.90 -10.96 0.32
N VAL A 11 -4.47 -10.76 1.55
CA VAL A 11 -3.19 -11.31 2.00
C VAL A 11 -3.04 -12.75 1.54
N GLU A 12 -4.13 -13.49 1.55
CA GLU A 12 -4.10 -14.88 1.12
C GLU A 12 -3.87 -14.98 -0.38
N GLN A 13 -4.47 -14.04 -1.13
CA GLN A 13 -4.31 -14.04 -2.58
C GLN A 13 -2.88 -13.74 -2.99
N LEU A 14 -2.26 -12.79 -2.30
CA LEU A 14 -0.89 -12.40 -2.59
C LEU A 14 0.06 -13.56 -2.34
N LYS A 15 -0.19 -14.30 -1.27
CA LYS A 15 0.66 -15.44 -0.93
C LYS A 15 0.61 -16.50 -2.01
N GLN A 16 -0.58 -16.77 -2.53
CA GLN A 16 -0.74 -17.78 -3.57
C GLN A 16 0.12 -17.45 -4.78
N ALA A 17 0.05 -16.20 -5.25
CA ALA A 17 0.83 -15.78 -6.41
C ALA A 17 2.30 -16.12 -6.21
N LEU A 18 2.87 -15.65 -5.11
CA LEU A 18 4.28 -15.90 -4.82
C LEU A 18 4.51 -17.41 -4.59
N LYS A 19 3.50 -18.06 -4.04
CA LYS A 19 3.61 -19.50 -3.75
C LYS A 19 3.85 -20.28 -5.04
N THR A 20 3.48 -19.68 -6.17
CA THR A 20 3.66 -20.34 -7.46
C THR A 20 5.05 -20.05 -8.02
N ARG A 21 5.81 -19.22 -7.31
CA ARG A 21 7.15 -18.85 -7.76
C ARG A 21 8.18 -19.80 -7.17
N GLY A 22 7.72 -20.88 -6.56
CA GLY A 22 8.62 -21.86 -5.96
C GLY A 22 9.16 -21.37 -4.63
N VAL A 23 8.87 -20.11 -4.31
CA VAL A 23 9.33 -19.52 -3.05
C VAL A 23 8.73 -20.26 -1.87
N LYS A 24 9.50 -20.37 -0.78
CA LYS A 24 9.03 -21.05 0.42
C LYS A 24 7.67 -20.50 0.86
N VAL A 25 7.27 -20.86 2.07
CA VAL A 25 5.98 -20.39 2.59
C VAL A 25 6.21 -19.34 3.67
N LYS A 26 5.98 -18.08 3.32
CA LYS A 26 6.14 -16.98 4.27
C LYS A 26 4.87 -16.15 4.35
N TYR A 27 4.68 -15.47 5.49
CA TYR A 27 3.49 -14.64 5.67
C TYR A 27 3.67 -13.31 4.96
N ALA A 28 2.64 -12.90 4.23
CA ALA A 28 2.68 -11.63 3.52
C ALA A 28 2.26 -10.47 4.42
N ASP A 29 1.21 -10.70 5.20
CA ASP A 29 0.69 -9.67 6.08
C ASP A 29 1.80 -9.11 6.97
N LEU A 30 2.46 -9.98 7.72
CA LEU A 30 3.53 -9.54 8.60
C LEU A 30 4.68 -8.92 7.82
N LEU A 31 5.28 -9.71 6.95
CA LEU A 31 6.41 -9.23 6.17
C LEU A 31 6.10 -7.88 5.54
N LYS A 32 4.91 -7.76 4.97
CA LYS A 32 4.50 -6.52 4.34
C LYS A 32 4.09 -5.48 5.38
N PHE A 33 3.24 -5.89 6.30
CA PHE A 33 2.75 -4.97 7.34
C PHE A 33 3.91 -4.24 8.00
N PHE A 34 4.79 -5.00 8.62
CA PHE A 34 5.95 -4.41 9.31
C PHE A 34 6.80 -3.60 8.34
N ASP A 35 7.16 -4.21 7.22
CA ASP A 35 8.00 -3.54 6.23
C ASP A 35 7.39 -2.21 5.80
N PHE A 36 6.19 -2.27 5.24
CA PHE A 36 5.53 -1.06 4.78
C PHE A 36 5.27 -0.10 5.92
N VAL A 37 4.51 -0.55 6.92
CA VAL A 37 4.18 0.29 8.07
C VAL A 37 5.39 1.09 8.53
N LYS A 38 6.49 0.39 8.78
CA LYS A 38 7.70 1.04 9.23
C LYS A 38 8.25 1.95 8.15
N ASP A 39 7.92 1.66 6.89
CA ASP A 39 8.42 2.46 5.78
C ASP A 39 7.51 3.67 5.54
N ILE A 40 6.31 3.41 5.04
CA ILE A 40 5.37 4.48 4.75
C ILE A 40 5.04 5.28 5.99
N CYS A 41 4.82 4.58 7.10
CA CYS A 41 4.48 5.23 8.36
C CYS A 41 5.48 4.85 9.46
N PRO A 42 6.62 5.47 9.47
CA PRO A 42 7.68 5.20 10.48
C PRO A 42 7.40 5.90 11.81
N TRP A 43 6.62 6.97 11.76
CA TRP A 43 6.27 7.74 12.95
C TRP A 43 4.76 7.73 13.19
N PHE A 44 4.03 7.04 12.33
CA PHE A 44 2.58 6.98 12.45
C PHE A 44 2.05 5.62 11.98
N PRO A 45 2.42 4.58 12.66
CA PRO A 45 2.00 3.19 12.30
C PRO A 45 0.53 2.94 12.59
N GLN A 46 -0.16 3.98 13.07
CA GLN A 46 -1.58 3.86 13.39
C GLN A 46 -2.39 3.57 12.12
N GLU A 47 -2.11 4.33 11.06
CA GLU A 47 -2.83 4.14 9.80
C GLU A 47 -1.92 3.46 8.77
N GLY A 48 -1.04 4.24 8.17
CA GLY A 48 -0.13 3.70 7.16
C GLY A 48 -0.85 3.35 5.88
N THR A 49 -0.49 4.03 4.79
CA THR A 49 -1.12 3.77 3.50
C THR A 49 -0.06 3.40 2.46
N ILE A 50 -0.44 2.56 1.51
CA ILE A 50 0.48 2.14 0.45
C ILE A 50 0.82 3.30 -0.47
N ASP A 51 2.11 3.47 -0.75
CA ASP A 51 2.58 4.54 -1.62
C ASP A 51 3.62 4.02 -2.61
N ILE A 52 3.59 4.56 -3.82
CA ILE A 52 4.53 4.13 -4.84
C ILE A 52 5.72 5.09 -4.92
N LYS A 53 5.44 6.38 -4.81
CA LYS A 53 6.50 7.39 -4.86
C LYS A 53 7.40 7.29 -3.63
N ARG A 54 6.80 7.20 -2.45
CA ARG A 54 7.58 7.15 -1.22
C ARG A 54 8.30 5.81 -1.10
N TRP A 55 7.53 4.74 -0.94
CA TRP A 55 8.11 3.42 -0.79
C TRP A 55 9.26 3.24 -1.77
N ARG A 56 9.21 3.99 -2.87
CA ARG A 56 10.28 3.91 -3.88
C ARG A 56 11.55 4.58 -3.38
N ARG A 57 11.41 5.77 -2.79
CA ARG A 57 12.57 6.50 -2.29
C ARG A 57 13.25 5.75 -1.16
N VAL A 58 12.47 5.40 -0.14
CA VAL A 58 13.02 4.68 1.00
C VAL A 58 13.28 3.22 0.64
N GLY A 59 12.58 2.73 -0.37
CA GLY A 59 12.74 1.35 -0.81
C GLY A 59 14.10 1.13 -1.44
N ASP A 60 14.50 2.05 -2.32
CA ASP A 60 15.78 1.94 -3.00
C ASP A 60 16.94 2.18 -2.02
N CYS A 61 16.78 3.18 -1.16
CA CYS A 61 17.81 3.51 -0.19
C CYS A 61 18.26 2.26 0.56
N PHE A 62 17.34 1.69 1.33
CA PHE A 62 17.66 0.49 2.10
C PHE A 62 18.00 -0.68 1.19
N GLN A 63 17.14 -0.91 0.19
CA GLN A 63 17.36 -2.03 -0.73
C GLN A 63 18.65 -1.86 -1.51
N ASP A 64 18.73 -0.79 -2.29
CA ASP A 64 19.92 -0.53 -3.09
C ASP A 64 21.17 -0.58 -2.23
N TYR A 65 21.02 -0.22 -0.96
CA TYR A 65 22.15 -0.24 -0.03
C TYR A 65 22.47 -1.66 0.42
N TYR A 66 21.43 -2.41 0.77
CA TYR A 66 21.60 -3.78 1.24
C TYR A 66 22.17 -4.64 0.12
N ASN A 67 21.68 -4.44 -1.10
CA ASN A 67 22.14 -5.22 -2.25
C ASN A 67 23.50 -4.73 -2.74
N THR A 68 23.56 -3.48 -3.18
CA THR A 68 24.81 -2.94 -3.69
C THR A 68 25.97 -3.28 -2.76
N PHE A 69 25.66 -3.48 -1.48
CA PHE A 69 26.70 -3.83 -0.51
C PHE A 69 27.29 -5.20 -0.83
N GLY A 70 26.42 -6.20 -0.95
CA GLY A 70 26.87 -7.56 -1.26
C GLY A 70 26.39 -8.56 -0.19
N PRO A 71 25.11 -8.80 -0.13
CA PRO A 71 24.51 -9.75 0.85
C PRO A 71 24.70 -11.20 0.44
N GLU A 72 24.56 -12.10 1.40
CA GLU A 72 24.71 -13.52 1.14
C GLU A 72 23.35 -14.20 1.03
N LYS A 73 22.29 -13.42 1.17
CA LYS A 73 20.94 -13.96 1.08
C LYS A 73 20.13 -13.23 0.02
N VAL A 74 20.83 -12.70 -0.99
CA VAL A 74 20.16 -11.95 -2.05
C VAL A 74 18.91 -12.69 -2.51
N PRO A 75 17.74 -12.26 -2.06
CA PRO A 75 16.45 -12.91 -2.40
C PRO A 75 15.92 -12.47 -3.76
N VAL A 76 15.13 -13.33 -4.38
CA VAL A 76 14.54 -13.02 -5.68
C VAL A 76 13.33 -12.10 -5.52
N ILE A 77 12.90 -11.92 -4.27
CA ILE A 77 11.74 -11.08 -3.98
C ILE A 77 11.89 -9.73 -4.67
N ALA A 78 13.13 -9.35 -4.96
CA ALA A 78 13.40 -8.07 -5.62
C ALA A 78 12.63 -7.97 -6.93
N PHE A 79 12.93 -8.87 -7.86
CA PHE A 79 12.26 -8.85 -9.15
C PHE A 79 10.76 -8.67 -8.98
N SER A 80 10.19 -9.39 -8.03
CA SER A 80 8.75 -9.29 -7.78
C SER A 80 8.37 -7.88 -7.36
N TYR A 81 9.15 -7.30 -6.45
CA TYR A 81 8.89 -5.95 -5.97
C TYR A 81 8.78 -4.98 -7.15
N TRP A 82 8.25 -3.80 -6.87
CA TRP A 82 8.08 -2.78 -7.91
C TRP A 82 6.89 -3.13 -8.80
N ASN A 83 7.01 -4.23 -9.53
CA ASN A 83 5.94 -4.65 -10.43
C ASN A 83 4.67 -4.96 -9.65
N LEU A 84 4.84 -5.61 -8.50
CA LEU A 84 3.69 -5.94 -7.65
C LEU A 84 3.02 -4.69 -7.11
N ILE A 85 3.83 -3.72 -6.70
CA ILE A 85 3.30 -2.49 -6.13
C ILE A 85 2.31 -1.85 -7.09
N LYS A 86 2.68 -1.76 -8.37
CA LYS A 86 1.81 -1.16 -9.36
C LYS A 86 0.54 -1.99 -9.53
N GLU A 87 0.70 -3.26 -9.88
CA GLU A 87 -0.44 -4.13 -10.07
C GLU A 87 -1.29 -4.19 -8.80
N LEU A 88 -0.65 -3.96 -7.67
CA LEU A 88 -1.35 -4.02 -6.40
C LEU A 88 -2.38 -2.91 -6.30
N ILE A 89 -1.93 -1.67 -6.48
CA ILE A 89 -2.82 -0.53 -6.38
C ILE A 89 -4.04 -0.74 -7.30
N ASP A 90 -3.81 -1.38 -8.44
CA ASP A 90 -4.88 -1.61 -9.40
C ASP A 90 -6.00 -2.40 -8.75
N LYS A 91 -5.69 -3.62 -8.32
CA LYS A 91 -6.70 -4.45 -7.66
C LYS A 91 -7.16 -3.81 -6.36
N LYS A 92 -6.22 -3.21 -5.64
CA LYS A 92 -6.54 -2.56 -4.37
C LYS A 92 -7.63 -1.53 -4.55
N GLU A 93 -7.89 -1.16 -5.80
CA GLU A 93 -8.95 -0.20 -6.11
C GLU A 93 -10.24 -0.54 -5.35
N VAL A 94 -10.24 -1.69 -4.68
CA VAL A 94 -11.40 -2.13 -3.93
C VAL A 94 -11.98 -0.98 -3.12
N ASN A 95 -11.18 0.08 -2.94
CA ASN A 95 -11.62 1.26 -2.19
C ASN A 95 -11.32 1.10 -0.70
N PRO A 96 -10.06 1.00 -0.36
CA PRO A 96 -9.62 0.86 1.05
C PRO A 96 -9.37 2.23 1.71
N GLN A 97 -8.40 2.28 2.62
CA GLN A 97 -8.06 3.51 3.31
C GLN A 97 -7.55 4.54 2.31
N VAL A 98 -6.93 4.07 1.23
CA VAL A 98 -6.38 4.97 0.23
C VAL A 98 -7.43 5.98 -0.22
N MET A 99 -8.63 5.49 -0.49
CA MET A 99 -9.73 6.36 -0.91
C MET A 99 -10.15 7.28 0.23
N ALA A 100 -10.02 6.79 1.46
CA ALA A 100 -10.39 7.58 2.63
C ALA A 100 -9.46 8.78 2.78
N ALA A 101 -8.16 8.52 2.80
CA ALA A 101 -7.18 9.58 2.96
C ALA A 101 -7.48 10.71 1.96
N VAL A 102 -8.30 10.41 0.96
CA VAL A 102 -8.66 11.42 -0.02
C VAL A 102 -9.99 12.08 0.34
N ALA A 103 -11.00 11.26 0.60
CA ALA A 103 -12.31 11.78 0.96
C ALA A 103 -12.24 12.48 2.32
N GLN A 104 -11.06 12.46 2.91
CA GLN A 104 -10.85 13.09 4.22
C GLN A 104 -9.97 14.32 4.09
N THR A 105 -8.77 14.13 3.55
CA THR A 105 -7.84 15.24 3.38
C THR A 105 -8.41 16.28 2.42
N GLU A 106 -9.06 15.80 1.36
CA GLU A 106 -9.66 16.69 0.37
C GLU A 106 -11.16 16.46 0.30
N GLU A 107 -11.90 17.11 1.20
CA GLU A 107 -13.35 16.97 1.22
C GLU A 107 -13.98 17.73 0.06
N ILE A 108 -15.22 17.38 -0.26
CA ILE A 108 -15.92 18.04 -1.36
C ILE A 108 -16.11 19.52 -1.07
N LEU A 109 -16.30 19.84 0.22
CA LEU A 109 -16.50 21.23 0.62
C LEU A 109 -15.16 21.96 0.69
N LYS A 110 -14.95 22.88 -0.25
CA LYS A 110 -13.72 23.64 -0.29
C LYS A 110 -13.87 24.89 -1.16
N SER A 111 -12.75 25.51 -1.50
CA SER A 111 -12.79 26.73 -2.31
C SER A 111 -13.75 26.56 -3.48
N ASN A 112 -13.68 25.41 -4.14
CA ASN A 112 -14.55 25.14 -5.28
C ASN A 112 -16.01 25.14 -4.85
N SER A 113 -16.27 24.58 -3.66
CA SER A 113 -17.64 24.52 -3.15
C SER A 113 -18.12 25.91 -2.74
N GLN A 114 -19.44 26.07 -2.67
CA GLN A 114 -20.03 27.35 -2.29
C GLN A 114 -19.64 27.72 -0.86
N THR A 115 -19.62 26.72 0.02
CA THR A 115 -19.28 26.95 1.42
C THR A 115 -18.13 26.06 1.84
N ASP A 116 -17.36 26.53 2.83
CA ASP A 116 -16.21 25.76 3.31
C ASP A 116 -16.20 25.76 4.84
N LEU A 117 -17.23 26.31 5.45
CA LEU A 117 -17.32 26.36 6.90
C LEU A 117 -17.38 24.96 7.48
N GLU A 118 -18.13 24.08 6.83
CA GLU A 118 -18.26 22.71 7.30
C GLU A 118 -18.74 22.68 8.74
N HIS A 119 -17.84 22.31 9.65
CA HIS A 119 -18.17 22.24 11.06
C HIS A 119 -17.56 23.42 11.82
N HIS A 120 -18.36 24.03 12.69
CA HIS A 120 -17.89 25.17 13.47
C HIS A 120 -16.79 24.75 14.43
N HIS A 121 -17.00 23.62 15.10
CA HIS A 121 -16.00 23.12 16.04
C HIS A 121 -14.88 22.40 15.30
N HIS A 122 -13.65 22.84 15.54
CA HIS A 122 -12.48 22.24 14.90
C HIS A 122 -11.62 21.50 15.92
N HIS A 123 -11.10 20.35 15.52
CA HIS A 123 -10.25 19.55 16.41
C HIS A 123 -8.80 19.58 15.93
N HIS A 124 -7.88 19.36 16.86
CA HIS A 124 -6.46 19.36 16.53
C HIS A 124 -5.80 18.07 17.01
C1 MYR B . -8.68 -0.05 8.40
O1 MYR B . -9.75 -0.02 7.80
C2 MYR B . -8.01 1.17 8.53
C3 MYR B . -6.82 1.25 7.55
C4 MYR B . -6.18 -0.10 7.32
C5 MYR B . -5.76 -0.30 5.87
C6 MYR B . -6.37 -1.59 5.30
C7 MYR B . -5.53 -2.23 4.19
C8 MYR B . -6.34 -3.00 3.13
C9 MYR B . -5.57 -4.11 2.40
C10 MYR B . -5.03 -3.67 1.04
C11 MYR B . -4.13 -4.72 0.37
C12 MYR B . -2.65 -4.32 0.44
C13 MYR B . -2.24 -4.00 1.88
C14 MYR B . -1.25 -2.85 1.94
H21 MYR B . -8.62 1.93 8.35
H22 MYR B . -7.64 1.25 9.46
H31 MYR B . -7.14 1.62 6.68
H32 MYR B . -6.12 1.88 7.92
H41 MYR B . -5.38 -0.19 7.92
H42 MYR B . -6.84 -0.83 7.57
H51 MYR B . -6.07 0.47 5.33
H52 MYR B . -4.76 -0.37 5.81
H61 MYR B . -6.46 -2.25 6.04
H62 MYR B . -7.27 -1.37 4.93
H71 MYR B . -5.02 -1.51 3.72
H72 MYR B . -4.90 -2.88 4.60
H81 MYR B . -7.14 -3.41 3.56
H82 MYR B . -6.66 -2.34 2.43
H91 MYR B . -4.80 -4.39 2.97
H92 MYR B . -6.17 -4.89 2.25
H101 MYR B . -5.81 -3.47 0.42
H102 MYR B . -4.51 -2.82 1.15
H111 MYR B . -4.26 -5.60 0.82
H112 MYR B . -4.39 -4.80 -0.60
H121 MYR B . -2.08 -5.06 0.08
H122 MYR B . -2.50 -3.50 -0.12
H131 MYR B . -3.05 -3.76 2.42
H132 MYR B . -1.81 -4.81 2.28
H141 MYR B . -0.90 -2.76 2.87
H142 MYR B . -0.49 -3.03 1.31
H143 MYR B . -1.71 -1.97 1.66
N GLY A 1 -7.63 0.74 9.86
CA GLY A 1 -8.16 -0.35 10.66
C GLY A 1 -9.00 -1.29 9.80
N GLN A 2 -10.20 -0.85 9.43
CA GLN A 2 -11.08 -1.67 8.62
C GLN A 2 -10.32 -2.29 7.46
N GLU A 3 -9.55 -1.49 6.74
CA GLU A 3 -8.79 -1.98 5.60
C GLU A 3 -8.11 -3.31 5.93
N LEU A 4 -8.02 -3.61 7.22
CA LEU A 4 -7.41 -4.85 7.66
C LEU A 4 -8.12 -6.04 7.02
N SER A 5 -9.44 -5.98 7.01
CA SER A 5 -10.23 -7.07 6.42
C SER A 5 -9.82 -7.28 4.98
N GLN A 6 -9.70 -6.19 4.23
CA GLN A 6 -9.31 -6.27 2.83
C GLN A 6 -7.89 -6.81 2.71
N HIS A 7 -7.02 -6.38 3.63
CA HIS A 7 -5.64 -6.83 3.63
C HIS A 7 -5.57 -8.33 3.82
N GLU A 8 -6.50 -8.87 4.61
CA GLU A 8 -6.53 -10.31 4.86
C GLU A 8 -6.70 -11.06 3.54
N ARG A 9 -7.82 -10.83 2.87
CA ARG A 9 -8.06 -11.53 1.61
C ARG A 9 -6.89 -11.37 0.66
N TYR A 10 -6.35 -10.16 0.57
CA TYR A 10 -5.22 -9.92 -0.30
C TYR A 10 -4.03 -10.77 0.12
N VAL A 11 -3.67 -10.71 1.39
CA VAL A 11 -2.54 -11.48 1.89
C VAL A 11 -2.62 -12.91 1.39
N GLU A 12 -3.83 -13.47 1.41
CA GLU A 12 -4.02 -14.84 0.96
C GLU A 12 -3.86 -14.93 -0.56
N GLN A 13 -4.29 -13.89 -1.27
CA GLN A 13 -4.19 -13.87 -2.72
C GLN A 13 -2.74 -13.77 -3.17
N LEU A 14 -2.00 -12.90 -2.50
CA LEU A 14 -0.58 -12.71 -2.81
C LEU A 14 0.21 -13.98 -2.56
N LYS A 15 -0.10 -14.67 -1.47
CA LYS A 15 0.60 -15.91 -1.16
C LYS A 15 0.38 -16.95 -2.25
N GLN A 16 -0.83 -17.01 -2.80
CA GLN A 16 -1.14 -17.97 -3.85
C GLN A 16 -0.27 -17.70 -5.07
N ALA A 17 -0.12 -16.43 -5.42
CA ALA A 17 0.69 -16.06 -6.59
C ALA A 17 2.13 -16.48 -6.41
N LEU A 18 2.77 -15.99 -5.35
CA LEU A 18 4.17 -16.30 -5.08
C LEU A 18 4.33 -17.81 -4.89
N LYS A 19 3.26 -18.46 -4.47
CA LYS A 19 3.30 -19.91 -4.27
C LYS A 19 3.51 -20.63 -5.59
N THR A 20 2.94 -20.07 -6.67
CA THR A 20 3.08 -20.69 -7.99
C THR A 20 4.51 -20.55 -8.51
N ARG A 21 5.35 -19.83 -7.76
CA ARG A 21 6.74 -19.65 -8.18
C ARG A 21 7.63 -20.74 -7.60
N GLY A 22 7.01 -21.71 -6.92
CA GLY A 22 7.77 -22.81 -6.32
C GLY A 22 8.41 -22.38 -5.00
N VAL A 23 8.18 -21.14 -4.61
CA VAL A 23 8.73 -20.61 -3.37
C VAL A 23 8.16 -21.37 -2.18
N LYS A 24 8.97 -21.55 -1.15
CA LYS A 24 8.54 -22.26 0.04
C LYS A 24 7.26 -21.63 0.60
N VAL A 25 6.94 -21.96 1.85
CA VAL A 25 5.74 -21.42 2.49
C VAL A 25 6.14 -20.40 3.56
N LYS A 26 6.02 -19.12 3.22
CA LYS A 26 6.36 -18.05 4.16
C LYS A 26 5.18 -17.11 4.36
N TYR A 27 5.25 -16.26 5.38
CA TYR A 27 4.16 -15.34 5.61
C TYR A 27 4.40 -14.03 4.88
N ALA A 28 3.40 -13.58 4.16
CA ALA A 28 3.48 -12.31 3.42
C ALA A 28 3.09 -11.12 4.29
N ASP A 29 2.02 -11.30 5.08
CA ASP A 29 1.50 -10.23 5.92
C ASP A 29 2.59 -9.65 6.79
N LEU A 30 3.32 -10.49 7.50
CA LEU A 30 4.37 -10.02 8.39
C LEU A 30 5.47 -9.30 7.61
N LEU A 31 6.05 -9.99 6.65
CA LEU A 31 7.15 -9.43 5.87
C LEU A 31 6.70 -8.14 5.20
N LYS A 32 5.51 -8.16 4.62
CA LYS A 32 5.01 -6.98 3.96
C LYS A 32 4.58 -5.94 4.99
N PHE A 33 3.73 -6.35 5.94
CA PHE A 33 3.25 -5.41 6.95
C PHE A 33 4.41 -4.71 7.62
N PHE A 34 5.22 -5.48 8.33
CA PHE A 34 6.38 -4.93 9.03
C PHE A 34 7.09 -3.89 8.16
N ASP A 35 7.58 -4.34 7.00
CA ASP A 35 8.34 -3.46 6.11
C ASP A 35 7.53 -2.24 5.65
N PHE A 36 6.38 -2.48 5.02
CA PHE A 36 5.57 -1.37 4.49
C PHE A 36 5.19 -0.35 5.56
N VAL A 37 4.42 -0.79 6.54
CA VAL A 37 3.95 0.12 7.58
C VAL A 37 5.12 0.90 8.16
N LYS A 38 6.26 0.23 8.31
CA LYS A 38 7.43 0.89 8.85
C LYS A 38 8.15 1.70 7.77
N ASP A 39 7.94 1.34 6.51
CA ASP A 39 8.61 2.04 5.42
C ASP A 39 7.94 3.38 5.12
N ILE A 40 6.70 3.32 4.62
CA ILE A 40 5.97 4.53 4.29
C ILE A 40 5.71 5.36 5.54
N CYS A 41 5.31 4.67 6.61
CA CYS A 41 5.02 5.35 7.86
C CYS A 41 5.93 4.86 9.00
N PRO A 42 7.15 5.34 9.04
CA PRO A 42 8.14 4.95 10.09
C PRO A 42 7.90 5.68 11.41
N TRP A 43 7.17 6.79 11.33
CA TRP A 43 6.87 7.60 12.51
C TRP A 43 5.36 7.70 12.74
N PHE A 44 4.58 7.05 11.89
CA PHE A 44 3.13 7.09 12.02
C PHE A 44 2.50 5.82 11.46
N PRO A 45 2.81 4.70 12.06
CA PRO A 45 2.28 3.37 11.62
C PRO A 45 0.82 3.17 12.03
N GLN A 46 0.23 4.20 12.63
CA GLN A 46 -1.15 4.12 13.07
C GLN A 46 -2.10 4.02 11.87
N GLU A 47 -1.82 4.82 10.84
CA GLU A 47 -2.65 4.87 9.63
C GLU A 47 -1.81 4.57 8.38
N GLY A 48 -0.57 4.12 8.59
CA GLY A 48 0.34 3.80 7.49
C GLY A 48 -0.41 3.37 6.23
N THR A 49 -0.44 4.27 5.24
CA THR A 49 -1.12 4.00 3.98
C THR A 49 -0.13 3.50 2.92
N ILE A 50 -0.66 3.04 1.80
CA ILE A 50 0.20 2.54 0.73
C ILE A 50 0.53 3.68 -0.24
N ASP A 51 1.82 3.80 -0.58
CA ASP A 51 2.26 4.84 -1.50
C ASP A 51 3.27 4.28 -2.50
N ILE A 52 3.19 4.73 -3.74
CA ILE A 52 4.10 4.26 -4.78
C ILE A 52 5.30 5.19 -4.89
N LYS A 53 5.04 6.49 -4.82
CA LYS A 53 6.12 7.48 -4.92
C LYS A 53 7.06 7.39 -3.72
N ARG A 54 6.48 7.33 -2.51
CA ARG A 54 7.29 7.25 -1.29
C ARG A 54 7.96 5.88 -1.20
N TRP A 55 7.15 4.84 -1.08
CA TRP A 55 7.68 3.49 -0.95
C TRP A 55 8.82 3.30 -1.94
N ARG A 56 8.74 3.97 -3.08
CA ARG A 56 9.78 3.86 -4.10
C ARG A 56 11.05 4.56 -3.62
N ARG A 57 10.91 5.77 -3.09
CA ARG A 57 12.08 6.52 -2.63
C ARG A 57 12.77 5.80 -1.47
N VAL A 58 11.99 5.47 -0.46
CA VAL A 58 12.54 4.78 0.71
C VAL A 58 12.85 3.32 0.37
N GLY A 59 12.18 2.82 -0.66
CA GLY A 59 12.38 1.44 -1.09
C GLY A 59 13.77 1.26 -1.68
N ASP A 60 14.16 2.17 -2.56
CA ASP A 60 15.48 2.10 -3.19
C ASP A 60 16.57 2.42 -2.18
N CYS A 61 16.32 3.39 -1.31
CA CYS A 61 17.31 3.78 -0.31
C CYS A 61 17.79 2.56 0.46
N PHE A 62 16.89 1.95 1.21
CA PHE A 62 17.24 0.77 2.01
C PHE A 62 17.66 -0.40 1.12
N GLN A 63 16.92 -0.62 0.04
CA GLN A 63 17.23 -1.73 -0.86
C GLN A 63 18.56 -1.50 -1.57
N ASP A 64 18.64 -0.42 -2.34
CA ASP A 64 19.86 -0.10 -3.07
C ASP A 64 21.06 -0.14 -2.15
N TYR A 65 20.81 0.07 -0.85
CA TYR A 65 21.88 0.05 0.13
C TYR A 65 22.16 -1.38 0.58
N TYR A 66 21.10 -2.15 0.81
CA TYR A 66 21.24 -3.53 1.25
C TYR A 66 21.99 -4.35 0.21
N ASN A 67 21.64 -4.16 -1.06
CA ASN A 67 22.30 -4.88 -2.15
C ASN A 67 23.74 -4.40 -2.32
N THR A 68 23.90 -3.10 -2.61
CA THR A 68 25.22 -2.54 -2.80
C THR A 68 26.15 -2.95 -1.65
N PHE A 69 25.55 -3.40 -0.55
CA PHE A 69 26.32 -3.81 0.62
C PHE A 69 26.74 -5.27 0.52
N GLY A 70 26.47 -5.88 -0.63
CA GLY A 70 26.82 -7.27 -0.87
C GLY A 70 26.29 -8.17 0.26
N PRO A 71 25.01 -8.39 0.30
CA PRO A 71 24.37 -9.24 1.34
C PRO A 71 24.54 -10.73 1.06
N GLU A 72 24.36 -11.55 2.08
CA GLU A 72 24.50 -12.99 1.93
C GLU A 72 23.13 -13.66 1.83
N LYS A 73 22.08 -12.87 2.03
CA LYS A 73 20.73 -13.40 1.96
C LYS A 73 19.96 -12.70 0.86
N VAL A 74 20.66 -12.29 -0.19
CA VAL A 74 20.01 -11.58 -1.29
C VAL A 74 18.72 -12.31 -1.71
N PRO A 75 17.56 -11.81 -1.30
CA PRO A 75 16.26 -12.46 -1.63
C PRO A 75 15.74 -12.11 -3.03
N VAL A 76 15.11 -13.07 -3.67
CA VAL A 76 14.57 -12.86 -5.01
C VAL A 76 13.26 -12.07 -4.93
N ILE A 77 12.57 -12.20 -3.80
CA ILE A 77 11.30 -11.50 -3.61
C ILE A 77 11.44 -10.04 -4.03
N ALA A 78 12.66 -9.53 -4.01
CA ALA A 78 12.91 -8.15 -4.39
C ALA A 78 12.34 -7.88 -5.78
N PHE A 79 12.85 -8.57 -6.78
CA PHE A 79 12.38 -8.38 -8.14
C PHE A 79 10.86 -8.35 -8.17
N SER A 80 10.24 -9.24 -7.41
CA SER A 80 8.79 -9.31 -7.37
C SER A 80 8.19 -7.98 -6.92
N TYR A 81 8.79 -7.40 -5.87
CA TYR A 81 8.29 -6.12 -5.36
C TYR A 81 8.30 -5.07 -6.46
N TRP A 82 7.97 -3.83 -6.09
CA TRP A 82 7.93 -2.72 -7.04
C TRP A 82 6.86 -2.95 -8.10
N ASN A 83 7.06 -3.96 -8.94
CA ASN A 83 6.10 -4.28 -9.98
C ASN A 83 4.75 -4.63 -9.37
N LEU A 84 4.78 -5.41 -8.30
CA LEU A 84 3.57 -5.81 -7.61
C LEU A 84 2.89 -4.60 -6.98
N ILE A 85 3.68 -3.63 -6.54
CA ILE A 85 3.13 -2.45 -5.89
C ILE A 85 2.17 -1.75 -6.84
N LYS A 86 2.55 -1.64 -8.10
CA LYS A 86 1.69 -1.00 -9.07
C LYS A 86 0.40 -1.81 -9.27
N GLU A 87 0.54 -3.08 -9.61
CA GLU A 87 -0.62 -3.93 -9.84
C GLU A 87 -1.46 -4.03 -8.57
N LEU A 88 -0.81 -3.82 -7.43
CA LEU A 88 -1.51 -3.90 -6.16
C LEU A 88 -2.52 -2.79 -6.02
N ILE A 89 -2.08 -1.56 -6.23
CA ILE A 89 -2.98 -0.41 -6.08
C ILE A 89 -4.21 -0.63 -6.94
N ASP A 90 -4.02 -1.23 -8.12
CA ASP A 90 -5.14 -1.47 -9.01
C ASP A 90 -6.20 -2.32 -8.32
N LYS A 91 -5.79 -3.47 -7.81
CA LYS A 91 -6.72 -4.36 -7.12
C LYS A 91 -7.31 -3.66 -5.91
N LYS A 92 -6.49 -2.88 -5.23
CA LYS A 92 -6.94 -2.15 -4.05
C LYS A 92 -8.08 -1.21 -4.40
N GLU A 93 -8.27 -0.96 -5.68
CA GLU A 93 -9.35 -0.09 -6.13
C GLU A 93 -10.67 -0.47 -5.44
N VAL A 94 -10.69 -1.61 -4.77
CA VAL A 94 -11.91 -2.05 -4.09
C VAL A 94 -12.52 -0.95 -3.22
N ASN A 95 -11.81 -0.56 -2.17
CA ASN A 95 -12.27 0.50 -1.26
C ASN A 95 -11.53 0.40 0.09
N PRO A 96 -10.24 0.65 0.08
CA PRO A 96 -9.39 0.59 1.29
C PRO A 96 -9.25 1.95 1.97
N GLN A 97 -8.32 2.04 2.90
CA GLN A 97 -8.08 3.29 3.62
C GLN A 97 -7.62 4.37 2.66
N VAL A 98 -7.05 3.95 1.54
CA VAL A 98 -6.58 4.90 0.55
C VAL A 98 -7.73 5.75 0.05
N MET A 99 -8.86 5.12 -0.20
CA MET A 99 -10.03 5.85 -0.66
C MET A 99 -10.54 6.79 0.42
N ALA A 100 -10.39 6.37 1.68
CA ALA A 100 -10.84 7.19 2.80
C ALA A 100 -9.99 8.45 2.93
N ALA A 101 -8.68 8.29 2.81
CA ALA A 101 -7.78 9.43 2.92
C ALA A 101 -8.22 10.55 1.99
N VAL A 102 -9.01 10.20 0.98
CA VAL A 102 -9.49 11.21 0.05
C VAL A 102 -10.79 11.84 0.57
N ALA A 103 -11.75 11.00 0.92
CA ALA A 103 -13.03 11.48 1.42
C ALA A 103 -12.82 12.25 2.72
N GLN A 104 -11.87 11.78 3.52
CA GLN A 104 -11.55 12.41 4.79
C GLN A 104 -10.94 13.79 4.56
N THR A 105 -9.90 13.85 3.73
CA THR A 105 -9.24 15.12 3.44
C THR A 105 -10.22 16.07 2.75
N GLU A 106 -11.03 15.53 1.85
CA GLU A 106 -12.00 16.35 1.13
C GLU A 106 -13.35 15.63 1.05
N GLU A 107 -14.19 15.84 2.07
CA GLU A 107 -15.50 15.22 2.10
C GLU A 107 -16.40 15.81 1.01
N ILE A 108 -17.34 15.01 0.54
CA ILE A 108 -18.27 15.46 -0.50
C ILE A 108 -19.14 16.60 0.02
N LEU A 109 -19.33 16.66 1.32
CA LEU A 109 -20.15 17.71 1.92
C LEU A 109 -19.29 18.91 2.28
N LYS A 110 -19.47 19.99 1.52
CA LYS A 110 -18.71 21.21 1.76
C LYS A 110 -19.20 22.33 0.84
N SER A 111 -18.65 23.53 1.04
CA SER A 111 -19.04 24.68 0.23
C SER A 111 -18.77 24.43 -1.25
N ASN A 112 -17.61 23.84 -1.54
CA ASN A 112 -17.24 23.54 -2.92
C ASN A 112 -18.27 22.62 -3.55
N SER A 113 -18.75 21.65 -2.78
CA SER A 113 -19.76 20.72 -3.27
C SER A 113 -21.12 21.41 -3.37
N GLN A 114 -22.14 20.63 -3.72
CA GLN A 114 -23.50 21.17 -3.85
C GLN A 114 -23.76 22.24 -2.81
N THR A 115 -24.30 21.83 -1.66
CA THR A 115 -24.57 22.77 -0.59
C THR A 115 -24.22 22.17 0.77
N ASP A 116 -23.82 23.02 1.70
CA ASP A 116 -23.46 22.55 3.04
C ASP A 116 -24.72 22.10 3.80
N LEU A 117 -25.83 22.77 3.52
CA LEU A 117 -27.11 22.44 4.17
C LEU A 117 -27.59 21.05 3.75
N GLU A 118 -27.27 20.67 2.52
CA GLU A 118 -27.68 19.38 1.99
C GLU A 118 -29.19 19.26 1.99
N HIS A 119 -29.80 19.50 0.83
CA HIS A 119 -31.24 19.43 0.70
C HIS A 119 -31.66 18.08 0.10
N HIS A 120 -32.69 17.48 0.67
CA HIS A 120 -33.18 16.19 0.19
C HIS A 120 -34.66 16.28 -0.18
N HIS A 121 -35.06 15.53 -1.19
CA HIS A 121 -36.44 15.53 -1.65
C HIS A 121 -36.98 14.10 -1.69
N HIS A 122 -38.26 13.96 -1.34
CA HIS A 122 -38.90 12.64 -1.33
C HIS A 122 -39.81 12.50 -2.54
N HIS A 123 -39.75 11.34 -3.19
CA HIS A 123 -40.56 11.08 -4.36
C HIS A 123 -41.62 10.02 -4.05
N HIS A 124 -42.68 10.00 -4.86
CA HIS A 124 -43.75 9.03 -4.67
C HIS A 124 -43.24 7.61 -4.87
C1 MYR B . -6.48 1.33 10.18
O1 MYR B . -5.81 1.00 11.15
C2 MYR B . -5.95 1.06 8.91
C3 MYR B . -4.42 1.06 8.93
C4 MYR B . -3.86 -0.12 8.13
C5 MYR B . -4.13 0.02 6.65
C6 MYR B . -4.04 -1.33 5.94
C7 MYR B . -3.26 -1.32 4.62
C8 MYR B . -3.66 -2.38 3.60
C9 MYR B . -2.56 -3.42 3.29
C10 MYR B . -1.99 -3.27 1.88
C11 MYR B . -1.33 -4.56 1.36
C12 MYR B . -1.00 -4.45 -0.13
C13 MYR B . -0.16 -3.20 -0.43
C14 MYR B . -0.94 -2.21 -1.27
H21 MYR B . -6.28 0.17 8.60
H22 MYR B . -6.26 1.75 8.26
H31 MYR B . -4.08 1.90 8.53
H32 MYR B . -4.10 0.98 9.88
H41 MYR B . -2.87 -0.16 8.29
H42 MYR B . -4.28 -0.98 8.46
H51 MYR B . -5.05 0.40 6.51
H52 MYR B . -3.47 0.65 6.24
H61 MYR B . -3.60 -1.98 6.56
H62 MYR B . -4.97 -1.66 5.74
H71 MYR B . -3.39 -0.42 4.20
H72 MYR B . -2.29 -1.44 4.83
H81 MYR B . -4.46 -2.87 3.96
H82 MYR B . -3.91 -1.94 2.74
H91 MYR B . -1.83 -3.32 3.95
H92 MYR B . -2.95 -4.34 3.38
H101 MYR B . -2.72 -3.01 1.26
H102 MYR B . -1.30 -2.54 1.88
H111 MYR B . -0.49 -4.72 1.87
H112 MYR B . -1.95 -5.33 1.50
H121 MYR B . -0.49 -5.26 -0.41
H122 MYR B . -1.85 -4.40 -0.66
H131 MYR B . 0.10 -2.77 0.43
H132 MYR B . 0.66 -3.47 -0.93
H141 MYR B . -0.75 -2.38 -2.25
H142 MYR B . -1.92 -2.30 -1.09
H143 MYR B . -0.65 -1.28 -1.04
N GLY A 1 -8.69 0.21 10.36
CA GLY A 1 -10.08 0.03 10.77
C GLY A 1 -10.75 -1.08 9.98
N GLN A 2 -11.99 -0.83 9.56
CA GLN A 2 -12.73 -1.83 8.79
C GLN A 2 -11.87 -2.40 7.67
N GLU A 3 -11.21 -1.51 6.93
CA GLU A 3 -10.35 -1.94 5.84
C GLU A 3 -9.52 -3.16 6.25
N LEU A 4 -9.42 -3.38 7.55
CA LEU A 4 -8.66 -4.50 8.06
C LEU A 4 -9.16 -5.81 7.47
N SER A 5 -10.49 -5.95 7.39
CA SER A 5 -11.08 -7.16 6.84
C SER A 5 -10.58 -7.40 5.41
N GLN A 6 -10.56 -6.34 4.62
CA GLN A 6 -10.10 -6.43 3.24
C GLN A 6 -8.63 -6.84 3.20
N HIS A 7 -7.86 -6.34 4.16
CA HIS A 7 -6.43 -6.66 4.23
C HIS A 7 -6.24 -8.17 4.34
N GLU A 8 -7.09 -8.81 5.14
CA GLU A 8 -7.00 -10.26 5.32
C GLU A 8 -7.19 -10.97 3.98
N ARG A 9 -8.36 -10.80 3.38
CA ARG A 9 -8.64 -11.44 2.11
C ARG A 9 -7.48 -11.24 1.13
N TYR A 10 -6.99 -10.01 1.05
CA TYR A 10 -5.89 -9.71 0.16
C TYR A 10 -4.65 -10.52 0.51
N VAL A 11 -4.28 -10.49 1.79
CA VAL A 11 -3.11 -11.23 2.25
C VAL A 11 -3.11 -12.64 1.67
N GLU A 12 -4.28 -13.25 1.59
CA GLU A 12 -4.40 -14.60 1.07
C GLU A 12 -4.10 -14.62 -0.42
N GLN A 13 -4.56 -13.60 -1.13
CA GLN A 13 -4.34 -13.53 -2.57
C GLN A 13 -2.84 -13.37 -2.88
N LEU A 14 -2.17 -12.54 -2.10
CA LEU A 14 -0.74 -12.31 -2.30
C LEU A 14 0.04 -13.59 -2.11
N LYS A 15 -0.32 -14.36 -1.10
CA LYS A 15 0.36 -15.62 -0.83
C LYS A 15 0.21 -16.57 -2.01
N GLN A 16 -0.96 -16.61 -2.60
CA GLN A 16 -1.21 -17.49 -3.74
C GLN A 16 -0.21 -17.22 -4.86
N ALA A 17 -0.03 -15.94 -5.18
CA ALA A 17 0.89 -15.56 -6.24
C ALA A 17 2.31 -16.06 -5.94
N LEU A 18 2.81 -15.72 -4.77
CA LEU A 18 4.15 -16.14 -4.36
C LEU A 18 4.23 -17.66 -4.28
N LYS A 19 3.13 -18.29 -3.90
CA LYS A 19 3.09 -19.74 -3.78
C LYS A 19 3.42 -20.41 -5.10
N THR A 20 3.06 -19.75 -6.20
CA THR A 20 3.32 -20.29 -7.53
C THR A 20 4.80 -20.19 -7.88
N ARG A 21 5.55 -19.45 -7.06
CA ARG A 21 6.97 -19.28 -7.30
C ARG A 21 7.78 -20.39 -6.62
N GLY A 22 7.08 -21.23 -5.86
CA GLY A 22 7.74 -22.33 -5.16
C GLY A 22 8.57 -21.82 -4.00
N VAL A 23 8.53 -20.51 -3.78
CA VAL A 23 9.29 -19.90 -2.69
C VAL A 23 8.78 -20.42 -1.35
N LYS A 24 8.95 -21.72 -1.11
CA LYS A 24 8.51 -22.33 0.14
C LYS A 24 7.22 -21.66 0.63
N VAL A 25 6.90 -21.87 1.91
CA VAL A 25 5.71 -21.27 2.48
C VAL A 25 6.08 -20.18 3.48
N LYS A 26 6.05 -18.93 3.03
CA LYS A 26 6.38 -17.80 3.91
C LYS A 26 5.20 -16.86 4.02
N TYR A 27 5.04 -16.23 5.19
CA TYR A 27 3.94 -15.32 5.39
C TYR A 27 4.19 -13.99 4.67
N ALA A 28 3.18 -13.52 3.96
CA ALA A 28 3.27 -12.25 3.25
C ALA A 28 2.84 -11.08 4.12
N ASP A 29 1.75 -11.28 4.86
CA ASP A 29 1.22 -10.23 5.71
C ASP A 29 2.31 -9.57 6.52
N LEU A 30 3.14 -10.38 7.16
CA LEU A 30 4.24 -9.85 7.97
C LEU A 30 5.22 -9.06 7.13
N LEU A 31 5.83 -9.73 6.15
CA LEU A 31 6.80 -9.08 5.28
C LEU A 31 6.28 -7.74 4.80
N LYS A 32 5.04 -7.74 4.31
CA LYS A 32 4.44 -6.51 3.81
C LYS A 32 4.03 -5.59 4.94
N PHE A 33 3.33 -6.14 5.94
CA PHE A 33 2.87 -5.35 7.06
C PHE A 33 4.02 -4.56 7.67
N PHE A 34 4.99 -5.27 8.22
CA PHE A 34 6.13 -4.61 8.85
C PHE A 34 6.85 -3.69 7.87
N ASP A 35 7.19 -4.23 6.70
CA ASP A 35 7.91 -3.46 5.70
C ASP A 35 7.23 -2.13 5.43
N PHE A 36 6.00 -2.19 4.97
CA PHE A 36 5.24 -0.97 4.67
C PHE A 36 5.00 -0.13 5.92
N VAL A 37 4.49 -0.77 6.96
CA VAL A 37 4.19 -0.07 8.19
C VAL A 37 5.36 0.79 8.63
N LYS A 38 6.50 0.16 8.87
CA LYS A 38 7.68 0.87 9.30
C LYS A 38 8.20 1.79 8.21
N ASP A 39 8.25 1.27 6.98
CA ASP A 39 8.76 2.07 5.86
C ASP A 39 7.92 3.31 5.64
N ILE A 40 6.70 3.12 5.18
CA ILE A 40 5.79 4.25 4.92
C ILE A 40 5.51 5.00 6.20
N CYS A 41 5.27 4.26 7.29
CA CYS A 41 4.97 4.87 8.58
C CYS A 41 5.99 4.44 9.63
N PRO A 42 7.14 5.05 9.64
CA PRO A 42 8.22 4.72 10.61
C PRO A 42 8.00 5.40 11.97
N TRP A 43 7.26 6.49 11.96
CA TRP A 43 6.99 7.24 13.20
C TRP A 43 5.50 7.30 13.48
N PHE A 44 4.70 6.76 12.57
CA PHE A 44 3.25 6.77 12.72
C PHE A 44 2.64 5.49 12.19
N PRO A 45 2.81 4.40 12.89
CA PRO A 45 2.26 3.07 12.51
C PRO A 45 0.78 2.95 12.85
N GLN A 46 0.20 4.03 13.38
CA GLN A 46 -1.20 4.02 13.76
C GLN A 46 -2.10 3.84 12.54
N GLU A 47 -1.83 4.63 11.50
CA GLU A 47 -2.64 4.54 10.28
C GLU A 47 -1.88 3.78 9.19
N GLY A 48 -0.96 4.45 8.52
CA GLY A 48 -0.18 3.81 7.47
C GLY A 48 -1.02 3.61 6.23
N THR A 49 -0.61 4.24 5.13
CA THR A 49 -1.34 4.12 3.86
C THR A 49 -0.44 3.58 2.77
N ILE A 50 -1.05 3.18 1.65
CA ILE A 50 -0.27 2.64 0.54
C ILE A 50 0.13 3.76 -0.43
N ASP A 51 1.44 3.86 -0.68
CA ASP A 51 1.94 4.88 -1.59
C ASP A 51 3.00 4.27 -2.51
N ILE A 52 2.95 4.66 -3.78
CA ILE A 52 3.91 4.15 -4.77
C ILE A 52 5.09 5.09 -4.90
N LYS A 53 4.82 6.40 -4.84
CA LYS A 53 5.88 7.40 -4.95
C LYS A 53 6.81 7.33 -3.73
N ARG A 54 6.21 7.25 -2.54
CA ARG A 54 6.99 7.18 -1.32
C ARG A 54 7.75 5.86 -1.24
N TRP A 55 7.01 4.76 -1.11
CA TRP A 55 7.63 3.44 -1.01
C TRP A 55 8.77 3.32 -2.01
N ARG A 56 8.70 4.10 -3.08
CA ARG A 56 9.76 4.08 -4.10
C ARG A 56 11.02 4.79 -3.59
N ARG A 57 10.83 5.97 -3.00
CA ARG A 57 11.96 6.74 -2.50
C ARG A 57 12.67 5.98 -1.36
N VAL A 58 11.89 5.54 -0.38
CA VAL A 58 12.44 4.82 0.75
C VAL A 58 12.77 3.38 0.35
N GLY A 59 12.11 2.90 -0.70
CA GLY A 59 12.33 1.54 -1.17
C GLY A 59 13.72 1.38 -1.76
N ASP A 60 14.10 2.31 -2.62
CA ASP A 60 15.41 2.27 -3.25
C ASP A 60 16.51 2.51 -2.23
N CYS A 61 16.28 3.46 -1.33
CA CYS A 61 17.27 3.79 -0.31
C CYS A 61 17.72 2.53 0.43
N PHE A 62 16.79 1.91 1.16
CA PHE A 62 17.11 0.71 1.90
C PHE A 62 17.53 -0.42 0.97
N GLN A 63 16.76 -0.62 -0.10
CA GLN A 63 17.06 -1.67 -1.06
C GLN A 63 18.41 -1.44 -1.73
N ASP A 64 18.52 -0.34 -2.46
CA ASP A 64 19.77 -0.02 -3.15
C ASP A 64 20.94 -0.09 -2.18
N TYR A 65 20.65 0.10 -0.89
CA TYR A 65 21.69 0.06 0.13
C TYR A 65 22.00 -1.39 0.52
N TYR A 66 20.95 -2.18 0.68
CA TYR A 66 21.11 -3.58 1.06
C TYR A 66 21.91 -4.34 0.02
N ASN A 67 21.60 -4.08 -1.26
CA ASN A 67 22.30 -4.74 -2.36
C ASN A 67 23.74 -4.24 -2.46
N THR A 68 23.89 -2.94 -2.65
CA THR A 68 25.22 -2.35 -2.76
C THR A 68 26.10 -2.79 -1.59
N PHE A 69 25.46 -3.22 -0.51
CA PHE A 69 26.18 -3.67 0.67
C PHE A 69 26.68 -5.11 0.50
N GLY A 70 26.45 -5.66 -0.68
CA GLY A 70 26.87 -7.03 -0.96
C GLY A 70 26.35 -7.99 0.09
N PRO A 71 25.07 -8.26 0.07
CA PRO A 71 24.42 -9.18 1.05
C PRO A 71 24.69 -10.65 0.72
N GLU A 72 24.54 -11.51 1.72
CA GLU A 72 24.75 -12.95 1.52
C GLU A 72 23.42 -13.68 1.41
N LYS A 73 22.32 -12.95 1.57
CA LYS A 73 21.00 -13.54 1.48
C LYS A 73 20.18 -12.88 0.40
N VAL A 74 20.85 -12.40 -0.65
CA VAL A 74 20.19 -11.71 -1.74
C VAL A 74 18.95 -12.52 -2.18
N PRO A 75 17.78 -12.08 -1.79
CA PRO A 75 16.51 -12.77 -2.12
C PRO A 75 15.99 -12.42 -3.51
N VAL A 76 15.26 -13.34 -4.11
CA VAL A 76 14.70 -13.10 -5.45
C VAL A 76 13.46 -12.24 -5.37
N ILE A 77 13.00 -11.98 -4.15
CA ILE A 77 11.81 -11.17 -3.94
C ILE A 77 11.97 -9.80 -4.60
N ALA A 78 13.22 -9.41 -4.83
CA ALA A 78 13.49 -8.12 -5.46
C ALA A 78 12.76 -8.00 -6.79
N PHE A 79 13.11 -8.85 -7.74
CA PHE A 79 12.47 -8.82 -9.05
C PHE A 79 10.96 -8.66 -8.90
N SER A 80 10.38 -9.42 -7.97
CA SER A 80 8.94 -9.35 -7.74
C SER A 80 8.54 -7.94 -7.30
N TYR A 81 9.32 -7.34 -6.41
CA TYR A 81 9.04 -6.00 -5.94
C TYR A 81 8.94 -5.03 -7.12
N TRP A 82 8.37 -3.86 -6.86
CA TRP A 82 8.21 -2.84 -7.90
C TRP A 82 7.02 -3.18 -8.78
N ASN A 83 7.13 -4.29 -9.50
CA ASN A 83 6.06 -4.72 -10.39
C ASN A 83 4.77 -4.97 -9.61
N LEU A 84 4.91 -5.61 -8.46
CA LEU A 84 3.76 -5.89 -7.62
C LEU A 84 3.14 -4.61 -7.09
N ILE A 85 3.98 -3.67 -6.69
CA ILE A 85 3.49 -2.42 -6.13
C ILE A 85 2.43 -1.80 -7.03
N LYS A 86 2.77 -1.64 -8.31
CA LYS A 86 1.82 -1.05 -9.25
C LYS A 86 0.56 -1.90 -9.38
N GLU A 87 0.74 -3.18 -9.68
CA GLU A 87 -0.40 -4.08 -9.84
C GLU A 87 -1.23 -4.09 -8.57
N LEU A 88 -0.60 -3.80 -7.44
CA LEU A 88 -1.29 -3.83 -6.16
C LEU A 88 -2.43 -2.83 -6.14
N ILE A 89 -2.08 -1.56 -6.32
CA ILE A 89 -3.08 -0.51 -6.31
C ILE A 89 -4.21 -0.83 -7.30
N ASP A 90 -3.83 -1.42 -8.44
CA ASP A 90 -4.82 -1.74 -9.46
C ASP A 90 -5.89 -2.67 -8.90
N LYS A 91 -5.48 -3.87 -8.54
CA LYS A 91 -6.42 -4.85 -7.99
C LYS A 91 -7.13 -4.28 -6.77
N LYS A 92 -6.59 -3.19 -6.22
CA LYS A 92 -7.17 -2.55 -5.06
C LYS A 92 -8.19 -1.50 -5.48
N GLU A 93 -8.21 -1.17 -6.76
CA GLU A 93 -9.16 -0.18 -7.26
C GLU A 93 -10.58 -0.52 -6.85
N VAL A 94 -10.76 -1.73 -6.32
CA VAL A 94 -12.09 -2.17 -5.91
C VAL A 94 -12.80 -1.11 -5.08
N ASN A 95 -12.27 -0.84 -3.89
CA ASN A 95 -12.84 0.18 -3.02
C ASN A 95 -12.28 0.06 -1.60
N PRO A 96 -11.01 0.31 -1.43
CA PRO A 96 -10.34 0.25 -0.12
C PRO A 96 -10.35 1.60 0.60
N GLN A 97 -9.51 1.72 1.63
CA GLN A 97 -9.43 2.96 2.39
C GLN A 97 -8.99 4.11 1.48
N VAL A 98 -8.28 3.77 0.42
CA VAL A 98 -7.81 4.77 -0.53
C VAL A 98 -9.00 5.51 -1.14
N MET A 99 -10.03 4.75 -1.50
CA MET A 99 -11.23 5.34 -2.08
C MET A 99 -11.94 6.22 -1.05
N ALA A 100 -11.90 5.80 0.20
CA ALA A 100 -12.55 6.56 1.27
C ALA A 100 -11.87 7.91 1.46
N ALA A 101 -10.54 7.89 1.52
CA ALA A 101 -9.78 9.12 1.70
C ALA A 101 -10.24 10.18 0.70
N VAL A 102 -10.87 9.72 -0.39
CA VAL A 102 -11.35 10.64 -1.40
C VAL A 102 -12.79 11.07 -1.10
N ALA A 103 -13.67 10.09 -0.91
CA ALA A 103 -15.06 10.38 -0.60
C ALA A 103 -15.14 11.19 0.69
N GLN A 104 -14.24 10.92 1.62
CA GLN A 104 -14.21 11.62 2.90
C GLN A 104 -13.76 13.07 2.70
N THR A 105 -12.61 13.24 2.04
CA THR A 105 -12.08 14.58 1.79
C THR A 105 -13.07 15.40 0.96
N GLU A 106 -13.66 14.76 -0.04
CA GLU A 106 -14.62 15.44 -0.91
C GLU A 106 -15.88 14.61 -1.06
N GLU A 107 -16.79 14.72 -0.11
CA GLU A 107 -18.04 13.98 -0.15
C GLU A 107 -18.94 14.51 -1.26
N ILE A 108 -20.00 13.78 -1.57
CA ILE A 108 -20.94 14.18 -2.61
C ILE A 108 -22.00 15.12 -2.05
N LEU A 109 -22.01 15.27 -0.73
CA LEU A 109 -22.97 16.15 -0.09
C LEU A 109 -22.78 17.59 -0.55
N LYS A 110 -21.54 18.01 -0.65
CA LYS A 110 -21.23 19.37 -1.08
C LYS A 110 -21.54 19.52 -2.57
N SER A 111 -21.41 18.42 -3.32
CA SER A 111 -21.66 18.45 -4.75
C SER A 111 -20.82 19.54 -5.43
N ASN A 112 -21.35 20.10 -6.52
CA ASN A 112 -20.64 21.13 -7.25
C ASN A 112 -20.44 22.36 -6.37
N SER A 113 -21.46 22.70 -5.59
CA SER A 113 -21.39 23.84 -4.69
C SER A 113 -20.61 23.51 -3.43
N GLN A 114 -20.35 24.51 -2.61
CA GLN A 114 -19.61 24.30 -1.37
C GLN A 114 -20.55 23.94 -0.23
N THR A 115 -21.85 23.95 -0.52
CA THR A 115 -22.86 23.62 0.49
C THR A 115 -23.85 22.60 -0.06
N ASP A 116 -24.51 21.88 0.85
CA ASP A 116 -25.48 20.88 0.45
C ASP A 116 -26.74 21.53 -0.10
N LEU A 117 -26.97 22.77 0.29
CA LEU A 117 -28.15 23.50 -0.18
C LEU A 117 -28.11 23.68 -1.69
N GLU A 118 -26.94 23.95 -2.22
CA GLU A 118 -26.77 24.13 -3.66
C GLU A 118 -27.66 25.28 -4.15
N HIS A 119 -27.04 26.41 -4.45
CA HIS A 119 -27.78 27.58 -4.94
C HIS A 119 -27.44 27.85 -6.40
N HIS A 120 -28.47 28.12 -7.19
CA HIS A 120 -28.28 28.40 -8.62
C HIS A 120 -28.64 29.85 -8.92
N HIS A 121 -27.81 30.50 -9.73
CA HIS A 121 -28.05 31.89 -10.09
C HIS A 121 -29.21 31.98 -11.08
N HIS A 122 -30.14 32.90 -10.83
CA HIS A 122 -31.28 33.10 -11.70
C HIS A 122 -31.32 34.52 -12.24
N HIS A 123 -31.47 34.65 -13.55
CA HIS A 123 -31.51 35.97 -14.17
C HIS A 123 -32.94 36.32 -14.58
N HIS A 124 -33.29 37.59 -14.47
CA HIS A 124 -34.63 38.03 -14.83
C HIS A 124 -34.72 38.33 -16.33
C1 MYR B . -7.75 -0.63 10.75
O1 MYR B . -7.97 -1.59 11.48
C2 MYR B . -7.39 -0.89 9.42
C3 MYR B . -5.96 -1.44 9.32
C4 MYR B . -5.18 -0.75 8.22
C5 MYR B . -5.96 -0.72 6.91
C6 MYR B . -5.55 -1.89 6.00
C7 MYR B . -5.29 -1.49 4.54
C8 MYR B . -5.41 -2.64 3.52
C9 MYR B . -4.29 -2.69 2.47
C10 MYR B . -3.78 -4.11 2.22
C11 MYR B . -3.55 -4.42 0.73
C12 MYR B . -2.06 -4.43 0.38
C13 MYR B . -1.35 -3.21 0.95
C14 MYR B . -1.82 -1.92 0.30
H21 MYR B . -8.02 -1.57 9.04
H22 MYR B . -7.46 -0.05 8.89
H31 MYR B . -5.48 -1.30 10.19
H32 MYR B . -5.99 -2.43 9.13
H41 MYR B . -4.96 0.18 8.49
H42 MYR B . -4.32 -1.25 8.05
H51 MYR B . -6.93 -0.79 7.10
H52 MYR B . -5.77 0.14 6.43
H61 MYR B . -4.73 -2.30 6.36
H62 MYR B . -6.29 -2.56 6.00
H71 MYR B . -5.94 -0.78 4.28
H72 MYR B . -4.36 -1.13 4.48
H81 MYR B . -5.42 -3.50 4.02
H82 MYR B . -6.29 -2.54 3.04
H91 MYR B . -4.63 -2.31 1.61
H92 MYR B . -3.52 -2.13 2.78
H101 MYR B . -2.91 -4.24 2.70
H102 MYR B . -4.44 -4.77 2.58
H111 MYR B . -3.96 -5.31 0.51
H112 MYR B . -4.00 -3.72 0.18
H121 MYR B . -1.66 -5.27 0.75
H122 MYR B . -1.96 -4.43 -0.62
H131 MYR B . -1.50 -3.16 1.94
H132 MYR B . -0.36 -3.31 0.78
H141 MYR B . -1.48 -1.88 -0.63
H142 MYR B . -2.83 -1.91 0.28
H143 MYR B . -1.49 -1.14 0.82
N GLY A 1 -9.73 0.50 9.18
CA GLY A 1 -10.34 -0.28 10.24
C GLY A 1 -11.11 -1.47 9.66
N GLN A 2 -12.39 -1.27 9.41
CA GLN A 2 -13.23 -2.33 8.86
C GLN A 2 -12.55 -3.00 7.67
N GLU A 3 -11.96 -2.18 6.80
CA GLU A 3 -11.28 -2.70 5.62
C GLU A 3 -10.35 -3.86 6.01
N LEU A 4 -10.15 -4.03 7.31
CA LEU A 4 -9.30 -5.11 7.79
C LEU A 4 -9.68 -6.44 7.14
N SER A 5 -10.98 -6.64 6.94
CA SER A 5 -11.47 -7.87 6.32
C SER A 5 -10.86 -8.04 4.93
N GLN A 6 -10.83 -6.96 4.16
CA GLN A 6 -10.28 -7.00 2.81
C GLN A 6 -8.80 -7.37 2.86
N HIS A 7 -8.09 -6.86 3.86
CA HIS A 7 -6.67 -7.14 4.02
C HIS A 7 -6.42 -8.64 4.13
N GLU A 8 -7.31 -9.32 4.85
CA GLU A 8 -7.18 -10.77 5.02
C GLU A 8 -7.32 -11.48 3.69
N ARG A 9 -8.50 -11.38 3.09
CA ARG A 9 -8.75 -12.02 1.80
C ARG A 9 -7.60 -11.77 0.84
N TYR A 10 -7.19 -10.50 0.74
CA TYR A 10 -6.10 -10.13 -0.16
C TYR A 10 -4.81 -10.84 0.24
N VAL A 11 -4.43 -10.70 1.51
CA VAL A 11 -3.21 -11.33 2.01
C VAL A 11 -3.10 -12.76 1.49
N GLU A 12 -4.22 -13.47 1.45
CA GLU A 12 -4.23 -14.84 0.97
C GLU A 12 -3.92 -14.89 -0.52
N GLN A 13 -4.43 -13.91 -1.26
CA GLN A 13 -4.22 -13.86 -2.71
C GLN A 13 -2.74 -13.66 -3.02
N LEU A 14 -2.10 -12.75 -2.30
CA LEU A 14 -0.69 -12.45 -2.52
C LEU A 14 0.16 -13.69 -2.24
N LYS A 15 -0.19 -14.42 -1.19
CA LYS A 15 0.56 -15.62 -0.83
C LYS A 15 0.46 -16.67 -1.93
N GLN A 16 -0.74 -16.85 -2.47
CA GLN A 16 -0.95 -17.84 -3.52
C GLN A 16 -0.03 -17.54 -4.71
N ALA A 17 0.06 -16.27 -5.09
CA ALA A 17 0.91 -15.88 -6.22
C ALA A 17 2.34 -16.33 -5.98
N LEU A 18 2.91 -15.93 -4.85
CA LEU A 18 4.28 -16.30 -4.50
C LEU A 18 4.39 -17.81 -4.31
N LYS A 19 3.31 -18.43 -3.83
CA LYS A 19 3.31 -19.86 -3.60
C LYS A 19 3.57 -20.62 -4.89
N THR A 20 3.21 -20.01 -6.01
CA THR A 20 3.39 -20.64 -7.32
C THR A 20 4.83 -20.50 -7.79
N ARG A 21 5.64 -19.77 -7.01
CA ARG A 21 7.04 -19.56 -7.35
C ARG A 21 7.92 -20.58 -6.63
N GLY A 22 7.29 -21.42 -5.81
CA GLY A 22 8.03 -22.43 -5.06
C GLY A 22 8.87 -21.79 -3.96
N VAL A 23 8.83 -20.46 -3.88
CA VAL A 23 9.57 -19.75 -2.86
C VAL A 23 9.07 -20.11 -1.46
N LYS A 24 9.29 -21.37 -1.08
CA LYS A 24 8.83 -21.84 0.23
C LYS A 24 7.49 -21.19 0.59
N VAL A 25 7.10 -21.34 1.85
CA VAL A 25 5.84 -20.75 2.32
C VAL A 25 6.11 -19.64 3.33
N LYS A 26 5.92 -18.40 2.91
CA LYS A 26 6.12 -17.26 3.80
C LYS A 26 4.82 -16.49 4.00
N TYR A 27 4.72 -15.79 5.12
CA TYR A 27 3.52 -15.01 5.42
C TYR A 27 3.59 -13.64 4.74
N ALA A 28 2.51 -13.25 4.10
CA ALA A 28 2.44 -11.96 3.43
C ALA A 28 2.00 -10.87 4.40
N ASP A 29 1.04 -11.20 5.25
CA ASP A 29 0.51 -10.22 6.21
C ASP A 29 1.65 -9.59 7.01
N LEU A 30 2.41 -10.42 7.71
CA LEU A 30 3.50 -9.94 8.55
C LEU A 30 4.58 -9.27 7.68
N LEU A 31 5.17 -10.05 6.78
CA LEU A 31 6.22 -9.53 5.92
C LEU A 31 5.82 -8.18 5.34
N LYS A 32 4.60 -8.09 4.84
CA LYS A 32 4.12 -6.85 4.24
C LYS A 32 3.74 -5.84 5.32
N PHE A 33 2.95 -6.28 6.29
CA PHE A 33 2.50 -5.41 7.37
C PHE A 33 3.69 -4.65 7.97
N PHE A 34 4.62 -5.41 8.55
CA PHE A 34 5.77 -4.80 9.20
C PHE A 34 6.57 -3.96 8.20
N ASP A 35 6.92 -4.57 7.08
CA ASP A 35 7.71 -3.87 6.06
C ASP A 35 7.07 -2.53 5.71
N PHE A 36 5.84 -2.59 5.22
CA PHE A 36 5.13 -1.38 4.80
C PHE A 36 4.91 -0.46 6.00
N VAL A 37 4.33 -1.00 7.07
CA VAL A 37 4.05 -0.21 8.25
C VAL A 37 5.27 0.61 8.65
N LYS A 38 6.37 -0.07 8.94
CA LYS A 38 7.59 0.61 9.37
C LYS A 38 8.16 1.46 8.24
N ASP A 39 8.16 0.91 7.03
CA ASP A 39 8.72 1.62 5.88
C ASP A 39 7.95 2.91 5.63
N ILE A 40 6.72 2.79 5.15
CA ILE A 40 5.91 3.96 4.83
C ILE A 40 5.66 4.78 6.10
N CYS A 41 5.35 4.10 7.20
CA CYS A 41 5.06 4.78 8.45
C CYS A 41 6.02 4.33 9.53
N PRO A 42 7.21 4.88 9.54
CA PRO A 42 8.24 4.57 10.57
C PRO A 42 8.01 5.33 11.88
N TRP A 43 7.23 6.41 11.79
CA TRP A 43 6.95 7.22 12.97
C TRP A 43 5.45 7.37 13.17
N PHE A 44 4.67 6.81 12.25
CA PHE A 44 3.22 6.91 12.33
C PHE A 44 2.58 5.60 11.89
N PRO A 45 2.74 4.56 12.68
CA PRO A 45 2.17 3.22 12.39
C PRO A 45 0.67 3.16 12.69
N GLN A 46 0.11 4.29 13.10
CA GLN A 46 -1.32 4.34 13.42
C GLN A 46 -2.15 4.03 12.18
N GLU A 47 -1.87 4.73 11.09
CA GLU A 47 -2.59 4.52 9.84
C GLU A 47 -1.63 4.13 8.72
N GLY A 48 -1.02 5.14 8.10
CA GLY A 48 -0.05 4.88 7.04
C GLY A 48 -0.74 4.37 5.78
N THR A 49 -0.90 5.24 4.80
CA THR A 49 -1.53 4.85 3.54
C THR A 49 -0.49 4.27 2.59
N ILE A 50 -0.97 3.66 1.51
CA ILE A 50 -0.07 3.08 0.51
C ILE A 50 0.32 4.11 -0.54
N ASP A 51 1.62 4.25 -0.76
CA ASP A 51 2.12 5.22 -1.73
C ASP A 51 3.18 4.58 -2.63
N ILE A 52 3.14 4.93 -3.92
CA ILE A 52 4.10 4.37 -4.87
C ILE A 52 5.33 5.27 -4.97
N LYS A 53 5.12 6.57 -4.84
CA LYS A 53 6.22 7.52 -4.94
C LYS A 53 7.17 7.37 -3.75
N ARG A 54 6.60 7.25 -2.56
CA ARG A 54 7.41 7.10 -1.35
C ARG A 54 8.07 5.73 -1.31
N TRP A 55 7.26 4.69 -1.13
CA TRP A 55 7.77 3.33 -1.08
C TRP A 55 8.90 3.15 -2.10
N ARG A 56 8.86 3.93 -3.17
CA ARG A 56 9.88 3.86 -4.20
C ARG A 56 11.17 4.52 -3.71
N ARG A 57 11.03 5.71 -3.12
CA ARG A 57 12.19 6.43 -2.62
C ARG A 57 12.87 5.66 -1.50
N VAL A 58 12.09 5.28 -0.49
CA VAL A 58 12.64 4.55 0.64
C VAL A 58 12.94 3.10 0.25
N GLY A 59 12.24 2.61 -0.77
CA GLY A 59 12.43 1.24 -1.23
C GLY A 59 13.81 1.06 -1.85
N ASP A 60 14.20 2.01 -2.70
CA ASP A 60 15.49 1.95 -3.37
C ASP A 60 16.62 2.19 -2.38
N CYS A 61 16.42 3.15 -1.47
CA CYS A 61 17.43 3.46 -0.48
C CYS A 61 17.90 2.20 0.24
N PHE A 62 17.00 1.60 1.02
CA PHE A 62 17.33 0.40 1.77
C PHE A 62 17.72 -0.73 0.82
N GLN A 63 16.93 -0.93 -0.22
CA GLN A 63 17.19 -2.00 -1.19
C GLN A 63 18.52 -1.76 -1.90
N ASP A 64 18.61 -0.65 -2.63
CA ASP A 64 19.82 -0.33 -3.37
C ASP A 64 21.03 -0.35 -2.44
N TYR A 65 20.79 -0.16 -1.15
CA TYR A 65 21.86 -0.15 -0.17
C TYR A 65 22.22 -1.57 0.26
N TYR A 66 21.19 -2.38 0.49
CA TYR A 66 21.40 -3.76 0.91
C TYR A 66 22.14 -4.54 -0.17
N ASN A 67 21.81 -4.28 -1.42
CA ASN A 67 22.44 -4.97 -2.54
C ASN A 67 23.86 -4.46 -2.74
N THR A 68 24.00 -3.16 -2.98
CA THR A 68 25.32 -2.57 -3.17
C THR A 68 26.27 -2.97 -2.05
N PHE A 69 25.69 -3.41 -0.93
CA PHE A 69 26.50 -3.82 0.21
C PHE A 69 26.94 -5.27 0.07
N GLY A 70 26.63 -5.87 -1.06
CA GLY A 70 27.00 -7.26 -1.32
C GLY A 70 26.55 -8.16 -0.17
N PRO A 71 25.28 -8.44 -0.09
CA PRO A 71 24.70 -9.29 0.97
C PRO A 71 24.92 -10.78 0.70
N GLU A 72 24.72 -11.60 1.73
CA GLU A 72 24.90 -13.04 1.60
C GLU A 72 23.54 -13.73 1.44
N LYS A 73 22.47 -12.95 1.51
CA LYS A 73 21.13 -13.50 1.39
C LYS A 73 20.34 -12.75 0.34
N VAL A 74 21.03 -12.28 -0.70
CA VAL A 74 20.38 -11.53 -1.77
C VAL A 74 19.07 -12.21 -2.18
N PRO A 75 17.97 -11.68 -1.74
CA PRO A 75 16.62 -12.26 -2.03
C PRO A 75 16.10 -11.82 -3.40
N VAL A 76 15.44 -12.74 -4.09
CA VAL A 76 14.87 -12.44 -5.40
C VAL A 76 13.60 -11.62 -5.27
N ILE A 77 13.00 -11.66 -4.08
CA ILE A 77 11.76 -10.92 -3.83
C ILE A 77 11.89 -9.48 -4.34
N ALA A 78 13.13 -9.02 -4.48
CA ALA A 78 13.37 -7.67 -4.95
C ALA A 78 12.71 -7.45 -6.32
N PHE A 79 13.14 -8.22 -7.31
CA PHE A 79 12.58 -8.11 -8.65
C PHE A 79 11.05 -8.07 -8.59
N SER A 80 10.47 -8.91 -7.74
CA SER A 80 9.02 -8.96 -7.59
C SER A 80 8.48 -7.61 -7.14
N TYR A 81 9.16 -7.00 -6.18
CA TYR A 81 8.73 -5.71 -5.66
C TYR A 81 8.64 -4.68 -6.79
N TRP A 82 8.21 -3.47 -6.45
CA TRP A 82 8.08 -2.41 -7.44
C TRP A 82 6.96 -2.74 -8.42
N ASN A 83 7.16 -3.79 -9.21
CA ASN A 83 6.15 -4.20 -10.18
C ASN A 83 4.84 -4.57 -9.49
N LEU A 84 4.95 -5.27 -8.37
CA LEU A 84 3.77 -5.68 -7.62
C LEU A 84 3.08 -4.45 -7.02
N ILE A 85 3.87 -3.48 -6.59
CA ILE A 85 3.31 -2.26 -6.00
C ILE A 85 2.31 -1.61 -6.94
N LYS A 86 2.66 -1.56 -8.23
CA LYS A 86 1.79 -0.95 -9.21
C LYS A 86 0.52 -1.78 -9.40
N GLU A 87 0.70 -3.03 -9.81
CA GLU A 87 -0.44 -3.91 -10.03
C GLU A 87 -1.26 -4.07 -8.76
N LEU A 88 -0.65 -3.74 -7.63
CA LEU A 88 -1.32 -3.86 -6.34
C LEU A 88 -2.43 -2.80 -6.21
N ILE A 89 -2.04 -1.54 -6.39
CA ILE A 89 -3.01 -0.44 -6.30
C ILE A 89 -4.19 -0.70 -7.22
N ASP A 90 -3.94 -1.35 -8.35
CA ASP A 90 -4.99 -1.66 -9.30
C ASP A 90 -6.06 -2.54 -8.65
N LYS A 91 -5.67 -3.74 -8.27
CA LYS A 91 -6.59 -4.68 -7.62
C LYS A 91 -7.10 -4.12 -6.30
N LYS A 92 -6.20 -3.50 -5.55
CA LYS A 92 -6.57 -2.93 -4.26
C LYS A 92 -7.53 -1.76 -4.44
N GLU A 93 -7.63 -1.28 -5.67
CA GLU A 93 -8.51 -0.15 -5.97
C GLU A 93 -9.94 -0.45 -5.50
N VAL A 94 -10.13 -1.64 -4.95
CA VAL A 94 -11.46 -2.06 -4.51
C VAL A 94 -12.16 -0.91 -3.78
N ASN A 95 -11.65 -0.57 -2.60
CA ASN A 95 -12.22 0.53 -1.83
C ASN A 95 -11.71 0.50 -0.40
N PRO A 96 -10.42 0.61 -0.23
CA PRO A 96 -9.78 0.63 1.12
C PRO A 96 -9.66 2.04 1.68
N GLN A 97 -8.72 2.23 2.61
CA GLN A 97 -8.49 3.53 3.21
C GLN A 97 -8.08 4.54 2.14
N VAL A 98 -7.63 4.04 1.00
CA VAL A 98 -7.21 4.91 -0.09
C VAL A 98 -8.34 5.84 -0.50
N MET A 99 -9.53 5.30 -0.61
CA MET A 99 -10.70 6.10 -0.98
C MET A 99 -11.08 7.06 0.14
N ALA A 100 -10.84 6.62 1.38
CA ALA A 100 -11.15 7.44 2.54
C ALA A 100 -10.29 8.70 2.56
N ALA A 101 -8.97 8.50 2.49
CA ALA A 101 -8.04 9.63 2.50
C ALA A 101 -8.50 10.71 1.52
N VAL A 102 -9.31 10.32 0.55
CA VAL A 102 -9.83 11.27 -0.44
C VAL A 102 -11.12 11.92 0.06
N ALA A 103 -12.07 11.09 0.45
CA ALA A 103 -13.34 11.60 0.98
C ALA A 103 -13.08 12.47 2.21
N GLN A 104 -12.10 12.08 3.02
CA GLN A 104 -11.76 12.83 4.22
C GLN A 104 -11.19 14.19 3.85
N THR A 105 -10.21 14.20 2.95
CA THR A 105 -9.57 15.43 2.54
C THR A 105 -10.57 16.34 1.83
N GLU A 106 -11.42 15.74 0.99
CA GLU A 106 -12.42 16.50 0.26
C GLU A 106 -13.76 15.77 0.26
N GLU A 107 -14.54 15.96 1.32
CA GLU A 107 -15.85 15.31 1.43
C GLU A 107 -16.75 15.76 0.28
N ILE A 108 -17.71 14.90 -0.08
CA ILE A 108 -18.64 15.21 -1.15
C ILE A 108 -19.50 16.41 -0.78
N LEU A 109 -19.78 16.55 0.51
CA LEU A 109 -20.60 17.66 0.99
C LEU A 109 -19.73 18.76 1.59
N LYS A 110 -19.91 19.99 1.11
CA LYS A 110 -19.13 21.11 1.60
C LYS A 110 -19.61 22.41 0.97
N SER A 111 -18.95 23.51 1.33
CA SER A 111 -19.32 24.82 0.79
C SER A 111 -19.16 24.84 -0.73
N ASN A 112 -18.05 24.28 -1.21
CA ASN A 112 -17.79 24.26 -2.64
C ASN A 112 -18.86 23.45 -3.37
N SER A 113 -19.29 22.35 -2.75
CA SER A 113 -20.30 21.49 -3.36
C SER A 113 -21.62 22.24 -3.50
N GLN A 114 -22.50 21.74 -4.36
CA GLN A 114 -23.79 22.38 -4.58
C GLN A 114 -24.62 22.37 -3.29
N THR A 115 -24.62 21.23 -2.61
CA THR A 115 -25.37 21.10 -1.37
C THR A 115 -24.45 21.24 -0.16
N ASP A 116 -24.71 22.27 0.65
CA ASP A 116 -23.90 22.52 1.83
C ASP A 116 -24.70 22.26 3.10
N LEU A 117 -25.88 21.67 2.95
CA LEU A 117 -26.74 21.38 4.09
C LEU A 117 -26.04 20.44 5.06
N GLU A 118 -25.34 19.45 4.53
CA GLU A 118 -24.62 18.49 5.36
C GLU A 118 -25.58 17.82 6.34
N HIS A 119 -25.16 16.68 6.89
CA HIS A 119 -25.99 15.96 7.84
C HIS A 119 -25.35 15.98 9.23
N HIS A 120 -26.17 16.31 10.24
CA HIS A 120 -25.67 16.37 11.61
C HIS A 120 -26.26 15.24 12.45
N HIS A 121 -25.47 14.70 13.35
CA HIS A 121 -25.93 13.61 14.21
C HIS A 121 -26.77 14.16 15.35
N HIS A 122 -27.96 13.57 15.54
CA HIS A 122 -28.86 14.00 16.60
C HIS A 122 -29.20 12.83 17.52
N HIS A 123 -28.99 13.02 18.81
CA HIS A 123 -29.29 11.96 19.79
C HIS A 123 -30.74 12.05 20.23
N HIS A 124 -31.31 10.90 20.59
CA HIS A 124 -32.70 10.86 21.03
C HIS A 124 -32.79 10.36 22.47
C1 MYR B . -8.46 0.88 9.25
O1 MYR B . -7.73 0.62 10.21
C2 MYR B . -8.17 0.27 8.03
C3 MYR B . -6.94 0.91 7.36
C4 MYR B . -5.80 -0.07 7.23
C5 MYR B . -5.26 -0.14 5.80
C6 MYR B . -5.56 -1.50 5.17
C7 MYR B . -5.21 -1.60 3.68
C8 MYR B . -5.53 -2.95 3.02
C9 MYR B . -4.30 -3.86 2.79
C10 MYR B . -4.09 -4.19 1.31
C11 MYR B . -2.74 -4.87 1.03
C12 MYR B . -2.01 -4.22 -0.14
C13 MYR B . -1.34 -2.90 0.29
C14 MYR B . -1.03 -2.02 -0.91
H21 MYR B . -7.99 -0.70 8.18
H22 MYR B . -8.96 0.36 7.42
H31 MYR B . -7.20 1.25 6.45
H32 MYR B . -6.63 1.69 7.91
H41 MYR B . -5.06 0.19 7.84
H42 MYR B . -6.11 -0.99 7.50
H51 MYR B . -5.69 0.58 5.26
H52 MYR B . -4.27 0.00 5.81
H61 MYR B . -5.07 -2.20 5.66
H62 MYR B . -6.56 -1.68 5.26
H71 MYR B . -5.70 -0.89 3.19
H72 MYR B . -4.22 -1.44 3.58
H81 MYR B . -6.18 -3.44 3.60
H82 MYR B . -5.95 -2.77 2.13
H91 MYR B . -3.48 -3.41 3.14
H92 MYR B . -4.44 -4.73 3.29
H101 MYR B . -4.82 -4.80 1.00
H102 MYR B . -4.12 -3.34 0.77
H111 MYR B . -2.17 -4.81 1.86
H112 MYR B . -2.88 -5.84 0.82
H121 MYR B . -1.31 -4.84 -0.48
H122 MYR B . -2.67 -4.02 -0.87
H131 MYR B . -1.95 -2.41 0.92
H132 MYR B . -0.48 -3.10 0.76
H141 MYR B . -0.05 -2.00 -1.07
H142 MYR B . -1.51 -2.38 -1.72
H143 MYR B . -1.36 -1.09 -0.73
N GLY A 1 -9.84 0.64 8.71
CA GLY A 1 -10.48 -0.11 9.78
C GLY A 1 -11.04 -1.43 9.26
N GLN A 2 -12.35 -1.44 9.01
CA GLN A 2 -13.00 -2.65 8.50
C GLN A 2 -12.26 -3.20 7.29
N GLU A 3 -11.84 -2.31 6.40
CA GLU A 3 -11.10 -2.71 5.21
C GLU A 3 -10.05 -3.76 5.56
N LEU A 4 -9.72 -3.86 6.84
CA LEU A 4 -8.73 -4.83 7.30
C LEU A 4 -9.06 -6.22 6.75
N SER A 5 -10.34 -6.55 6.72
CA SER A 5 -10.77 -7.85 6.20
C SER A 5 -10.23 -8.06 4.79
N GLN A 6 -10.22 -7.01 3.99
CA GLN A 6 -9.72 -7.10 2.63
C GLN A 6 -8.23 -7.42 2.62
N HIS A 7 -7.49 -6.81 3.54
CA HIS A 7 -6.05 -7.03 3.63
C HIS A 7 -5.76 -8.52 3.79
N GLU A 8 -6.61 -9.21 4.56
CA GLU A 8 -6.43 -10.65 4.78
C GLU A 8 -6.63 -11.41 3.47
N ARG A 9 -7.84 -11.36 2.94
CA ARG A 9 -8.13 -12.06 1.69
C ARG A 9 -7.03 -11.80 0.67
N TYR A 10 -6.67 -10.53 0.50
CA TYR A 10 -5.63 -10.16 -0.46
C TYR A 10 -4.30 -10.82 -0.08
N VAL A 11 -3.90 -10.64 1.18
CA VAL A 11 -2.65 -11.22 1.65
C VAL A 11 -2.52 -12.66 1.18
N GLU A 12 -3.62 -13.40 1.23
CA GLU A 12 -3.61 -14.80 0.81
C GLU A 12 -3.34 -14.90 -0.68
N GLN A 13 -3.89 -13.96 -1.44
CA GLN A 13 -3.72 -13.97 -2.90
C GLN A 13 -2.26 -13.71 -3.27
N LEU A 14 -1.64 -12.76 -2.57
CA LEU A 14 -0.25 -12.41 -2.84
C LEU A 14 0.66 -13.60 -2.59
N LYS A 15 0.37 -14.35 -1.53
CA LYS A 15 1.17 -15.51 -1.19
C LYS A 15 1.12 -16.55 -2.30
N GLN A 16 -0.07 -16.77 -2.85
CA GLN A 16 -0.23 -17.75 -3.92
C GLN A 16 0.72 -17.44 -5.08
N ALA A 17 0.70 -16.20 -5.53
CA ALA A 17 1.56 -15.80 -6.64
C ALA A 17 3.01 -16.13 -6.35
N LEU A 18 3.53 -15.62 -5.25
CA LEU A 18 4.91 -15.87 -4.88
C LEU A 18 5.16 -17.35 -4.65
N LYS A 19 4.16 -18.03 -4.09
CA LYS A 19 4.29 -19.46 -3.81
C LYS A 19 4.51 -20.25 -5.09
N THR A 20 4.22 -19.62 -6.22
CA THR A 20 4.40 -20.27 -7.52
C THR A 20 5.83 -20.10 -8.00
N ARG A 21 6.62 -19.35 -7.24
CA ARG A 21 8.02 -19.11 -7.60
C ARG A 21 8.93 -20.13 -6.93
N GLY A 22 8.33 -21.05 -6.18
CA GLY A 22 9.10 -22.08 -5.49
C GLY A 22 9.66 -21.55 -4.17
N VAL A 23 9.37 -20.29 -3.88
CA VAL A 23 9.84 -19.67 -2.64
C VAL A 23 9.26 -20.40 -1.43
N LYS A 24 10.02 -20.44 -0.35
CA LYS A 24 9.58 -21.10 0.87
C LYS A 24 8.21 -20.57 1.30
N VAL A 25 7.80 -20.91 2.53
CA VAL A 25 6.52 -20.47 3.04
C VAL A 25 6.72 -19.35 4.06
N LYS A 26 6.47 -18.11 3.63
CA LYS A 26 6.64 -16.95 4.51
C LYS A 26 5.35 -16.13 4.53
N TYR A 27 5.05 -15.55 5.69
CA TYR A 27 3.84 -14.74 5.83
C TYR A 27 4.00 -13.41 5.11
N ALA A 28 2.97 -13.02 4.38
CA ALA A 28 2.99 -11.75 3.67
C ALA A 28 2.53 -10.59 4.53
N ASP A 29 1.47 -10.85 5.31
CA ASP A 29 0.90 -9.82 6.16
C ASP A 29 1.96 -9.21 7.06
N LEU A 30 2.63 -10.05 7.83
CA LEU A 30 3.68 -9.57 8.73
C LEU A 30 4.82 -8.94 7.95
N LEU A 31 5.45 -9.73 7.10
CA LEU A 31 6.58 -9.24 6.31
C LEU A 31 6.23 -7.91 5.65
N LYS A 32 5.03 -7.83 5.08
CA LYS A 32 4.60 -6.61 4.41
C LYS A 32 4.15 -5.57 5.42
N PHE A 33 3.28 -5.98 6.34
CA PHE A 33 2.77 -5.05 7.34
C PHE A 33 3.91 -4.33 8.04
N PHE A 34 4.80 -5.09 8.67
CA PHE A 34 5.93 -4.50 9.38
C PHE A 34 6.77 -3.64 8.43
N ASP A 35 7.17 -4.23 7.32
CA ASP A 35 8.00 -3.52 6.34
C ASP A 35 7.33 -2.21 5.93
N PHE A 36 6.14 -2.30 5.37
CA PHE A 36 5.41 -1.13 4.93
C PHE A 36 5.16 -0.16 6.08
N VAL A 37 4.47 -0.64 7.10
CA VAL A 37 4.14 0.18 8.25
C VAL A 37 5.35 1.01 8.69
N LYS A 38 6.43 0.32 9.03
CA LYS A 38 7.63 1.00 9.47
C LYS A 38 8.22 1.87 8.36
N ASP A 39 8.26 1.32 7.16
CA ASP A 39 8.83 2.04 6.03
C ASP A 39 8.05 3.32 5.74
N ILE A 40 6.85 3.17 5.21
CA ILE A 40 6.02 4.33 4.88
C ILE A 40 5.72 5.15 6.12
N CYS A 41 5.43 4.46 7.22
CA CYS A 41 5.13 5.15 8.48
C CYS A 41 6.10 4.74 9.58
N PRO A 42 7.26 5.32 9.59
CA PRO A 42 8.29 5.04 10.62
C PRO A 42 8.07 5.81 11.92
N TRP A 43 7.31 6.91 11.81
CA TRP A 43 7.04 7.75 12.98
C TRP A 43 5.55 7.76 13.31
N PHE A 44 4.75 7.16 12.44
CA PHE A 44 3.31 7.11 12.64
C PHE A 44 2.72 5.82 12.07
N PRO A 45 2.89 4.74 12.77
CA PRO A 45 2.36 3.41 12.35
C PRO A 45 0.89 3.25 12.68
N GLN A 46 0.27 4.31 13.19
CA GLN A 46 -1.13 4.26 13.57
C GLN A 46 -2.01 4.02 12.35
N GLU A 47 -1.80 4.82 11.30
CA GLU A 47 -2.57 4.66 10.07
C GLU A 47 -1.75 3.92 9.02
N GLY A 48 -0.85 4.64 8.37
CA GLY A 48 0.00 4.05 7.35
C GLY A 48 -0.78 3.70 6.10
N THR A 49 -0.61 4.52 5.05
CA THR A 49 -1.32 4.29 3.80
C THR A 49 -0.36 3.74 2.75
N ILE A 50 -0.92 3.30 1.63
CA ILE A 50 -0.12 2.75 0.55
C ILE A 50 0.29 3.85 -0.44
N ASP A 51 1.59 4.00 -0.64
CA ASP A 51 2.10 5.02 -1.57
C ASP A 51 3.11 4.41 -2.51
N ILE A 52 3.08 4.84 -3.77
CA ILE A 52 4.01 4.32 -4.77
C ILE A 52 5.26 5.19 -4.85
N LYS A 53 5.08 6.50 -4.70
CA LYS A 53 6.21 7.42 -4.75
C LYS A 53 7.14 7.22 -3.55
N ARG A 54 6.56 7.16 -2.36
CA ARG A 54 7.36 6.99 -1.15
C ARG A 54 7.97 5.60 -1.11
N TRP A 55 7.11 4.58 -0.96
CA TRP A 55 7.60 3.20 -0.90
C TRP A 55 8.69 2.98 -1.92
N ARG A 56 8.65 3.72 -3.01
CA ARG A 56 9.67 3.61 -4.06
C ARG A 56 10.97 4.27 -3.61
N ARG A 57 10.87 5.46 -3.04
CA ARG A 57 12.05 6.19 -2.60
C ARG A 57 12.75 5.46 -1.47
N VAL A 58 12.01 5.17 -0.41
CA VAL A 58 12.56 4.48 0.74
C VAL A 58 12.81 3.00 0.43
N GLY A 59 12.08 2.49 -0.55
CA GLY A 59 12.22 1.09 -0.94
C GLY A 59 13.59 0.85 -1.58
N ASP A 60 14.01 1.76 -2.44
CA ASP A 60 15.30 1.64 -3.09
C ASP A 60 16.43 1.88 -2.10
N CYS A 61 16.24 2.84 -1.21
CA CYS A 61 17.26 3.17 -0.21
C CYS A 61 17.73 1.91 0.51
N PHE A 62 16.83 1.30 1.27
CA PHE A 62 17.18 0.09 2.01
C PHE A 62 17.54 -1.04 1.07
N GLN A 63 16.71 -1.23 0.04
CA GLN A 63 16.94 -2.30 -0.92
C GLN A 63 18.26 -2.10 -1.65
N ASP A 64 18.36 -1.01 -2.38
CA ASP A 64 19.59 -0.70 -3.12
C ASP A 64 20.80 -0.77 -2.21
N TYR A 65 20.56 -0.64 -0.90
CA TYR A 65 21.64 -0.68 0.07
C TYR A 65 21.96 -2.12 0.47
N TYR A 66 20.91 -2.91 0.65
CA TYR A 66 21.07 -4.30 1.04
C TYR A 66 21.79 -5.08 -0.06
N ASN A 67 21.44 -4.80 -1.30
CA ASN A 67 22.06 -5.47 -2.45
C ASN A 67 23.50 -4.98 -2.63
N THR A 68 23.67 -3.68 -2.80
CA THR A 68 24.99 -3.09 -2.97
C THR A 68 25.91 -3.53 -1.84
N PHE A 69 25.32 -4.04 -0.76
CA PHE A 69 26.10 -4.51 0.38
C PHE A 69 26.55 -5.94 0.18
N GLY A 70 26.23 -6.50 -0.97
CA GLY A 70 26.62 -7.88 -1.27
C GLY A 70 26.11 -8.84 -0.20
N PRO A 71 24.82 -9.05 -0.17
CA PRO A 71 24.18 -9.97 0.82
C PRO A 71 24.36 -11.44 0.42
N GLU A 72 24.22 -12.33 1.40
CA GLU A 72 24.35 -13.76 1.14
C GLU A 72 22.98 -14.42 1.03
N LYS A 73 21.94 -13.62 1.16
CA LYS A 73 20.58 -14.14 1.09
C LYS A 73 19.76 -13.39 0.06
N VAL A 74 20.45 -12.84 -0.94
CA VAL A 74 19.79 -12.06 -1.98
C VAL A 74 18.51 -12.78 -2.44
N PRO A 75 17.38 -12.33 -1.96
CA PRO A 75 16.06 -12.94 -2.30
C PRO A 75 15.54 -12.46 -3.64
N VAL A 76 14.75 -13.31 -4.30
CA VAL A 76 14.17 -12.97 -5.59
C VAL A 76 12.95 -12.06 -5.40
N ILE A 77 12.57 -11.86 -4.14
CA ILE A 77 11.41 -11.03 -3.83
C ILE A 77 11.53 -9.67 -4.52
N ALA A 78 12.76 -9.27 -4.82
CA ALA A 78 13.01 -7.99 -5.47
C ALA A 78 12.21 -7.90 -6.78
N PHE A 79 12.50 -8.80 -7.70
CA PHE A 79 11.81 -8.81 -8.98
C PHE A 79 10.32 -8.60 -8.78
N SER A 80 9.75 -9.33 -7.84
CA SER A 80 8.31 -9.22 -7.55
C SER A 80 7.97 -7.79 -7.14
N TYR A 81 8.79 -7.22 -6.26
CA TYR A 81 8.55 -5.85 -5.80
C TYR A 81 8.47 -4.90 -6.98
N TRP A 82 7.93 -3.71 -6.74
CA TRP A 82 7.78 -2.71 -7.79
C TRP A 82 6.57 -3.04 -8.65
N ASN A 83 6.62 -4.16 -9.35
CA ASN A 83 5.52 -4.58 -10.21
C ASN A 83 4.24 -4.79 -9.39
N LEU A 84 4.39 -5.43 -8.24
CA LEU A 84 3.25 -5.68 -7.37
C LEU A 84 2.65 -4.37 -6.87
N ILE A 85 3.51 -3.43 -6.51
CA ILE A 85 3.04 -2.15 -6.00
C ILE A 85 2.03 -1.53 -6.95
N LYS A 86 2.35 -1.51 -8.22
CA LYS A 86 1.44 -0.94 -9.21
C LYS A 86 0.17 -1.77 -9.32
N GLU A 87 0.33 -3.04 -9.69
CA GLU A 87 -0.82 -3.92 -9.84
C GLU A 87 -1.65 -3.95 -8.57
N LEU A 88 -1.02 -3.64 -7.46
CA LEU A 88 -1.71 -3.66 -6.18
C LEU A 88 -2.77 -2.57 -6.11
N ILE A 89 -2.35 -1.33 -6.34
CA ILE A 89 -3.26 -0.20 -6.30
C ILE A 89 -4.47 -0.45 -7.21
N ASP A 90 -4.21 -1.11 -8.33
CA ASP A 90 -5.28 -1.40 -9.29
C ASP A 90 -6.38 -2.22 -8.63
N LYS A 91 -6.04 -3.45 -8.23
CA LYS A 91 -7.01 -4.32 -7.58
C LYS A 91 -7.66 -3.61 -6.40
N LYS A 92 -6.88 -2.77 -5.73
CA LYS A 92 -7.40 -2.02 -4.58
C LYS A 92 -8.55 -1.12 -5.00
N GLU A 93 -8.60 -0.79 -6.28
CA GLU A 93 -9.66 0.08 -6.80
C GLU A 93 -11.02 -0.33 -6.25
N VAL A 94 -11.09 -1.52 -5.66
CA VAL A 94 -12.35 -2.02 -5.12
C VAL A 94 -13.05 -0.95 -4.30
N ASN A 95 -12.47 -0.59 -3.17
CA ASN A 95 -13.04 0.46 -2.32
C ASN A 95 -12.40 0.44 -0.93
N PRO A 96 -11.14 0.72 -0.85
CA PRO A 96 -10.38 0.72 0.43
C PRO A 96 -10.36 2.11 1.09
N GLN A 97 -9.55 2.25 2.13
CA GLN A 97 -9.44 3.52 2.83
C GLN A 97 -8.80 4.57 1.94
N VAL A 98 -8.01 4.12 0.96
CA VAL A 98 -7.34 5.02 0.03
C VAL A 98 -8.37 5.86 -0.73
N MET A 99 -9.43 5.19 -1.20
CA MET A 99 -10.50 5.88 -1.92
C MET A 99 -11.31 6.75 -0.97
N ALA A 100 -11.45 6.29 0.28
CA ALA A 100 -12.21 7.03 1.28
C ALA A 100 -11.57 8.39 1.54
N ALA A 101 -10.27 8.38 1.81
CA ALA A 101 -9.54 9.62 2.07
C ALA A 101 -9.82 10.63 0.96
N VAL A 102 -10.36 10.15 -0.16
CA VAL A 102 -10.68 11.03 -1.28
C VAL A 102 -12.16 11.40 -1.26
N ALA A 103 -13.02 10.37 -1.22
CA ALA A 103 -14.45 10.60 -1.19
C ALA A 103 -14.84 11.28 0.11
N GLN A 104 -13.90 11.33 1.05
CA GLN A 104 -14.16 11.95 2.34
C GLN A 104 -13.56 13.35 2.39
N THR A 105 -12.26 13.45 2.12
CA THR A 105 -11.58 14.74 2.13
C THR A 105 -12.13 15.65 1.04
N GLU A 106 -12.40 15.07 -0.13
CA GLU A 106 -12.92 15.84 -1.25
C GLU A 106 -14.05 15.07 -1.93
N GLU A 107 -15.29 15.36 -1.53
CA GLU A 107 -16.45 14.70 -2.10
C GLU A 107 -16.63 15.08 -3.56
N ILE A 108 -17.06 14.12 -4.37
CA ILE A 108 -17.27 14.37 -5.80
C ILE A 108 -18.41 15.35 -6.00
N LEU A 109 -19.35 15.38 -5.06
CA LEU A 109 -20.48 16.29 -5.15
C LEU A 109 -20.26 17.51 -4.26
N LYS A 110 -19.82 18.60 -4.87
CA LYS A 110 -19.56 19.83 -4.12
C LYS A 110 -19.80 21.05 -5.00
N SER A 111 -19.80 22.22 -4.38
CA SER A 111 -20.02 23.46 -5.12
C SER A 111 -18.97 23.65 -6.20
N ASN A 112 -17.71 23.42 -5.84
CA ASN A 112 -16.62 23.57 -6.79
C ASN A 112 -16.88 22.76 -8.05
N SER A 113 -17.41 21.55 -7.89
CA SER A 113 -17.71 20.70 -9.03
C SER A 113 -19.22 20.56 -9.21
N GLN A 114 -19.74 21.07 -10.31
CA GLN A 114 -21.17 21.00 -10.58
C GLN A 114 -21.95 21.77 -9.52
N THR A 115 -22.92 21.10 -8.91
CA THR A 115 -23.73 21.72 -7.87
C THR A 115 -24.17 20.67 -6.85
N ASP A 116 -24.09 21.03 -5.57
CA ASP A 116 -24.46 20.12 -4.50
C ASP A 116 -25.95 19.79 -4.58
N LEU A 117 -26.75 20.76 -5.00
CA LEU A 117 -28.18 20.56 -5.12
C LEU A 117 -28.50 19.49 -6.14
N GLU A 118 -27.78 19.51 -7.26
CA GLU A 118 -27.99 18.54 -8.32
C GLU A 118 -29.42 18.60 -8.84
N HIS A 119 -29.63 18.14 -10.07
CA HIS A 119 -30.95 18.15 -10.67
C HIS A 119 -31.43 16.73 -10.94
N HIS A 120 -32.70 16.47 -10.63
CA HIS A 120 -33.26 15.14 -10.86
C HIS A 120 -33.16 14.75 -12.33
N HIS A 121 -33.53 15.69 -13.20
CA HIS A 121 -33.46 15.43 -14.64
C HIS A 121 -32.34 16.25 -15.27
N HIS A 122 -31.47 15.58 -16.02
CA HIS A 122 -30.35 16.27 -16.66
C HIS A 122 -30.17 15.74 -18.08
N HIS A 123 -30.69 16.49 -19.06
CA HIS A 123 -30.57 16.08 -20.46
C HIS A 123 -29.66 17.04 -21.22
N HIS A 124 -29.07 16.55 -22.31
CA HIS A 124 -28.18 17.37 -23.11
C HIS A 124 -28.99 18.28 -24.04
C1 MYR B . -8.59 1.07 8.81
O1 MYR B . -7.89 0.86 9.80
C2 MYR B . -8.24 0.40 7.63
C3 MYR B . -7.18 1.18 6.84
C4 MYR B . -5.81 0.52 6.92
C5 MYR B . -5.11 0.50 5.58
C6 MYR B . -5.01 -0.93 5.02
C7 MYR B . -4.99 -1.02 3.49
C8 MYR B . -4.90 -2.44 2.92
C9 MYR B . -3.50 -3.08 2.98
C10 MYR B . -2.71 -2.89 1.68
C11 MYR B . -2.06 -4.19 1.18
C12 MYR B . -1.77 -4.13 -0.31
C13 MYR B . -0.65 -3.15 -0.63
C14 MYR B . -1.15 -1.92 -1.38
H21 MYR B . -7.87 -0.50 7.85
H22 MYR B . -9.05 0.28 7.06
H31 MYR B . -7.46 1.24 5.88
H32 MYR B . -7.10 2.11 7.21
H41 MYR B . -5.25 1.00 7.58
H42 MYR B . -5.93 -0.43 7.23
H51 MYR B . -5.61 1.07 4.92
H52 MYR B . -4.18 0.87 5.67
H61 MYR B . -4.17 -1.34 5.37
H62 MYR B . -5.80 -1.45 5.35
H71 MYR B . -5.82 -0.60 3.14
H72 MYR B . -4.19 -0.51 3.15
H81 MYR B . -5.54 -3.02 3.43
H82 MYR B . -5.19 -2.42 1.96
H91 MYR B . -3.00 -2.67 3.73
H92 MYR B . -3.59 -4.06 3.15
H101 MYR B . -3.32 -2.54 0.98
H102 MYR B . -1.98 -2.21 1.84
H111 MYR B . -1.21 -4.34 1.67
H112 MYR B . -2.67 -4.96 1.36
H121 MYR B . -1.52 -5.04 -0.65
H122 MYR B . -2.60 -3.83 -0.80
H131 MYR B . -0.21 -2.86 0.22
H132 MYR B . 0.04 -3.61 -1.20
H141 MYR B . -0.76 -1.91 -2.30
H142 MYR B . -2.15 -1.97 -1.45
H143 MYR B . -0.88 -1.09 -0.88
N GLY A 1 -7.76 0.15 9.19
CA GLY A 1 -8.88 -0.02 10.09
C GLY A 1 -9.76 -1.19 9.66
N GLN A 2 -11.06 -0.94 9.52
CA GLN A 2 -11.99 -1.97 9.09
C GLN A 2 -11.43 -2.72 7.88
N GLU A 3 -10.80 -1.99 6.97
CA GLU A 3 -10.21 -2.60 5.78
C GLU A 3 -9.32 -3.78 6.16
N LEU A 4 -9.10 -3.95 7.46
CA LEU A 4 -8.26 -5.04 7.94
C LEU A 4 -8.76 -6.38 7.41
N SER A 5 -10.07 -6.58 7.44
CA SER A 5 -10.66 -7.81 6.92
C SER A 5 -10.35 -7.97 5.43
N GLN A 6 -10.40 -6.87 4.70
CA GLN A 6 -10.11 -6.90 3.28
C GLN A 6 -8.63 -7.22 3.05
N HIS A 7 -7.77 -6.67 3.90
CA HIS A 7 -6.34 -6.93 3.78
C HIS A 7 -6.04 -8.41 3.96
N GLU A 8 -6.75 -9.04 4.88
CA GLU A 8 -6.56 -10.47 5.13
C GLU A 8 -6.78 -11.27 3.86
N ARG A 9 -8.01 -11.22 3.34
CA ARG A 9 -8.33 -11.96 2.11
C ARG A 9 -7.28 -11.71 1.04
N TYR A 10 -6.88 -10.45 0.89
CA TYR A 10 -5.88 -10.09 -0.11
C TYR A 10 -4.55 -10.78 0.19
N VAL A 11 -4.07 -10.64 1.42
CA VAL A 11 -2.81 -11.25 1.83
C VAL A 11 -2.74 -12.69 1.33
N GLU A 12 -3.88 -13.39 1.37
CA GLU A 12 -3.94 -14.77 0.94
C GLU A 12 -3.72 -14.87 -0.57
N GLN A 13 -4.27 -13.91 -1.30
CA GLN A 13 -4.13 -13.90 -2.75
C GLN A 13 -2.68 -13.69 -3.16
N LEU A 14 -2.00 -12.80 -2.45
CA LEU A 14 -0.60 -12.50 -2.76
C LEU A 14 0.26 -13.74 -2.54
N LYS A 15 -0.03 -14.48 -1.47
CA LYS A 15 0.74 -15.68 -1.15
C LYS A 15 0.62 -16.70 -2.27
N GLN A 16 -0.59 -16.83 -2.82
CA GLN A 16 -0.81 -17.79 -3.89
C GLN A 16 0.10 -17.51 -5.08
N ALA A 17 0.19 -16.23 -5.46
CA ALA A 17 1.02 -15.84 -6.59
C ALA A 17 2.47 -16.25 -6.35
N LEU A 18 3.04 -15.79 -5.25
CA LEU A 18 4.43 -16.10 -4.91
C LEU A 18 4.60 -17.61 -4.73
N LYS A 19 3.56 -18.25 -4.19
CA LYS A 19 3.62 -19.69 -3.95
C LYS A 19 3.88 -20.45 -5.25
N THR A 20 3.48 -19.86 -6.36
CA THR A 20 3.66 -20.49 -7.66
C THR A 20 5.09 -20.29 -8.16
N ARG A 21 5.85 -19.45 -7.46
CA ARG A 21 7.23 -19.19 -7.84
C ARG A 21 8.17 -20.22 -7.21
N GLY A 22 7.60 -21.17 -6.49
CA GLY A 22 8.39 -22.22 -5.85
C GLY A 22 9.00 -21.71 -4.55
N VAL A 23 8.71 -20.46 -4.21
CA VAL A 23 9.23 -19.87 -2.98
C VAL A 23 8.70 -20.60 -1.76
N LYS A 24 9.52 -20.69 -0.72
CA LYS A 24 9.12 -21.38 0.50
C LYS A 24 7.80 -20.82 1.01
N VAL A 25 7.46 -21.16 2.26
CA VAL A 25 6.21 -20.70 2.85
C VAL A 25 6.48 -19.61 3.87
N LYS A 26 6.29 -18.36 3.47
CA LYS A 26 6.49 -17.23 4.36
C LYS A 26 5.22 -16.41 4.51
N TYR A 27 5.03 -15.82 5.68
CA TYR A 27 3.85 -15.00 5.95
C TYR A 27 3.93 -13.68 5.21
N ALA A 28 2.86 -13.31 4.52
CA ALA A 28 2.83 -12.05 3.78
C ALA A 28 2.34 -10.92 4.66
N ASP A 29 1.32 -11.20 5.48
CA ASP A 29 0.75 -10.19 6.35
C ASP A 29 1.83 -9.53 7.19
N LEU A 30 2.57 -10.34 7.95
CA LEU A 30 3.61 -9.82 8.82
C LEU A 30 4.72 -9.18 8.00
N LEU A 31 5.36 -9.98 7.14
CA LEU A 31 6.45 -9.49 6.31
C LEU A 31 6.07 -8.16 5.67
N LYS A 32 4.86 -8.09 5.13
CA LYS A 32 4.39 -6.88 4.47
C LYS A 32 3.97 -5.83 5.49
N PHE A 33 3.12 -6.24 6.44
CA PHE A 33 2.64 -5.32 7.46
C PHE A 33 3.80 -4.57 8.11
N PHE A 34 4.68 -5.31 8.77
CA PHE A 34 5.81 -4.70 9.45
C PHE A 34 6.67 -3.89 8.48
N ASP A 35 7.07 -4.52 7.38
CA ASP A 35 7.91 -3.87 6.40
C ASP A 35 7.30 -2.54 5.96
N PHE A 36 6.09 -2.62 5.40
CA PHE A 36 5.41 -1.42 4.91
C PHE A 36 5.14 -0.45 6.05
N VAL A 37 4.49 -0.94 7.09
CA VAL A 37 4.15 -0.11 8.23
C VAL A 37 5.35 0.73 8.66
N LYS A 38 6.44 0.06 9.00
CA LYS A 38 7.64 0.77 9.45
C LYS A 38 8.22 1.61 8.32
N ASP A 39 8.26 1.05 7.12
CA ASP A 39 8.82 1.74 5.98
C ASP A 39 8.04 3.02 5.68
N ILE A 40 6.83 2.85 5.16
CA ILE A 40 5.99 4.00 4.81
C ILE A 40 5.70 4.84 6.06
N CYS A 41 5.37 4.17 7.16
CA CYS A 41 5.04 4.86 8.40
C CYS A 41 5.99 4.46 9.51
N PRO A 42 7.16 5.05 9.53
CA PRO A 42 8.18 4.79 10.59
C PRO A 42 7.90 5.56 11.88
N TRP A 43 7.09 6.62 11.76
CA TRP A 43 6.77 7.44 12.91
C TRP A 43 5.26 7.56 13.08
N PHE A 44 4.53 6.94 12.17
CA PHE A 44 3.07 7.00 12.21
C PHE A 44 2.47 5.66 11.79
N PRO A 45 2.64 4.66 12.60
CA PRO A 45 2.10 3.29 12.31
C PRO A 45 0.60 3.19 12.59
N GLN A 46 0.01 4.30 12.99
CA GLN A 46 -1.42 4.33 13.29
C GLN A 46 -2.23 3.98 12.04
N GLU A 47 -1.97 4.70 10.95
CA GLU A 47 -2.67 4.45 9.70
C GLU A 47 -1.68 4.11 8.60
N GLY A 48 -1.07 5.13 8.00
CA GLY A 48 -0.08 4.91 6.96
C GLY A 48 -0.72 4.32 5.71
N THR A 49 -1.02 5.18 4.73
CA THR A 49 -1.61 4.72 3.49
C THR A 49 -0.54 4.17 2.56
N ILE A 50 -0.97 3.52 1.48
CA ILE A 50 -0.03 2.95 0.51
C ILE A 50 0.35 3.99 -0.53
N ASP A 51 1.66 4.13 -0.77
CA ASP A 51 2.15 5.10 -1.74
C ASP A 51 3.20 4.47 -2.64
N ILE A 52 3.18 4.84 -3.92
CA ILE A 52 4.14 4.30 -4.88
C ILE A 52 5.38 5.17 -4.95
N LYS A 53 5.20 6.47 -4.78
CA LYS A 53 6.31 7.42 -4.84
C LYS A 53 7.26 7.19 -3.67
N ARG A 54 6.71 7.09 -2.47
CA ARG A 54 7.51 6.89 -1.27
C ARG A 54 8.10 5.47 -1.27
N TRP A 55 7.23 4.48 -1.11
CA TRP A 55 7.67 3.09 -1.09
C TRP A 55 8.80 2.87 -2.09
N ARG A 56 8.72 3.57 -3.21
CA ARG A 56 9.75 3.44 -4.25
C ARG A 56 11.02 4.15 -3.83
N ARG A 57 10.88 5.35 -3.25
CA ARG A 57 12.03 6.12 -2.80
C ARG A 57 12.74 5.40 -1.65
N VAL A 58 12.00 5.16 -0.58
CA VAL A 58 12.57 4.49 0.59
C VAL A 58 12.86 3.02 0.27
N GLY A 59 12.16 2.48 -0.73
CA GLY A 59 12.34 1.09 -1.12
C GLY A 59 13.71 0.88 -1.74
N ASP A 60 14.09 1.77 -2.66
CA ASP A 60 15.38 1.67 -3.34
C ASP A 60 16.51 1.95 -2.36
N CYS A 61 16.29 2.91 -1.46
CA CYS A 61 17.31 3.27 -0.47
C CYS A 61 17.79 2.03 0.28
N PHE A 62 16.90 1.45 1.08
CA PHE A 62 17.25 0.27 1.86
C PHE A 62 17.62 -0.89 0.95
N GLN A 63 16.83 -1.09 -0.10
CA GLN A 63 17.06 -2.19 -1.03
C GLN A 63 18.39 -1.98 -1.75
N ASP A 64 18.48 -0.91 -2.53
CA ASP A 64 19.69 -0.62 -3.28
C ASP A 64 20.90 -0.58 -2.36
N TYR A 65 20.64 -0.40 -1.07
CA TYR A 65 21.73 -0.35 -0.09
C TYR A 65 22.08 -1.75 0.39
N TYR A 66 21.06 -2.57 0.62
CA TYR A 66 21.28 -3.95 1.07
C TYR A 66 22.05 -4.74 0.03
N ASN A 67 21.73 -4.51 -1.24
CA ASN A 67 22.40 -5.20 -2.33
C ASN A 67 23.83 -4.71 -2.49
N THR A 68 23.98 -3.41 -2.71
CA THR A 68 25.31 -2.81 -2.88
C THR A 68 26.22 -3.23 -1.74
N PHE A 69 25.62 -3.72 -0.65
CA PHE A 69 26.40 -4.15 0.51
C PHE A 69 26.89 -5.57 0.32
N GLY A 70 26.60 -6.15 -0.84
CA GLY A 70 27.02 -7.52 -1.13
C GLY A 70 26.50 -8.48 -0.06
N PRO A 71 25.21 -8.68 -0.01
CA PRO A 71 24.58 -9.58 0.98
C PRO A 71 24.72 -11.06 0.60
N GLU A 72 24.56 -11.95 1.58
CA GLU A 72 24.68 -13.37 1.33
C GLU A 72 23.30 -14.01 1.23
N LYS A 73 22.26 -13.19 1.34
CA LYS A 73 20.89 -13.68 1.26
C LYS A 73 20.09 -12.90 0.22
N VAL A 74 20.79 -12.43 -0.81
CA VAL A 74 20.14 -11.66 -1.87
C VAL A 74 18.84 -12.33 -2.29
N PRO A 75 17.73 -11.80 -1.85
CA PRO A 75 16.38 -12.37 -2.15
C PRO A 75 15.87 -11.91 -3.52
N VAL A 76 15.17 -12.81 -4.21
CA VAL A 76 14.62 -12.49 -5.52
C VAL A 76 13.35 -11.66 -5.38
N ILE A 77 12.84 -11.57 -4.16
CA ILE A 77 11.63 -10.81 -3.90
C ILE A 77 11.77 -9.37 -4.40
N ALA A 78 13.02 -8.92 -4.51
CA ALA A 78 13.29 -7.56 -4.96
C ALA A 78 12.65 -7.31 -6.33
N PHE A 79 13.11 -8.04 -7.33
CA PHE A 79 12.56 -7.90 -8.68
C PHE A 79 11.04 -7.90 -8.65
N SER A 80 10.47 -8.81 -7.85
CA SER A 80 9.02 -8.92 -7.74
C SER A 80 8.42 -7.60 -7.27
N TYR A 81 9.03 -7.01 -6.26
CA TYR A 81 8.53 -5.74 -5.72
C TYR A 81 8.41 -4.69 -6.82
N TRP A 82 8.00 -3.49 -6.45
CA TRP A 82 7.84 -2.41 -7.42
C TRP A 82 6.75 -2.76 -8.43
N ASN A 83 6.98 -3.81 -9.21
CA ASN A 83 6.00 -4.24 -10.20
C ASN A 83 4.68 -4.62 -9.53
N LEU A 84 4.78 -5.30 -8.41
CA LEU A 84 3.59 -5.73 -7.67
C LEU A 84 2.88 -4.52 -7.07
N ILE A 85 3.66 -3.52 -6.67
CA ILE A 85 3.10 -2.31 -6.08
C ILE A 85 2.10 -1.66 -7.03
N LYS A 86 2.45 -1.62 -8.31
CA LYS A 86 1.57 -1.03 -9.31
C LYS A 86 0.30 -1.86 -9.47
N GLU A 87 0.47 -3.11 -9.88
CA GLU A 87 -0.68 -3.99 -10.08
C GLU A 87 -1.48 -4.14 -8.80
N LEU A 88 -0.86 -3.78 -7.67
CA LEU A 88 -1.53 -3.86 -6.38
C LEU A 88 -2.59 -2.77 -6.26
N ILE A 89 -2.18 -1.52 -6.47
CA ILE A 89 -3.11 -0.40 -6.40
C ILE A 89 -4.29 -0.62 -7.33
N ASP A 90 -4.06 -1.35 -8.41
CA ASP A 90 -5.12 -1.63 -9.38
C ASP A 90 -6.21 -2.47 -8.74
N LYS A 91 -5.86 -3.71 -8.36
CA LYS A 91 -6.83 -4.59 -7.72
C LYS A 91 -7.32 -4.00 -6.41
N LYS A 92 -6.40 -3.42 -5.65
CA LYS A 92 -6.75 -2.81 -4.37
C LYS A 92 -7.71 -1.64 -4.59
N GLU A 93 -7.79 -1.16 -5.83
CA GLU A 93 -8.67 -0.04 -6.16
C GLU A 93 -10.10 -0.35 -5.73
N VAL A 94 -10.31 -1.56 -5.20
CA VAL A 94 -11.65 -1.97 -4.79
C VAL A 94 -12.35 -0.85 -4.03
N ASN A 95 -11.86 -0.55 -2.84
CA ASN A 95 -12.44 0.53 -2.04
C ASN A 95 -11.89 0.49 -0.61
N PRO A 96 -10.60 0.60 -0.47
CA PRO A 96 -9.93 0.60 0.87
C PRO A 96 -9.79 2.00 1.44
N GLN A 97 -8.82 2.17 2.34
CA GLN A 97 -8.58 3.47 2.95
C GLN A 97 -8.16 4.49 1.89
N VAL A 98 -7.70 3.99 0.75
CA VAL A 98 -7.28 4.87 -0.33
C VAL A 98 -8.42 5.80 -0.74
N MET A 99 -9.62 5.25 -0.86
CA MET A 99 -10.78 6.04 -1.24
C MET A 99 -11.14 7.02 -0.13
N ALA A 100 -10.88 6.63 1.11
CA ALA A 100 -11.17 7.48 2.26
C ALA A 100 -10.25 8.68 2.28
N ALA A 101 -8.94 8.42 2.19
CA ALA A 101 -7.95 9.50 2.18
C ALA A 101 -8.36 10.61 1.21
N VAL A 102 -9.23 10.27 0.26
CA VAL A 102 -9.69 11.23 -0.72
C VAL A 102 -10.91 11.98 -0.20
N ALA A 103 -11.93 11.22 0.20
CA ALA A 103 -13.14 11.82 0.77
C ALA A 103 -12.80 12.67 1.98
N GLN A 104 -11.84 12.20 2.78
CA GLN A 104 -11.44 12.92 3.98
C GLN A 104 -10.77 14.25 3.61
N THR A 105 -9.78 14.17 2.72
CA THR A 105 -9.07 15.37 2.29
C THR A 105 -10.01 16.32 1.57
N GLU A 106 -10.89 15.76 0.74
CA GLU A 106 -11.84 16.58 -0.02
C GLU A 106 -13.24 15.98 0.06
N GLU A 107 -13.95 16.30 1.13
CA GLU A 107 -15.31 15.77 1.31
C GLU A 107 -16.24 16.36 0.26
N ILE A 108 -17.15 15.53 -0.25
CA ILE A 108 -18.10 15.97 -1.27
C ILE A 108 -19.17 16.86 -0.65
N LEU A 109 -18.91 17.36 0.55
CA LEU A 109 -19.85 18.22 1.23
C LEU A 109 -19.48 19.69 1.03
N LYS A 110 -18.40 19.92 0.30
CA LYS A 110 -17.94 21.28 0.03
C LYS A 110 -18.23 21.67 -1.42
N SER A 111 -18.63 22.93 -1.62
CA SER A 111 -18.93 23.41 -2.96
C SER A 111 -17.82 24.33 -3.45
N ASN A 112 -18.03 25.63 -3.32
CA ASN A 112 -17.04 26.61 -3.74
C ASN A 112 -16.22 27.09 -2.55
N SER A 113 -16.42 26.45 -1.41
CA SER A 113 -15.69 26.83 -0.20
C SER A 113 -15.59 25.65 0.76
N GLN A 114 -14.59 25.69 1.64
CA GLN A 114 -14.39 24.61 2.60
C GLN A 114 -15.46 24.67 3.70
N THR A 115 -16.70 24.38 3.33
CA THR A 115 -17.79 24.40 4.28
C THR A 115 -18.91 23.46 3.83
N ASP A 116 -19.77 23.07 4.77
CA ASP A 116 -20.88 22.18 4.46
C ASP A 116 -22.13 22.97 4.09
N LEU A 117 -22.01 24.30 4.15
CA LEU A 117 -23.14 25.16 3.81
C LEU A 117 -23.56 24.96 2.37
N GLU A 118 -22.58 24.85 1.48
CA GLU A 118 -22.87 24.66 0.06
C GLU A 118 -23.87 25.71 -0.43
N HIS A 119 -25.16 25.38 -0.33
CA HIS A 119 -26.20 26.31 -0.77
C HIS A 119 -27.06 26.73 0.42
N HIS A 120 -27.28 28.04 0.54
CA HIS A 120 -28.09 28.57 1.63
C HIS A 120 -29.58 28.33 1.37
N HIS A 121 -30.33 28.12 2.43
CA HIS A 121 -31.77 27.87 2.31
C HIS A 121 -32.56 28.93 3.06
N HIS A 122 -33.63 29.42 2.42
CA HIS A 122 -34.47 30.44 3.05
C HIS A 122 -35.89 29.92 3.22
N HIS A 123 -36.41 30.04 4.43
CA HIS A 123 -37.77 29.60 4.73
C HIS A 123 -38.72 30.78 4.84
N HIS A 124 -40.01 30.50 4.68
CA HIS A 124 -41.02 31.56 4.77
C HIS A 124 -41.27 31.95 6.21
C1 MYR B . -7.96 0.39 7.89
O1 MYR B . -9.07 0.46 7.38
C2 MYR B . -7.20 1.57 7.96
C3 MYR B . -6.04 1.55 6.95
C4 MYR B . -5.47 0.16 6.78
C5 MYR B . -4.94 -0.08 5.37
C6 MYR B . -5.31 -1.48 4.87
C7 MYR B . -5.75 -1.53 3.40
C8 MYR B . -5.59 -2.89 2.72
C9 MYR B . -4.14 -3.41 2.65
C10 MYR B . -3.78 -3.99 1.28
C11 MYR B . -2.34 -3.66 0.85
C12 MYR B . -2.03 -4.22 -0.54
C13 MYR B . -1.46 -3.14 -1.45
C14 MYR B . -0.52 -2.20 -0.70
H21 MYR B . -7.80 2.34 7.76
H22 MYR B . -6.82 1.68 8.88
H31 MYR B . -6.36 1.88 6.07
H32 MYR B . -5.31 2.17 7.28
H41 MYR B . -4.73 0.03 7.44
H42 MYR B . -6.19 -0.52 6.97
H51 MYR B . -5.32 0.60 4.76
H52 MYR B . -3.94 0.00 5.38
H61 MYR B . -4.52 -2.07 5.00
H62 MYR B . -6.07 -1.82 5.43
H71 MYR B . -6.71 -1.26 3.34
H72 MYR B . -5.20 -0.86 2.89
H81 MYR B . -6.13 -3.57 3.22
H82 MYR B . -5.93 -2.83 1.78
H91 MYR B . -3.51 -2.66 2.86
H92 MYR B . -4.02 -4.14 3.34
H101 MYR B . -3.89 -4.98 1.30
H102 MYR B . -4.40 -3.61 0.59
H111 MYR B . -2.20 -2.67 0.85
H112 MYR B . -1.69 -4.07 1.50
H121 MYR B . -1.37 -4.97 -0.46
H122 MYR B . -2.87 -4.57 -0.95
H131 MYR B . -0.95 -3.57 -2.20
H132 MYR B . -2.20 -2.60 -1.85
H141 MYR B . -0.35 -2.57 0.21
H142 MYR B . 0.34 -2.11 -1.20
H143 MYR B . -0.95 -1.31 -0.62
N GLY A 1 -9.10 -0.15 9.51
CA GLY A 1 -10.22 -0.39 10.41
C GLY A 1 -10.99 -1.65 9.98
N GLN A 2 -12.30 -1.49 9.82
CA GLN A 2 -13.14 -2.60 9.43
C GLN A 2 -12.60 -3.27 8.17
N GLU A 3 -12.17 -2.46 7.22
CA GLU A 3 -11.63 -2.97 5.97
C GLU A 3 -10.55 -4.02 6.24
N LEU A 4 -10.19 -4.18 7.51
CA LEU A 4 -9.17 -5.16 7.89
C LEU A 4 -9.51 -6.53 7.32
N SER A 5 -10.80 -6.84 7.25
CA SER A 5 -11.24 -8.13 6.73
C SER A 5 -10.74 -8.32 5.30
N GLN A 6 -10.83 -7.26 4.50
CA GLN A 6 -10.38 -7.32 3.11
C GLN A 6 -8.88 -7.62 3.04
N HIS A 7 -8.13 -7.03 3.96
CA HIS A 7 -6.69 -7.25 4.01
C HIS A 7 -6.38 -8.74 4.17
N GLU A 8 -7.21 -9.43 4.95
CA GLU A 8 -7.02 -10.86 5.16
C GLU A 8 -7.19 -11.63 3.87
N ARG A 9 -8.41 -11.61 3.33
CA ARG A 9 -8.70 -12.31 2.08
C ARG A 9 -7.61 -12.04 1.05
N TYR A 10 -7.26 -10.76 0.89
CA TYR A 10 -6.24 -10.38 -0.07
C TYR A 10 -4.90 -11.02 0.28
N VAL A 11 -4.49 -10.85 1.53
CA VAL A 11 -3.22 -11.41 1.98
C VAL A 11 -3.06 -12.85 1.48
N GLU A 12 -4.17 -13.58 1.45
CA GLU A 12 -4.15 -14.96 0.97
C GLU A 12 -3.86 -15.00 -0.52
N GLN A 13 -4.45 -14.05 -1.26
CA GLN A 13 -4.25 -14.00 -2.71
C GLN A 13 -2.79 -13.73 -3.04
N LEU A 14 -2.17 -12.81 -2.31
CA LEU A 14 -0.78 -12.46 -2.55
C LEU A 14 0.13 -13.66 -2.30
N LYS A 15 -0.18 -14.41 -1.24
CA LYS A 15 0.62 -15.59 -0.89
C LYS A 15 0.55 -16.64 -2.00
N GLN A 16 -0.66 -16.87 -2.50
CA GLN A 16 -0.86 -17.88 -3.54
C GLN A 16 0.02 -17.55 -4.76
N ALA A 17 0.06 -16.28 -5.14
CA ALA A 17 0.85 -15.86 -6.29
C ALA A 17 2.32 -16.26 -6.09
N LEU A 18 2.90 -15.83 -4.98
CA LEU A 18 4.30 -16.14 -4.71
C LEU A 18 4.49 -17.64 -4.50
N LYS A 19 3.47 -18.29 -3.94
CA LYS A 19 3.54 -19.73 -3.68
C LYS A 19 3.76 -20.49 -4.99
N THR A 20 3.42 -19.85 -6.11
CA THR A 20 3.58 -20.49 -7.41
C THR A 20 4.98 -20.23 -7.96
N ARG A 21 5.77 -19.47 -7.22
CA ARG A 21 7.13 -19.15 -7.65
C ARG A 21 8.13 -20.16 -7.08
N GLY A 22 7.60 -21.20 -6.44
CA GLY A 22 8.46 -22.22 -5.86
C GLY A 22 9.06 -21.75 -4.54
N VAL A 23 8.77 -20.50 -4.19
CA VAL A 23 9.29 -19.92 -2.96
C VAL A 23 8.72 -20.64 -1.74
N LYS A 24 9.50 -20.71 -0.67
CA LYS A 24 9.05 -21.37 0.56
C LYS A 24 7.71 -20.80 1.00
N VAL A 25 7.32 -21.11 2.23
CA VAL A 25 6.05 -20.64 2.76
C VAL A 25 6.27 -19.55 3.80
N LYS A 26 6.04 -18.30 3.39
CA LYS A 26 6.20 -17.17 4.29
C LYS A 26 4.91 -16.37 4.41
N TYR A 27 4.74 -15.68 5.53
CA TYR A 27 3.54 -14.88 5.75
C TYR A 27 3.64 -13.55 5.02
N ALA A 28 2.58 -13.18 4.32
CA ALA A 28 2.56 -11.91 3.59
C ALA A 28 2.10 -10.77 4.49
N ASP A 29 1.06 -11.05 5.29
CA ASP A 29 0.52 -10.03 6.19
C ASP A 29 1.63 -9.42 7.03
N LEU A 30 2.34 -10.26 7.78
CA LEU A 30 3.40 -9.79 8.66
C LEU A 30 4.52 -9.16 7.84
N LEU A 31 5.14 -9.96 6.97
CA LEU A 31 6.23 -9.46 6.14
C LEU A 31 5.86 -8.12 5.51
N LYS A 32 4.65 -8.02 4.99
CA LYS A 32 4.21 -6.80 4.34
C LYS A 32 3.80 -5.76 5.38
N PHE A 33 2.94 -6.17 6.31
CA PHE A 33 2.45 -5.25 7.34
C PHE A 33 3.62 -4.53 8.00
N PHE A 34 4.50 -5.30 8.64
CA PHE A 34 5.63 -4.70 9.34
C PHE A 34 6.52 -3.91 8.39
N ASP A 35 6.92 -4.56 7.30
CA ASP A 35 7.79 -3.92 6.32
C ASP A 35 7.21 -2.57 5.89
N PHE A 36 6.00 -2.61 5.33
CA PHE A 36 5.36 -1.39 4.84
C PHE A 36 5.10 -0.43 6.00
N VAL A 37 4.40 -0.91 7.01
CA VAL A 37 4.06 -0.08 8.17
C VAL A 37 5.27 0.75 8.59
N LYS A 38 6.34 0.07 8.99
CA LYS A 38 7.54 0.76 9.45
C LYS A 38 8.15 1.57 8.32
N ASP A 39 8.27 0.96 7.15
CA ASP A 39 8.88 1.62 6.00
C ASP A 39 8.14 2.92 5.68
N ILE A 40 6.93 2.78 5.15
CA ILE A 40 6.13 3.94 4.77
C ILE A 40 5.80 4.78 6.01
N CYS A 41 5.43 4.11 7.09
CA CYS A 41 5.08 4.80 8.33
C CYS A 41 6.00 4.37 9.47
N PRO A 42 7.18 4.91 9.51
CA PRO A 42 8.18 4.61 10.58
C PRO A 42 7.91 5.41 11.86
N TRP A 43 7.16 6.50 11.72
CA TRP A 43 6.88 7.37 12.86
C TRP A 43 5.39 7.46 13.11
N PHE A 44 4.60 6.95 12.17
CA PHE A 44 3.15 7.01 12.28
C PHE A 44 2.52 5.70 11.81
N PRO A 45 2.64 4.67 12.60
CA PRO A 45 2.08 3.33 12.27
C PRO A 45 0.58 3.25 12.58
N GLN A 46 0.01 4.36 13.01
CA GLN A 46 -1.40 4.40 13.34
C GLN A 46 -2.25 4.12 12.11
N GLU A 47 -1.98 4.85 11.03
CA GLU A 47 -2.71 4.66 9.79
C GLU A 47 -1.89 3.83 8.79
N GLY A 48 -0.91 4.48 8.16
CA GLY A 48 -0.05 3.80 7.20
C GLY A 48 -0.82 3.45 5.94
N THR A 49 -0.42 4.07 4.83
CA THR A 49 -1.09 3.81 3.56
C THR A 49 -0.06 3.43 2.49
N ILE A 50 -0.53 2.82 1.41
CA ILE A 50 0.35 2.39 0.33
C ILE A 50 0.67 3.58 -0.58
N ASP A 51 1.97 3.77 -0.85
CA ASP A 51 2.40 4.86 -1.71
C ASP A 51 3.44 4.38 -2.72
N ILE A 52 3.36 4.88 -3.94
CA ILE A 52 4.28 4.46 -4.99
C ILE A 52 5.48 5.39 -5.06
N LYS A 53 5.23 6.69 -4.88
CA LYS A 53 6.30 7.68 -4.92
C LYS A 53 7.25 7.50 -3.75
N ARG A 54 6.68 7.36 -2.55
CA ARG A 54 7.48 7.18 -1.34
C ARG A 54 8.17 5.81 -1.37
N TRP A 55 7.38 4.75 -1.28
CA TRP A 55 7.92 3.40 -1.31
C TRP A 55 9.07 3.31 -2.31
N ARG A 56 9.00 4.11 -3.36
CA ARG A 56 10.04 4.11 -4.39
C ARG A 56 11.32 4.74 -3.86
N ARG A 57 11.18 5.89 -3.20
CA ARG A 57 12.34 6.60 -2.66
C ARG A 57 12.96 5.80 -1.52
N VAL A 58 12.17 5.50 -0.51
CA VAL A 58 12.66 4.74 0.65
C VAL A 58 13.00 3.31 0.25
N GLY A 59 12.33 2.81 -0.79
CA GLY A 59 12.56 1.46 -1.26
C GLY A 59 13.97 1.31 -1.83
N ASP A 60 14.37 2.27 -2.66
CA ASP A 60 15.69 2.23 -3.28
C ASP A 60 16.78 2.43 -2.22
N CYS A 61 16.52 3.32 -1.27
CA CYS A 61 17.49 3.59 -0.22
C CYS A 61 17.95 2.29 0.44
N PHE A 62 17.04 1.64 1.16
CA PHE A 62 17.36 0.40 1.84
C PHE A 62 17.81 -0.67 0.84
N GLN A 63 17.04 -0.81 -0.25
CA GLN A 63 17.34 -1.82 -1.25
C GLN A 63 18.70 -1.54 -1.90
N ASP A 64 18.81 -0.39 -2.55
CA ASP A 64 20.05 -0.03 -3.23
C ASP A 64 21.24 -0.17 -2.28
N TYR A 65 20.96 -0.11 -0.98
CA TYR A 65 22.02 -0.21 0.02
C TYR A 65 22.28 -1.68 0.37
N TYR A 66 21.21 -2.43 0.58
CA TYR A 66 21.33 -3.84 0.91
C TYR A 66 22.09 -4.59 -0.18
N ASN A 67 21.76 -4.30 -1.43
CA ASN A 67 22.41 -4.95 -2.56
C ASN A 67 23.85 -4.46 -2.71
N THR A 68 24.01 -3.17 -2.93
CA THR A 68 25.34 -2.59 -3.08
C THR A 68 26.24 -2.99 -1.92
N PHE A 69 25.62 -3.46 -0.83
CA PHE A 69 26.38 -3.87 0.34
C PHE A 69 26.86 -5.31 0.20
N GLY A 70 26.56 -5.91 -0.95
CA GLY A 70 26.95 -7.29 -1.20
C GLY A 70 26.43 -8.22 -0.12
N PRO A 71 25.15 -8.49 -0.15
CA PRO A 71 24.50 -9.37 0.87
C PRO A 71 24.72 -10.85 0.59
N GLU A 72 24.52 -11.68 1.61
CA GLU A 72 24.72 -13.11 1.46
C GLU A 72 23.39 -13.83 1.31
N LYS A 73 22.30 -13.07 1.41
CA LYS A 73 20.96 -13.65 1.31
C LYS A 73 20.16 -12.95 0.22
N VAL A 74 20.84 -12.52 -0.84
CA VAL A 74 20.18 -11.82 -1.93
C VAL A 74 18.89 -12.53 -2.32
N PRO A 75 17.78 -12.01 -1.89
CA PRO A 75 16.44 -12.61 -2.16
C PRO A 75 15.90 -12.22 -3.53
N VAL A 76 15.14 -13.12 -4.14
CA VAL A 76 14.53 -12.83 -5.44
C VAL A 76 13.33 -11.91 -5.28
N ILE A 77 12.84 -11.79 -4.05
CA ILE A 77 11.69 -10.94 -3.78
C ILE A 77 11.84 -9.59 -4.47
N ALA A 78 13.07 -9.22 -4.76
CA ALA A 78 13.35 -7.94 -5.43
C ALA A 78 12.56 -7.85 -6.73
N PHE A 79 12.88 -8.73 -7.67
CA PHE A 79 12.19 -8.73 -8.95
C PHE A 79 10.68 -8.56 -8.75
N SER A 80 10.14 -9.28 -7.77
CA SER A 80 8.71 -9.18 -7.47
C SER A 80 8.33 -7.77 -7.08
N TYR A 81 9.17 -7.16 -6.24
CA TYR A 81 8.92 -5.79 -5.78
C TYR A 81 8.83 -4.84 -6.96
N TRP A 82 8.28 -3.66 -6.72
CA TRP A 82 8.12 -2.67 -7.78
C TRP A 82 6.90 -2.99 -8.64
N ASN A 83 6.99 -4.08 -9.39
CA ASN A 83 5.89 -4.49 -10.25
C ASN A 83 4.63 -4.75 -9.44
N LEU A 84 4.80 -5.40 -8.29
CA LEU A 84 3.66 -5.70 -7.43
C LEU A 84 3.03 -4.43 -6.89
N ILE A 85 3.87 -3.46 -6.52
CA ILE A 85 3.37 -2.21 -5.96
C ILE A 85 2.37 -1.56 -6.90
N LYS A 86 2.70 -1.54 -8.19
CA LYS A 86 1.82 -0.96 -9.19
C LYS A 86 0.54 -1.77 -9.32
N GLU A 87 0.68 -3.04 -9.70
CA GLU A 87 -0.47 -3.91 -9.87
C GLU A 87 -1.30 -3.96 -8.59
N LEU A 88 -0.66 -3.65 -7.46
CA LEU A 88 -1.35 -3.68 -6.18
C LEU A 88 -2.41 -2.58 -6.11
N ILE A 89 -1.98 -1.34 -6.31
CA ILE A 89 -2.90 -0.20 -6.27
C ILE A 89 -4.08 -0.43 -7.20
N ASP A 90 -3.84 -1.16 -8.28
CA ASP A 90 -4.89 -1.45 -9.25
C ASP A 90 -6.00 -2.28 -8.62
N LYS A 91 -5.67 -3.51 -8.25
CA LYS A 91 -6.63 -4.40 -7.61
C LYS A 91 -7.17 -3.77 -6.33
N LYS A 92 -6.28 -3.15 -5.55
CA LYS A 92 -6.68 -2.51 -4.31
C LYS A 92 -7.69 -1.40 -4.58
N GLU A 93 -7.76 -0.96 -5.84
CA GLU A 93 -8.69 0.09 -6.21
C GLU A 93 -10.12 -0.28 -5.82
N VAL A 94 -10.29 -1.51 -5.33
CA VAL A 94 -11.61 -1.99 -4.95
C VAL A 94 -12.39 -0.89 -4.21
N ASN A 95 -11.92 -0.52 -3.02
CA ASN A 95 -12.56 0.53 -2.25
C ASN A 95 -12.08 0.51 -0.81
N PRO A 96 -10.80 0.69 -0.61
CA PRO A 96 -10.19 0.71 0.76
C PRO A 96 -10.15 2.11 1.35
N GLN A 97 -9.30 2.31 2.35
CA GLN A 97 -9.17 3.61 2.99
C GLN A 97 -8.65 4.65 1.98
N VAL A 98 -8.01 4.16 0.92
CA VAL A 98 -7.48 5.05 -0.11
C VAL A 98 -8.59 5.88 -0.73
N MET A 99 -9.71 5.23 -1.05
CA MET A 99 -10.84 5.92 -1.64
C MET A 99 -11.50 6.86 -0.63
N ALA A 100 -11.41 6.49 0.64
CA ALA A 100 -12.00 7.31 1.70
C ALA A 100 -11.23 8.63 1.85
N ALA A 101 -9.90 8.52 1.94
CA ALA A 101 -9.06 9.70 2.08
C ALA A 101 -9.45 10.77 1.05
N VAL A 102 -10.17 10.34 0.02
CA VAL A 102 -10.62 11.27 -1.01
C VAL A 102 -11.99 11.84 -0.69
N ALA A 103 -12.95 10.94 -0.44
CA ALA A 103 -14.29 11.37 -0.08
C ALA A 103 -14.26 12.16 1.24
N GLN A 104 -13.36 11.79 2.12
CA GLN A 104 -13.24 12.47 3.41
C GLN A 104 -12.60 13.85 3.22
N THR A 105 -11.40 13.86 2.66
CA THR A 105 -10.68 15.11 2.44
C THR A 105 -11.47 16.02 1.51
N GLU A 106 -12.07 15.43 0.47
CA GLU A 106 -12.83 16.20 -0.50
C GLU A 106 -14.18 15.55 -0.75
N GLU A 107 -15.16 15.86 0.10
CA GLU A 107 -16.50 15.30 -0.03
C GLU A 107 -17.15 15.78 -1.33
N ILE A 108 -18.23 15.10 -1.73
CA ILE A 108 -18.94 15.46 -2.94
C ILE A 108 -20.04 16.47 -2.65
N LEU A 109 -20.26 16.73 -1.36
CA LEU A 109 -21.29 17.68 -0.96
C LEU A 109 -20.96 19.08 -1.46
N LYS A 110 -19.68 19.45 -1.35
CA LYS A 110 -19.24 20.77 -1.80
C LYS A 110 -19.49 20.95 -3.29
N SER A 111 -19.48 19.84 -4.02
CA SER A 111 -19.71 19.88 -5.46
C SER A 111 -18.71 20.81 -6.13
N ASN A 112 -19.18 21.54 -7.14
CA ASN A 112 -18.31 22.47 -7.87
C ASN A 112 -17.81 23.57 -6.94
N SER A 113 -18.66 24.01 -6.03
CA SER A 113 -18.29 25.06 -5.09
C SER A 113 -17.73 24.45 -3.81
N GLN A 114 -17.35 25.30 -2.87
CA GLN A 114 -16.80 24.84 -1.60
C GLN A 114 -17.92 24.56 -0.60
N THR A 115 -19.13 25.04 -0.92
CA THR A 115 -20.27 24.85 -0.04
C THR A 115 -21.37 24.07 -0.76
N ASP A 116 -22.01 23.16 -0.03
CA ASP A 116 -23.09 22.36 -0.61
C ASP A 116 -24.30 23.22 -0.92
N LEU A 117 -24.54 24.22 -0.07
CA LEU A 117 -25.68 25.10 -0.25
C LEU A 117 -25.58 25.87 -1.56
N GLU A 118 -24.36 26.28 -1.91
CA GLU A 118 -24.14 27.01 -3.15
C GLU A 118 -25.05 28.24 -3.21
N HIS A 119 -24.63 29.24 -3.98
CA HIS A 119 -25.40 30.46 -4.12
C HIS A 119 -25.83 30.67 -5.57
N HIS A 120 -27.10 31.05 -5.75
CA HIS A 120 -27.63 31.28 -7.09
C HIS A 120 -28.33 32.63 -7.16
N HIS A 121 -28.25 33.27 -8.32
CA HIS A 121 -28.90 34.57 -8.51
C HIS A 121 -30.06 34.45 -9.50
N HIS A 122 -31.13 35.18 -9.23
CA HIS A 122 -32.30 35.16 -10.10
C HIS A 122 -32.81 36.57 -10.35
N HIS A 123 -32.70 37.02 -11.59
CA HIS A 123 -33.15 38.37 -11.94
C HIS A 123 -34.33 38.29 -12.91
N HIS A 124 -35.20 39.30 -12.85
CA HIS A 124 -36.37 39.34 -13.73
C HIS A 124 -36.10 40.25 -14.92
C1 MYR B . -9.29 0.10 8.23
O1 MYR B . -10.40 0.11 7.70
C2 MYR B . -8.63 1.32 8.33
C3 MYR B . -7.59 1.50 7.21
C4 MYR B . -6.50 0.43 7.29
C5 MYR B . -5.72 0.32 5.98
C6 MYR B . -6.07 -0.98 5.25
C7 MYR B . -5.40 -1.15 3.89
C8 MYR B . -5.90 -2.33 3.04
C9 MYR B . -5.04 -3.60 3.14
C10 MYR B . -4.70 -4.20 1.77
C11 MYR B . -3.32 -4.86 1.72
C12 MYR B . -2.63 -4.61 0.38
C13 MYR B . -2.17 -3.16 0.24
C14 MYR B . -1.80 -2.56 1.60
H21 MYR B . -9.29 2.07 8.28
H22 MYR B . -8.15 1.38 9.20
H31 MYR B . -8.04 1.43 6.31
H32 MYR B . -7.16 2.40 7.29
H41 MYR B . -5.87 0.68 8.03
H42 MYR B . -6.92 -0.45 7.50
H51 MYR B . -5.93 1.09 5.39
H52 MYR B . -4.73 0.32 6.17
H61 MYR B . -5.82 -1.75 5.84
H62 MYR B . -7.07 -1.00 5.10
H71 MYR B . -5.52 -0.32 3.36
H72 MYR B . -4.41 -1.29 4.05
H81 MYR B . -6.82 -2.55 3.34
H82 MYR B . -5.93 -2.05 2.08
H91 MYR B . -4.19 -3.39 3.61
H92 MYR B . -5.54 -4.29 3.67
H101 MYR B . -5.40 -4.87 1.53
H102 MYR B . -4.72 -3.46 1.08
H111 MYR B . -2.75 -4.48 2.46
H112 MYR B . -3.41 -5.85 1.86
H121 MYR B . -1.84 -5.21 0.30
H122 MYR B . -3.27 -4.81 -0.36
H131 MYR B . -1.38 -3.12 -0.36
H132 MYR B . -2.91 -2.62 -0.15
H141 MYR B . -2.58 -2.62 2.21
H142 MYR B . -1.03 -3.07 1.98
H143 MYR B . -1.53 -1.61 1.47
N GLY A 1 -8.34 0.08 9.47
CA GLY A 1 -9.61 -0.19 10.13
C GLY A 1 -10.25 -1.47 9.59
N GLN A 2 -11.55 -1.41 9.34
CA GLN A 2 -12.27 -2.58 8.83
C GLN A 2 -11.53 -3.19 7.65
N GLU A 3 -11.02 -2.34 6.77
CA GLU A 3 -10.30 -2.81 5.60
C GLU A 3 -9.36 -3.96 5.97
N LEU A 4 -9.09 -4.10 7.26
CA LEU A 4 -8.22 -5.16 7.74
C LEU A 4 -8.65 -6.51 7.17
N SER A 5 -9.96 -6.73 7.13
CA SER A 5 -10.50 -7.99 6.62
C SER A 5 -10.11 -8.17 5.15
N GLN A 6 -10.07 -7.07 4.41
CA GLN A 6 -9.71 -7.12 3.00
C GLN A 6 -8.24 -7.46 2.84
N HIS A 7 -7.40 -6.84 3.68
CA HIS A 7 -5.95 -7.09 3.63
C HIS A 7 -5.67 -8.57 3.82
N GLU A 8 -6.44 -9.22 4.69
CA GLU A 8 -6.25 -10.64 4.96
C GLU A 8 -6.50 -11.46 3.70
N ARG A 9 -7.74 -11.44 3.22
CA ARG A 9 -8.11 -12.20 2.03
C ARG A 9 -7.09 -11.95 0.91
N TYR A 10 -6.75 -10.68 0.69
CA TYR A 10 -5.80 -10.32 -0.34
C TYR A 10 -4.44 -10.94 -0.04
N VAL A 11 -3.93 -10.70 1.16
CA VAL A 11 -2.63 -11.25 1.56
C VAL A 11 -2.52 -12.71 1.14
N GLU A 12 -3.64 -13.44 1.22
CA GLU A 12 -3.65 -14.84 0.85
C GLU A 12 -3.48 -15.00 -0.67
N GLN A 13 -4.07 -14.08 -1.42
CA GLN A 13 -3.99 -14.12 -2.87
C GLN A 13 -2.55 -13.88 -3.33
N LEU A 14 -1.89 -12.92 -2.69
CA LEU A 14 -0.51 -12.59 -3.05
C LEU A 14 0.41 -13.78 -2.81
N LYS A 15 0.18 -14.49 -1.71
CA LYS A 15 0.99 -15.64 -1.36
C LYS A 15 0.89 -16.72 -2.44
N GLN A 16 -0.33 -16.93 -2.93
CA GLN A 16 -0.56 -17.95 -3.95
C GLN A 16 0.32 -17.69 -5.16
N ALA A 17 0.34 -16.45 -5.63
CA ALA A 17 1.16 -16.09 -6.78
C ALA A 17 2.63 -16.42 -6.54
N LEU A 18 3.18 -15.88 -5.47
CA LEU A 18 4.58 -16.11 -5.14
C LEU A 18 4.82 -17.61 -4.88
N LYS A 19 3.82 -18.27 -4.31
CA LYS A 19 3.94 -19.70 -4.01
C LYS A 19 4.20 -20.49 -5.28
N THR A 20 3.83 -19.92 -6.42
CA THR A 20 4.02 -20.59 -7.70
C THR A 20 5.47 -20.44 -8.18
N ARG A 21 6.24 -19.66 -7.44
CA ARG A 21 7.64 -19.43 -7.79
C ARG A 21 8.53 -20.45 -7.08
N GLY A 22 7.92 -21.31 -6.26
CA GLY A 22 8.68 -22.32 -5.55
C GLY A 22 9.29 -21.75 -4.27
N VAL A 23 9.02 -20.47 -4.02
CA VAL A 23 9.54 -19.81 -2.82
C VAL A 23 8.99 -20.49 -1.56
N LYS A 24 9.79 -20.51 -0.52
CA LYS A 24 9.38 -21.14 0.74
C LYS A 24 8.04 -20.58 1.21
N VAL A 25 7.69 -20.86 2.45
CA VAL A 25 6.43 -20.37 3.01
C VAL A 25 6.69 -19.23 3.98
N LYS A 26 6.48 -18.00 3.52
CA LYS A 26 6.69 -16.83 4.36
C LYS A 26 5.39 -16.03 4.48
N TYR A 27 5.21 -15.37 5.63
CA TYR A 27 4.01 -14.57 5.86
C TYR A 27 4.08 -13.26 5.09
N ALA A 28 3.01 -12.92 4.38
CA ALA A 28 2.95 -11.68 3.63
C ALA A 28 2.42 -10.54 4.49
N ASP A 29 1.38 -10.85 5.27
CA ASP A 29 0.76 -9.83 6.10
C ASP A 29 1.80 -9.12 6.97
N LEU A 30 2.52 -9.91 7.76
CA LEU A 30 3.53 -9.35 8.66
C LEU A 30 4.64 -8.67 7.87
N LEU A 31 5.33 -9.44 7.05
CA LEU A 31 6.42 -8.90 6.25
C LEU A 31 5.99 -7.59 5.58
N LYS A 32 4.80 -7.58 5.01
CA LYS A 32 4.31 -6.40 4.33
C LYS A 32 3.79 -5.36 5.32
N PHE A 33 2.94 -5.80 6.24
CA PHE A 33 2.36 -4.90 7.22
C PHE A 33 3.44 -4.11 7.94
N PHE A 34 4.38 -4.82 8.55
CA PHE A 34 5.46 -4.18 9.29
C PHE A 34 6.31 -3.31 8.37
N ASP A 35 6.81 -3.91 7.29
CA ASP A 35 7.65 -3.19 6.36
C ASP A 35 6.98 -1.89 5.91
N PHE A 36 5.77 -2.01 5.36
CA PHE A 36 5.04 -0.85 4.89
C PHE A 36 4.74 0.10 6.03
N VAL A 37 4.14 -0.42 7.10
CA VAL A 37 3.79 0.41 8.24
C VAL A 37 4.98 1.26 8.68
N LYS A 38 6.08 0.61 9.02
CA LYS A 38 7.26 1.32 9.48
C LYS A 38 7.87 2.14 8.35
N ASP A 39 7.97 1.54 7.17
CA ASP A 39 8.54 2.24 6.03
C ASP A 39 7.75 3.49 5.70
N ILE A 40 6.54 3.31 5.18
CA ILE A 40 5.69 4.45 4.82
C ILE A 40 5.38 5.29 6.04
N CYS A 41 5.08 4.62 7.16
CA CYS A 41 4.76 5.32 8.39
C CYS A 41 5.70 4.91 9.52
N PRO A 42 6.88 5.46 9.54
CA PRO A 42 7.89 5.16 10.59
C PRO A 42 7.64 5.94 11.88
N TRP A 43 6.86 7.02 11.76
CA TRP A 43 6.57 7.86 12.92
C TRP A 43 5.07 7.91 13.19
N PHE A 44 4.30 7.23 12.34
CA PHE A 44 2.86 7.22 12.50
C PHE A 44 2.28 5.89 12.05
N PRO A 45 2.48 4.86 12.83
CA PRO A 45 1.98 3.49 12.52
C PRO A 45 0.49 3.34 12.79
N GLN A 46 -0.15 4.42 13.18
CA GLN A 46 -1.58 4.40 13.48
C GLN A 46 -2.37 4.02 12.23
N GLU A 47 -2.05 4.66 11.11
CA GLU A 47 -2.75 4.38 9.86
C GLU A 47 -1.77 3.87 8.81
N GLY A 48 -1.03 4.81 8.19
CA GLY A 48 -0.04 4.43 7.20
C GLY A 48 -0.70 3.87 5.95
N THR A 49 -0.98 4.74 4.98
CA THR A 49 -1.61 4.31 3.73
C THR A 49 -0.56 3.79 2.76
N ILE A 50 -1.00 3.07 1.74
CA ILE A 50 -0.09 2.54 0.73
C ILE A 50 0.31 3.62 -0.25
N ASP A 51 1.61 3.80 -0.44
CA ASP A 51 2.12 4.80 -1.37
C ASP A 51 3.15 4.19 -2.31
N ILE A 52 3.12 4.61 -3.57
CA ILE A 52 4.04 4.09 -4.56
C ILE A 52 5.29 4.96 -4.63
N LYS A 53 5.12 6.26 -4.47
CA LYS A 53 6.24 7.19 -4.54
C LYS A 53 7.21 6.96 -3.38
N ARG A 54 6.66 6.88 -2.15
CA ARG A 54 7.49 6.67 -0.98
C ARG A 54 8.07 5.27 -0.98
N TRP A 55 7.20 4.27 -0.81
CA TRP A 55 7.65 2.89 -0.76
C TRP A 55 8.76 2.66 -1.78
N ARG A 56 8.68 3.36 -2.91
CA ARG A 56 9.68 3.23 -3.96
C ARG A 56 10.97 3.93 -3.56
N ARG A 57 10.84 5.13 -3.02
CA ARG A 57 12.00 5.90 -2.60
C ARG A 57 12.74 5.20 -1.47
N VAL A 58 12.04 4.95 -0.37
CA VAL A 58 12.65 4.28 0.78
C VAL A 58 12.91 2.81 0.45
N GLY A 59 12.19 2.29 -0.53
CA GLY A 59 12.35 0.89 -0.92
C GLY A 59 13.70 0.66 -1.59
N ASP A 60 14.07 1.57 -2.48
CA ASP A 60 15.35 1.45 -3.18
C ASP A 60 16.52 1.72 -2.25
N CYS A 61 16.34 2.70 -1.37
CA CYS A 61 17.39 3.05 -0.42
C CYS A 61 17.87 1.81 0.33
N PHE A 62 17.00 1.23 1.13
CA PHE A 62 17.35 0.05 1.91
C PHE A 62 17.70 -1.11 1.00
N GLN A 63 16.85 -1.34 -0.02
CA GLN A 63 17.08 -2.43 -0.95
C GLN A 63 18.39 -2.23 -1.70
N ASP A 64 18.46 -1.15 -2.48
CA ASP A 64 19.66 -0.86 -3.25
C ASP A 64 20.88 -0.84 -2.35
N TYR A 65 20.66 -0.65 -1.05
CA TYR A 65 21.75 -0.61 -0.09
C TYR A 65 22.12 -2.03 0.37
N TYR A 66 21.12 -2.85 0.61
CA TYR A 66 21.34 -4.22 1.05
C TYR A 66 22.10 -5.01 -0.02
N ASN A 67 21.76 -4.76 -1.28
CA ASN A 67 22.40 -5.46 -2.39
C ASN A 67 23.82 -4.95 -2.59
N THR A 68 23.96 -3.64 -2.77
CA THR A 68 25.27 -3.04 -2.97
C THR A 68 26.25 -3.51 -1.89
N PHE A 69 25.69 -4.03 -0.80
CA PHE A 69 26.53 -4.51 0.30
C PHE A 69 26.96 -5.95 0.05
N GLY A 70 26.59 -6.48 -1.11
CA GLY A 70 26.97 -7.85 -1.47
C GLY A 70 26.51 -8.83 -0.41
N PRO A 71 25.22 -8.99 -0.27
CA PRO A 71 24.63 -9.93 0.73
C PRO A 71 24.72 -11.39 0.30
N GLU A 72 24.58 -12.30 1.26
CA GLU A 72 24.62 -13.72 0.95
C GLU A 72 23.21 -14.32 0.92
N LYS A 73 22.22 -13.46 1.09
CA LYS A 73 20.83 -13.91 1.07
C LYS A 73 20.01 -13.13 0.06
N VAL A 74 20.68 -12.61 -0.96
CA VAL A 74 20.01 -11.81 -1.98
C VAL A 74 18.72 -12.50 -2.43
N PRO A 75 17.60 -12.02 -1.96
CA PRO A 75 16.27 -12.61 -2.29
C PRO A 75 15.76 -12.14 -3.65
N VAL A 76 14.98 -13.00 -4.31
CA VAL A 76 14.40 -12.67 -5.61
C VAL A 76 13.16 -11.78 -5.42
N ILE A 77 12.67 -11.72 -4.19
CA ILE A 77 11.48 -10.93 -3.90
C ILE A 77 11.62 -9.52 -4.46
N ALA A 78 12.86 -9.09 -4.66
CA ALA A 78 13.12 -7.75 -5.17
C ALA A 78 12.44 -7.54 -6.52
N PHE A 79 12.86 -8.32 -7.50
CA PHE A 79 12.30 -8.21 -8.84
C PHE A 79 10.77 -8.19 -8.79
N SER A 80 10.21 -9.08 -7.98
CA SER A 80 8.75 -9.17 -7.85
C SER A 80 8.19 -7.85 -7.34
N TYR A 81 8.89 -7.22 -6.41
CA TYR A 81 8.44 -5.96 -5.85
C TYR A 81 8.32 -4.89 -6.94
N TRP A 82 7.99 -3.67 -6.53
CA TRP A 82 7.84 -2.58 -7.48
C TRP A 82 6.72 -2.86 -8.47
N ASN A 83 6.89 -3.91 -9.27
CA ASN A 83 5.87 -4.29 -10.24
C ASN A 83 4.56 -4.62 -9.54
N LEU A 84 4.65 -5.36 -8.44
CA LEU A 84 3.47 -5.73 -7.68
C LEU A 84 2.81 -4.50 -7.06
N ILE A 85 3.64 -3.55 -6.65
CA ILE A 85 3.14 -2.33 -6.02
C ILE A 85 2.15 -1.63 -6.96
N LYS A 86 2.49 -1.59 -8.24
CA LYS A 86 1.63 -0.94 -9.22
C LYS A 86 0.32 -1.72 -9.40
N GLU A 87 0.44 -2.98 -9.81
CA GLU A 87 -0.74 -3.82 -10.01
C GLU A 87 -1.53 -3.94 -8.71
N LEU A 88 -0.87 -3.64 -7.59
CA LEU A 88 -1.52 -3.74 -6.29
C LEU A 88 -2.58 -2.65 -6.12
N ILE A 89 -2.15 -1.40 -6.30
CA ILE A 89 -3.06 -0.27 -6.16
C ILE A 89 -4.27 -0.46 -7.07
N ASP A 90 -4.06 -1.07 -8.23
CA ASP A 90 -5.15 -1.30 -9.17
C ASP A 90 -6.24 -2.15 -8.54
N LYS A 91 -5.89 -3.38 -8.18
CA LYS A 91 -6.85 -4.29 -7.55
C LYS A 91 -7.36 -3.70 -6.24
N LYS A 92 -6.45 -3.11 -5.47
CA LYS A 92 -6.82 -2.51 -4.19
C LYS A 92 -7.76 -1.33 -4.40
N GLU A 93 -7.84 -0.86 -5.64
CA GLU A 93 -8.72 0.26 -5.97
C GLU A 93 -10.15 -0.03 -5.51
N VAL A 94 -10.37 -1.24 -5.01
CA VAL A 94 -11.70 -1.64 -4.59
C VAL A 94 -12.40 -0.52 -3.82
N ASN A 95 -11.93 -0.27 -2.60
CA ASN A 95 -12.50 0.79 -1.77
C ASN A 95 -11.93 0.73 -0.36
N PRO A 96 -10.64 0.84 -0.23
CA PRO A 96 -9.95 0.80 1.09
C PRO A 96 -9.79 2.19 1.70
N GLN A 97 -8.86 2.32 2.64
CA GLN A 97 -8.62 3.61 3.28
C GLN A 97 -8.16 4.64 2.25
N VAL A 98 -7.55 4.16 1.17
CA VAL A 98 -7.07 5.05 0.12
C VAL A 98 -8.19 5.95 -0.37
N MET A 99 -9.37 5.37 -0.58
CA MET A 99 -10.52 6.14 -1.04
C MET A 99 -11.00 7.10 0.04
N ALA A 100 -10.87 6.68 1.30
CA ALA A 100 -11.29 7.52 2.41
C ALA A 100 -10.44 8.77 2.50
N ALA A 101 -9.12 8.59 2.50
CA ALA A 101 -8.20 9.73 2.56
C ALA A 101 -8.59 10.78 1.52
N VAL A 102 -9.35 10.36 0.52
CA VAL A 102 -9.79 11.28 -0.53
C VAL A 102 -11.14 11.88 -0.18
N ALA A 103 -12.11 11.02 0.10
CA ALA A 103 -13.45 11.48 0.47
C ALA A 103 -13.38 12.31 1.76
N GLN A 104 -12.37 12.03 2.57
CA GLN A 104 -12.21 12.75 3.84
C GLN A 104 -11.50 14.08 3.62
N THR A 105 -10.32 14.03 3.04
CA THR A 105 -9.55 15.25 2.77
C THR A 105 -10.31 16.15 1.80
N GLU A 106 -10.88 15.55 0.77
CA GLU A 106 -11.63 16.32 -0.22
C GLU A 106 -13.09 15.87 -0.24
N GLU A 107 -13.86 16.35 0.73
CA GLU A 107 -15.27 15.98 0.81
C GLU A 107 -16.05 16.55 -0.38
N ILE A 108 -16.98 15.77 -0.90
CA ILE A 108 -17.79 16.20 -2.04
C ILE A 108 -18.77 17.29 -1.60
N LEU A 109 -18.51 17.89 -0.45
CA LEU A 109 -19.38 18.94 0.06
C LEU A 109 -18.78 20.32 -0.21
N LYS A 110 -17.76 20.36 -1.06
CA LYS A 110 -17.12 21.62 -1.40
C LYS A 110 -17.26 21.90 -2.89
N SER A 111 -17.22 23.18 -3.25
CA SER A 111 -17.34 23.58 -4.65
C SER A 111 -16.00 24.03 -5.21
N ASN A 112 -16.00 25.18 -5.86
CA ASN A 112 -14.77 25.72 -6.44
C ASN A 112 -13.76 26.03 -5.35
N SER A 113 -14.24 26.60 -4.25
CA SER A 113 -13.37 26.94 -3.12
C SER A 113 -14.18 27.17 -1.86
N GLN A 114 -15.48 26.89 -1.94
CA GLN A 114 -16.36 27.06 -0.79
C GLN A 114 -17.15 25.79 -0.53
N THR A 115 -18.10 25.87 0.39
CA THR A 115 -18.94 24.72 0.73
C THR A 115 -20.00 24.49 -0.35
N ASP A 116 -20.54 23.28 -0.40
CA ASP A 116 -21.55 22.94 -1.39
C ASP A 116 -22.82 23.75 -1.16
N LEU A 117 -23.12 24.01 0.11
CA LEU A 117 -24.32 24.77 0.45
C LEU A 117 -24.25 26.18 -0.11
N GLU A 118 -23.07 26.79 -0.02
CA GLU A 118 -22.88 28.14 -0.52
C GLU A 118 -23.83 29.11 0.19
N HIS A 119 -24.33 28.70 1.34
CA HIS A 119 -25.25 29.54 2.11
C HIS A 119 -24.56 30.80 2.60
N HIS A 120 -23.31 30.64 3.04
CA HIS A 120 -22.55 31.78 3.56
C HIS A 120 -22.49 32.90 2.54
N HIS A 121 -22.35 32.53 1.26
CA HIS A 121 -22.27 33.51 0.19
C HIS A 121 -23.55 33.47 -0.66
N HIS A 122 -23.69 34.45 -1.54
CA HIS A 122 -24.87 34.52 -2.39
C HIS A 122 -24.48 34.96 -3.81
N HIS A 123 -24.23 33.99 -4.68
CA HIS A 123 -23.86 34.30 -6.06
C HIS A 123 -24.95 33.83 -7.02
N HIS A 124 -25.31 34.70 -7.96
CA HIS A 124 -26.35 34.38 -8.93
C HIS A 124 -26.45 35.46 -10.00
C1 MYR B . -8.28 0.23 8.15
O1 MYR B . -9.26 0.17 7.42
C2 MYR B . -7.68 1.49 8.31
C3 MYR B . -6.21 1.48 7.84
C4 MYR B . -5.77 0.08 7.46
C5 MYR B . -5.64 -0.08 5.95
C6 MYR B . -5.13 -1.49 5.59
C7 MYR B . -4.29 -1.55 4.31
C8 MYR B . -4.65 -2.70 3.36
C9 MYR B . -3.44 -3.52 2.86
C10 MYR B . -3.31 -3.53 1.33
C11 MYR B . -1.88 -3.82 0.85
C12 MYR B . -1.88 -4.33 -0.59
C13 MYR B . -1.62 -3.20 -1.58
C14 MYR B . -0.41 -2.37 -1.17
H21 MYR B . -8.19 2.17 7.77
H22 MYR B . -7.70 1.76 9.27
H31 MYR B . -6.11 2.08 7.05
H32 MYR B . -5.63 1.82 8.58
H41 MYR B . -4.88 -0.11 7.89
H42 MYR B . -6.44 -0.59 7.80
H51 MYR B . -6.52 0.07 5.52
H52 MYR B . -4.98 0.59 5.60
H61 MYR B . -4.57 -1.82 6.35
H62 MYR B . -5.93 -2.09 5.48
H71 MYR B . -4.42 -0.70 3.81
H72 MYR B . -3.33 -1.65 4.57
H81 MYR B . -5.27 -3.33 3.84
H82 MYR B . -5.12 -2.33 2.55
H91 MYR B . -2.61 -3.14 3.25
H92 MYR B . -3.54 -4.47 3.17
H101 MYR B . -3.93 -4.21 0.96
H102 MYR B . -3.59 -2.63 0.98
H111 MYR B . -1.34 -3.00 0.91
H112 MYR B . -1.48 -4.52 1.44
H121 MYR B . -1.17 -5.03 -0.69
H122 MYR B . -2.77 -4.74 -0.80
H131 MYR B . -1.47 -3.58 -2.49
H132 MYR B . -2.43 -2.60 -1.62
H141 MYR B . 0.06 -2.81 -0.41
H142 MYR B . 0.21 -2.29 -1.95
H143 MYR B . -0.72 -1.46 -0.90
N GLY A 1 -8.26 1.11 9.49
CA GLY A 1 -9.73 1.11 9.55
C GLY A 1 -10.29 -0.20 9.02
N GLN A 2 -11.59 -0.22 8.78
CA GLN A 2 -12.25 -1.42 8.28
C GLN A 2 -11.44 -2.05 7.17
N GLU A 3 -10.85 -1.21 6.31
CA GLU A 3 -10.03 -1.70 5.21
C GLU A 3 -9.14 -2.85 5.68
N LEU A 4 -8.97 -2.97 6.98
CA LEU A 4 -8.15 -4.04 7.54
C LEU A 4 -8.67 -5.41 7.09
N SER A 5 -9.99 -5.57 7.11
CA SER A 5 -10.59 -6.83 6.70
C SER A 5 -10.22 -7.16 5.25
N GLN A 6 -10.31 -6.15 4.39
CA GLN A 6 -9.98 -6.34 2.99
C GLN A 6 -8.51 -6.74 2.84
N HIS A 7 -7.65 -6.11 3.63
CA HIS A 7 -6.22 -6.41 3.57
C HIS A 7 -5.99 -7.90 3.87
N GLU A 8 -6.70 -8.42 4.85
CA GLU A 8 -6.57 -9.84 5.20
C GLU A 8 -6.69 -10.69 3.95
N ARG A 9 -7.84 -10.58 3.27
CA ARG A 9 -8.06 -11.36 2.06
C ARG A 9 -6.89 -11.20 1.09
N TYR A 10 -6.43 -9.97 0.93
CA TYR A 10 -5.31 -9.70 0.04
C TYR A 10 -4.10 -10.52 0.43
N VAL A 11 -3.73 -10.46 1.71
CA VAL A 11 -2.59 -11.21 2.20
C VAL A 11 -2.67 -12.67 1.75
N GLU A 12 -3.88 -13.20 1.75
CA GLU A 12 -4.08 -14.59 1.35
C GLU A 12 -3.88 -14.75 -0.15
N GLN A 13 -4.44 -13.83 -0.92
CA GLN A 13 -4.32 -13.89 -2.38
C GLN A 13 -2.87 -13.70 -2.81
N LEU A 14 -2.18 -12.79 -2.15
CA LEU A 14 -0.78 -12.53 -2.46
C LEU A 14 0.07 -13.75 -2.22
N LYS A 15 -0.21 -14.46 -1.13
CA LYS A 15 0.53 -15.67 -0.81
C LYS A 15 0.35 -16.73 -1.88
N GLN A 16 -0.85 -16.81 -2.45
CA GLN A 16 -1.13 -17.79 -3.49
C GLN A 16 -0.22 -17.58 -4.70
N ALA A 17 -0.07 -16.32 -5.10
CA ALA A 17 0.76 -16.01 -6.26
C ALA A 17 2.20 -16.48 -6.01
N LEU A 18 2.77 -16.07 -4.90
CA LEU A 18 4.14 -16.46 -4.55
C LEU A 18 4.22 -17.96 -4.31
N LYS A 19 3.12 -18.55 -3.90
CA LYS A 19 3.06 -19.98 -3.63
C LYS A 19 3.31 -20.77 -4.91
N THR A 20 2.96 -20.19 -6.05
CA THR A 20 3.14 -20.85 -7.33
C THR A 20 4.58 -20.68 -7.83
N ARG A 21 5.36 -19.90 -7.10
CA ARG A 21 6.75 -19.65 -7.48
C ARG A 21 7.67 -20.70 -6.86
N GLY A 22 7.07 -21.70 -6.24
CA GLY A 22 7.84 -22.77 -5.60
C GLY A 22 8.65 -22.23 -4.43
N VAL A 23 8.61 -20.92 -4.25
CA VAL A 23 9.34 -20.29 -3.15
C VAL A 23 8.80 -20.77 -1.82
N LYS A 24 8.91 -22.07 -1.56
CA LYS A 24 8.42 -22.66 -0.31
C LYS A 24 7.16 -21.94 0.15
N VAL A 25 6.82 -22.10 1.43
CA VAL A 25 5.65 -21.45 1.99
C VAL A 25 6.06 -20.39 3.00
N LYS A 26 6.02 -19.13 2.58
CA LYS A 26 6.39 -18.02 3.46
C LYS A 26 5.17 -17.12 3.71
N TYR A 27 5.12 -16.53 4.90
CA TYR A 27 4.00 -15.66 5.24
C TYR A 27 4.18 -14.27 4.63
N ALA A 28 3.12 -13.75 4.04
CA ALA A 28 3.15 -12.41 3.45
C ALA A 28 2.79 -11.36 4.48
N ASP A 29 1.92 -11.72 5.42
CA ASP A 29 1.47 -10.78 6.43
C ASP A 29 2.64 -10.13 7.13
N LEU A 30 3.48 -10.93 7.77
CA LEU A 30 4.63 -10.40 8.47
C LEU A 30 5.59 -9.67 7.54
N LEU A 31 6.13 -10.41 6.58
CA LEU A 31 7.08 -9.84 5.65
C LEU A 31 6.60 -8.49 5.14
N LYS A 32 5.35 -8.44 4.70
CA LYS A 32 4.79 -7.20 4.19
C LYS A 32 4.51 -6.22 5.33
N PHE A 33 3.89 -6.71 6.39
CA PHE A 33 3.54 -5.86 7.52
C PHE A 33 4.75 -5.06 7.96
N PHE A 34 5.77 -5.73 8.46
CA PHE A 34 6.96 -5.04 8.93
C PHE A 34 7.52 -4.10 7.86
N ASP A 35 7.84 -4.66 6.70
CA ASP A 35 8.40 -3.87 5.62
C ASP A 35 7.55 -2.64 5.32
N PHE A 36 6.31 -2.87 4.92
CA PHE A 36 5.42 -1.78 4.59
C PHE A 36 5.19 -0.86 5.79
N VAL A 37 4.78 -1.44 6.90
CA VAL A 37 4.52 -0.67 8.12
C VAL A 37 5.62 0.36 8.33
N LYS A 38 6.86 -0.10 8.34
CA LYS A 38 7.98 0.81 8.54
C LYS A 38 8.12 1.78 7.37
N ASP A 39 7.83 1.30 6.17
CA ASP A 39 7.99 2.13 4.98
C ASP A 39 7.01 3.31 5.00
N ILE A 40 5.73 3.01 4.84
CA ILE A 40 4.71 4.05 4.84
C ILE A 40 4.30 4.41 6.27
N CYS A 41 5.11 3.97 7.22
CA CYS A 41 4.83 4.24 8.63
C CYS A 41 6.05 3.95 9.51
N PRO A 42 7.10 4.70 9.32
CA PRO A 42 8.35 4.51 10.10
C PRO A 42 8.27 5.10 11.51
N TRP A 43 7.56 6.22 11.64
CA TRP A 43 7.40 6.88 12.92
C TRP A 43 5.93 7.05 13.28
N PHE A 44 5.05 6.62 12.37
CA PHE A 44 3.62 6.73 12.60
C PHE A 44 2.88 5.51 12.08
N PRO A 45 3.01 4.41 12.77
CA PRO A 45 2.33 3.13 12.42
C PRO A 45 0.86 3.14 12.78
N GLN A 46 0.38 4.29 13.25
CA GLN A 46 -1.02 4.42 13.63
C GLN A 46 -1.93 4.25 12.43
N GLU A 47 -1.63 4.98 11.34
CA GLU A 47 -2.43 4.86 10.12
C GLU A 47 -1.67 4.11 9.04
N GLY A 48 -0.82 4.82 8.30
CA GLY A 48 -0.04 4.20 7.24
C GLY A 48 -0.90 3.94 6.01
N THR A 49 -0.65 4.69 4.93
CA THR A 49 -1.42 4.52 3.70
C THR A 49 -0.52 3.96 2.59
N ILE A 50 -1.15 3.45 1.55
CA ILE A 50 -0.40 2.88 0.43
C ILE A 50 0.02 3.97 -0.54
N ASP A 51 1.33 4.02 -0.83
CA ASP A 51 1.85 5.01 -1.75
C ASP A 51 2.92 4.37 -2.65
N ILE A 52 2.92 4.75 -3.92
CA ILE A 52 3.89 4.21 -4.87
C ILE A 52 5.10 5.13 -4.98
N LYS A 53 4.87 6.43 -5.00
CA LYS A 53 5.95 7.40 -5.09
C LYS A 53 6.84 7.35 -3.84
N ARG A 54 6.20 7.31 -2.68
CA ARG A 54 6.96 7.27 -1.43
C ARG A 54 7.61 5.90 -1.25
N TRP A 55 6.79 4.87 -1.10
CA TRP A 55 7.32 3.52 -0.92
C TRP A 55 8.46 3.27 -1.89
N ARG A 56 8.45 3.99 -3.00
CA ARG A 56 9.51 3.83 -4.00
C ARG A 56 10.79 4.51 -3.54
N ARG A 57 10.67 5.74 -3.06
CA ARG A 57 11.83 6.50 -2.60
C ARG A 57 12.51 5.78 -1.44
N VAL A 58 11.72 5.42 -0.44
CA VAL A 58 12.24 4.73 0.72
C VAL A 58 12.51 3.26 0.41
N GLY A 59 11.83 2.75 -0.62
CA GLY A 59 11.99 1.36 -1.02
C GLY A 59 13.36 1.11 -1.62
N ASP A 60 13.77 2.00 -2.53
CA ASP A 60 15.08 1.86 -3.17
C ASP A 60 16.20 2.19 -2.18
N CYS A 61 16.02 3.23 -1.40
CA CYS A 61 17.04 3.63 -0.43
C CYS A 61 17.47 2.44 0.41
N PHE A 62 16.55 1.90 1.19
CA PHE A 62 16.86 0.75 2.04
C PHE A 62 17.24 -0.46 1.21
N GLN A 63 16.44 -0.75 0.19
CA GLN A 63 16.69 -1.92 -0.65
C GLN A 63 18.00 -1.76 -1.40
N ASP A 64 18.09 -0.73 -2.23
CA ASP A 64 19.29 -0.50 -3.01
C ASP A 64 20.51 -0.46 -2.11
N TYR A 65 20.35 0.08 -0.92
CA TYR A 65 21.45 0.16 0.04
C TYR A 65 21.82 -1.23 0.56
N TYR A 66 20.81 -2.02 0.87
CA TYR A 66 21.04 -3.37 1.39
C TYR A 66 21.69 -4.25 0.33
N ASN A 67 21.26 -4.09 -0.92
CA ASN A 67 21.81 -4.88 -2.02
C ASN A 67 23.14 -4.31 -2.49
N THR A 68 23.12 -3.07 -2.97
CA THR A 68 24.34 -2.44 -3.46
C THR A 68 25.49 -2.68 -2.50
N PHE A 69 25.17 -2.82 -1.21
CA PHE A 69 26.22 -3.07 -0.22
C PHE A 69 26.89 -4.41 -0.47
N GLY A 70 26.09 -5.47 -0.60
CA GLY A 70 26.63 -6.80 -0.85
C GLY A 70 26.25 -7.77 0.28
N PRO A 71 24.99 -8.11 0.37
CA PRO A 71 24.48 -9.03 1.42
C PRO A 71 24.75 -10.49 1.08
N GLU A 72 24.64 -11.35 2.09
CA GLU A 72 24.86 -12.78 1.88
C GLU A 72 23.53 -13.52 1.76
N LYS A 73 22.44 -12.77 1.83
CA LYS A 73 21.11 -13.37 1.73
C LYS A 73 20.30 -12.69 0.64
N VAL A 74 20.99 -12.11 -0.35
CA VAL A 74 20.32 -11.40 -1.42
C VAL A 74 19.10 -12.20 -1.91
N PRO A 75 17.91 -11.82 -1.47
CA PRO A 75 16.66 -12.51 -1.84
C PRO A 75 16.12 -12.06 -3.20
N VAL A 76 15.41 -12.96 -3.87
CA VAL A 76 14.82 -12.64 -5.17
C VAL A 76 13.57 -11.78 -5.00
N ILE A 77 13.02 -11.78 -3.79
CA ILE A 77 11.81 -11.02 -3.50
C ILE A 77 11.95 -9.60 -4.03
N ALA A 78 13.19 -9.15 -4.20
CA ALA A 78 13.46 -7.80 -4.70
C ALA A 78 12.70 -7.57 -6.00
N PHE A 79 13.05 -8.33 -7.03
CA PHE A 79 12.40 -8.20 -8.33
C PHE A 79 10.88 -8.14 -8.15
N SER A 80 10.34 -9.09 -7.40
CA SER A 80 8.90 -9.12 -7.18
C SER A 80 8.45 -7.90 -6.39
N TYR A 81 9.38 -7.29 -5.68
CA TYR A 81 9.07 -6.10 -4.89
C TYR A 81 9.17 -4.84 -5.74
N TRP A 82 8.09 -4.51 -6.43
CA TRP A 82 8.05 -3.33 -7.29
C TRP A 82 6.92 -3.42 -8.31
N ASN A 83 7.01 -4.43 -9.17
CA ASN A 83 5.99 -4.64 -10.19
C ASN A 83 4.62 -4.88 -9.55
N LEU A 84 4.63 -5.62 -8.45
CA LEU A 84 3.40 -5.91 -7.73
C LEU A 84 2.77 -4.63 -7.19
N ILE A 85 3.62 -3.72 -6.72
CA ILE A 85 3.14 -2.47 -6.14
C ILE A 85 2.21 -1.76 -7.12
N LYS A 86 2.65 -1.61 -8.35
CA LYS A 86 1.81 -0.95 -9.35
C LYS A 86 0.50 -1.70 -9.55
N GLU A 87 0.59 -3.00 -9.82
CA GLU A 87 -0.59 -3.81 -10.02
C GLU A 87 -1.46 -3.79 -8.77
N LEU A 88 -0.85 -3.47 -7.64
CA LEU A 88 -1.57 -3.47 -6.38
C LEU A 88 -2.66 -2.40 -6.40
N ILE A 89 -2.25 -1.15 -6.61
CA ILE A 89 -3.20 -0.04 -6.65
C ILE A 89 -4.29 -0.32 -7.70
N ASP A 90 -3.89 -0.99 -8.79
CA ASP A 90 -4.83 -1.28 -9.87
C ASP A 90 -6.00 -2.11 -9.33
N LYS A 91 -5.71 -3.33 -8.92
CA LYS A 91 -6.75 -4.21 -8.39
C LYS A 91 -7.38 -3.60 -7.15
N LYS A 92 -6.54 -3.05 -6.28
CA LYS A 92 -7.01 -2.43 -5.04
C LYS A 92 -7.95 -1.26 -5.37
N GLU A 93 -7.97 -0.86 -6.63
CA GLU A 93 -8.84 0.23 -7.05
C GLU A 93 -10.31 -0.10 -6.77
N VAL A 94 -10.57 -1.32 -6.33
CA VAL A 94 -11.95 -1.75 -6.08
C VAL A 94 -12.73 -0.66 -5.37
N ASN A 95 -12.39 -0.39 -4.13
CA ASN A 95 -13.05 0.66 -3.36
C ASN A 95 -12.67 0.58 -1.88
N PRO A 96 -11.40 0.72 -1.58
CA PRO A 96 -10.90 0.71 -0.18
C PRO A 96 -10.87 2.11 0.43
N GLN A 97 -10.03 2.28 1.46
CA GLN A 97 -9.90 3.57 2.13
C GLN A 97 -9.39 4.62 1.14
N VAL A 98 -8.66 4.16 0.12
CA VAL A 98 -8.11 5.06 -0.88
C VAL A 98 -9.25 5.83 -1.56
N MET A 99 -10.33 5.13 -1.88
CA MET A 99 -11.47 5.75 -2.53
C MET A 99 -12.14 6.74 -1.58
N ALA A 100 -12.10 6.43 -0.28
CA ALA A 100 -12.72 7.31 0.71
C ALA A 100 -11.95 8.62 0.82
N ALA A 101 -10.62 8.52 0.91
CA ALA A 101 -9.78 9.70 1.03
C ALA A 101 -10.15 10.72 -0.06
N VAL A 102 -10.83 10.23 -1.12
CA VAL A 102 -11.24 11.12 -2.20
C VAL A 102 -12.60 11.72 -1.90
N ALA A 103 -13.58 10.85 -1.61
CA ALA A 103 -14.92 11.32 -1.30
C ALA A 103 -14.90 12.22 -0.07
N GLN A 104 -14.08 11.85 0.91
CA GLN A 104 -13.97 12.62 2.14
C GLN A 104 -13.36 13.99 1.85
N THR A 105 -12.19 14.00 1.22
CA THR A 105 -11.52 15.25 0.90
C THR A 105 -12.39 16.10 -0.04
N GLU A 106 -13.01 15.44 -1.00
CA GLU A 106 -13.87 16.14 -1.96
C GLU A 106 -15.20 15.40 -2.12
N GLU A 107 -16.14 15.73 -1.24
CA GLU A 107 -17.46 15.11 -1.28
C GLU A 107 -18.24 15.60 -2.49
N ILE A 108 -19.39 14.98 -2.74
CA ILE A 108 -20.24 15.36 -3.86
C ILE A 108 -21.29 16.38 -3.44
N LEU A 109 -21.30 16.69 -2.14
CA LEU A 109 -22.26 17.66 -1.62
C LEU A 109 -22.00 19.05 -2.19
N LYS A 110 -20.73 19.40 -2.30
CA LYS A 110 -20.36 20.71 -2.83
C LYS A 110 -20.88 20.88 -4.25
N SER A 111 -20.87 19.78 -5.01
CA SER A 111 -21.34 19.82 -6.38
C SER A 111 -20.40 20.65 -7.26
N ASN A 112 -20.94 21.23 -8.32
CA ASN A 112 -20.13 22.03 -9.24
C ASN A 112 -19.54 23.22 -8.51
N SER A 113 -20.35 23.86 -7.67
CA SER A 113 -19.89 25.02 -6.90
C SER A 113 -20.94 25.45 -5.89
N GLN A 114 -21.95 24.62 -5.70
CA GLN A 114 -23.02 24.91 -4.76
C GLN A 114 -22.59 24.55 -3.34
N THR A 115 -23.32 25.09 -2.36
CA THR A 115 -23.00 24.82 -0.96
C THR A 115 -23.59 23.47 -0.53
N ASP A 116 -23.06 22.93 0.56
CA ASP A 116 -23.54 21.65 1.06
C ASP A 116 -25.00 21.75 1.51
N LEU A 117 -25.34 22.89 2.09
CA LEU A 117 -26.70 23.12 2.57
C LEU A 117 -27.69 23.08 1.41
N GLU A 118 -27.28 23.62 0.28
CA GLU A 118 -28.14 23.65 -0.90
C GLU A 118 -29.45 24.35 -0.59
N HIS A 119 -29.66 25.52 -1.19
CA HIS A 119 -30.88 26.29 -0.97
C HIS A 119 -31.56 26.59 -2.29
N HIS A 120 -32.89 26.52 -2.29
CA HIS A 120 -33.67 26.79 -3.50
C HIS A 120 -34.39 28.13 -3.39
N HIS A 121 -34.07 29.04 -4.31
CA HIS A 121 -34.69 30.36 -4.30
C HIS A 121 -35.80 30.43 -5.35
N HIS A 122 -36.94 30.99 -4.96
CA HIS A 122 -38.07 31.12 -5.88
C HIS A 122 -38.69 32.50 -5.75
N HIS A 123 -38.57 33.30 -6.80
CA HIS A 123 -39.13 34.65 -6.80
C HIS A 123 -40.28 34.75 -7.80
N HIS A 124 -41.17 35.72 -7.58
CA HIS A 124 -42.30 35.91 -8.46
C HIS A 124 -41.90 35.68 -9.92
C1 MYR B . -7.56 0.13 10.05
O1 MYR B . -8.06 -0.82 10.64
C2 MYR B . -6.93 -0.14 8.83
C3 MYR B . -5.40 -0.01 8.94
C4 MYR B . -4.74 0.06 7.57
C5 MYR B . -5.73 -0.23 6.45
C6 MYR B . -5.24 -1.38 5.56
C7 MYR B . -4.83 -0.95 4.15
C8 MYR B . -5.07 -1.99 3.05
C9 MYR B . -3.83 -2.33 2.19
C10 MYR B . -4.14 -3.36 1.10
C11 MYR B . -3.22 -4.60 1.18
C12 MYR B . -1.94 -4.40 0.36
C13 MYR B . -0.91 -3.57 1.14
C14 MYR B . -0.74 -2.18 0.53
H21 MYR B . -7.15 -1.07 8.54
H22 MYR B . -7.24 0.51 8.13
H31 MYR B . -5.18 0.82 9.45
H32 MYR B . -5.03 -0.80 9.44
H41 MYR B . -4.34 0.96 7.44
H42 MYR B . -4.01 -0.63 7.52
H51 MYR B . -6.62 -0.47 6.84
H52 MYR B . -5.85 0.59 5.88
H61 MYR B . -4.46 -1.81 6.01
H62 MYR B . -5.99 -2.05 5.47
H71 MYR B . -5.32 -0.13 3.90
H72 MYR B . -3.84 -0.75 4.16
H81 MYR B . -5.38 -2.84 3.48
H82 MYR B . -5.79 -1.66 2.45
H91 MYR B . -3.51 -1.49 1.75
H92 MYR B . -3.11 -2.70 2.78
H101 MYR B . -5.09 -3.67 1.19
H102 MYR B . -4.02 -2.95 0.21
H111 MYR B . -2.98 -4.77 2.14
H112 MYR B . -3.70 -5.40 0.82
H121 MYR B . -1.55 -5.29 0.13
H122 MYR B . -2.17 -3.91 -0.49
H131 MYR B . -1.20 -3.48 2.09
H132 MYR B . -0.03 -4.04 1.11
H141 MYR B . 0.23 -1.95 0.50
H142 MYR B . -1.11 -2.17 -0.40
H143 MYR B . -1.23 -1.51 1.09
N GLY A 1 -9.04 0.39 9.87
CA GLY A 1 -9.86 -0.34 10.83
C GLY A 1 -10.41 -1.62 10.22
N GLN A 2 -11.68 -1.59 9.83
CA GLN A 2 -12.32 -2.75 9.23
C GLN A 2 -11.48 -3.29 8.09
N GLU A 3 -10.95 -2.39 7.27
CA GLU A 3 -10.12 -2.79 6.14
C GLU A 3 -9.17 -3.91 6.55
N LEU A 4 -8.95 -4.06 7.85
CA LEU A 4 -8.07 -5.11 8.36
C LEU A 4 -8.53 -6.48 7.84
N SER A 5 -9.83 -6.72 7.90
CA SER A 5 -10.38 -7.99 7.42
C SER A 5 -10.07 -8.18 5.94
N GLN A 6 -10.22 -7.10 5.17
CA GLN A 6 -9.94 -7.16 3.73
C GLN A 6 -8.47 -7.45 3.48
N HIS A 7 -7.60 -6.83 4.28
CA HIS A 7 -6.17 -7.03 4.13
C HIS A 7 -5.81 -8.51 4.27
N GLU A 8 -6.39 -9.15 5.27
CA GLU A 8 -6.14 -10.57 5.50
C GLU A 8 -6.41 -11.38 4.24
N ARG A 9 -7.65 -11.33 3.77
CA ARG A 9 -8.02 -12.06 2.55
C ARG A 9 -7.02 -11.78 1.44
N TYR A 10 -6.67 -10.51 1.27
CA TYR A 10 -5.71 -10.13 0.23
C TYR A 10 -4.38 -10.81 0.46
N VAL A 11 -3.83 -10.66 1.67
CA VAL A 11 -2.54 -11.26 2.00
C VAL A 11 -2.49 -12.70 1.49
N GLU A 12 -3.62 -13.39 1.52
CA GLU A 12 -3.68 -14.77 1.06
C GLU A 12 -3.55 -14.84 -0.45
N GLN A 13 -4.16 -13.88 -1.14
CA GLN A 13 -4.10 -13.85 -2.59
C GLN A 13 -2.67 -13.62 -3.07
N LEU A 14 -1.97 -12.72 -2.39
CA LEU A 14 -0.59 -12.42 -2.77
C LEU A 14 0.30 -13.63 -2.60
N LYS A 15 0.07 -14.38 -1.52
CA LYS A 15 0.86 -15.58 -1.25
C LYS A 15 0.68 -16.61 -2.35
N GLN A 16 -0.56 -16.76 -2.81
CA GLN A 16 -0.86 -17.73 -3.85
C GLN A 16 -0.02 -17.47 -5.10
N ALA A 17 0.03 -16.22 -5.53
CA ALA A 17 0.79 -15.85 -6.71
C ALA A 17 2.26 -16.24 -6.54
N LEU A 18 2.86 -15.77 -5.46
CA LEU A 18 4.27 -16.06 -5.20
C LEU A 18 4.47 -17.56 -4.97
N LYS A 19 3.45 -18.20 -4.39
CA LYS A 19 3.54 -19.63 -4.11
C LYS A 19 3.72 -20.42 -5.39
N THR A 20 3.41 -19.79 -6.52
CA THR A 20 3.56 -20.45 -7.81
C THR A 20 4.97 -20.29 -8.34
N ARG A 21 5.80 -19.57 -7.60
CA ARG A 21 7.18 -19.33 -8.01
C ARG A 21 8.09 -20.40 -7.41
N GLY A 22 7.50 -21.40 -6.77
CA GLY A 22 8.27 -22.47 -6.16
C GLY A 22 8.87 -22.03 -4.82
N VAL A 23 8.58 -20.80 -4.44
CA VAL A 23 9.09 -20.26 -3.18
C VAL A 23 8.51 -21.04 -2.01
N LYS A 24 9.31 -21.18 -0.95
CA LYS A 24 8.86 -21.92 0.24
C LYS A 24 7.58 -21.32 0.79
N VAL A 25 7.25 -21.68 2.02
CA VAL A 25 6.03 -21.19 2.65
C VAL A 25 6.36 -20.10 3.67
N LYS A 26 6.24 -18.84 3.25
CA LYS A 26 6.52 -17.72 4.13
C LYS A 26 5.26 -16.89 4.37
N TYR A 27 5.32 -16.01 5.35
CA TYR A 27 4.18 -15.16 5.67
C TYR A 27 4.33 -13.78 5.03
N ALA A 28 3.27 -13.33 4.36
CA ALA A 28 3.29 -12.03 3.70
C ALA A 28 2.80 -10.94 4.65
N ASP A 29 1.83 -11.29 5.48
CA ASP A 29 1.25 -10.32 6.41
C ASP A 29 2.35 -9.62 7.21
N LEU A 30 3.16 -10.42 7.91
CA LEU A 30 4.21 -9.86 8.74
C LEU A 30 5.19 -9.05 7.90
N LEU A 31 5.86 -9.73 6.96
CA LEU A 31 6.84 -9.06 6.11
C LEU A 31 6.28 -7.75 5.57
N LYS A 32 5.05 -7.81 5.06
CA LYS A 32 4.42 -6.62 4.48
C LYS A 32 3.95 -5.67 5.59
N PHE A 33 3.25 -6.23 6.58
CA PHE A 33 2.73 -5.43 7.67
C PHE A 33 3.84 -4.57 8.29
N PHE A 34 4.91 -5.23 8.72
CA PHE A 34 6.01 -4.52 9.35
C PHE A 34 6.61 -3.48 8.41
N ASP A 35 7.03 -3.93 7.24
CA ASP A 35 7.64 -3.03 6.26
C ASP A 35 6.66 -1.93 5.87
N PHE A 36 5.55 -2.33 5.25
CA PHE A 36 4.56 -1.37 4.79
C PHE A 36 4.24 -0.36 5.90
N VAL A 37 4.44 -0.78 7.14
CA VAL A 37 4.14 0.08 8.28
C VAL A 37 5.31 0.99 8.60
N LYS A 38 6.43 0.39 8.98
CA LYS A 38 7.61 1.17 9.34
C LYS A 38 8.13 1.95 8.14
N ASP A 39 8.17 1.29 6.98
CA ASP A 39 8.66 1.93 5.76
C ASP A 39 7.91 3.23 5.49
N ILE A 40 6.69 3.11 4.98
CA ILE A 40 5.88 4.29 4.67
C ILE A 40 5.63 5.11 5.93
N CYS A 41 5.30 4.41 7.02
CA CYS A 41 5.00 5.09 8.28
C CYS A 41 5.99 4.67 9.36
N PRO A 42 7.16 5.26 9.36
CA PRO A 42 8.22 4.98 10.38
C PRO A 42 7.95 5.70 11.70
N TRP A 43 7.17 6.77 11.63
CA TRP A 43 6.85 7.56 12.82
C TRP A 43 5.34 7.67 13.01
N PHE A 44 4.59 7.06 12.10
CA PHE A 44 3.14 7.11 12.16
C PHE A 44 2.52 5.78 11.74
N PRO A 45 2.74 4.76 12.53
CA PRO A 45 2.20 3.40 12.25
C PRO A 45 0.72 3.28 12.58
N GLN A 46 0.15 4.38 13.09
CA GLN A 46 -1.26 4.38 13.46
C GLN A 46 -2.14 4.18 12.24
N GLU A 47 -1.89 4.97 11.20
CA GLU A 47 -2.66 4.87 9.96
C GLU A 47 -1.84 4.18 8.87
N GLY A 48 -0.99 4.95 8.21
CA GLY A 48 -0.14 4.41 7.15
C GLY A 48 -0.95 4.11 5.90
N THR A 49 -0.83 4.96 4.90
CA THR A 49 -1.55 4.78 3.65
C THR A 49 -0.65 4.18 2.58
N ILE A 50 -1.24 3.74 1.48
CA ILE A 50 -0.47 3.16 0.38
C ILE A 50 -0.02 4.24 -0.59
N ASP A 51 1.28 4.33 -0.83
CA ASP A 51 1.83 5.30 -1.75
C ASP A 51 2.90 4.67 -2.64
N ILE A 52 2.91 5.06 -3.91
CA ILE A 52 3.87 4.51 -4.86
C ILE A 52 5.11 5.40 -4.94
N LYS A 53 4.90 6.70 -4.81
CA LYS A 53 6.01 7.65 -4.88
C LYS A 53 6.93 7.50 -3.68
N ARG A 54 6.33 7.38 -2.49
CA ARG A 54 7.10 7.23 -1.27
C ARG A 54 7.79 5.86 -1.23
N TRP A 55 6.98 4.81 -1.09
CA TRP A 55 7.51 3.45 -1.06
C TRP A 55 8.62 3.28 -2.09
N ARG A 56 8.56 4.07 -3.15
CA ARG A 56 9.57 4.00 -4.20
C ARG A 56 10.88 4.62 -3.73
N ARG A 57 10.80 5.79 -3.14
CA ARG A 57 11.98 6.50 -2.66
C ARG A 57 12.64 5.71 -1.54
N VAL A 58 11.86 5.38 -0.51
CA VAL A 58 12.38 4.64 0.63
C VAL A 58 12.63 3.18 0.25
N GLY A 59 11.92 2.71 -0.77
CA GLY A 59 12.08 1.33 -1.22
C GLY A 59 13.47 1.10 -1.79
N ASP A 60 13.95 2.03 -2.61
CA ASP A 60 15.26 1.90 -3.22
C ASP A 60 16.36 2.14 -2.19
N CYS A 61 16.11 3.05 -1.27
CA CYS A 61 17.10 3.38 -0.24
C CYS A 61 17.55 2.11 0.47
N PHE A 62 16.65 1.50 1.23
CA PHE A 62 16.98 0.30 1.98
C PHE A 62 17.35 -0.84 1.03
N GLN A 63 16.59 -0.99 -0.05
CA GLN A 63 16.83 -2.05 -1.01
C GLN A 63 18.18 -1.85 -1.70
N ASP A 64 18.31 -0.74 -2.42
CA ASP A 64 19.54 -0.44 -3.14
C ASP A 64 20.73 -0.50 -2.20
N TYR A 65 20.47 -0.38 -0.90
CA TYR A 65 21.53 -0.41 0.09
C TYR A 65 21.84 -1.85 0.50
N TYR A 66 20.79 -2.65 0.67
CA TYR A 66 20.96 -4.05 1.05
C TYR A 66 21.70 -4.81 -0.03
N ASN A 67 21.40 -4.50 -1.30
CA ASN A 67 22.05 -5.18 -2.41
C ASN A 67 23.49 -4.71 -2.56
N THR A 68 23.65 -3.41 -2.77
CA THR A 68 24.98 -2.84 -2.93
C THR A 68 25.88 -3.25 -1.77
N PHE A 69 25.28 -3.73 -0.69
CA PHE A 69 26.04 -4.15 0.48
C PHE A 69 26.46 -5.61 0.34
N GLY A 70 26.19 -6.20 -0.82
CA GLY A 70 26.56 -7.59 -1.06
C GLY A 70 26.05 -8.48 0.06
N PRO A 71 24.77 -8.76 0.07
CA PRO A 71 24.14 -9.63 1.10
C PRO A 71 24.35 -11.11 0.82
N GLU A 72 24.20 -11.93 1.85
CA GLU A 72 24.38 -13.38 1.69
C GLU A 72 23.04 -14.07 1.54
N LYS A 73 21.96 -13.30 1.62
CA LYS A 73 20.61 -13.86 1.50
C LYS A 73 19.84 -13.11 0.41
N VAL A 74 20.55 -12.64 -0.60
CA VAL A 74 19.91 -11.90 -1.69
C VAL A 74 18.63 -12.60 -2.12
N PRO A 75 17.51 -12.10 -1.68
CA PRO A 75 16.17 -12.70 -1.99
C PRO A 75 15.65 -12.25 -3.34
N VAL A 76 14.95 -13.17 -4.03
CA VAL A 76 14.39 -12.85 -5.34
C VAL A 76 13.16 -11.96 -5.19
N ILE A 77 12.54 -12.01 -4.02
CA ILE A 77 11.35 -11.21 -3.77
C ILE A 77 11.55 -9.78 -4.22
N ALA A 78 12.81 -9.38 -4.37
CA ALA A 78 13.13 -8.03 -4.81
C ALA A 78 12.50 -7.74 -6.16
N PHE A 79 12.90 -8.50 -7.17
CA PHE A 79 12.36 -8.33 -8.52
C PHE A 79 10.84 -8.24 -8.46
N SER A 80 10.22 -9.12 -7.66
CA SER A 80 8.78 -9.12 -7.52
C SER A 80 8.27 -7.76 -7.07
N TYR A 81 8.95 -7.18 -6.09
CA TYR A 81 8.56 -5.87 -5.57
C TYR A 81 8.58 -4.83 -6.67
N TRP A 82 8.26 -3.59 -6.33
CA TRP A 82 8.24 -2.50 -7.30
C TRP A 82 7.10 -2.70 -8.30
N ASN A 83 7.26 -3.67 -9.18
CA ASN A 83 6.23 -3.97 -10.17
C ASN A 83 4.93 -4.36 -9.48
N LEU A 84 5.04 -5.12 -8.40
CA LEU A 84 3.86 -5.56 -7.66
C LEU A 84 3.15 -4.36 -7.04
N ILE A 85 3.92 -3.38 -6.59
CA ILE A 85 3.35 -2.18 -5.99
C ILE A 85 2.36 -1.52 -6.96
N LYS A 86 2.75 -1.44 -8.23
CA LYS A 86 1.88 -0.83 -9.23
C LYS A 86 0.63 -1.67 -9.46
N GLU A 87 0.83 -2.91 -9.90
CA GLU A 87 -0.29 -3.79 -10.17
C GLU A 87 -1.16 -3.95 -8.93
N LEU A 88 -0.60 -3.60 -7.78
CA LEU A 88 -1.33 -3.71 -6.52
C LEU A 88 -2.43 -2.65 -6.44
N ILE A 89 -2.05 -1.40 -6.64
CA ILE A 89 -3.02 -0.30 -6.60
C ILE A 89 -4.16 -0.56 -7.56
N ASP A 90 -3.85 -1.24 -8.68
CA ASP A 90 -4.88 -1.55 -9.67
C ASP A 90 -5.95 -2.45 -9.07
N LYS A 91 -5.55 -3.67 -8.70
CA LYS A 91 -6.48 -4.61 -8.10
C LYS A 91 -7.12 -4.03 -6.85
N LYS A 92 -6.32 -3.31 -6.06
CA LYS A 92 -6.81 -2.69 -4.85
C LYS A 92 -7.79 -1.56 -5.17
N GLU A 93 -7.77 -1.12 -6.43
CA GLU A 93 -8.64 -0.04 -6.86
C GLU A 93 -10.10 -0.38 -6.56
N VAL A 94 -10.34 -1.59 -6.09
CA VAL A 94 -11.69 -2.03 -5.79
C VAL A 94 -12.49 -0.91 -5.12
N ASN A 95 -12.12 -0.57 -3.90
CA ASN A 95 -12.78 0.51 -3.18
C ASN A 95 -12.43 0.47 -1.70
N PRO A 96 -11.17 0.60 -1.39
CA PRO A 96 -10.67 0.60 0.01
C PRO A 96 -10.64 2.00 0.62
N GLN A 97 -9.86 2.16 1.67
CA GLN A 97 -9.73 3.47 2.32
C GLN A 97 -9.18 4.50 1.34
N VAL A 98 -8.48 4.03 0.32
CA VAL A 98 -7.91 4.92 -0.68
C VAL A 98 -9.01 5.74 -1.35
N MET A 99 -10.11 5.08 -1.70
CA MET A 99 -11.23 5.75 -2.33
C MET A 99 -11.89 6.72 -1.36
N ALA A 100 -11.92 6.35 -0.08
CA ALA A 100 -12.52 7.20 0.93
C ALA A 100 -11.75 8.50 1.07
N ALA A 101 -10.43 8.40 1.21
CA ALA A 101 -9.58 9.58 1.35
C ALA A 101 -9.95 10.62 0.29
N VAL A 102 -10.59 10.17 -0.79
CA VAL A 102 -11.00 11.08 -1.86
C VAL A 102 -12.42 11.56 -1.63
N ALA A 103 -13.34 10.62 -1.45
CA ALA A 103 -14.74 10.97 -1.21
C ALA A 103 -14.87 11.77 0.08
N GLN A 104 -13.89 11.60 0.98
CA GLN A 104 -13.91 12.31 2.25
C GLN A 104 -13.25 13.67 2.12
N THR A 105 -12.01 13.68 1.66
CA THR A 105 -11.27 14.92 1.50
C THR A 105 -11.95 15.82 0.48
N GLU A 106 -12.39 15.23 -0.62
CA GLU A 106 -13.06 15.99 -1.67
C GLU A 106 -14.42 15.37 -2.00
N GLU A 107 -15.43 15.74 -1.22
CA GLU A 107 -16.78 15.23 -1.44
C GLU A 107 -17.32 15.67 -2.79
N ILE A 108 -18.25 14.91 -3.34
CA ILE A 108 -18.84 15.23 -4.63
C ILE A 108 -19.63 16.53 -4.55
N LEU A 109 -20.36 16.71 -3.44
CA LEU A 109 -21.15 17.92 -3.24
C LEU A 109 -20.36 18.95 -2.46
N LYS A 110 -20.07 20.08 -3.09
CA LYS A 110 -19.33 21.15 -2.44
C LYS A 110 -19.46 22.46 -3.22
N SER A 111 -18.47 23.34 -3.06
CA SER A 111 -18.50 24.63 -3.75
C SER A 111 -18.49 24.43 -5.25
N ASN A 112 -17.63 23.53 -5.72
CA ASN A 112 -17.53 23.26 -7.16
C ASN A 112 -18.83 22.67 -7.68
N SER A 113 -19.50 21.87 -6.85
CA SER A 113 -20.76 21.25 -7.26
C SER A 113 -21.88 22.28 -7.28
N GLN A 114 -22.90 22.03 -8.10
CA GLN A 114 -24.02 22.94 -8.22
C GLN A 114 -24.80 22.99 -6.89
N THR A 115 -24.96 21.83 -6.26
CA THR A 115 -25.68 21.76 -5.00
C THR A 115 -24.71 21.58 -3.83
N ASP A 116 -24.62 22.60 -2.98
CA ASP A 116 -23.73 22.55 -1.84
C ASP A 116 -24.53 22.52 -0.54
N LEU A 117 -25.84 22.69 -0.66
CA LEU A 117 -26.71 22.68 0.52
C LEU A 117 -26.67 21.34 1.21
N GLU A 118 -26.65 20.26 0.42
CA GLU A 118 -26.61 18.91 0.98
C GLU A 118 -27.75 18.70 1.95
N HIS A 119 -28.95 19.13 1.55
CA HIS A 119 -30.12 18.99 2.40
C HIS A 119 -31.30 18.46 1.60
N HIS A 120 -32.05 17.52 2.18
CA HIS A 120 -33.20 16.94 1.51
C HIS A 120 -34.33 17.96 1.40
N HIS A 121 -34.50 18.75 2.45
CA HIS A 121 -35.55 19.78 2.47
C HIS A 121 -34.98 21.14 2.10
N HIS A 122 -35.61 21.80 1.15
CA HIS A 122 -35.16 23.12 0.72
C HIS A 122 -36.15 24.19 1.15
N HIS A 123 -35.67 25.17 1.91
CA HIS A 123 -36.53 26.26 2.37
C HIS A 123 -36.20 27.55 1.65
N HIS A 124 -37.23 28.34 1.34
CA HIS A 124 -37.03 29.60 0.64
C HIS A 124 -38.17 30.57 0.96
C1 MYR B . -7.71 0.34 9.92
O1 MYR B . -7.10 -0.30 10.78
C2 MYR B . -7.64 -0.12 8.61
C3 MYR B . -6.91 0.87 7.69
C4 MYR B . -5.61 0.27 7.15
C5 MYR B . -5.57 0.31 5.63
C6 MYR B . -5.67 -1.11 5.04
C7 MYR B . -5.73 -1.16 3.51
C8 MYR B . -6.03 -2.54 2.92
C9 MYR B . -4.82 -3.48 2.83
C10 MYR B . -4.52 -3.93 1.38
C11 MYR B . -3.18 -4.67 1.25
C12 MYR B . -2.55 -4.45 -0.12
C13 MYR B . -1.35 -3.50 -0.04
C14 MYR B . -1.75 -2.15 0.53
H21 MYR B . -7.16 -1.00 8.59
H22 MYR B . -8.56 -0.26 8.25
H31 MYR B . -7.49 1.13 6.94
H32 MYR B . -6.67 1.70 8.22
H41 MYR B . -4.83 0.78 7.51
H42 MYR B . -5.54 -0.69 7.45
H51 MYR B . -6.34 0.86 5.29
H52 MYR B . -4.71 0.73 5.33
H61 MYR B . -4.88 -1.62 5.34
H62 MYR B . -6.50 -1.53 5.40
H71 MYR B . -6.43 -0.52 3.21
H72 MYR B . -4.84 -0.86 3.16
H81 MYR B . -6.73 -2.98 3.48
H82 MYR B . -6.39 -2.42 1.99
H91 MYR B . -4.01 -3.00 3.19
H92 MYR B . -5.00 -4.30 3.37
H101 MYR B . -5.25 -4.52 1.07
H102 MYR B . -4.48 -3.11 0.79
H111 MYR B . -2.55 -4.35 1.96
H112 MYR B . -3.33 -5.65 1.37
H121 MYR B . -2.25 -5.32 -0.50
H122 MYR B . -3.23 -4.05 -0.74
H131 MYR B . -0.65 -3.91 0.53
H132 MYR B . -0.97 -3.36 -0.96
H141 MYR B . -2.61 -1.86 0.13
H142 MYR B . -1.84 -2.22 1.52
H143 MYR B . -1.03 -1.48 0.31
N GLY A 1 -8.35 0.09 9.61
CA GLY A 1 -9.40 -0.52 10.40
C GLY A 1 -10.17 -1.56 9.57
N GLN A 2 -11.40 -1.23 9.20
CA GLN A 2 -12.22 -2.14 8.42
C GLN A 2 -11.41 -2.74 7.28
N GLU A 3 -10.73 -1.89 6.52
CA GLU A 3 -9.90 -2.36 5.41
C GLU A 3 -9.15 -3.63 5.80
N LEU A 4 -9.09 -3.89 7.10
CA LEU A 4 -8.41 -5.08 7.59
C LEU A 4 -9.04 -6.35 7.02
N SER A 5 -10.37 -6.38 6.99
CA SER A 5 -11.08 -7.53 6.43
C SER A 5 -10.63 -7.80 5.00
N GLN A 6 -10.50 -6.73 4.21
CA GLN A 6 -10.05 -6.86 2.84
C GLN A 6 -8.60 -7.34 2.79
N HIS A 7 -7.78 -6.81 3.70
CA HIS A 7 -6.37 -7.20 3.75
C HIS A 7 -6.24 -8.71 3.98
N GLU A 8 -7.18 -9.27 4.74
CA GLU A 8 -7.16 -10.69 5.03
C GLU A 8 -7.35 -11.51 3.76
N ARG A 9 -8.51 -11.34 3.13
CA ARG A 9 -8.81 -12.06 1.90
C ARG A 9 -7.70 -11.86 0.87
N TYR A 10 -7.30 -10.61 0.69
CA TYR A 10 -6.24 -10.29 -0.27
C TYR A 10 -4.95 -10.99 0.12
N VAL A 11 -4.51 -10.79 1.37
CA VAL A 11 -3.30 -11.40 1.86
C VAL A 11 -3.21 -12.86 1.40
N GLU A 12 -4.37 -13.53 1.36
CA GLU A 12 -4.41 -14.93 0.97
C GLU A 12 -4.16 -15.07 -0.54
N GLN A 13 -4.60 -14.08 -1.30
CA GLN A 13 -4.42 -14.11 -2.74
C GLN A 13 -2.96 -13.92 -3.12
N LEU A 14 -2.30 -12.98 -2.44
CA LEU A 14 -0.89 -12.70 -2.72
C LEU A 14 -0.04 -13.93 -2.40
N LYS A 15 -0.35 -14.60 -1.30
CA LYS A 15 0.41 -15.77 -0.88
C LYS A 15 0.31 -16.87 -1.94
N GLN A 16 -0.88 -17.03 -2.51
CA GLN A 16 -1.11 -18.07 -3.51
C GLN A 16 -0.24 -17.82 -4.74
N ALA A 17 -0.16 -16.56 -5.16
CA ALA A 17 0.63 -16.21 -6.33
C ALA A 17 2.09 -16.59 -6.14
N LEU A 18 2.70 -16.08 -5.07
CA LEU A 18 4.10 -16.38 -4.78
C LEU A 18 4.30 -17.89 -4.60
N LYS A 19 3.23 -18.57 -4.20
CA LYS A 19 3.30 -20.02 -3.99
C LYS A 19 3.54 -20.74 -5.31
N THR A 20 3.04 -20.16 -6.40
CA THR A 20 3.20 -20.76 -7.72
C THR A 20 4.62 -20.57 -8.23
N ARG A 21 5.42 -19.84 -7.47
CA ARG A 21 6.81 -19.57 -7.85
C ARG A 21 7.75 -20.61 -7.25
N GLY A 22 7.16 -21.61 -6.60
CA GLY A 22 7.95 -22.67 -5.98
C GLY A 22 8.62 -22.18 -4.70
N VAL A 23 8.43 -20.90 -4.38
CA VAL A 23 9.01 -20.33 -3.18
C VAL A 23 8.38 -20.93 -1.93
N LYS A 24 9.15 -20.98 -0.85
CA LYS A 24 8.66 -21.55 0.40
C LYS A 24 7.33 -20.91 0.79
N VAL A 25 6.91 -21.16 2.03
CA VAL A 25 5.65 -20.62 2.51
C VAL A 25 5.89 -19.56 3.58
N LYS A 26 5.75 -18.30 3.19
CA LYS A 26 5.95 -17.20 4.13
C LYS A 26 4.72 -16.31 4.18
N TYR A 27 4.48 -15.70 5.34
CA TYR A 27 3.32 -14.83 5.51
C TYR A 27 3.52 -13.53 4.75
N ALA A 28 2.48 -13.11 4.03
CA ALA A 28 2.55 -11.87 3.26
C ALA A 28 2.17 -10.68 4.12
N ASP A 29 1.09 -10.83 4.89
CA ASP A 29 0.62 -9.75 5.75
C ASP A 29 1.77 -9.15 6.54
N LEU A 30 2.56 -10.01 7.17
CA LEU A 30 3.68 -9.54 7.99
C LEU A 30 4.73 -8.86 7.11
N LEU A 31 5.29 -9.61 6.16
CA LEU A 31 6.31 -9.07 5.28
C LEU A 31 5.91 -7.68 4.78
N LYS A 32 4.67 -7.57 4.32
CA LYS A 32 4.17 -6.30 3.78
C LYS A 32 3.85 -5.33 4.90
N PHE A 33 3.07 -5.80 5.88
CA PHE A 33 2.67 -4.96 7.00
C PHE A 33 3.88 -4.23 7.58
N PHE A 34 4.82 -4.98 8.12
CA PHE A 34 6.01 -4.38 8.74
C PHE A 34 6.75 -3.51 7.73
N ASP A 35 7.07 -4.09 6.58
CA ASP A 35 7.83 -3.37 5.56
C ASP A 35 7.20 -2.00 5.29
N PHE A 36 5.95 -2.00 4.84
CA PHE A 36 5.27 -0.76 4.50
C PHE A 36 5.08 0.10 5.74
N VAL A 37 4.54 -0.49 6.80
CA VAL A 37 4.29 0.24 8.02
C VAL A 37 5.52 1.04 8.44
N LYS A 38 6.62 0.33 8.68
CA LYS A 38 7.85 0.98 9.11
C LYS A 38 8.40 1.88 8.02
N ASP A 39 8.33 1.40 6.78
CA ASP A 39 8.88 2.14 5.64
C ASP A 39 8.10 3.44 5.44
N ILE A 40 6.86 3.31 4.99
CA ILE A 40 6.03 4.49 4.72
C ILE A 40 5.75 5.25 6.01
N CYS A 41 5.45 4.51 7.08
CA CYS A 41 5.14 5.13 8.35
C CYS A 41 6.11 4.68 9.42
N PRO A 42 7.30 5.25 9.44
CA PRO A 42 8.34 4.94 10.45
C PRO A 42 8.06 5.63 11.79
N TRP A 43 7.30 6.71 11.74
CA TRP A 43 6.99 7.46 12.95
C TRP A 43 5.48 7.58 13.14
N PHE A 44 4.73 6.94 12.24
CA PHE A 44 3.27 6.99 12.32
C PHE A 44 2.67 5.66 11.86
N PRO A 45 2.88 4.62 12.62
CA PRO A 45 2.35 3.26 12.31
C PRO A 45 0.86 3.13 12.64
N GLN A 46 0.28 4.22 13.14
CA GLN A 46 -1.13 4.21 13.52
C GLN A 46 -2.02 3.96 12.30
N GLU A 47 -1.79 4.74 11.24
CA GLU A 47 -2.57 4.59 10.02
C GLU A 47 -1.75 3.87 8.95
N GLY A 48 -0.86 4.62 8.30
CA GLY A 48 -0.01 4.04 7.28
C GLY A 48 -0.81 3.70 6.02
N THR A 49 -0.50 4.38 4.92
CA THR A 49 -1.19 4.13 3.66
C THR A 49 -0.21 3.64 2.61
N ILE A 50 -0.75 3.10 1.51
CA ILE A 50 0.10 2.58 0.44
C ILE A 50 0.49 3.69 -0.53
N ASP A 51 1.79 3.82 -0.77
CA ASP A 51 2.27 4.85 -1.69
C ASP A 51 3.32 4.27 -2.64
N ILE A 52 3.26 4.70 -3.89
CA ILE A 52 4.20 4.21 -4.90
C ILE A 52 5.38 5.16 -5.05
N LYS A 53 5.10 6.46 -5.00
CA LYS A 53 6.14 7.46 -5.15
C LYS A 53 7.09 7.43 -3.95
N ARG A 54 6.52 7.42 -2.75
CA ARG A 54 7.32 7.40 -1.53
C ARG A 54 8.04 6.06 -1.40
N TRP A 55 7.28 5.00 -1.14
CA TRP A 55 7.86 3.67 -1.00
C TRP A 55 9.00 3.47 -1.99
N ARG A 56 8.95 4.19 -3.10
CA ARG A 56 9.99 4.08 -4.13
C ARG A 56 11.26 4.78 -3.67
N ARG A 57 11.10 6.00 -3.14
CA ARG A 57 12.26 6.76 -2.67
C ARG A 57 12.94 6.05 -1.51
N VAL A 58 12.16 5.72 -0.48
CA VAL A 58 12.70 5.02 0.68
C VAL A 58 13.01 3.56 0.33
N GLY A 59 12.39 3.08 -0.73
CA GLY A 59 12.60 1.70 -1.16
C GLY A 59 13.99 1.52 -1.76
N ASP A 60 14.36 2.43 -2.66
CA ASP A 60 15.67 2.37 -3.30
C ASP A 60 16.78 2.64 -2.28
N CYS A 61 16.54 3.58 -1.39
CA CYS A 61 17.52 3.91 -0.35
C CYS A 61 17.96 2.66 0.39
N PHE A 62 17.04 2.06 1.14
CA PHE A 62 17.34 0.86 1.90
C PHE A 62 17.79 -0.27 0.97
N GLN A 63 17.05 -0.46 -0.11
CA GLN A 63 17.36 -1.52 -1.06
C GLN A 63 18.73 -1.30 -1.69
N ASP A 64 18.86 -0.20 -2.43
CA ASP A 64 20.12 0.14 -3.07
C ASP A 64 21.27 0.04 -2.08
N TYR A 65 20.96 0.18 -0.80
CA TYR A 65 21.99 0.12 0.24
C TYR A 65 22.21 -1.32 0.68
N TYR A 66 21.14 -2.11 0.69
CA TYR A 66 21.23 -3.51 1.11
C TYR A 66 22.04 -4.32 0.11
N ASN A 67 21.77 -4.09 -1.18
CA ASN A 67 22.47 -4.81 -2.23
C ASN A 67 23.92 -4.32 -2.34
N THR A 68 24.08 -3.02 -2.61
CA THR A 68 25.42 -2.44 -2.73
C THR A 68 26.30 -2.88 -1.58
N PHE A 69 25.69 -3.35 -0.49
CA PHE A 69 26.44 -3.79 0.67
C PHE A 69 26.88 -5.25 0.49
N GLY A 70 26.62 -5.80 -0.68
CA GLY A 70 27.01 -7.18 -0.96
C GLY A 70 26.50 -8.12 0.13
N PRO A 71 25.21 -8.33 0.17
CA PRO A 71 24.57 -9.25 1.16
C PRO A 71 24.75 -10.72 0.80
N GLU A 72 24.58 -11.60 1.77
CA GLU A 72 24.74 -13.03 1.54
C GLU A 72 23.38 -13.71 1.43
N LYS A 73 22.31 -12.93 1.60
CA LYS A 73 20.97 -13.48 1.54
C LYS A 73 20.16 -12.79 0.44
N VAL A 74 20.85 -12.35 -0.61
CA VAL A 74 20.19 -11.66 -1.70
C VAL A 74 18.91 -12.38 -2.10
N PRO A 75 17.78 -11.87 -1.68
CA PRO A 75 16.46 -12.48 -1.96
C PRO A 75 15.93 -12.08 -3.34
N VAL A 76 15.24 -13.02 -4.00
CA VAL A 76 14.67 -12.74 -5.31
C VAL A 76 13.38 -11.92 -5.17
N ILE A 77 12.84 -11.89 -3.95
CA ILE A 77 11.60 -11.15 -3.70
C ILE A 77 11.73 -9.70 -4.19
N ALA A 78 12.96 -9.24 -4.32
CA ALA A 78 13.21 -7.88 -4.78
C ALA A 78 12.58 -7.65 -6.15
N PHE A 79 13.06 -8.39 -7.15
CA PHE A 79 12.52 -8.26 -8.49
C PHE A 79 11.00 -8.22 -8.47
N SER A 80 10.40 -9.09 -7.65
CA SER A 80 8.94 -9.14 -7.55
C SER A 80 8.39 -7.79 -7.09
N TYR A 81 9.04 -7.21 -6.08
CA TYR A 81 8.59 -5.93 -5.54
C TYR A 81 8.47 -4.89 -6.64
N TRP A 82 8.01 -3.70 -6.28
CA TRP A 82 7.84 -2.62 -7.25
C TRP A 82 6.76 -2.99 -8.27
N ASN A 83 7.01 -4.05 -9.03
CA ASN A 83 6.05 -4.50 -10.02
C ASN A 83 4.72 -4.88 -9.35
N LEU A 84 4.82 -5.58 -8.22
CA LEU A 84 3.63 -5.98 -7.49
C LEU A 84 2.90 -4.78 -6.92
N ILE A 85 3.67 -3.79 -6.48
CA ILE A 85 3.10 -2.58 -5.89
C ILE A 85 2.10 -1.94 -6.85
N LYS A 86 2.48 -1.85 -8.11
CA LYS A 86 1.62 -1.25 -9.12
C LYS A 86 0.33 -2.05 -9.27
N GLU A 87 0.47 -3.32 -9.61
CA GLU A 87 -0.69 -4.19 -9.79
C GLU A 87 -1.53 -4.23 -8.51
N LEU A 88 -0.92 -3.86 -7.39
CA LEU A 88 -1.62 -3.85 -6.12
C LEU A 88 -2.72 -2.80 -6.11
N ILE A 89 -2.32 -1.55 -6.32
CA ILE A 89 -3.28 -0.44 -6.31
C ILE A 89 -4.43 -0.73 -7.26
N ASP A 90 -4.14 -1.38 -8.37
CA ASP A 90 -5.17 -1.72 -9.35
C ASP A 90 -6.26 -2.55 -8.71
N LYS A 91 -5.91 -3.76 -8.27
CA LYS A 91 -6.88 -4.64 -7.61
C LYS A 91 -7.50 -3.94 -6.41
N LYS A 92 -6.69 -3.17 -5.69
CA LYS A 92 -7.17 -2.45 -4.52
C LYS A 92 -8.20 -1.41 -4.91
N GLU A 93 -8.32 -1.15 -6.21
CA GLU A 93 -9.28 -0.18 -6.70
C GLU A 93 -10.65 -0.42 -6.10
N VAL A 94 -10.79 -1.53 -5.37
CA VAL A 94 -12.06 -1.88 -4.74
C VAL A 94 -12.57 -0.70 -3.90
N ASN A 95 -11.86 -0.42 -2.81
CA ASN A 95 -12.25 0.68 -1.93
C ASN A 95 -11.54 0.55 -0.59
N PRO A 96 -10.25 0.76 -0.57
CA PRO A 96 -9.43 0.66 0.67
C PRO A 96 -9.33 2.01 1.38
N GLN A 97 -8.36 2.12 2.29
CA GLN A 97 -8.15 3.35 3.04
C GLN A 97 -7.76 4.48 2.09
N VAL A 98 -7.12 4.12 0.98
CA VAL A 98 -6.70 5.12 0.00
C VAL A 98 -7.89 5.95 -0.47
N MET A 99 -9.00 5.28 -0.76
CA MET A 99 -10.20 5.97 -1.20
C MET A 99 -10.79 6.81 -0.07
N ALA A 100 -10.59 6.34 1.16
CA ALA A 100 -11.10 7.07 2.33
C ALA A 100 -10.34 8.37 2.51
N ALA A 101 -9.01 8.28 2.49
CA ALA A 101 -8.18 9.47 2.67
C ALA A 101 -8.66 10.60 1.76
N VAL A 102 -9.52 10.27 0.82
CA VAL A 102 -10.06 11.27 -0.11
C VAL A 102 -11.43 11.74 0.35
N ALA A 103 -12.33 10.80 0.58
CA ALA A 103 -13.67 11.12 1.05
C ALA A 103 -13.64 11.59 2.49
N GLN A 104 -12.44 11.82 3.01
CA GLN A 104 -12.27 12.28 4.39
C GLN A 104 -11.44 13.55 4.43
N THR A 105 -10.31 13.54 3.73
CA THR A 105 -9.42 14.69 3.71
C THR A 105 -10.10 15.87 3.00
N GLU A 106 -11.12 15.57 2.22
CA GLU A 106 -11.84 16.61 1.50
C GLU A 106 -10.90 17.37 0.57
N GLU A 107 -10.16 16.62 -0.24
CA GLU A 107 -9.22 17.24 -1.18
C GLU A 107 -9.92 18.28 -2.04
N ILE A 108 -11.24 18.17 -2.12
CA ILE A 108 -12.03 19.11 -2.92
C ILE A 108 -11.50 20.53 -2.74
N LEU A 109 -10.45 20.87 -3.48
CA LEU A 109 -9.86 22.20 -3.38
C LEU A 109 -9.93 22.71 -1.95
N LYS A 110 -9.05 22.17 -1.10
CA LYS A 110 -9.03 22.56 0.30
C LYS A 110 -7.60 22.52 0.85
N SER A 111 -6.96 23.68 0.90
CA SER A 111 -5.60 23.76 1.42
C SER A 111 -5.58 23.45 2.92
N ASN A 112 -6.57 23.97 3.63
CA ASN A 112 -6.66 23.74 5.08
C ASN A 112 -6.42 22.27 5.40
N SER A 113 -6.95 21.40 4.55
CA SER A 113 -6.80 19.95 4.75
C SER A 113 -5.44 19.48 4.25
N GLN A 114 -4.82 20.29 3.39
CA GLN A 114 -3.52 19.93 2.83
C GLN A 114 -2.96 21.08 2.00
N THR A 115 -3.20 21.04 0.70
CA THR A 115 -2.75 22.10 -0.19
C THR A 115 -3.69 22.27 -1.38
N ASP A 116 -4.00 23.52 -1.71
CA ASP A 116 -4.90 23.79 -2.82
C ASP A 116 -4.27 23.38 -4.15
N LEU A 117 -2.95 23.52 -4.24
CA LEU A 117 -2.24 23.16 -5.46
C LEU A 117 -2.39 21.67 -5.75
N GLU A 118 -2.33 20.86 -4.70
CA GLU A 118 -2.46 19.41 -4.84
C GLU A 118 -1.41 18.89 -5.83
N HIS A 119 -0.51 19.76 -6.24
CA HIS A 119 0.54 19.37 -7.18
C HIS A 119 1.84 20.10 -6.87
N HIS A 120 2.96 19.38 -6.93
CA HIS A 120 4.26 19.97 -6.65
C HIS A 120 4.61 21.01 -7.70
N HIS A 121 4.37 20.68 -8.96
CA HIS A 121 4.68 21.59 -10.05
C HIS A 121 3.42 21.94 -10.85
N HIS A 122 3.35 23.17 -11.34
CA HIS A 122 2.19 23.61 -12.11
C HIS A 122 2.36 23.25 -13.58
N HIS A 123 1.39 22.50 -14.11
CA HIS A 123 1.45 22.10 -15.52
C HIS A 123 0.42 22.89 -16.32
N HIS A 124 0.76 23.18 -17.58
CA HIS A 124 -0.14 23.93 -18.45
C HIS A 124 -1.59 23.49 -18.24
C1 MYR B . -7.14 -0.44 9.53
O1 MYR B . -6.83 -1.48 10.11
C2 MYR B . -7.20 -0.48 8.14
C3 MYR B . -6.17 0.46 7.49
C4 MYR B . -4.83 -0.25 7.27
C5 MYR B . -4.39 -0.20 5.83
C6 MYR B . -4.39 -1.59 5.20
C7 MYR B . -4.59 -1.62 3.68
C8 MYR B . -4.50 -3.00 3.03
C9 MYR B . -3.10 -3.64 3.09
C10 MYR B . -2.24 -3.31 1.86
C11 MYR B . -1.36 -4.50 1.42
C12 MYR B . -0.85 -4.30 -0.01
C13 MYR B . 0.07 -3.08 -0.11
C14 MYR B . -0.31 -2.19 -1.28
H21 MYR B . -7.03 -1.41 7.83
H22 MYR B . -8.11 -0.20 7.84
H31 MYR B . -6.52 0.78 6.61
H32 MYR B . -6.03 1.25 8.09
H41 MYR B . -4.13 0.19 7.85
H42 MYR B . -4.92 -1.21 7.55
H51 MYR B . -5.01 0.40 5.31
H52 MYR B . -3.47 0.18 5.76
H61 MYR B . -3.52 -2.03 5.41
H62 MYR B . -5.13 -2.13 5.62
H71 MYR B . -5.50 -1.25 3.48
H72 MYR B . -3.90 -1.03 3.26
H81 MYR B . -5.14 -3.62 3.48
H82 MYR B . -4.75 -2.91 2.06
H91 MYR B . -2.63 -3.31 3.90
H92 MYR B . -3.20 -4.63 3.15
H101 MYR B . -2.84 -3.06 1.10
H102 MYR B . -1.64 -2.54 2.08
H111 MYR B . -0.58 -4.58 2.04
H112 MYR B . -1.90 -5.34 1.44
H121 MYR B . -0.35 -5.11 -0.30
H122 MYR B . -1.62 -4.16 -0.63
H131 MYR B . 0.02 -2.56 0.74
H132 MYR B . 1.02 -3.39 -0.25
H141 MYR B . 0.44 -2.18 -1.95
H142 MYR B . -1.14 -2.54 -1.71
H143 MYR B . -0.47 -1.26 -0.95
N GLY A 1 -8.40 0.00 9.61
CA GLY A 1 -9.57 -0.23 10.44
C GLY A 1 -10.35 -1.46 9.96
N GLN A 2 -11.66 -1.30 9.77
CA GLN A 2 -12.49 -2.41 9.32
C GLN A 2 -11.89 -3.05 8.07
N GLU A 3 -11.41 -2.21 7.15
CA GLU A 3 -10.82 -2.72 5.92
C GLU A 3 -9.86 -3.87 6.22
N LEU A 4 -9.53 -4.04 7.50
CA LEU A 4 -8.61 -5.10 7.90
C LEU A 4 -9.03 -6.43 7.28
N SER A 5 -10.34 -6.63 7.12
CA SER A 5 -10.84 -7.86 6.54
C SER A 5 -10.34 -8.03 5.11
N GLN A 6 -10.31 -6.93 4.36
CA GLN A 6 -9.84 -6.97 2.98
C GLN A 6 -8.37 -7.35 2.93
N HIS A 7 -7.58 -6.83 3.88
CA HIS A 7 -6.17 -7.13 3.94
C HIS A 7 -5.94 -8.63 4.04
N GLU A 8 -6.76 -9.30 4.84
CA GLU A 8 -6.65 -10.74 5.02
C GLU A 8 -6.86 -11.46 3.69
N ARG A 9 -8.07 -11.34 3.14
CA ARG A 9 -8.39 -11.98 1.88
C ARG A 9 -7.30 -11.72 0.85
N TYR A 10 -6.93 -10.45 0.71
CA TYR A 10 -5.90 -10.08 -0.25
C TYR A 10 -4.58 -10.79 0.07
N VAL A 11 -4.12 -10.63 1.31
CA VAL A 11 -2.88 -11.27 1.73
C VAL A 11 -2.82 -12.71 1.23
N GLU A 12 -3.96 -13.39 1.25
CA GLU A 12 -4.02 -14.78 0.80
C GLU A 12 -3.79 -14.86 -0.71
N GLN A 13 -4.31 -13.87 -1.43
CA GLN A 13 -4.18 -13.84 -2.88
C GLN A 13 -2.71 -13.65 -3.27
N LEU A 14 -2.02 -12.78 -2.55
CA LEU A 14 -0.62 -12.51 -2.84
C LEU A 14 0.23 -13.76 -2.61
N LYS A 15 -0.10 -14.50 -1.56
CA LYS A 15 0.63 -15.72 -1.23
C LYS A 15 0.51 -16.74 -2.36
N GLN A 16 -0.70 -16.88 -2.89
CA GLN A 16 -0.95 -17.82 -3.97
C GLN A 16 0.00 -17.57 -5.14
N ALA A 17 0.05 -16.32 -5.60
CA ALA A 17 0.91 -15.96 -6.72
C ALA A 17 2.35 -16.39 -6.44
N LEU A 18 2.90 -15.91 -5.33
CA LEU A 18 4.28 -16.23 -4.98
C LEU A 18 4.45 -17.73 -4.77
N LYS A 19 3.41 -18.36 -4.23
CA LYS A 19 3.46 -19.79 -3.96
C LYS A 19 3.59 -20.58 -5.26
N THR A 20 3.34 -19.91 -6.38
CA THR A 20 3.44 -20.56 -7.69
C THR A 20 4.87 -20.46 -8.21
N ARG A 21 5.73 -19.79 -7.46
CA ARG A 21 7.12 -19.63 -7.86
C ARG A 21 8.00 -20.70 -7.20
N GLY A 22 7.37 -21.58 -6.44
CA GLY A 22 8.10 -22.64 -5.76
C GLY A 22 8.70 -22.14 -4.46
N VAL A 23 8.44 -20.89 -4.13
CA VAL A 23 8.96 -20.30 -2.90
C VAL A 23 8.39 -21.02 -1.67
N LYS A 24 9.21 -21.15 -0.64
CA LYS A 24 8.77 -21.80 0.58
C LYS A 24 7.47 -21.19 1.09
N VAL A 25 7.11 -21.50 2.33
CA VAL A 25 5.88 -20.98 2.91
C VAL A 25 6.19 -19.89 3.95
N LYS A 26 5.98 -18.64 3.55
CA LYS A 26 6.23 -17.53 4.46
C LYS A 26 4.98 -16.65 4.58
N TYR A 27 4.85 -15.97 5.71
CA TYR A 27 3.70 -15.12 5.95
C TYR A 27 3.85 -13.80 5.19
N ALA A 28 2.80 -13.40 4.47
CA ALA A 28 2.82 -12.17 3.71
C ALA A 28 2.35 -11.00 4.56
N ASP A 29 1.30 -11.23 5.34
CA ASP A 29 0.73 -10.19 6.18
C ASP A 29 1.81 -9.57 7.07
N LEU A 30 2.46 -10.40 7.87
CA LEU A 30 3.48 -9.93 8.79
C LEU A 30 4.65 -9.31 8.03
N LEU A 31 5.32 -10.12 7.22
CA LEU A 31 6.46 -9.65 6.45
C LEU A 31 6.13 -8.33 5.75
N LYS A 32 4.94 -8.27 5.16
CA LYS A 32 4.53 -7.08 4.42
C LYS A 32 4.07 -5.99 5.38
N PHE A 33 3.13 -6.34 6.26
CA PHE A 33 2.59 -5.39 7.21
C PHE A 33 3.71 -4.69 7.98
N PHE A 34 4.58 -5.48 8.60
CA PHE A 34 5.68 -4.93 9.38
C PHE A 34 6.59 -4.08 8.50
N ASP A 35 7.13 -4.70 7.45
CA ASP A 35 8.04 -4.00 6.54
C ASP A 35 7.41 -2.69 6.07
N PHE A 36 6.24 -2.79 5.46
CA PHE A 36 5.57 -1.61 4.93
C PHE A 36 5.26 -0.61 6.04
N VAL A 37 4.54 -1.07 7.06
CA VAL A 37 4.16 -0.20 8.17
C VAL A 37 5.34 0.65 8.61
N LYS A 38 6.47 0.00 8.87
CA LYS A 38 7.67 0.71 9.31
C LYS A 38 8.20 1.61 8.20
N ASP A 39 8.24 1.09 6.98
CA ASP A 39 8.77 1.85 5.85
C ASP A 39 7.91 3.08 5.60
N ILE A 40 6.71 2.87 5.09
CA ILE A 40 5.80 3.97 4.77
C ILE A 40 5.53 4.80 6.02
N CYS A 41 5.28 4.13 7.14
CA CYS A 41 4.98 4.81 8.39
C CYS A 41 5.97 4.42 9.47
N PRO A 42 7.13 5.02 9.47
CA PRO A 42 8.19 4.75 10.48
C PRO A 42 7.95 5.51 11.78
N TRP A 43 7.20 6.60 11.70
CA TRP A 43 6.94 7.44 12.86
C TRP A 43 5.44 7.53 13.13
N PHE A 44 4.65 6.92 12.25
CA PHE A 44 3.20 6.96 12.40
C PHE A 44 2.58 5.64 11.92
N PRO A 45 2.71 4.61 12.70
CA PRO A 45 2.15 3.27 12.36
C PRO A 45 0.65 3.19 12.65
N GLN A 46 0.08 4.29 13.09
CA GLN A 46 -1.35 4.33 13.41
C GLN A 46 -2.18 4.00 12.16
N GLU A 47 -1.92 4.72 11.08
CA GLU A 47 -2.64 4.50 9.83
C GLU A 47 -1.66 4.15 8.71
N GLY A 48 -1.08 5.18 8.11
CA GLY A 48 -0.10 4.98 7.04
C GLY A 48 -0.78 4.42 5.79
N THR A 49 -0.96 5.29 4.80
CA THR A 49 -1.58 4.87 3.54
C THR A 49 -0.53 4.33 2.58
N ILE A 50 -0.99 3.65 1.53
CA ILE A 50 -0.07 3.09 0.54
C ILE A 50 0.32 4.14 -0.49
N ASP A 51 1.62 4.25 -0.76
CA ASP A 51 2.10 5.23 -1.73
C ASP A 51 3.15 4.59 -2.64
N ILE A 52 3.14 4.98 -3.91
CA ILE A 52 4.10 4.44 -4.88
C ILE A 52 5.31 5.36 -4.99
N LYS A 53 5.07 6.67 -4.86
CA LYS A 53 6.15 7.64 -4.97
C LYS A 53 7.11 7.51 -3.79
N ARG A 54 6.55 7.44 -2.59
CA ARG A 54 7.36 7.32 -1.38
C ARG A 54 8.04 5.96 -1.32
N TRP A 55 7.25 4.92 -1.13
CA TRP A 55 7.77 3.57 -1.06
C TRP A 55 8.89 3.37 -2.07
N ARG A 56 8.83 4.14 -3.16
CA ARG A 56 9.84 4.04 -4.21
C ARG A 56 11.15 4.68 -3.75
N ARG A 57 11.05 5.87 -3.18
CA ARG A 57 12.23 6.60 -2.72
C ARG A 57 12.90 5.84 -1.58
N VAL A 58 12.14 5.50 -0.55
CA VAL A 58 12.69 4.79 0.60
C VAL A 58 12.95 3.33 0.25
N GLY A 59 12.23 2.83 -0.75
CA GLY A 59 12.38 1.43 -1.16
C GLY A 59 13.74 1.20 -1.80
N ASP A 60 14.15 2.13 -2.67
CA ASP A 60 15.43 2.00 -3.36
C ASP A 60 16.58 2.26 -2.40
N CYS A 61 16.42 3.26 -1.54
CA CYS A 61 17.46 3.62 -0.59
C CYS A 61 17.96 2.38 0.15
N PHE A 62 17.09 1.80 0.97
CA PHE A 62 17.46 0.63 1.77
C PHE A 62 17.77 -0.55 0.86
N GLN A 63 16.90 -0.80 -0.11
CA GLN A 63 17.06 -1.93 -1.02
C GLN A 63 18.34 -1.77 -1.84
N ASP A 64 18.39 -0.71 -2.64
CA ASP A 64 19.54 -0.46 -3.50
C ASP A 64 20.83 -0.43 -2.68
N TYR A 65 20.70 -0.07 -1.40
CA TYR A 65 21.85 0.01 -0.51
C TYR A 65 22.22 -1.37 0.01
N TYR A 66 21.22 -2.11 0.46
CA TYR A 66 21.46 -3.46 0.98
C TYR A 66 21.99 -4.38 -0.10
N ASN A 67 21.44 -4.25 -1.31
CA ASN A 67 21.84 -5.10 -2.42
C ASN A 67 23.20 -4.65 -2.97
N THR A 68 23.23 -3.42 -3.49
CA THR A 68 24.46 -2.90 -4.07
C THR A 68 25.66 -3.21 -3.18
N PHE A 69 25.42 -3.33 -1.88
CA PHE A 69 26.49 -3.64 -0.94
C PHE A 69 27.07 -5.01 -1.22
N GLY A 70 26.21 -6.03 -1.24
CA GLY A 70 26.65 -7.39 -1.53
C GLY A 70 26.30 -8.33 -0.39
N PRO A 71 25.04 -8.59 -0.20
CA PRO A 71 24.55 -9.48 0.89
C PRO A 71 24.75 -10.96 0.54
N GLU A 72 24.65 -11.82 1.55
CA GLU A 72 24.81 -13.25 1.33
C GLU A 72 23.46 -13.95 1.29
N LYS A 73 22.40 -13.18 1.46
CA LYS A 73 21.05 -13.73 1.46
C LYS A 73 20.19 -13.04 0.39
N VAL A 74 20.85 -12.50 -0.63
CA VAL A 74 20.13 -11.80 -1.69
C VAL A 74 18.90 -12.58 -2.12
N PRO A 75 17.75 -12.16 -1.69
CA PRO A 75 16.47 -12.84 -2.00
C PRO A 75 15.92 -12.43 -3.37
N VAL A 76 15.19 -13.34 -4.00
CA VAL A 76 14.60 -13.06 -5.31
C VAL A 76 13.39 -12.13 -5.17
N ILE A 77 12.76 -12.19 -4.00
CA ILE A 77 11.58 -11.35 -3.76
C ILE A 77 11.83 -9.92 -4.23
N ALA A 78 13.09 -9.51 -4.22
CA ALA A 78 13.44 -8.16 -4.65
C ALA A 78 12.79 -7.83 -5.99
N PHE A 79 13.21 -8.54 -7.03
CA PHE A 79 12.65 -8.32 -8.36
C PHE A 79 11.13 -8.25 -8.30
N SER A 80 10.54 -9.10 -7.47
CA SER A 80 9.08 -9.13 -7.34
C SER A 80 8.57 -7.83 -6.75
N TYR A 81 9.48 -6.88 -6.51
CA TYR A 81 9.10 -5.59 -5.95
C TYR A 81 8.79 -4.59 -7.07
N TRP A 82 8.27 -3.44 -6.69
CA TRP A 82 7.95 -2.40 -7.66
C TRP A 82 6.82 -2.87 -8.59
N ASN A 83 7.01 -4.02 -9.21
CA ASN A 83 6.02 -4.56 -10.13
C ASN A 83 4.71 -4.86 -9.39
N LEU A 84 4.84 -5.42 -8.19
CA LEU A 84 3.68 -5.75 -7.39
C LEU A 84 3.02 -4.49 -6.84
N ILE A 85 3.84 -3.52 -6.46
CA ILE A 85 3.34 -2.27 -5.91
C ILE A 85 2.32 -1.64 -6.85
N LYS A 86 2.64 -1.63 -8.13
CA LYS A 86 1.75 -1.04 -9.13
C LYS A 86 0.49 -1.87 -9.27
N GLU A 87 0.65 -3.13 -9.67
CA GLU A 87 -0.49 -4.02 -9.86
C GLU A 87 -1.32 -4.10 -8.57
N LEU A 88 -0.70 -3.75 -7.45
CA LEU A 88 -1.39 -3.80 -6.16
C LEU A 88 -2.45 -2.71 -6.08
N ILE A 89 -2.03 -1.46 -6.31
CA ILE A 89 -2.95 -0.33 -6.25
C ILE A 89 -4.14 -0.57 -7.18
N ASP A 90 -3.88 -1.27 -8.29
CA ASP A 90 -4.93 -1.55 -9.25
C ASP A 90 -6.04 -2.40 -8.62
N LYS A 91 -5.68 -3.63 -8.25
CA LYS A 91 -6.64 -4.53 -7.61
C LYS A 91 -7.17 -3.91 -6.31
N LYS A 92 -6.28 -3.30 -5.55
CA LYS A 92 -6.67 -2.68 -4.28
C LYS A 92 -7.61 -1.51 -4.54
N GLU A 93 -7.65 -1.05 -5.79
CA GLU A 93 -8.51 0.07 -6.15
C GLU A 93 -9.95 -0.19 -5.70
N VAL A 94 -10.19 -1.38 -5.15
CA VAL A 94 -11.53 -1.75 -4.71
C VAL A 94 -12.20 -0.59 -4.00
N ASN A 95 -11.69 -0.25 -2.82
CA ASN A 95 -12.24 0.87 -2.06
C ASN A 95 -11.77 0.81 -0.61
N PRO A 96 -10.48 0.87 -0.40
CA PRO A 96 -9.88 0.84 0.97
C PRO A 96 -9.73 2.24 1.56
N GLN A 97 -8.81 2.36 2.52
CA GLN A 97 -8.56 3.66 3.14
C GLN A 97 -8.10 4.68 2.12
N VAL A 98 -7.56 4.19 1.00
CA VAL A 98 -7.09 5.08 -0.06
C VAL A 98 -8.22 5.94 -0.58
N MET A 99 -9.38 5.33 -0.78
CA MET A 99 -10.55 6.06 -1.27
C MET A 99 -11.04 7.05 -0.21
N ALA A 100 -10.91 6.67 1.05
CA ALA A 100 -11.34 7.53 2.15
C ALA A 100 -10.48 8.78 2.22
N ALA A 101 -9.16 8.60 2.22
CA ALA A 101 -8.24 9.72 2.30
C ALA A 101 -8.63 10.80 1.29
N VAL A 102 -9.42 10.41 0.29
CA VAL A 102 -9.87 11.34 -0.73
C VAL A 102 -11.21 11.95 -0.34
N ALA A 103 -12.18 11.11 -0.05
CA ALA A 103 -13.49 11.57 0.38
C ALA A 103 -13.38 12.37 1.67
N GLN A 104 -12.33 12.11 2.43
CA GLN A 104 -12.12 12.82 3.69
C GLN A 104 -11.45 14.16 3.45
N THR A 105 -10.30 14.13 2.79
CA THR A 105 -9.56 15.36 2.50
C THR A 105 -10.38 16.27 1.58
N GLU A 106 -11.00 15.68 0.57
CA GLU A 106 -11.80 16.44 -0.38
C GLU A 106 -13.26 16.00 -0.32
N GLU A 107 -13.96 16.43 0.72
CA GLU A 107 -15.37 16.07 0.89
C GLU A 107 -16.20 16.66 -0.24
N ILE A 108 -17.32 16.02 -0.54
CA ILE A 108 -18.21 16.49 -1.60
C ILE A 108 -18.95 17.74 -1.16
N LEU A 109 -18.54 18.30 -0.02
CA LEU A 109 -19.18 19.50 0.51
C LEU A 109 -18.20 20.67 0.52
N LYS A 110 -18.03 21.31 -0.64
CA LYS A 110 -17.13 22.44 -0.75
C LYS A 110 -17.57 23.37 -1.88
N SER A 111 -16.97 24.56 -1.93
CA SER A 111 -17.32 25.54 -2.96
C SER A 111 -17.00 24.99 -4.35
N ASN A 112 -15.84 24.36 -4.48
CA ASN A 112 -15.42 23.80 -5.75
C ASN A 112 -16.50 22.87 -6.31
N SER A 113 -17.11 22.09 -5.43
CA SER A 113 -18.16 21.16 -5.84
C SER A 113 -19.53 21.67 -5.37
N GLN A 114 -20.42 21.87 -6.33
CA GLN A 114 -21.76 22.36 -6.01
C GLN A 114 -21.69 23.65 -5.21
N THR A 115 -22.29 23.65 -4.02
CA THR A 115 -22.28 24.83 -3.16
C THR A 115 -22.14 24.42 -1.70
N ASP A 116 -21.62 25.33 -0.89
CA ASP A 116 -21.44 25.05 0.53
C ASP A 116 -22.76 25.16 1.28
N LEU A 117 -23.72 25.84 0.66
CA LEU A 117 -25.03 26.02 1.28
C LEU A 117 -25.73 24.67 1.45
N GLU A 118 -25.53 23.78 0.49
CA GLU A 118 -26.15 22.46 0.54
C GLU A 118 -27.67 22.58 0.59
N HIS A 119 -28.31 22.47 -0.56
CA HIS A 119 -29.76 22.57 -0.63
C HIS A 119 -30.41 21.42 0.13
N HIS A 120 -29.87 20.22 -0.06
CA HIS A 120 -30.41 19.05 0.61
C HIS A 120 -29.40 18.49 1.62
N HIS A 121 -29.90 17.86 2.68
CA HIS A 121 -29.03 17.30 3.70
C HIS A 121 -29.22 15.78 3.78
N HIS A 122 -28.12 15.06 3.93
CA HIS A 122 -28.17 13.60 4.02
C HIS A 122 -27.56 13.12 5.33
N HIS A 123 -28.30 12.30 6.06
CA HIS A 123 -27.81 11.77 7.33
C HIS A 123 -27.50 10.28 7.22
N HIS A 124 -26.45 9.84 7.90
CA HIS A 124 -26.06 8.43 7.86
C HIS A 124 -26.56 7.71 9.11
C1 MYR B . -8.52 0.32 8.32
O1 MYR B . -9.61 0.43 7.75
C2 MYR B . -7.78 1.50 8.51
C3 MYR B . -6.48 1.47 7.68
C4 MYR B . -5.92 0.06 7.57
C5 MYR B . -6.08 -0.50 6.16
C6 MYR B . -5.05 -1.58 5.88
C7 MYR B . -4.42 -1.53 4.48
C8 MYR B . -4.72 -2.73 3.58
C9 MYR B . -3.48 -3.53 3.13
C10 MYR B . -3.47 -3.79 1.61
C11 MYR B . -2.30 -4.68 1.18
C12 MYR B . -1.70 -4.20 -0.15
C13 MYR B . -0.85 -2.94 0.04
C14 MYR B . -1.00 -1.99 -1.14
H21 MYR B . -8.33 2.27 8.23
H22 MYR B . -7.54 1.58 9.47
H31 MYR B . -6.67 1.83 6.78
H32 MYR B . -5.79 2.06 8.13
H41 MYR B . -4.96 0.07 7.81
H42 MYR B . -6.40 -0.55 8.21
H51 MYR B . -7.00 -0.88 6.06
H52 MYR B . -5.96 0.24 5.49
H61 MYR B . -4.31 -1.50 6.56
H62 MYR B . -5.48 -2.48 5.99
H71 MYR B . -4.75 -0.71 4.03
H72 MYR B . -3.42 -1.46 4.58
H81 MYR B . -5.33 -3.36 4.07
H82 MYR B . -5.20 -2.41 2.76
H91 MYR B . -2.66 -3.01 3.37
H92 MYR B . -3.47 -4.41 3.60
H101 MYR B . -4.32 -4.24 1.36
H102 MYR B . -3.40 -2.92 1.13
H111 MYR B . -1.59 -4.67 1.88
H112 MYR B . -2.62 -5.62 1.05
H121 MYR B . -1.14 -4.92 -0.54
H122 MYR B . -2.45 -3.99 -0.80
H131 MYR B . -1.14 -2.48 0.88
H132 MYR B . 0.11 -3.20 0.13
H141 MYR B . -0.13 -1.93 -1.62
H142 MYR B . -1.69 -2.33 -1.76
H143 MYR B . -1.26 -1.09 -0.80
N GLY A 1 -9.12 0.84 9.21
CA GLY A 1 -9.60 -0.02 10.29
C GLY A 1 -10.48 -1.14 9.76
N GLN A 2 -11.77 -0.85 9.60
CA GLN A 2 -12.70 -1.83 9.09
C GLN A 2 -12.16 -2.50 7.82
N GLU A 3 -11.63 -1.67 6.92
CA GLU A 3 -11.07 -2.19 5.68
C GLU A 3 -10.12 -3.37 5.96
N LEU A 4 -9.87 -3.62 7.23
CA LEU A 4 -9.00 -4.72 7.63
C LEU A 4 -9.55 -6.05 7.14
N SER A 5 -10.87 -6.21 7.26
CA SER A 5 -11.52 -7.43 6.80
C SER A 5 -11.20 -7.70 5.33
N GLN A 6 -11.29 -6.66 4.52
CA GLN A 6 -10.99 -6.78 3.09
C GLN A 6 -9.53 -7.17 2.89
N HIS A 7 -8.64 -6.57 3.67
CA HIS A 7 -7.23 -6.87 3.57
C HIS A 7 -6.97 -8.36 3.81
N GLU A 8 -7.68 -8.92 4.78
CA GLU A 8 -7.54 -10.34 5.09
C GLU A 8 -7.69 -11.19 3.82
N ARG A 9 -8.85 -11.06 3.18
CA ARG A 9 -9.11 -11.82 1.96
C ARG A 9 -7.98 -11.62 0.95
N TYR A 10 -7.52 -10.38 0.81
CA TYR A 10 -6.44 -10.08 -0.12
C TYR A 10 -5.16 -10.80 0.30
N VAL A 11 -4.77 -10.63 1.56
CA VAL A 11 -3.56 -11.28 2.07
C VAL A 11 -3.48 -12.72 1.59
N GLU A 12 -4.65 -13.37 1.50
CA GLU A 12 -4.70 -14.76 1.06
C GLU A 12 -4.41 -14.85 -0.43
N GLN A 13 -4.85 -13.85 -1.19
CA GLN A 13 -4.64 -13.83 -2.63
C GLN A 13 -3.15 -13.66 -2.95
N LEU A 14 -2.50 -12.76 -2.22
CA LEU A 14 -1.09 -12.49 -2.45
C LEU A 14 -0.25 -13.74 -2.16
N LYS A 15 -0.59 -14.42 -1.08
CA LYS A 15 0.15 -15.62 -0.70
C LYS A 15 0.09 -16.68 -1.79
N GLN A 16 -1.08 -16.78 -2.44
CA GLN A 16 -1.26 -17.76 -3.50
C GLN A 16 -0.34 -17.46 -4.68
N ALA A 17 -0.28 -16.20 -5.07
CA ALA A 17 0.55 -15.78 -6.19
C ALA A 17 2.01 -16.17 -5.94
N LEU A 18 2.58 -15.63 -4.87
CA LEU A 18 3.98 -15.90 -4.53
C LEU A 18 4.21 -17.41 -4.42
N LYS A 19 3.15 -18.15 -4.11
CA LYS A 19 3.25 -19.60 -3.99
C LYS A 19 3.58 -20.24 -5.32
N THR A 20 3.04 -19.66 -6.40
CA THR A 20 3.27 -20.20 -7.74
C THR A 20 4.71 -19.98 -8.17
N ARG A 21 5.42 -19.11 -7.46
CA ARG A 21 6.81 -18.82 -7.78
C ARG A 21 7.73 -19.87 -7.19
N GLY A 22 7.14 -20.90 -6.59
CA GLY A 22 7.92 -21.98 -6.00
C GLY A 22 8.56 -21.54 -4.68
N VAL A 23 8.32 -20.29 -4.30
CA VAL A 23 8.87 -19.76 -3.06
C VAL A 23 8.30 -20.50 -1.85
N LYS A 24 9.09 -20.59 -0.79
CA LYS A 24 8.65 -21.27 0.42
C LYS A 24 7.28 -20.75 0.86
N VAL A 25 6.88 -21.11 2.08
CA VAL A 25 5.59 -20.68 2.61
C VAL A 25 5.78 -19.62 3.68
N LYS A 26 5.58 -18.36 3.32
CA LYS A 26 5.72 -17.27 4.27
C LYS A 26 4.42 -16.47 4.36
N TYR A 27 4.26 -15.71 5.45
CA TYR A 27 3.07 -14.90 5.64
C TYR A 27 3.21 -13.57 4.92
N ALA A 28 2.15 -13.16 4.23
CA ALA A 28 2.16 -11.90 3.50
C ALA A 28 1.77 -10.75 4.42
N ASP A 29 0.74 -10.97 5.24
CA ASP A 29 0.27 -9.95 6.15
C ASP A 29 1.41 -9.40 6.99
N LEU A 30 2.11 -10.30 7.69
CA LEU A 30 3.22 -9.88 8.55
C LEU A 30 4.35 -9.28 7.72
N LEU A 31 4.90 -10.09 6.82
CA LEU A 31 6.00 -9.63 5.98
C LEU A 31 5.69 -8.25 5.41
N LYS A 32 4.48 -8.08 4.90
CA LYS A 32 4.09 -6.81 4.29
C LYS A 32 3.74 -5.79 5.36
N PHE A 33 2.90 -6.19 6.31
CA PHE A 33 2.49 -5.29 7.39
C PHE A 33 3.70 -4.60 7.99
N PHE A 34 4.57 -5.38 8.62
CA PHE A 34 5.75 -4.83 9.27
C PHE A 34 6.60 -4.05 8.27
N ASP A 35 6.92 -4.68 7.16
CA ASP A 35 7.76 -4.05 6.14
C ASP A 35 7.20 -2.69 5.76
N PHE A 36 5.98 -2.68 5.24
CA PHE A 36 5.35 -1.44 4.80
C PHE A 36 5.17 -0.48 5.97
N VAL A 37 4.46 -0.93 6.99
CA VAL A 37 4.20 -0.10 8.16
C VAL A 37 5.47 0.65 8.58
N LYS A 38 6.52 -0.11 8.89
CA LYS A 38 7.77 0.49 9.33
C LYS A 38 8.38 1.35 8.22
N ASP A 39 8.38 0.80 7.00
CA ASP A 39 8.96 1.51 5.86
C ASP A 39 8.24 2.83 5.63
N ILE A 40 6.99 2.75 5.17
CA ILE A 40 6.22 3.96 4.89
C ILE A 40 6.00 4.76 6.17
N CYS A 41 5.63 4.07 7.24
CA CYS A 41 5.37 4.73 8.51
C CYS A 41 6.31 4.21 9.59
N PRO A 42 7.52 4.72 9.62
CA PRO A 42 8.55 4.33 10.62
C PRO A 42 8.32 5.03 11.97
N TRP A 43 7.60 6.13 11.94
CA TRP A 43 7.35 6.90 13.15
C TRP A 43 5.85 7.10 13.37
N PHE A 44 5.06 6.61 12.42
CA PHE A 44 3.60 6.73 12.52
C PHE A 44 2.93 5.43 12.08
N PRO A 45 3.19 4.36 12.78
CA PRO A 45 2.61 3.03 12.46
C PRO A 45 1.12 2.96 12.77
N GLN A 46 0.56 4.08 13.20
CA GLN A 46 -0.86 4.13 13.52
C GLN A 46 -1.71 3.87 12.28
N GLU A 47 -1.39 4.56 11.19
CA GLU A 47 -2.13 4.39 9.95
C GLU A 47 -1.22 3.82 8.86
N GLY A 48 -0.45 4.69 8.23
CA GLY A 48 0.47 4.26 7.17
C GLY A 48 -0.30 3.78 5.94
N THR A 49 -0.51 4.69 4.99
CA THR A 49 -1.21 4.34 3.76
C THR A 49 -0.25 3.78 2.73
N ILE A 50 -0.80 3.24 1.64
CA ILE A 50 0.02 2.67 0.58
C ILE A 50 0.37 3.73 -0.47
N ASP A 51 1.66 3.84 -0.78
CA ASP A 51 2.11 4.82 -1.75
C ASP A 51 3.16 4.21 -2.68
N ILE A 52 3.10 4.56 -3.96
CA ILE A 52 4.04 4.04 -4.93
C ILE A 52 5.26 4.95 -5.04
N LYS A 53 5.02 6.26 -5.00
CA LYS A 53 6.11 7.23 -5.10
C LYS A 53 7.03 7.14 -3.89
N ARG A 54 6.43 7.07 -2.70
CA ARG A 54 7.21 6.98 -1.48
C ARG A 54 7.91 5.62 -1.39
N TRP A 55 7.12 4.57 -1.21
CA TRP A 55 7.67 3.22 -1.12
C TRP A 55 8.84 3.05 -2.10
N ARG A 56 8.77 3.77 -3.21
CA ARG A 56 9.82 3.70 -4.22
C ARG A 56 11.09 4.39 -3.72
N ARG A 57 10.91 5.60 -3.17
CA ARG A 57 12.04 6.37 -2.67
C ARG A 57 12.73 5.62 -1.53
N VAL A 58 11.98 5.34 -0.47
CA VAL A 58 12.54 4.64 0.68
C VAL A 58 12.85 3.19 0.32
N GLY A 59 12.20 2.69 -0.72
CA GLY A 59 12.41 1.31 -1.14
C GLY A 59 13.79 1.15 -1.77
N ASP A 60 14.13 2.04 -2.69
CA ASP A 60 15.43 1.98 -3.37
C ASP A 60 16.55 2.32 -2.40
N CYS A 61 16.33 3.35 -1.59
CA CYS A 61 17.33 3.78 -0.62
C CYS A 61 17.84 2.58 0.19
N PHE A 62 16.96 2.01 0.99
CA PHE A 62 17.33 0.88 1.83
C PHE A 62 17.75 -0.32 0.98
N GLN A 63 16.97 -0.59 -0.07
CA GLN A 63 17.26 -1.73 -0.94
C GLN A 63 18.55 -1.50 -1.71
N ASP A 64 18.55 -0.47 -2.56
CA ASP A 64 19.72 -0.17 -3.38
C ASP A 64 20.97 -0.13 -2.51
N TYR A 65 20.83 0.38 -1.29
CA TYR A 65 21.97 0.49 -0.39
C TYR A 65 22.36 -0.89 0.15
N TYR A 66 21.35 -1.66 0.55
CA TYR A 66 21.60 -3.00 1.10
C TYR A 66 22.22 -3.90 0.04
N ASN A 67 21.71 -3.82 -1.18
CA ASN A 67 22.22 -4.64 -2.27
C ASN A 67 23.57 -4.13 -2.75
N THR A 68 23.57 -2.91 -3.29
CA THR A 68 24.80 -2.31 -3.79
C THR A 68 25.96 -2.55 -2.82
N PHE A 69 25.63 -2.70 -1.54
CA PHE A 69 26.64 -2.93 -0.52
C PHE A 69 27.30 -4.29 -0.73
N GLY A 70 26.48 -5.34 -0.78
CA GLY A 70 26.99 -6.69 -1.01
C GLY A 70 26.53 -7.64 0.09
N PRO A 71 25.27 -7.96 0.10
CA PRO A 71 24.68 -8.88 1.11
C PRO A 71 24.96 -10.35 0.80
N GLU A 72 24.81 -11.21 1.80
CA GLU A 72 25.04 -12.63 1.62
C GLU A 72 23.71 -13.38 1.47
N LYS A 73 22.62 -12.65 1.61
CA LYS A 73 21.29 -13.25 1.52
C LYS A 73 20.46 -12.56 0.44
N VAL A 74 21.14 -12.05 -0.58
CA VAL A 74 20.46 -11.36 -1.67
C VAL A 74 19.20 -12.12 -2.09
N PRO A 75 18.06 -11.66 -1.64
CA PRO A 75 16.75 -12.32 -1.93
C PRO A 75 16.22 -11.94 -3.31
N VAL A 76 15.50 -12.87 -3.93
CA VAL A 76 14.91 -12.63 -5.25
C VAL A 76 13.65 -11.78 -5.13
N ILE A 77 13.13 -11.66 -3.91
CA ILE A 77 11.92 -10.89 -3.67
C ILE A 77 12.04 -9.52 -4.32
N ALA A 78 13.26 -9.08 -4.58
CA ALA A 78 13.50 -7.79 -5.18
C ALA A 78 12.81 -7.70 -6.55
N PHE A 79 13.25 -8.55 -7.47
CA PHE A 79 12.66 -8.57 -8.82
C PHE A 79 11.15 -8.44 -8.73
N SER A 80 10.53 -9.19 -7.82
CA SER A 80 9.09 -9.16 -7.66
C SER A 80 8.63 -7.79 -7.18
N TYR A 81 9.37 -7.22 -6.24
CA TYR A 81 9.03 -5.91 -5.69
C TYR A 81 8.85 -4.89 -6.81
N TRP A 82 8.32 -3.73 -6.46
CA TRP A 82 8.09 -2.67 -7.45
C TRP A 82 7.00 -3.09 -8.43
N ASN A 83 7.22 -4.19 -9.13
CA ASN A 83 6.25 -4.69 -10.10
C ASN A 83 4.93 -5.02 -9.41
N LEU A 84 5.01 -5.67 -8.26
CA LEU A 84 3.82 -6.02 -7.50
C LEU A 84 3.12 -4.78 -6.98
N ILE A 85 3.91 -3.79 -6.58
CA ILE A 85 3.36 -2.55 -6.05
C ILE A 85 2.35 -1.95 -7.02
N LYS A 86 2.70 -1.93 -8.30
CA LYS A 86 1.81 -1.38 -9.32
C LYS A 86 0.57 -2.25 -9.47
N GLU A 87 0.78 -3.53 -9.77
CA GLU A 87 -0.34 -4.46 -9.93
C GLU A 87 -1.18 -4.52 -8.66
N LEU A 88 -0.58 -4.17 -7.54
CA LEU A 88 -1.27 -4.21 -6.26
C LEU A 88 -2.37 -3.15 -6.21
N ILE A 89 -1.98 -1.90 -6.40
CA ILE A 89 -2.95 -0.80 -6.37
C ILE A 89 -4.08 -1.06 -7.37
N ASP A 90 -3.75 -1.74 -8.46
CA ASP A 90 -4.76 -2.05 -9.48
C ASP A 90 -5.88 -2.90 -8.90
N LYS A 91 -5.53 -4.12 -8.49
CA LYS A 91 -6.53 -5.02 -7.91
C LYS A 91 -7.13 -4.40 -6.64
N LYS A 92 -6.27 -3.78 -5.84
CA LYS A 92 -6.73 -3.14 -4.60
C LYS A 92 -7.70 -2.01 -4.91
N GLU A 93 -7.75 -1.60 -6.18
CA GLU A 93 -8.64 -0.53 -6.59
C GLU A 93 -10.09 -0.88 -6.27
N VAL A 94 -10.30 -2.08 -5.75
CA VAL A 94 -11.65 -2.55 -5.43
C VAL A 94 -12.43 -1.46 -4.71
N ASN A 95 -12.05 -1.19 -3.47
CA ASN A 95 -12.71 -0.15 -2.68
C ASN A 95 -12.27 -0.22 -1.23
N PRO A 96 -11.00 -0.05 -0.98
CA PRO A 96 -10.43 -0.07 0.40
C PRO A 96 -10.42 1.31 1.05
N GLN A 97 -9.53 1.51 2.01
CA GLN A 97 -9.41 2.79 2.69
C GLN A 97 -8.93 3.87 1.72
N VAL A 98 -8.31 3.43 0.63
CA VAL A 98 -7.82 4.37 -0.37
C VAL A 98 -8.97 5.20 -0.95
N MET A 99 -10.07 4.53 -1.27
CA MET A 99 -11.23 5.22 -1.81
C MET A 99 -11.90 6.07 -0.73
N ALA A 100 -11.75 5.65 0.52
CA ALA A 100 -12.33 6.39 1.64
C ALA A 100 -11.62 7.72 1.83
N ALA A 101 -10.29 7.68 1.81
CA ALA A 101 -9.49 8.89 1.99
C ALA A 101 -9.97 9.99 1.05
N VAL A 102 -10.76 9.60 0.06
CA VAL A 102 -11.29 10.56 -0.91
C VAL A 102 -12.67 11.06 -0.49
N ALA A 103 -13.58 10.11 -0.24
CA ALA A 103 -14.92 10.47 0.21
C ALA A 103 -14.85 11.21 1.55
N GLN A 104 -13.81 10.93 2.32
CA GLN A 104 -13.65 11.56 3.63
C GLN A 104 -12.98 12.93 3.47
N THR A 105 -11.79 12.94 2.88
CA THR A 105 -11.06 14.18 2.69
C THR A 105 -11.84 15.12 1.78
N GLU A 106 -12.42 14.58 0.71
CA GLU A 106 -13.18 15.38 -0.23
C GLU A 106 -14.60 14.82 -0.36
N GLU A 107 -15.48 15.21 0.55
CA GLU A 107 -16.86 14.75 0.52
C GLU A 107 -17.58 15.29 -0.72
N ILE A 108 -18.57 14.55 -1.19
CA ILE A 108 -19.32 14.96 -2.37
C ILE A 108 -20.01 16.30 -2.12
N LEU A 109 -20.32 16.58 -0.85
CA LEU A 109 -20.97 17.82 -0.48
C LEU A 109 -19.93 18.90 -0.20
N LYS A 110 -19.89 19.92 -1.07
CA LYS A 110 -18.93 21.01 -0.90
C LYS A 110 -19.39 22.25 -1.67
N SER A 111 -18.84 23.40 -1.30
CA SER A 111 -19.21 24.65 -1.95
C SER A 111 -18.85 24.61 -3.43
N ASN A 112 -17.66 24.07 -3.73
CA ASN A 112 -17.21 23.98 -5.11
C ASN A 112 -18.37 23.62 -6.04
N SER A 113 -19.23 22.72 -5.57
CA SER A 113 -20.38 22.29 -6.35
C SER A 113 -21.45 23.37 -6.37
N GLN A 114 -22.37 23.28 -7.34
CA GLN A 114 -23.45 24.26 -7.45
C GLN A 114 -23.92 24.69 -6.07
N THR A 115 -24.51 23.76 -5.32
CA THR A 115 -25.00 24.05 -3.98
C THR A 115 -24.50 23.00 -2.99
N ASP A 116 -24.47 23.37 -1.72
CA ASP A 116 -24.01 22.45 -0.68
C ASP A 116 -25.00 21.30 -0.52
N LEU A 117 -26.29 21.62 -0.62
CA LEU A 117 -27.33 20.60 -0.47
C LEU A 117 -27.26 19.61 -1.63
N GLU A 118 -27.02 20.12 -2.84
CA GLU A 118 -26.95 19.26 -4.01
C GLU A 118 -28.23 18.46 -4.18
N HIS A 119 -29.32 18.98 -3.63
CA HIS A 119 -30.61 18.30 -3.72
C HIS A 119 -31.61 19.14 -4.52
N HIS A 120 -32.22 18.52 -5.52
CA HIS A 120 -33.19 19.22 -6.36
C HIS A 120 -34.42 19.62 -5.53
N HIS A 121 -34.87 18.71 -4.67
CA HIS A 121 -36.02 18.98 -3.82
C HIS A 121 -35.60 19.11 -2.37
N HIS A 122 -36.17 20.11 -1.68
CA HIS A 122 -35.83 20.35 -0.29
C HIS A 122 -37.08 20.72 0.51
N HIS A 123 -37.70 19.73 1.14
CA HIS A 123 -38.90 19.97 1.93
C HIS A 123 -38.62 19.76 3.40
N HIS A 124 -39.29 20.55 4.25
CA HIS A 124 -39.10 20.45 5.69
C HIS A 124 -40.13 21.30 6.42
C1 MYR B . -7.86 1.27 9.18
O1 MYR B . -7.03 0.99 10.05
C2 MYR B . -7.67 0.72 7.91
C3 MYR B . -6.42 1.30 7.22
C4 MYR B . -5.39 0.22 6.94
C5 MYR B . -5.13 0.04 5.46
C6 MYR B . -5.67 -1.31 4.96
C7 MYR B . -5.05 -1.80 3.66
C8 MYR B . -5.98 -2.62 2.76
C9 MYR B . -5.28 -3.61 1.82
C10 MYR B . -3.75 -3.44 1.82
C11 MYR B . -3.02 -4.60 1.13
C12 MYR B . -2.29 -4.13 -0.13
C13 MYR B . -1.28 -3.03 0.17
C14 MYR B . -1.02 -2.14 -1.03
H21 MYR B . -7.56 -0.27 7.99
H22 MYR B . -8.47 0.92 7.34
H31 MYR B . -6.69 1.72 6.36
H32 MYR B . -6.01 1.99 7.82
H41 MYR B . -4.53 0.46 7.39
H42 MYR B . -5.71 -0.66 7.33
H51 MYR B . -5.59 0.77 4.96
H52 MYR B . -4.15 0.09 5.27
H61 MYR B . -5.48 -1.99 5.68
H62 MYR B . -6.66 -1.24 4.84
H71 MYR B . -4.74 -1.00 3.14
H72 MYR B . -4.26 -2.38 3.87
H81 MYR B . -6.61 -3.13 3.33
H82 MYR B . -6.51 -1.98 2.18
H91 MYR B . -5.49 -4.54 2.11
H92 MYR B . -5.60 -3.47 0.89
H101 MYR B . -3.52 -2.59 1.36
H102 MYR B . -3.42 -3.40 2.77
H111 MYR B . -2.35 -5.00 1.76
H112 MYR B . -3.68 -5.31 0.87
H121 MYR B . -1.82 -4.90 -0.55
H122 MYR B . -2.97 -3.77 -0.78
H131 MYR B . -1.63 -2.46 0.93
H132 MYR B . -0.41 -3.44 0.47
H141 MYR B . -0.31 -2.55 -1.60
H142 MYR B . -1.86 -2.06 -1.57
H143 MYR B . -0.73 -1.24 -0.72
N GLY A 1 -8.61 0.82 9.50
CA GLY A 1 -9.26 -0.13 10.40
C GLY A 1 -9.98 -1.22 9.61
N GLN A 2 -11.24 -0.96 9.27
CA GLN A 2 -12.04 -1.92 8.53
C GLN A 2 -11.21 -2.56 7.42
N GLU A 3 -10.50 -1.73 6.65
CA GLU A 3 -9.65 -2.21 5.57
C GLU A 3 -8.90 -3.46 6.00
N LEU A 4 -8.86 -3.71 7.30
CA LEU A 4 -8.18 -4.89 7.83
C LEU A 4 -8.81 -6.16 7.25
N SER A 5 -10.13 -6.19 7.22
CA SER A 5 -10.84 -7.37 6.68
C SER A 5 -10.35 -7.67 5.27
N GLN A 6 -10.25 -6.63 4.45
CA GLN A 6 -9.78 -6.80 3.07
C GLN A 6 -8.34 -7.26 3.05
N HIS A 7 -7.51 -6.68 3.92
CA HIS A 7 -6.10 -7.04 4.00
C HIS A 7 -5.97 -8.56 4.19
N GLU A 8 -6.89 -9.14 4.95
CA GLU A 8 -6.85 -10.57 5.19
C GLU A 8 -7.08 -11.34 3.90
N ARG A 9 -8.26 -11.17 3.31
CA ARG A 9 -8.59 -11.88 2.08
C ARG A 9 -7.51 -11.65 1.03
N TYR A 10 -7.07 -10.40 0.90
CA TYR A 10 -6.02 -10.08 -0.06
C TYR A 10 -4.73 -10.84 0.27
N VAL A 11 -4.31 -10.74 1.52
CA VAL A 11 -3.10 -11.42 1.95
C VAL A 11 -3.09 -12.86 1.47
N GLU A 12 -4.27 -13.46 1.42
CA GLU A 12 -4.38 -14.85 0.97
C GLU A 12 -4.15 -14.96 -0.53
N GLN A 13 -4.61 -13.95 -1.27
CA GLN A 13 -4.44 -13.94 -2.72
C GLN A 13 -2.98 -13.75 -3.10
N LEU A 14 -2.30 -12.87 -2.38
CA LEU A 14 -0.90 -12.60 -2.65
C LEU A 14 -0.05 -13.84 -2.44
N LYS A 15 -0.37 -14.59 -1.39
CA LYS A 15 0.37 -15.81 -1.09
C LYS A 15 0.21 -16.84 -2.19
N GLN A 16 -0.99 -16.92 -2.75
CA GLN A 16 -1.25 -17.87 -3.83
C GLN A 16 -0.38 -17.58 -5.05
N ALA A 17 -0.21 -16.30 -5.36
CA ALA A 17 0.60 -15.91 -6.51
C ALA A 17 2.06 -16.31 -6.30
N LEU A 18 2.65 -15.85 -5.21
CA LEU A 18 4.04 -16.16 -4.92
C LEU A 18 4.21 -17.66 -4.74
N LYS A 19 3.14 -18.34 -4.39
CA LYS A 19 3.20 -19.79 -4.20
C LYS A 19 3.51 -20.49 -5.52
N THR A 20 2.98 -19.95 -6.62
CA THR A 20 3.21 -20.54 -7.93
C THR A 20 4.66 -20.39 -8.35
N ARG A 21 5.41 -19.59 -7.59
CA ARG A 21 6.81 -19.37 -7.88
C ARG A 21 7.69 -20.36 -7.13
N GLY A 22 7.06 -21.21 -6.34
CA GLY A 22 7.79 -22.21 -5.57
C GLY A 22 8.61 -21.56 -4.46
N VAL A 23 8.56 -20.24 -4.39
CA VAL A 23 9.30 -19.50 -3.37
C VAL A 23 8.78 -19.87 -1.98
N LYS A 24 8.95 -21.11 -1.59
CA LYS A 24 8.50 -21.58 -0.28
C LYS A 24 7.17 -20.90 0.09
N VAL A 25 6.80 -21.00 1.35
CA VAL A 25 5.56 -20.39 1.83
C VAL A 25 5.86 -19.33 2.89
N LYS A 26 5.69 -18.06 2.52
CA LYS A 26 5.96 -16.95 3.43
C LYS A 26 4.67 -16.17 3.73
N TYR A 27 4.60 -15.59 4.92
CA TYR A 27 3.42 -14.83 5.29
C TYR A 27 3.47 -13.43 4.68
N ALA A 28 2.36 -13.02 4.08
CA ALA A 28 2.27 -11.69 3.50
C ALA A 28 1.79 -10.65 4.49
N ASP A 29 0.89 -11.06 5.37
CA ASP A 29 0.32 -10.15 6.35
C ASP A 29 1.40 -9.49 7.18
N LEU A 30 2.14 -10.30 7.93
CA LEU A 30 3.20 -9.78 8.78
C LEU A 30 4.32 -9.14 7.96
N LEU A 31 4.94 -9.93 7.11
CA LEU A 31 6.04 -9.43 6.29
C LEU A 31 5.68 -8.10 5.65
N LYS A 32 4.46 -8.01 5.13
CA LYS A 32 4.03 -6.78 4.48
C LYS A 32 3.57 -5.75 5.51
N PHE A 33 2.74 -6.18 6.45
CA PHE A 33 2.22 -5.28 7.47
C PHE A 33 3.36 -4.51 8.13
N PHE A 34 4.34 -5.24 8.65
CA PHE A 34 5.49 -4.61 9.30
C PHE A 34 6.28 -3.77 8.31
N ASP A 35 6.64 -4.36 7.19
CA ASP A 35 7.42 -3.66 6.18
C ASP A 35 6.74 -2.36 5.78
N PHE A 36 5.52 -2.45 5.27
CA PHE A 36 4.80 -1.27 4.84
C PHE A 36 4.63 -0.28 5.98
N VAL A 37 3.96 -0.71 7.04
CA VAL A 37 3.71 0.16 8.18
C VAL A 37 4.97 0.93 8.55
N LYS A 38 6.03 0.22 8.90
CA LYS A 38 7.26 0.86 9.29
C LYS A 38 7.88 1.64 8.14
N ASP A 39 7.93 1.02 6.97
CA ASP A 39 8.53 1.67 5.81
C ASP A 39 7.84 2.99 5.50
N ILE A 40 6.60 2.92 5.04
CA ILE A 40 5.84 4.11 4.71
C ILE A 40 5.60 4.96 5.95
N CYS A 41 5.24 4.30 7.05
CA CYS A 41 4.97 5.00 8.29
C CYS A 41 5.90 4.51 9.41
N PRO A 42 7.11 4.98 9.43
CA PRO A 42 8.11 4.60 10.47
C PRO A 42 7.91 5.36 11.77
N TRP A 43 7.19 6.49 11.69
CA TRP A 43 6.92 7.31 12.86
C TRP A 43 5.43 7.47 13.10
N PHE A 44 4.63 7.00 12.15
CA PHE A 44 3.18 7.11 12.27
C PHE A 44 2.49 5.82 11.83
N PRO A 45 2.67 4.76 12.57
CA PRO A 45 2.07 3.43 12.26
C PRO A 45 0.58 3.39 12.51
N GLN A 46 0.01 4.53 12.90
CA GLN A 46 -1.42 4.61 13.17
C GLN A 46 -2.23 4.27 11.93
N GLU A 47 -1.89 4.91 10.81
CA GLU A 47 -2.60 4.65 9.56
C GLU A 47 -1.62 4.17 8.48
N GLY A 48 -0.90 5.12 7.89
CA GLY A 48 0.07 4.78 6.85
C GLY A 48 -0.61 4.25 5.60
N THR A 49 -0.77 5.11 4.61
CA THR A 49 -1.41 4.71 3.36
C THR A 49 -0.37 4.11 2.40
N ILE A 50 -0.85 3.50 1.32
CA ILE A 50 0.04 2.89 0.34
C ILE A 50 0.45 3.91 -0.72
N ASP A 51 1.75 4.07 -0.90
CA ASP A 51 2.27 5.01 -1.89
C ASP A 51 3.31 4.33 -2.78
N ILE A 52 3.24 4.60 -4.07
CA ILE A 52 4.18 4.02 -5.02
C ILE A 52 5.45 4.85 -5.11
N LYS A 53 5.29 6.18 -5.05
CA LYS A 53 6.43 7.07 -5.13
C LYS A 53 7.34 6.89 -3.92
N ARG A 54 6.74 6.86 -2.73
CA ARG A 54 7.52 6.70 -1.51
C ARG A 54 8.09 5.30 -1.42
N TRP A 55 7.21 4.31 -1.30
CA TRP A 55 7.64 2.92 -1.17
C TRP A 55 8.80 2.65 -2.12
N ARG A 56 8.74 3.26 -3.31
CA ARG A 56 9.82 3.10 -4.27
C ARG A 56 11.07 3.85 -3.83
N ARG A 57 10.89 5.08 -3.36
CA ARG A 57 12.02 5.89 -2.92
C ARG A 57 12.70 5.25 -1.72
N VAL A 58 11.91 4.93 -0.71
CA VAL A 58 12.44 4.29 0.49
C VAL A 58 12.83 2.84 0.21
N GLY A 59 12.22 2.27 -0.83
CA GLY A 59 12.51 0.89 -1.21
C GLY A 59 13.91 0.77 -1.77
N ASP A 60 14.28 1.67 -2.67
CA ASP A 60 15.60 1.66 -3.28
C ASP A 60 16.66 2.05 -2.25
N CYS A 61 16.33 3.01 -1.40
CA CYS A 61 17.27 3.47 -0.38
C CYS A 61 17.81 2.28 0.41
N PHE A 62 16.95 1.62 1.16
CA PHE A 62 17.35 0.48 1.95
C PHE A 62 17.86 -0.65 1.06
N GLN A 63 17.11 -0.96 0.02
CA GLN A 63 17.49 -2.03 -0.89
C GLN A 63 18.83 -1.73 -1.57
N ASP A 64 18.86 -0.66 -2.34
CA ASP A 64 20.09 -0.26 -3.03
C ASP A 64 21.26 -0.21 -2.06
N TYR A 65 20.94 -0.01 -0.78
CA TYR A 65 21.98 0.06 0.24
C TYR A 65 22.38 -1.34 0.69
N TYR A 66 21.39 -2.22 0.82
CA TYR A 66 21.64 -3.59 1.25
C TYR A 66 22.49 -4.32 0.22
N ASN A 67 22.19 -4.10 -1.06
CA ASN A 67 22.93 -4.76 -2.14
C ASN A 67 24.34 -4.16 -2.23
N THR A 68 24.42 -2.86 -2.49
CA THR A 68 25.71 -2.20 -2.61
C THR A 68 26.62 -2.60 -1.44
N PHE A 69 26.02 -3.17 -0.41
CA PHE A 69 26.79 -3.58 0.77
C PHE A 69 27.32 -5.00 0.59
N GLY A 70 27.08 -5.57 -0.57
CA GLY A 70 27.53 -6.94 -0.86
C GLY A 70 27.03 -7.92 0.19
N PRO A 71 25.75 -8.15 0.22
CA PRO A 71 25.12 -9.08 1.18
C PRO A 71 25.29 -10.54 0.77
N GLU A 72 25.13 -11.45 1.72
CA GLU A 72 25.27 -12.88 1.45
C GLU A 72 23.90 -13.53 1.34
N LYS A 73 22.84 -12.74 1.46
CA LYS A 73 21.49 -13.26 1.39
C LYS A 73 20.69 -12.52 0.33
N VAL A 74 21.40 -11.98 -0.68
CA VAL A 74 20.74 -11.22 -1.74
C VAL A 74 19.48 -11.96 -2.21
N PRO A 75 18.34 -11.53 -1.74
CA PRO A 75 17.04 -12.16 -2.08
C PRO A 75 16.49 -11.68 -3.42
N VAL A 76 15.84 -12.59 -4.14
CA VAL A 76 15.24 -12.26 -5.43
C VAL A 76 13.90 -11.57 -5.24
N ILE A 77 13.43 -11.53 -3.99
CA ILE A 77 12.15 -10.91 -3.69
C ILE A 77 12.08 -9.50 -4.24
N ALA A 78 13.24 -8.92 -4.51
CA ALA A 78 13.30 -7.57 -5.04
C ALA A 78 12.60 -7.49 -6.39
N PHE A 79 13.07 -8.29 -7.34
CA PHE A 79 12.48 -8.29 -8.67
C PHE A 79 10.96 -8.28 -8.58
N SER A 80 10.40 -9.15 -7.75
CA SER A 80 8.96 -9.22 -7.58
C SER A 80 8.41 -7.92 -7.00
N TYR A 81 9.10 -7.38 -6.00
CA TYR A 81 8.66 -6.15 -5.36
C TYR A 81 8.45 -5.07 -6.39
N TRP A 82 7.99 -3.90 -5.93
CA TRP A 82 7.74 -2.78 -6.82
C TRP A 82 6.67 -3.14 -7.86
N ASN A 83 7.02 -4.07 -8.75
CA ASN A 83 6.09 -4.48 -9.80
C ASN A 83 4.75 -4.88 -9.19
N LEU A 84 4.80 -5.58 -8.07
CA LEU A 84 3.58 -6.00 -7.38
C LEU A 84 2.81 -4.79 -6.86
N ILE A 85 3.55 -3.77 -6.44
CA ILE A 85 2.93 -2.57 -5.89
C ILE A 85 1.95 -1.98 -6.90
N LYS A 86 2.35 -1.96 -8.16
CA LYS A 86 1.48 -1.42 -9.20
C LYS A 86 0.23 -2.27 -9.35
N GLU A 87 0.42 -3.56 -9.61
CA GLU A 87 -0.72 -4.46 -9.78
C GLU A 87 -1.59 -4.48 -8.51
N LEU A 88 -0.98 -4.08 -7.39
CA LEU A 88 -1.70 -4.06 -6.13
C LEU A 88 -2.71 -2.93 -6.09
N ILE A 89 -2.24 -1.72 -6.37
CA ILE A 89 -3.12 -0.56 -6.37
C ILE A 89 -4.35 -0.83 -7.24
N ASP A 90 -4.15 -1.61 -8.30
CA ASP A 90 -5.25 -1.93 -9.22
C ASP A 90 -6.37 -2.64 -8.45
N LYS A 91 -6.02 -3.78 -7.86
CA LYS A 91 -7.01 -4.55 -7.09
C LYS A 91 -7.60 -3.70 -5.97
N LYS A 92 -6.76 -2.86 -5.38
CA LYS A 92 -7.20 -1.98 -4.29
C LYS A 92 -8.38 -1.15 -4.76
N GLU A 93 -8.52 -0.96 -6.06
CA GLU A 93 -9.63 -0.18 -6.60
C GLU A 93 -10.96 -0.56 -5.95
N VAL A 94 -10.96 -1.67 -5.21
CA VAL A 94 -12.16 -2.12 -4.54
C VAL A 94 -12.77 -1.01 -3.70
N ASN A 95 -12.06 -0.61 -2.66
CA ASN A 95 -12.55 0.46 -1.77
C ASN A 95 -11.77 0.46 -0.46
N PRO A 96 -10.51 0.75 -0.52
CA PRO A 96 -9.61 0.76 0.66
C PRO A 96 -9.51 2.13 1.32
N GLN A 97 -8.53 2.30 2.20
CA GLN A 97 -8.35 3.57 2.89
C GLN A 97 -7.90 4.63 1.90
N VAL A 98 -7.27 4.21 0.81
CA VAL A 98 -6.81 5.13 -0.23
C VAL A 98 -7.99 5.91 -0.81
N MET A 99 -9.08 5.21 -1.06
CA MET A 99 -10.28 5.84 -1.60
C MET A 99 -10.92 6.76 -0.56
N ALA A 100 -10.78 6.38 0.70
CA ALA A 100 -11.35 7.17 1.79
C ALA A 100 -10.59 8.50 1.94
N ALA A 101 -9.27 8.43 1.91
CA ALA A 101 -8.45 9.62 2.05
C ALA A 101 -8.90 10.69 1.05
N VAL A 102 -9.68 10.27 0.04
CA VAL A 102 -10.16 11.22 -0.96
C VAL A 102 -11.52 11.78 -0.54
N ALA A 103 -12.46 10.88 -0.25
CA ALA A 103 -13.80 11.30 0.17
C ALA A 103 -13.70 12.14 1.44
N GLN A 104 -12.62 11.93 2.20
CA GLN A 104 -12.41 12.68 3.44
C GLN A 104 -11.85 14.06 3.14
N THR A 105 -10.76 14.09 2.38
CA THR A 105 -10.13 15.37 2.02
C THR A 105 -11.10 16.23 1.21
N GLU A 106 -11.81 15.61 0.27
CA GLU A 106 -12.77 16.33 -0.55
C GLU A 106 -14.12 15.64 -0.51
N GLU A 107 -14.92 15.97 0.49
CA GLU A 107 -16.26 15.39 0.62
C GLU A 107 -17.17 15.88 -0.50
N ILE A 108 -18.10 15.03 -0.91
CA ILE A 108 -19.04 15.38 -1.96
C ILE A 108 -19.79 16.65 -1.60
N LEU A 109 -20.12 16.80 -0.32
CA LEU A 109 -20.84 17.99 0.13
C LEU A 109 -19.86 19.04 0.64
N LYS A 110 -19.73 20.14 -0.09
CA LYS A 110 -18.82 21.21 0.29
C LYS A 110 -19.36 22.56 -0.17
N SER A 111 -18.95 23.62 0.53
CA SER A 111 -19.40 24.97 0.20
C SER A 111 -18.90 25.35 -1.20
N ASN A 112 -17.65 25.03 -1.48
CA ASN A 112 -17.06 25.36 -2.78
C ASN A 112 -18.07 25.13 -3.90
N SER A 113 -18.92 24.12 -3.73
CA SER A 113 -19.93 23.80 -4.72
C SER A 113 -21.07 24.83 -4.69
N GLN A 114 -21.87 24.85 -5.75
CA GLN A 114 -22.99 25.78 -5.82
C GLN A 114 -23.70 25.87 -4.48
N THR A 115 -24.20 24.73 -4.00
CA THR A 115 -24.90 24.68 -2.73
C THR A 115 -24.42 23.50 -1.88
N ASP A 116 -24.36 23.70 -0.58
CA ASP A 116 -23.92 22.65 0.32
C ASP A 116 -24.87 21.45 0.28
N LEU A 117 -26.16 21.75 0.15
CA LEU A 117 -27.17 20.69 0.09
C LEU A 117 -26.98 19.83 -1.14
N GLU A 118 -26.66 20.47 -2.26
CA GLU A 118 -26.45 19.75 -3.51
C GLU A 118 -27.69 18.93 -3.88
N HIS A 119 -27.91 18.76 -5.17
CA HIS A 119 -29.06 17.99 -5.63
C HIS A 119 -28.66 17.03 -6.74
N HIS A 120 -29.17 15.80 -6.67
CA HIS A 120 -28.85 14.79 -7.68
C HIS A 120 -29.31 15.24 -9.06
N HIS A 121 -30.53 15.77 -9.12
CA HIS A 121 -31.08 16.25 -10.39
C HIS A 121 -30.49 17.61 -10.75
N HIS A 122 -30.24 17.82 -12.04
CA HIS A 122 -29.67 19.08 -12.51
C HIS A 122 -30.61 19.72 -13.52
N HIS A 123 -30.62 21.06 -13.54
CA HIS A 123 -31.47 21.79 -14.48
C HIS A 123 -30.62 22.49 -15.53
N HIS A 124 -31.25 22.83 -16.66
CA HIS A 124 -30.54 23.49 -17.74
C HIS A 124 -31.35 24.68 -18.26
C1 MYR B . -7.38 1.26 9.74
O1 MYR B . -6.73 0.93 10.73
C2 MYR B . -6.93 0.83 8.49
C3 MYR B . -5.46 1.17 8.27
C4 MYR B . -4.69 -0.04 7.75
C5 MYR B . -4.60 -0.03 6.22
C6 MYR B . -4.47 -1.45 5.68
C7 MYR B . -3.96 -1.54 4.23
C8 MYR B . -4.45 -2.75 3.43
C9 MYR B . -3.34 -3.72 2.98
C10 MYR B . -2.66 -3.27 1.68
C11 MYR B . -1.93 -4.43 0.96
C12 MYR B . -1.81 -4.16 -0.53
C13 MYR B . -0.80 -3.04 -0.81
C14 MYR B . -1.45 -1.88 -1.55
H21 MYR B . -7.06 -0.15 8.41
H22 MYR B . -7.47 1.28 7.77
H31 MYR B . -5.38 1.92 7.62
H32 MYR B . -5.04 1.45 9.14
H41 MYR B . -3.77 -0.02 8.12
H42 MYR B . -5.15 -0.88 8.03
H51 MYR B . -5.42 0.39 5.85
H52 MYR B . -3.79 0.50 5.93
H61 MYR B . -3.84 -1.97 6.27
H62 MYR B . -5.37 -1.89 5.70
H71 MYR B . -4.23 -0.71 3.75
H72 MYR B . -2.95 -1.58 4.26
H81 MYR B . -5.11 -3.25 4.00
H82 MYR B . -4.92 -2.42 2.62
H91 MYR B . -2.66 -3.79 3.70
H92 MYR B . -3.75 -4.63 2.82
H101 MYR B . -3.35 -2.90 1.07
H102 MYR B . -1.98 -2.57 1.90
H111 MYR B . -1.03 -4.54 1.36
H112 MYR B . -2.45 -5.28 1.09
H121 MYR B . -1.51 -4.98 -1.00
H122 MYR B . -2.70 -3.88 -0.90
H131 MYR B . -0.42 -2.71 0.05
H132 MYR B . -0.06 -3.40 -1.38
H141 MYR B . -1.52 -2.09 -2.52
H142 MYR B . -2.36 -1.72 -1.17
H143 MYR B . -0.89 -1.05 -1.43
N GLY A 1 -8.09 0.05 9.59
CA GLY A 1 -9.41 -0.21 10.17
C GLY A 1 -10.10 -1.37 9.46
N GLN A 2 -11.36 -1.15 9.09
CA GLN A 2 -12.12 -2.18 8.40
C GLN A 2 -11.30 -2.81 7.29
N GLU A 3 -10.64 -1.97 6.50
CA GLU A 3 -9.81 -2.46 5.41
C GLU A 3 -8.97 -3.65 5.85
N LEU A 4 -8.88 -3.84 7.16
CA LEU A 4 -8.10 -4.95 7.71
C LEU A 4 -8.59 -6.28 7.14
N SER A 5 -9.91 -6.43 7.05
CA SER A 5 -10.49 -7.65 6.51
C SER A 5 -10.01 -7.90 5.08
N GLN A 6 -9.96 -6.82 4.29
CA GLN A 6 -9.53 -6.93 2.91
C GLN A 6 -8.05 -7.31 2.84
N HIS A 7 -7.27 -6.79 3.78
CA HIS A 7 -5.83 -7.09 3.82
C HIS A 7 -5.61 -8.59 4.00
N GLU A 8 -6.46 -9.21 4.81
CA GLU A 8 -6.34 -10.65 5.05
C GLU A 8 -6.58 -11.43 3.77
N ARG A 9 -7.79 -11.32 3.23
CA ARG A 9 -8.13 -12.02 1.99
C ARG A 9 -7.05 -11.79 0.93
N TYR A 10 -6.67 -10.53 0.76
CA TYR A 10 -5.63 -10.19 -0.22
C TYR A 10 -4.32 -10.89 0.11
N VAL A 11 -3.87 -10.71 1.35
CA VAL A 11 -2.61 -11.33 1.78
C VAL A 11 -2.54 -12.77 1.32
N GLU A 12 -3.68 -13.46 1.35
CA GLU A 12 -3.73 -14.86 0.93
C GLU A 12 -3.52 -14.97 -0.58
N GLN A 13 -4.08 -14.02 -1.32
CA GLN A 13 -3.95 -14.03 -2.78
C GLN A 13 -2.50 -13.82 -3.19
N LEU A 14 -1.83 -12.89 -2.51
CA LEU A 14 -0.43 -12.58 -2.83
C LEU A 14 0.45 -13.80 -2.60
N LYS A 15 0.18 -14.52 -1.51
CA LYS A 15 0.97 -15.70 -1.19
C LYS A 15 0.84 -16.76 -2.28
N GLN A 16 -0.37 -16.91 -2.81
CA GLN A 16 -0.63 -17.89 -3.85
C GLN A 16 0.25 -17.61 -5.07
N ALA A 17 0.29 -16.35 -5.49
CA ALA A 17 1.09 -15.97 -6.65
C ALA A 17 2.56 -16.34 -6.45
N LEU A 18 3.15 -15.81 -5.38
CA LEU A 18 4.56 -16.08 -5.09
C LEU A 18 4.78 -17.57 -4.87
N LYS A 19 3.76 -18.25 -4.36
CA LYS A 19 3.86 -19.68 -4.10
C LYS A 19 4.11 -20.45 -5.40
N THR A 20 3.69 -19.85 -6.51
CA THR A 20 3.86 -20.50 -7.81
C THR A 20 5.30 -20.40 -8.27
N ARG A 21 6.12 -19.67 -7.51
CA ARG A 21 7.52 -19.51 -7.85
C ARG A 21 8.37 -20.58 -7.17
N GLY A 22 7.73 -21.43 -6.38
CA GLY A 22 8.43 -22.49 -5.68
C GLY A 22 9.06 -21.98 -4.39
N VAL A 23 8.83 -20.71 -4.09
CA VAL A 23 9.37 -20.10 -2.88
C VAL A 23 8.78 -20.78 -1.64
N LYS A 24 9.58 -20.85 -0.59
CA LYS A 24 9.15 -21.48 0.65
C LYS A 24 7.82 -20.87 1.12
N VAL A 25 7.44 -21.18 2.36
CA VAL A 25 6.18 -20.67 2.90
C VAL A 25 6.46 -19.56 3.92
N LYS A 26 6.30 -18.32 3.47
CA LYS A 26 6.52 -17.18 4.35
C LYS A 26 5.24 -16.34 4.46
N TYR A 27 5.10 -15.64 5.58
CA TYR A 27 3.92 -14.81 5.81
C TYR A 27 4.06 -13.48 5.07
N ALA A 28 3.00 -13.08 4.38
CA ALA A 28 3.00 -11.83 3.64
C ALA A 28 2.53 -10.68 4.51
N ASP A 29 1.49 -10.93 5.30
CA ASP A 29 0.92 -9.89 6.17
C ASP A 29 2.02 -9.27 7.02
N LEU A 30 2.75 -10.10 7.76
CA LEU A 30 3.80 -9.62 8.65
C LEU A 30 4.90 -8.93 7.85
N LEU A 31 5.56 -9.71 6.98
CA LEU A 31 6.64 -9.17 6.18
C LEU A 31 6.25 -7.83 5.56
N LYS A 32 5.04 -7.77 5.00
CA LYS A 32 4.56 -6.56 4.36
C LYS A 32 4.11 -5.54 5.41
N PHE A 33 3.28 -5.99 6.34
CA PHE A 33 2.78 -5.10 7.39
C PHE A 33 3.92 -4.32 8.02
N PHE A 34 4.83 -5.05 8.68
CA PHE A 34 5.95 -4.40 9.35
C PHE A 34 6.77 -3.57 8.37
N ASP A 35 7.15 -4.19 7.25
CA ASP A 35 7.95 -3.51 6.25
C ASP A 35 7.31 -2.20 5.83
N PHE A 36 6.09 -2.29 5.29
CA PHE A 36 5.39 -1.10 4.83
C PHE A 36 5.15 -0.13 5.98
N VAL A 37 4.45 -0.61 7.01
CA VAL A 37 4.13 0.23 8.16
C VAL A 37 5.34 1.08 8.57
N LYS A 38 6.43 0.41 8.91
CA LYS A 38 7.64 1.10 9.35
C LYS A 38 8.21 1.94 8.21
N ASP A 39 8.20 1.39 7.00
CA ASP A 39 8.75 2.08 5.85
C ASP A 39 7.96 3.36 5.56
N ILE A 40 6.74 3.20 5.07
CA ILE A 40 5.90 4.34 4.74
C ILE A 40 5.59 5.15 6.00
N CYS A 41 5.28 4.45 7.09
CA CYS A 41 4.94 5.13 8.33
C CYS A 41 5.91 4.71 9.44
N PRO A 42 7.07 5.32 9.47
CA PRO A 42 8.10 5.04 10.51
C PRO A 42 7.81 5.76 11.83
N TRP A 43 7.01 6.82 11.75
CA TRP A 43 6.67 7.59 12.94
C TRP A 43 5.16 7.69 13.11
N PHE A 44 4.43 7.01 12.23
CA PHE A 44 2.97 7.04 12.29
C PHE A 44 2.40 5.68 11.89
N PRO A 45 2.58 4.69 12.73
CA PRO A 45 2.08 3.31 12.48
C PRO A 45 0.60 3.16 12.81
N GLN A 46 -0.01 4.25 13.28
CA GLN A 46 -1.41 4.23 13.64
C GLN A 46 -2.28 3.93 12.42
N GLU A 47 -2.10 4.71 11.37
CA GLU A 47 -2.86 4.50 10.14
C GLU A 47 -1.98 3.83 9.08
N GLY A 48 -1.13 4.62 8.43
CA GLY A 48 -0.23 4.08 7.41
C GLY A 48 -1.00 3.70 6.15
N THR A 49 -0.72 4.40 5.05
CA THR A 49 -1.37 4.12 3.78
C THR A 49 -0.36 3.64 2.75
N ILE A 50 -0.86 3.01 1.69
CA ILE A 50 0.02 2.52 0.63
C ILE A 50 0.40 3.65 -0.32
N ASP A 51 1.68 3.77 -0.62
CA ASP A 51 2.17 4.82 -1.51
C ASP A 51 3.18 4.25 -2.49
N ILE A 52 3.12 4.74 -3.73
CA ILE A 52 4.03 4.28 -4.77
C ILE A 52 5.24 5.20 -4.88
N LYS A 53 4.99 6.50 -4.76
CA LYS A 53 6.07 7.48 -4.86
C LYS A 53 7.04 7.35 -3.69
N ARG A 54 6.49 7.27 -2.49
CA ARG A 54 7.31 7.15 -1.29
C ARG A 54 7.97 5.77 -1.23
N TRP A 55 7.15 4.74 -1.03
CA TRP A 55 7.67 3.37 -0.95
C TRP A 55 8.79 3.17 -1.97
N ARG A 56 8.74 3.95 -3.05
CA ARG A 56 9.76 3.85 -4.09
C ARG A 56 11.07 4.51 -3.63
N ARG A 57 10.94 5.69 -3.05
CA ARG A 57 12.11 6.42 -2.58
C ARG A 57 12.81 5.66 -1.45
N VAL A 58 12.06 5.35 -0.40
CA VAL A 58 12.62 4.63 0.75
C VAL A 58 12.87 3.17 0.38
N GLY A 59 12.17 2.68 -0.64
CA GLY A 59 12.32 1.31 -1.07
C GLY A 59 13.69 1.08 -1.71
N ASP A 60 14.08 1.99 -2.59
CA ASP A 60 15.37 1.88 -3.28
C ASP A 60 16.51 2.08 -2.29
N CYS A 61 16.33 2.99 -1.34
CA CYS A 61 17.35 3.27 -0.34
C CYS A 61 17.78 1.98 0.36
N PHE A 62 16.86 1.41 1.14
CA PHE A 62 17.15 0.20 1.88
C PHE A 62 17.52 -0.94 0.92
N GLN A 63 16.73 -1.08 -0.15
CA GLN A 63 16.97 -2.14 -1.12
C GLN A 63 18.31 -1.96 -1.82
N ASP A 64 18.46 -0.83 -2.52
CA ASP A 64 19.70 -0.55 -3.23
C ASP A 64 20.89 -0.60 -2.27
N TYR A 65 20.60 -0.45 -0.98
CA TYR A 65 21.65 -0.46 0.03
C TYR A 65 21.97 -1.89 0.46
N TYR A 66 20.92 -2.68 0.66
CA TYR A 66 21.10 -4.07 1.07
C TYR A 66 21.86 -4.85 0.00
N ASN A 67 21.54 -4.58 -1.27
CA ASN A 67 22.20 -5.27 -2.38
C ASN A 67 23.64 -4.80 -2.51
N THR A 68 23.84 -3.49 -2.67
CA THR A 68 25.17 -2.94 -2.81
C THR A 68 26.08 -3.42 -1.67
N PHE A 69 25.46 -3.84 -0.57
CA PHE A 69 26.21 -4.31 0.58
C PHE A 69 26.67 -5.75 0.37
N GLY A 70 26.35 -6.30 -0.79
CA GLY A 70 26.72 -7.68 -1.11
C GLY A 70 26.19 -8.63 -0.04
N PRO A 71 24.91 -8.88 -0.03
CA PRO A 71 24.27 -9.79 0.95
C PRO A 71 24.44 -11.26 0.57
N GLU A 72 24.32 -12.15 1.55
CA GLU A 72 24.46 -13.58 1.31
C GLU A 72 23.09 -14.24 1.20
N LYS A 73 22.04 -13.44 1.32
CA LYS A 73 20.68 -13.97 1.24
C LYS A 73 19.86 -13.20 0.19
N VAL A 74 20.54 -12.71 -0.84
CA VAL A 74 19.87 -11.95 -1.89
C VAL A 74 18.58 -12.63 -2.31
N PRO A 75 17.47 -12.13 -1.86
CA PRO A 75 16.12 -12.70 -2.15
C PRO A 75 15.60 -12.26 -3.52
N VAL A 76 14.89 -13.15 -4.19
CA VAL A 76 14.32 -12.85 -5.50
C VAL A 76 13.10 -11.94 -5.37
N ILE A 77 12.51 -11.93 -4.17
CA ILE A 77 11.34 -11.12 -3.92
C ILE A 77 11.55 -9.70 -4.44
N ALA A 78 12.81 -9.31 -4.61
CA ALA A 78 13.13 -7.97 -5.09
C ALA A 78 12.50 -7.73 -6.46
N PHE A 79 12.91 -8.52 -7.45
CA PHE A 79 12.37 -8.38 -8.79
C PHE A 79 10.84 -8.30 -8.74
N SER A 80 10.24 -9.11 -7.89
CA SER A 80 8.78 -9.13 -7.76
C SER A 80 8.27 -7.76 -7.30
N TYR A 81 8.97 -7.17 -6.33
CA TYR A 81 8.56 -5.88 -5.80
C TYR A 81 8.45 -4.85 -6.91
N TRP A 82 8.05 -3.63 -6.55
CA TRP A 82 7.90 -2.56 -7.53
C TRP A 82 6.78 -2.89 -8.50
N ASN A 83 6.94 -3.97 -9.25
CA ASN A 83 5.92 -4.39 -10.22
C ASN A 83 4.61 -4.70 -9.50
N LEU A 84 4.71 -5.39 -8.37
CA LEU A 84 3.52 -5.74 -7.60
C LEU A 84 2.88 -4.50 -7.00
N ILE A 85 3.72 -3.54 -6.61
CA ILE A 85 3.21 -2.30 -6.02
C ILE A 85 2.19 -1.64 -6.94
N LYS A 86 2.51 -1.60 -8.24
CA LYS A 86 1.61 -0.99 -9.21
C LYS A 86 0.34 -1.80 -9.35
N GLU A 87 0.48 -3.06 -9.75
CA GLU A 87 -0.67 -3.94 -9.95
C GLU A 87 -1.47 -4.06 -8.65
N LEU A 88 -0.82 -3.74 -7.54
CA LEU A 88 -1.48 -3.85 -6.24
C LEU A 88 -2.56 -2.77 -6.10
N ILE A 89 -2.15 -1.51 -6.24
CA ILE A 89 -3.10 -0.40 -6.13
C ILE A 89 -4.30 -0.63 -7.04
N ASP A 90 -4.05 -1.22 -8.20
CA ASP A 90 -5.12 -1.48 -9.15
C ASP A 90 -6.20 -2.36 -8.51
N LYS A 91 -5.82 -3.57 -8.13
CA LYS A 91 -6.76 -4.49 -7.49
C LYS A 91 -7.38 -3.84 -6.27
N LYS A 92 -6.68 -2.88 -5.68
CA LYS A 92 -7.18 -2.20 -4.49
C LYS A 92 -8.19 -1.12 -4.89
N GLU A 93 -8.23 -0.79 -6.18
CA GLU A 93 -9.14 0.22 -6.66
C GLU A 93 -10.55 0.00 -6.09
N VAL A 94 -10.75 -1.15 -5.47
CA VAL A 94 -12.05 -1.47 -4.89
C VAL A 94 -12.58 -0.31 -4.08
N ASN A 95 -11.94 -0.03 -2.95
CA ASN A 95 -12.35 1.08 -2.09
C ASN A 95 -11.64 1.00 -0.74
N PRO A 96 -10.36 1.18 -0.73
CA PRO A 96 -9.53 1.12 0.52
C PRO A 96 -9.41 2.49 1.19
N GLN A 97 -8.50 2.59 2.14
CA GLN A 97 -8.29 3.85 2.85
C GLN A 97 -7.75 4.91 1.91
N VAL A 98 -7.07 4.47 0.86
CA VAL A 98 -6.50 5.40 -0.13
C VAL A 98 -7.59 6.29 -0.71
N MET A 99 -8.72 5.68 -1.07
CA MET A 99 -9.84 6.44 -1.62
C MET A 99 -10.49 7.31 -0.54
N ALA A 100 -10.44 6.84 0.70
CA ALA A 100 -11.01 7.59 1.82
C ALA A 100 -10.25 8.89 2.03
N ALA A 101 -8.93 8.79 2.15
CA ALA A 101 -8.10 9.97 2.34
C ALA A 101 -8.45 11.04 1.32
N VAL A 102 -9.20 10.65 0.29
CA VAL A 102 -9.60 11.60 -0.74
C VAL A 102 -11.04 12.05 -0.53
N ALA A 103 -11.95 11.08 -0.41
CA ALA A 103 -13.35 11.39 -0.16
C ALA A 103 -13.56 11.86 1.27
N GLN A 104 -12.45 12.09 1.98
CA GLN A 104 -12.51 12.55 3.36
C GLN A 104 -11.73 13.85 3.52
N THR A 105 -10.52 13.89 2.98
CA THR A 105 -9.68 15.07 3.07
C THR A 105 -10.27 16.20 2.23
N GLU A 106 -11.20 15.86 1.34
CA GLU A 106 -11.82 16.85 0.47
C GLU A 106 -10.77 17.60 -0.32
N GLU A 107 -9.95 16.86 -1.06
CA GLU A 107 -8.90 17.48 -1.87
C GLU A 107 -9.50 18.37 -2.95
N ILE A 108 -10.65 17.98 -3.46
CA ILE A 108 -11.32 18.75 -4.50
C ILE A 108 -10.50 19.98 -4.86
N LEU A 109 -10.51 20.97 -3.97
CA LEU A 109 -9.75 22.20 -4.20
C LEU A 109 -8.89 22.53 -2.98
N LYS A 110 -9.23 21.92 -1.84
CA LYS A 110 -8.48 22.15 -0.61
C LYS A 110 -7.17 21.38 -0.64
N SER A 111 -6.06 22.08 -0.42
CA SER A 111 -4.75 21.45 -0.40
C SER A 111 -4.41 20.94 1.00
N ASN A 112 -3.20 20.44 1.17
CA ASN A 112 -2.77 19.92 2.46
C ASN A 112 -2.77 21.03 3.51
N SER A 113 -2.32 22.22 3.10
CA SER A 113 -2.28 23.36 4.00
C SER A 113 -2.09 24.65 3.23
N GLN A 114 -2.51 24.65 1.97
CA GLN A 114 -2.37 25.84 1.12
C GLN A 114 -3.74 26.30 0.63
N THR A 115 -3.74 27.38 -0.15
CA THR A 115 -4.98 27.92 -0.69
C THR A 115 -5.45 27.08 -1.88
N ASP A 116 -6.69 27.31 -2.31
CA ASP A 116 -7.25 26.58 -3.43
C ASP A 116 -6.60 27.03 -4.74
N LEU A 117 -6.13 28.27 -4.76
CA LEU A 117 -5.50 28.81 -5.96
C LEU A 117 -4.24 28.03 -6.30
N GLU A 118 -3.45 27.70 -5.28
CA GLU A 118 -2.21 26.96 -5.48
C GLU A 118 -1.32 27.67 -6.49
N HIS A 119 -0.20 27.04 -6.81
CA HIS A 119 0.73 27.63 -7.77
C HIS A 119 0.77 26.81 -9.06
N HIS A 120 0.75 27.50 -10.20
CA HIS A 120 0.78 26.83 -11.49
C HIS A 120 2.02 27.23 -12.27
N HIS A 121 2.63 26.25 -12.94
CA HIS A 121 3.82 26.50 -13.74
C HIS A 121 3.54 26.32 -15.22
N HIS A 122 3.87 27.33 -16.02
CA HIS A 122 3.65 27.26 -17.46
C HIS A 122 4.94 26.90 -18.18
N HIS A 123 4.84 25.96 -19.11
CA HIS A 123 6.00 25.53 -19.88
C HIS A 123 6.00 26.16 -21.28
N HIS A 124 7.06 26.88 -21.60
CA HIS A 124 7.17 27.51 -22.91
C HIS A 124 8.63 27.71 -23.29
C1 MYR B . -7.95 0.23 8.29
O1 MYR B . -8.89 0.18 7.49
C2 MYR B . -7.36 1.49 8.49
C3 MYR B . -6.04 1.63 7.71
C4 MYR B . -5.45 0.27 7.36
C5 MYR B . -5.51 -0.02 5.87
C6 MYR B . -4.80 -1.34 5.54
C7 MYR B . -3.91 -1.29 4.29
C8 MYR B . -4.40 -2.16 3.12
C9 MYR B . -3.58 -3.44 2.87
C10 MYR B . -2.49 -3.24 1.81
C11 MYR B . -2.19 -4.53 1.01
C12 MYR B . -1.58 -4.21 -0.35
C13 MYR B . -0.52 -3.11 -0.25
C14 MYR B . -0.50 -2.22 -1.48
H21 MYR B . -7.99 2.20 8.20
H22 MYR B . -7.16 1.60 9.46
H31 MYR B . -6.22 2.13 6.86
H32 MYR B . -5.38 2.14 8.26
H41 MYR B . -4.51 0.23 7.68
H42 MYR B . -5.97 -0.45 7.84
H51 MYR B . -6.45 -0.07 5.58
H52 MYR B . -5.04 0.72 5.37
H61 MYR B . -4.23 -1.59 6.32
H62 MYR B . -5.49 -2.04 5.40
H71 MYR B . -3.86 -0.35 3.97
H72 MYR B . -2.99 -1.61 4.54
H81 MYR B . -5.35 -2.42 3.29
H82 MYR B . -4.37 -1.61 2.28
H91 MYR B . -3.15 -3.71 3.73
H92 MYR B . -4.18 -4.16 2.56
H101 MYR B . -2.76 -2.52 1.18
H102 MYR B . -1.63 -2.95 2.27
H111 MYR B . -1.55 -5.10 1.53
H112 MYR B . -3.04 -5.02 0.87
H121 MYR B . -1.16 -5.02 -0.73
H122 MYR B . -2.30 -3.89 -0.97
H131 MYR B . -0.71 -2.54 0.56
H132 MYR B . 0.39 -3.52 -0.14
H141 MYR B . 0.39 -2.30 -1.93
H142 MYR B . -1.22 -2.52 -2.11
H143 MYR B . -0.65 -1.27 -1.21
N GLY A 1 -10.21 0.45 9.12
CA GLY A 1 -11.40 -0.12 9.74
C GLY A 1 -11.78 -1.43 9.07
N GLN A 2 -13.03 -1.52 8.61
CA GLN A 2 -13.51 -2.73 7.97
C GLN A 2 -12.46 -3.27 6.99
N GLU A 3 -11.77 -2.36 6.31
CA GLU A 3 -10.73 -2.75 5.37
C GLU A 3 -9.95 -3.94 5.89
N LEU A 4 -9.96 -4.12 7.22
CA LEU A 4 -9.26 -5.24 7.83
C LEU A 4 -9.63 -6.55 7.15
N SER A 5 -10.92 -6.72 6.88
CA SER A 5 -11.41 -7.93 6.23
C SER A 5 -10.76 -8.08 4.85
N GLN A 6 -10.60 -6.96 4.15
CA GLN A 6 -9.99 -6.99 2.83
C GLN A 6 -8.53 -7.41 2.92
N HIS A 7 -7.82 -6.88 3.91
CA HIS A 7 -6.41 -7.21 4.09
C HIS A 7 -6.23 -8.73 4.18
N GLU A 8 -7.14 -9.39 4.88
CA GLU A 8 -7.07 -10.83 5.03
C GLU A 8 -7.23 -11.53 3.68
N ARG A 9 -8.39 -11.36 3.07
CA ARG A 9 -8.65 -11.97 1.77
C ARG A 9 -7.50 -11.72 0.81
N TYR A 10 -7.07 -10.46 0.73
CA TYR A 10 -5.97 -10.09 -0.16
C TYR A 10 -4.69 -10.81 0.25
N VAL A 11 -4.29 -10.63 1.50
CA VAL A 11 -3.08 -11.27 2.00
C VAL A 11 -2.97 -12.70 1.48
N GLU A 12 -4.10 -13.40 1.43
CA GLU A 12 -4.12 -14.78 0.97
C GLU A 12 -3.83 -14.85 -0.53
N GLN A 13 -4.34 -13.86 -1.26
CA GLN A 13 -4.16 -13.83 -2.71
C GLN A 13 -2.68 -13.65 -3.06
N LEU A 14 -2.03 -12.73 -2.35
CA LEU A 14 -0.62 -12.45 -2.60
C LEU A 14 0.23 -13.70 -2.34
N LYS A 15 -0.07 -14.40 -1.25
CA LYS A 15 0.68 -15.60 -0.90
C LYS A 15 0.55 -16.65 -2.00
N GLN A 16 -0.65 -16.83 -2.52
CA GLN A 16 -0.89 -17.81 -3.57
C GLN A 16 0.02 -17.52 -4.78
N ALA A 17 -0.01 -16.28 -5.24
CA ALA A 17 0.78 -15.90 -6.41
C ALA A 17 2.25 -16.26 -6.20
N LEU A 18 2.83 -15.73 -5.13
CA LEU A 18 4.24 -15.98 -4.83
C LEU A 18 4.47 -17.47 -4.61
N LYS A 19 3.47 -18.15 -4.05
CA LYS A 19 3.59 -19.58 -3.78
C LYS A 19 3.80 -20.36 -5.07
N THR A 20 3.41 -19.76 -6.18
CA THR A 20 3.55 -20.43 -7.48
C THR A 20 4.96 -20.26 -8.02
N ARG A 21 5.79 -19.52 -7.29
CA ARG A 21 7.17 -19.29 -7.71
C ARG A 21 8.10 -20.31 -7.07
N GLY A 22 7.53 -21.24 -6.31
CA GLY A 22 8.32 -22.27 -5.65
C GLY A 22 8.90 -21.74 -4.34
N VAL A 23 8.65 -20.47 -4.05
CA VAL A 23 9.16 -19.85 -2.83
C VAL A 23 8.62 -20.58 -1.60
N LYS A 24 9.43 -20.63 -0.55
CA LYS A 24 9.02 -21.29 0.69
C LYS A 24 7.69 -20.73 1.18
N VAL A 25 7.32 -21.08 2.41
CA VAL A 25 6.07 -20.61 2.99
C VAL A 25 6.31 -19.47 3.96
N LYS A 26 6.15 -18.24 3.48
CA LYS A 26 6.34 -17.07 4.33
C LYS A 26 5.05 -16.27 4.44
N TYR A 27 4.87 -15.60 5.58
CA TYR A 27 3.68 -14.79 5.80
C TYR A 27 3.78 -13.47 5.04
N ALA A 28 2.71 -13.11 4.34
CA ALA A 28 2.68 -11.88 3.58
C ALA A 28 2.22 -10.71 4.46
N ASP A 29 1.20 -10.97 5.28
CA ASP A 29 0.67 -9.94 6.15
C ASP A 29 1.78 -9.31 6.98
N LEU A 30 2.49 -10.14 7.73
CA LEU A 30 3.58 -9.65 8.59
C LEU A 30 4.67 -9.01 7.75
N LEU A 31 5.30 -9.79 6.89
CA LEU A 31 6.38 -9.29 6.06
C LEU A 31 6.00 -7.94 5.46
N LYS A 32 4.78 -7.85 4.93
CA LYS A 32 4.33 -6.62 4.30
C LYS A 32 3.90 -5.60 5.34
N PHE A 33 3.09 -6.04 6.30
CA PHE A 33 2.61 -5.14 7.35
C PHE A 33 3.77 -4.38 7.98
N PHE A 34 4.68 -5.10 8.60
CA PHE A 34 5.83 -4.48 9.25
C PHE A 34 6.62 -3.63 8.25
N ASP A 35 7.02 -4.26 7.15
CA ASP A 35 7.80 -3.57 6.14
C ASP A 35 7.14 -2.26 5.73
N PHE A 36 5.92 -2.36 5.22
CA PHE A 36 5.20 -1.17 4.76
C PHE A 36 4.97 -0.20 5.92
N VAL A 37 4.32 -0.70 6.97
CA VAL A 37 4.03 0.14 8.12
C VAL A 37 5.23 0.98 8.52
N LYS A 38 6.31 0.30 8.88
CA LYS A 38 7.52 0.99 9.32
C LYS A 38 8.10 1.83 8.18
N ASP A 39 8.12 1.26 6.99
CA ASP A 39 8.68 1.94 5.83
C ASP A 39 7.89 3.23 5.54
N ILE A 40 6.67 3.06 5.06
CA ILE A 40 5.83 4.21 4.73
C ILE A 40 5.53 5.03 5.97
N CYS A 41 5.22 4.35 7.06
CA CYS A 41 4.89 5.03 8.32
C CYS A 41 5.84 4.60 9.42
N PRO A 42 7.01 5.18 9.46
CA PRO A 42 8.03 4.88 10.50
C PRO A 42 7.75 5.63 11.80
N TRP A 43 6.97 6.70 11.71
CA TRP A 43 6.67 7.51 12.89
C TRP A 43 5.16 7.60 13.09
N PHE A 44 4.41 6.95 12.21
CA PHE A 44 2.95 6.99 12.30
C PHE A 44 2.36 5.64 11.88
N PRO A 45 2.63 4.62 12.63
CA PRO A 45 2.14 3.24 12.33
C PRO A 45 0.65 3.09 12.64
N GLN A 46 0.02 4.18 13.05
CA GLN A 46 -1.41 4.16 13.38
C GLN A 46 -2.24 3.81 12.14
N GLU A 47 -1.95 4.49 11.04
CA GLU A 47 -2.66 4.23 9.78
C GLU A 47 -1.74 3.54 8.78
N GLY A 48 -0.88 4.32 8.15
CA GLY A 48 0.07 3.76 7.18
C GLY A 48 -0.66 3.29 5.93
N THR A 49 -0.68 4.12 4.90
CA THR A 49 -1.31 3.76 3.64
C THR A 49 -0.27 3.37 2.61
N ILE A 50 -0.71 2.68 1.56
CA ILE A 50 0.21 2.24 0.51
C ILE A 50 0.60 3.42 -0.38
N ASP A 51 1.89 3.59 -0.60
CA ASP A 51 2.39 4.67 -1.44
C ASP A 51 3.40 4.14 -2.46
N ILE A 52 3.31 4.65 -3.69
CA ILE A 52 4.22 4.22 -4.74
C ILE A 52 5.43 5.14 -4.83
N LYS A 53 5.18 6.44 -4.68
CA LYS A 53 6.26 7.42 -4.76
C LYS A 53 7.22 7.26 -3.59
N ARG A 54 6.66 7.15 -2.39
CA ARG A 54 7.49 7.02 -1.19
C ARG A 54 8.13 5.64 -1.12
N TRP A 55 7.30 4.62 -0.91
CA TRP A 55 7.80 3.25 -0.84
C TRP A 55 8.93 3.03 -1.84
N ARG A 56 8.89 3.79 -2.95
CA ARG A 56 9.91 3.67 -3.97
C ARG A 56 11.20 4.34 -3.52
N ARG A 57 11.07 5.52 -2.94
CA ARG A 57 12.25 6.26 -2.48
C ARG A 57 12.95 5.50 -1.36
N VAL A 58 12.21 5.23 -0.28
CA VAL A 58 12.78 4.52 0.86
C VAL A 58 13.03 3.05 0.50
N GLY A 59 12.31 2.56 -0.50
CA GLY A 59 12.45 1.17 -0.92
C GLY A 59 13.80 0.94 -1.58
N ASP A 60 14.18 1.84 -2.48
CA ASP A 60 15.46 1.72 -3.18
C ASP A 60 16.62 1.98 -2.22
N CYS A 61 16.44 2.93 -1.33
CA CYS A 61 17.49 3.27 -0.38
C CYS A 61 17.99 2.03 0.34
N PHE A 62 17.13 1.43 1.14
CA PHE A 62 17.50 0.24 1.90
C PHE A 62 17.81 -0.92 0.96
N GLN A 63 16.98 -1.10 -0.05
CA GLN A 63 17.15 -2.20 -1.00
C GLN A 63 18.44 -2.00 -1.80
N ASP A 64 18.51 -0.92 -2.56
CA ASP A 64 19.67 -0.64 -3.39
C ASP A 64 20.94 -0.65 -2.55
N TYR A 65 20.81 -0.23 -1.29
CA TYR A 65 21.96 -0.17 -0.39
C TYR A 65 22.33 -1.57 0.10
N TYR A 66 21.32 -2.35 0.45
CA TYR A 66 21.54 -3.70 0.95
C TYR A 66 22.10 -4.59 -0.16
N ASN A 67 21.60 -4.39 -1.38
CA ASN A 67 22.04 -5.19 -2.52
C ASN A 67 23.38 -4.68 -3.04
N THR A 68 23.39 -3.44 -3.51
CA THR A 68 24.60 -2.84 -4.07
C THR A 68 25.81 -3.19 -3.20
N PHE A 69 25.58 -3.33 -1.90
CA PHE A 69 26.67 -3.65 -0.97
C PHE A 69 27.24 -5.03 -1.28
N GLY A 70 26.36 -6.03 -1.32
CA GLY A 70 26.79 -7.40 -1.64
C GLY A 70 26.43 -8.35 -0.50
N PRO A 71 25.17 -8.64 -0.35
CA PRO A 71 24.67 -9.56 0.72
C PRO A 71 24.85 -11.02 0.35
N GLU A 72 24.71 -11.90 1.34
CA GLU A 72 24.84 -13.33 1.10
C GLU A 72 23.47 -13.99 1.03
N LYS A 73 22.43 -13.19 1.16
CA LYS A 73 21.07 -13.72 1.12
C LYS A 73 20.24 -12.99 0.06
N VAL A 74 20.91 -12.51 -0.99
CA VAL A 74 20.23 -11.79 -2.05
C VAL A 74 18.92 -12.48 -2.42
N PRO A 75 17.83 -11.96 -1.96
CA PRO A 75 16.48 -12.54 -2.21
C PRO A 75 15.92 -12.15 -3.58
N VAL A 76 15.22 -13.07 -4.21
CA VAL A 76 14.62 -12.80 -5.52
C VAL A 76 13.39 -11.90 -5.38
N ILE A 77 12.80 -11.91 -4.20
CA ILE A 77 11.61 -11.09 -3.95
C ILE A 77 11.81 -9.68 -4.49
N ALA A 78 13.06 -9.27 -4.61
CA ALA A 78 13.38 -7.94 -5.11
C ALA A 78 12.71 -7.71 -6.47
N PHE A 79 13.13 -8.48 -7.46
CA PHE A 79 12.55 -8.36 -8.80
C PHE A 79 11.03 -8.30 -8.74
N SER A 80 10.44 -9.13 -7.88
CA SER A 80 8.99 -9.16 -7.73
C SER A 80 8.48 -7.81 -7.25
N TYR A 81 9.15 -7.24 -6.26
CA TYR A 81 8.74 -5.95 -5.71
C TYR A 81 8.63 -4.91 -6.82
N TRP A 82 8.27 -3.69 -6.43
CA TRP A 82 8.12 -2.60 -7.41
C TRP A 82 7.00 -2.92 -8.40
N ASN A 83 7.16 -4.00 -9.15
CA ASN A 83 6.15 -4.42 -10.11
C ASN A 83 4.83 -4.71 -9.42
N LEU A 84 4.92 -5.41 -8.29
CA LEU A 84 3.72 -5.76 -7.52
C LEU A 84 3.07 -4.51 -6.94
N ILE A 85 3.90 -3.54 -6.57
CA ILE A 85 3.39 -2.30 -6.00
C ILE A 85 2.39 -1.64 -6.95
N LYS A 86 2.73 -1.61 -8.23
CA LYS A 86 1.87 -1.01 -9.24
C LYS A 86 0.57 -1.81 -9.37
N GLU A 87 0.70 -3.07 -9.75
CA GLU A 87 -0.48 -3.93 -9.93
C GLU A 87 -1.27 -4.01 -8.63
N LEU A 88 -0.63 -3.71 -7.52
CA LEU A 88 -1.28 -3.75 -6.22
C LEU A 88 -2.36 -2.68 -6.12
N ILE A 89 -1.96 -1.43 -6.29
CA ILE A 89 -2.89 -0.32 -6.21
C ILE A 89 -4.09 -0.55 -7.13
N ASP A 90 -3.82 -1.18 -8.27
CA ASP A 90 -4.88 -1.46 -9.24
C ASP A 90 -5.99 -2.30 -8.61
N LYS A 91 -5.65 -3.52 -8.23
CA LYS A 91 -6.62 -4.42 -7.61
C LYS A 91 -7.11 -3.85 -6.28
N LYS A 92 -6.17 -3.30 -5.51
CA LYS A 92 -6.52 -2.72 -4.20
C LYS A 92 -7.44 -1.51 -4.39
N GLU A 93 -7.53 -1.03 -5.63
CA GLU A 93 -8.38 0.11 -5.93
C GLU A 93 -9.82 -0.17 -5.53
N VAL A 94 -10.08 -1.38 -5.06
CA VAL A 94 -11.43 -1.78 -4.69
C VAL A 94 -12.12 -0.68 -3.90
N ASN A 95 -11.58 -0.37 -2.73
CA ASN A 95 -12.14 0.68 -1.89
C ASN A 95 -11.58 0.59 -0.47
N PRO A 96 -10.29 0.69 -0.32
CA PRO A 96 -9.63 0.64 1.01
C PRO A 96 -9.48 2.02 1.64
N GLN A 97 -8.51 2.15 2.55
CA GLN A 97 -8.27 3.44 3.20
C GLN A 97 -7.78 4.46 2.19
N VAL A 98 -7.15 3.98 1.12
CA VAL A 98 -6.62 4.86 0.09
C VAL A 98 -7.72 5.76 -0.47
N MET A 99 -8.87 5.15 -0.76
CA MET A 99 -10.00 5.90 -1.30
C MET A 99 -10.59 6.82 -0.24
N ALA A 100 -10.46 6.44 1.02
CA ALA A 100 -10.97 7.24 2.12
C ALA A 100 -10.15 8.51 2.27
N ALA A 101 -8.83 8.35 2.35
CA ALA A 101 -7.93 9.50 2.49
C ALA A 101 -8.29 10.58 1.48
N VAL A 102 -9.10 10.22 0.50
CA VAL A 102 -9.52 11.17 -0.53
C VAL A 102 -10.89 11.75 -0.20
N ALA A 103 -11.86 10.85 0.04
CA ALA A 103 -13.21 11.29 0.38
C ALA A 103 -13.23 11.84 1.81
N GLN A 104 -12.06 12.09 2.36
CA GLN A 104 -11.96 12.62 3.73
C GLN A 104 -11.08 13.86 3.75
N THR A 105 -9.89 13.75 3.16
CA THR A 105 -8.96 14.87 3.13
C THR A 105 -9.52 16.01 2.28
N GLU A 106 -10.49 15.69 1.43
CA GLU A 106 -11.10 16.69 0.58
C GLU A 106 -10.05 17.36 -0.30
N GLU A 107 -9.52 16.60 -1.26
CA GLU A 107 -8.51 17.12 -2.16
C GLU A 107 -9.12 18.12 -3.14
N ILE A 108 -8.28 19.01 -3.65
CA ILE A 108 -8.75 20.01 -4.61
C ILE A 108 -9.59 19.37 -5.71
N LEU A 109 -9.23 18.14 -6.06
CA LEU A 109 -9.96 17.41 -7.09
C LEU A 109 -10.89 16.38 -6.46
N LYS A 110 -12.14 16.35 -6.94
CA LYS A 110 -13.12 15.42 -6.40
C LYS A 110 -14.27 15.23 -7.38
N SER A 111 -15.29 14.48 -6.96
CA SER A 111 -16.44 14.24 -7.81
C SER A 111 -17.18 15.54 -8.10
N ASN A 112 -17.30 16.40 -7.09
CA ASN A 112 -17.97 17.68 -7.24
C ASN A 112 -17.14 18.61 -8.11
N SER A 113 -16.71 18.11 -9.27
CA SER A 113 -15.91 18.91 -10.19
C SER A 113 -16.54 20.29 -10.39
N GLN A 114 -17.77 20.44 -9.92
CA GLN A 114 -18.47 21.72 -10.05
C GLN A 114 -17.72 22.82 -9.31
N THR A 115 -17.22 22.49 -8.12
CA THR A 115 -16.48 23.46 -7.33
C THR A 115 -15.23 22.81 -6.73
N ASP A 116 -14.09 22.99 -7.40
CA ASP A 116 -12.85 22.41 -6.92
C ASP A 116 -12.06 23.44 -6.12
N LEU A 117 -12.59 24.66 -6.03
CA LEU A 117 -11.93 25.72 -5.29
C LEU A 117 -11.84 25.38 -3.81
N GLU A 118 -12.91 24.78 -3.29
CA GLU A 118 -12.95 24.41 -1.88
C GLU A 118 -12.71 25.63 -1.00
N HIS A 119 -11.47 25.78 -0.54
CA HIS A 119 -11.12 26.91 0.31
C HIS A 119 -10.15 27.84 -0.41
N HIS A 120 -10.31 29.14 -0.20
CA HIS A 120 -9.44 30.13 -0.83
C HIS A 120 -8.31 30.52 0.12
N HIS A 121 -7.07 30.31 -0.33
CA HIS A 121 -5.91 30.65 0.48
C HIS A 121 -5.10 31.75 -0.18
N HIS A 122 -4.38 32.53 0.63
CA HIS A 122 -3.56 33.61 0.12
C HIS A 122 -2.09 33.22 0.12
N HIS A 123 -1.42 33.44 -1.01
CA HIS A 123 0.00 33.11 -1.13
C HIS A 123 0.86 34.30 -0.73
N HIS A 124 1.98 34.02 -0.08
CA HIS A 124 2.88 35.07 0.36
C HIS A 124 2.10 36.26 0.92
C1 MYR B . -9.00 0.21 9.64
O1 MYR B . -8.81 -0.47 10.63
C2 MYR B . -8.55 -0.31 8.41
C3 MYR B . -7.37 0.50 7.86
C4 MYR B . -6.17 -0.41 7.57
C5 MYR B . -5.89 -0.53 6.07
C6 MYR B . -5.66 -1.99 5.68
C7 MYR B . -4.84 -2.17 4.39
C8 MYR B . -5.38 -3.23 3.43
C9 MYR B . -4.40 -4.39 3.14
C10 MYR B . -4.40 -4.82 1.66
C11 MYR B . -3.09 -5.48 1.24
C12 MYR B . -2.28 -4.58 0.30
C13 MYR B . -1.19 -3.83 1.06
C14 MYR B . -1.76 -2.69 1.89
H21 MYR B . -8.28 -1.26 8.53
H22 MYR B . -9.30 -0.27 7.74
H31 MYR B . -7.63 0.95 7.01
H32 MYR B . -7.09 1.18 8.53
H41 MYR B . -5.36 -0.04 8.02
H42 MYR B . -6.35 -1.32 7.94
H51 MYR B . -6.67 -0.17 5.56
H52 MYR B . -5.07 0.00 5.85
H61 MYR B . -5.18 -2.45 6.42
H62 MYR B . -6.55 -2.43 5.54
H71 MYR B . -4.81 -1.30 3.91
H72 MYR B . -3.91 -2.44 4.65
H81 MYR B . -6.22 -3.62 3.81
H82 MYR B . -5.59 -2.80 2.55
H91 MYR B . -3.48 -4.11 3.39
H92 MYR B . -4.66 -5.19 3.70
H101 MYR B . -5.16 -5.46 1.52
H102 MYR B . -4.55 -4.01 1.10
H111 MYR B . -2.54 -5.69 2.05
H112 MYR B . -3.29 -6.34 0.75
H121 MYR B . -1.87 -5.14 -0.41
H122 MYR B . -2.90 -3.91 -0.12
H131 MYR B . -0.71 -4.47 1.66
H132 MYR B . -0.53 -3.45 0.40
H141 MYR B . -2.74 -2.86 2.05
H142 MYR B . -1.29 -2.65 2.78
H143 MYR B . -1.64 -1.83 1.41
#